data_2LCU
#
_entry.id   2LCU
#
_entity_poly.entity_id   1
_entity_poly.type   'polypeptide(L)'
_entity_poly.pdbx_seq_one_letter_code
;SSGIEGCTEDEKRDSVVEGATSVEASLKEQIDWLAERYSADLTNKDTSKWNTDEKVKELLNEKAVGIESRLLAIAKEFHK
LKSVLCTGVNETPAHVANRVSPGDAISMLYVLSITHRELSSLKNKIDEWKKVKASEDGTKVIQNIKDDRTNTWFVAHGFK
VAELNDVTLEKLATVVNELVSHKDMIYINDAMKQNVDKWTKEESERLAMMAEQGISGAKGKKD
;
_entity_poly.pdbx_strand_id   A
#
# COMPACT_ATOMS: atom_id res chain seq x y z
N SER A 1 -59.61 -11.52 0.07
CA SER A 1 -60.91 -12.14 -0.12
C SER A 1 -60.83 -13.36 -1.07
N SER A 2 -59.79 -13.42 -1.89
CA SER A 2 -59.67 -14.49 -2.86
C SER A 2 -59.23 -15.82 -2.23
N GLY A 3 -58.40 -15.76 -1.22
CA GLY A 3 -57.92 -16.96 -0.60
C GLY A 3 -57.32 -16.66 0.72
N ILE A 4 -56.54 -17.58 1.20
CA ILE A 4 -55.82 -17.40 2.42
C ILE A 4 -54.55 -16.66 2.05
N GLU A 5 -54.44 -15.43 2.44
CA GLU A 5 -53.31 -14.64 2.05
C GLU A 5 -52.69 -13.97 3.23
N GLY A 6 -51.45 -14.27 3.45
CA GLY A 6 -50.71 -13.67 4.50
C GLY A 6 -49.50 -13.01 3.92
N CYS A 7 -48.39 -13.68 3.99
CA CYS A 7 -47.16 -13.18 3.44
C CYS A 7 -46.27 -14.38 3.11
N THR A 8 -46.12 -14.63 1.83
CA THR A 8 -45.34 -15.76 1.38
C THR A 8 -43.85 -15.43 1.39
N GLU A 9 -43.13 -15.99 2.36
CA GLU A 9 -41.71 -15.77 2.49
C GLU A 9 -41.01 -17.09 2.74
N ASP A 10 -39.73 -17.12 2.47
CA ASP A 10 -38.93 -18.32 2.67
C ASP A 10 -38.43 -18.29 4.11
N GLU A 11 -38.30 -19.42 4.74
CA GLU A 11 -37.87 -19.44 6.14
C GLU A 11 -36.36 -19.51 6.29
N LYS A 12 -35.66 -19.81 5.22
CA LYS A 12 -34.23 -19.94 5.27
C LYS A 12 -33.57 -18.80 4.52
N ARG A 13 -32.35 -18.53 4.83
CA ARG A 13 -31.58 -17.57 4.13
C ARG A 13 -30.50 -18.31 3.41
N ASP A 14 -30.61 -18.33 2.12
CA ASP A 14 -29.73 -19.09 1.27
C ASP A 14 -28.39 -18.41 1.17
N SER A 15 -28.43 -17.14 0.90
CA SER A 15 -27.26 -16.35 0.71
C SER A 15 -26.57 -16.03 2.04
N VAL A 16 -25.52 -16.73 2.32
CA VAL A 16 -24.71 -16.44 3.47
C VAL A 16 -23.48 -15.72 2.99
N VAL A 17 -23.48 -14.42 3.16
CA VAL A 17 -22.37 -13.61 2.74
C VAL A 17 -21.23 -13.80 3.70
N GLU A 18 -20.27 -14.57 3.29
CA GLU A 18 -19.12 -14.87 4.11
C GLU A 18 -18.10 -13.77 4.00
N GLY A 19 -17.31 -13.61 5.05
CA GLY A 19 -16.28 -12.60 5.08
C GLY A 19 -15.22 -12.88 4.05
N ALA A 20 -15.26 -12.15 2.98
CA ALA A 20 -14.35 -12.33 1.89
C ALA A 20 -13.08 -11.58 2.17
N THR A 21 -12.01 -12.30 2.39
CA THR A 21 -10.76 -11.68 2.61
C THR A 21 -10.19 -11.23 1.26
N SER A 22 -10.05 -9.94 1.12
CA SER A 22 -9.61 -9.34 -0.11
C SER A 22 -8.13 -9.66 -0.39
N VAL A 23 -7.91 -10.46 -1.42
CA VAL A 23 -6.59 -10.74 -1.86
C VAL A 23 -6.11 -9.54 -2.66
N GLU A 24 -5.16 -8.82 -2.09
CA GLU A 24 -4.63 -7.55 -2.58
C GLU A 24 -5.65 -6.44 -2.30
N ALA A 25 -5.31 -5.56 -1.38
CA ALA A 25 -6.18 -4.50 -1.00
C ALA A 25 -6.13 -3.41 -2.04
N SER A 26 -7.00 -2.47 -1.92
CA SER A 26 -7.05 -1.40 -2.85
C SER A 26 -6.01 -0.37 -2.46
N LEU A 27 -5.89 0.65 -3.24
CA LEU A 27 -4.88 1.65 -3.05
C LEU A 27 -5.17 2.46 -1.79
N LYS A 28 -6.46 2.61 -1.47
CA LYS A 28 -6.87 3.37 -0.30
C LYS A 28 -6.38 2.69 0.96
N GLU A 29 -6.57 1.40 1.03
CA GLU A 29 -6.15 0.68 2.19
C GLU A 29 -4.64 0.51 2.20
N GLN A 30 -4.05 0.49 1.03
CA GLN A 30 -2.63 0.27 0.88
C GLN A 30 -1.88 1.45 1.49
N ILE A 31 -2.27 2.65 1.11
CA ILE A 31 -1.62 3.83 1.57
C ILE A 31 -2.00 4.13 2.99
N ASP A 32 -3.17 3.67 3.38
CA ASP A 32 -3.61 3.91 4.71
C ASP A 32 -2.88 3.00 5.64
N TRP A 33 -2.49 1.82 5.14
CA TRP A 33 -1.78 0.83 5.90
C TRP A 33 -0.38 1.37 6.17
N LEU A 34 0.18 2.03 5.18
CA LEU A 34 1.48 2.69 5.31
C LEU A 34 1.41 3.71 6.45
N ALA A 35 0.34 4.47 6.47
CA ALA A 35 0.10 5.43 7.51
C ALA A 35 -0.15 4.72 8.85
N GLU A 36 -0.88 3.61 8.80
CA GLU A 36 -1.20 2.78 9.97
C GLU A 36 0.03 2.23 10.62
N ARG A 37 0.99 1.80 9.81
CA ARG A 37 2.21 1.26 10.37
C ARG A 37 2.96 2.34 11.11
N TYR A 38 3.01 3.52 10.53
CA TYR A 38 3.68 4.64 11.18
C TYR A 38 2.91 5.12 12.43
N SER A 39 1.61 4.98 12.39
CA SER A 39 0.75 5.38 13.44
C SER A 39 0.45 4.22 14.41
N ALA A 40 1.26 3.19 14.40
CA ALA A 40 1.07 2.10 15.30
C ALA A 40 2.15 2.07 16.36
N ASP A 41 1.72 2.06 17.61
CA ASP A 41 2.64 1.93 18.73
C ASP A 41 2.91 0.46 18.96
N LEU A 42 4.15 0.12 19.08
CA LEU A 42 4.53 -1.26 19.28
C LEU A 42 5.51 -1.37 20.41
N THR A 43 5.32 -0.48 21.39
CA THR A 43 6.17 -0.41 22.57
C THR A 43 5.97 -1.68 23.45
N ASN A 44 4.93 -2.46 23.13
CA ASN A 44 4.63 -3.75 23.76
C ASN A 44 5.73 -4.76 23.40
N LYS A 45 6.51 -4.39 22.44
CA LYS A 45 7.64 -5.14 22.01
C LYS A 45 8.89 -4.47 22.53
N ASP A 46 9.69 -5.20 23.27
CA ASP A 46 10.96 -4.67 23.70
C ASP A 46 11.91 -4.88 22.56
N THR A 47 12.26 -3.83 21.91
CA THR A 47 13.04 -3.97 20.74
C THR A 47 14.53 -3.99 21.04
N SER A 48 14.99 -5.14 21.49
CA SER A 48 16.37 -5.33 21.86
C SER A 48 17.21 -5.55 20.62
N LYS A 49 17.65 -4.43 20.05
CA LYS A 49 18.45 -4.36 18.84
C LYS A 49 17.96 -5.26 17.71
N TRP A 50 16.91 -4.82 17.05
CA TRP A 50 16.44 -5.50 15.87
C TRP A 50 17.43 -5.23 14.76
N ASN A 51 18.00 -6.25 14.23
CA ASN A 51 18.95 -6.07 13.16
C ASN A 51 18.26 -6.17 11.84
N THR A 52 17.34 -5.28 11.63
CA THR A 52 16.65 -5.17 10.40
C THR A 52 17.51 -4.35 9.47
N ASP A 53 18.03 -3.25 10.01
CA ASP A 53 18.83 -2.29 9.28
C ASP A 53 20.16 -2.89 8.89
N GLU A 54 20.61 -3.87 9.63
CA GLU A 54 21.85 -4.51 9.36
C GLU A 54 21.64 -5.59 8.29
N LYS A 55 20.51 -6.25 8.38
CA LYS A 55 20.17 -7.32 7.46
C LYS A 55 19.88 -6.75 6.08
N VAL A 56 19.20 -5.62 6.04
CA VAL A 56 18.92 -4.98 4.77
C VAL A 56 20.15 -4.29 4.21
N LYS A 57 21.11 -4.05 5.04
CA LYS A 57 22.37 -3.48 4.62
C LYS A 57 23.15 -4.54 3.83
N GLU A 58 22.90 -5.79 4.14
CA GLU A 58 23.50 -6.85 3.41
C GLU A 58 22.64 -7.22 2.20
N LEU A 59 21.34 -7.16 2.37
CA LEU A 59 20.43 -7.56 1.31
C LEU A 59 19.95 -6.43 0.36
N LEU A 60 20.03 -5.19 0.79
CA LEU A 60 19.45 -4.08 0.02
C LEU A 60 20.52 -2.98 -0.22
N ASN A 61 21.77 -3.31 0.10
CA ASN A 61 22.96 -2.44 -0.06
C ASN A 61 23.19 -1.62 1.19
N GLU A 62 24.34 -0.98 1.26
CA GLU A 62 24.76 -0.23 2.44
C GLU A 62 23.96 1.08 2.54
N LYS A 63 23.29 1.40 1.45
CA LYS A 63 22.45 2.59 1.38
C LYS A 63 21.16 2.40 2.21
N ALA A 64 20.94 1.18 2.70
CA ALA A 64 19.78 0.84 3.48
C ALA A 64 20.07 0.95 4.98
N VAL A 65 21.20 1.57 5.31
CA VAL A 65 21.60 1.78 6.68
C VAL A 65 20.54 2.62 7.43
N GLY A 66 20.10 2.08 8.55
CA GLY A 66 19.06 2.73 9.35
C GLY A 66 17.75 2.72 8.62
N ILE A 67 17.32 1.54 8.20
CA ILE A 67 16.16 1.40 7.36
C ILE A 67 14.87 1.81 8.07
N GLU A 68 14.68 1.40 9.32
CA GLU A 68 13.42 1.68 9.99
C GLU A 68 13.24 3.17 10.21
N SER A 69 14.32 3.84 10.52
CA SER A 69 14.31 5.26 10.72
C SER A 69 13.91 5.95 9.41
N ARG A 70 14.39 5.41 8.31
CA ARG A 70 14.06 5.93 7.00
C ARG A 70 12.60 5.63 6.70
N LEU A 71 12.18 4.43 7.04
CA LEU A 71 10.83 3.98 6.78
C LEU A 71 9.82 4.83 7.50
N LEU A 72 10.08 5.13 8.76
CA LEU A 72 9.12 5.91 9.49
C LEU A 72 9.19 7.38 9.12
N ALA A 73 10.35 7.82 8.65
CA ALA A 73 10.49 9.18 8.18
C ALA A 73 9.72 9.38 6.88
N ILE A 74 9.81 8.41 5.98
CA ILE A 74 9.10 8.49 4.72
C ILE A 74 7.60 8.29 4.95
N ALA A 75 7.26 7.42 5.89
CA ALA A 75 5.88 7.19 6.22
C ALA A 75 5.28 8.44 6.90
N LYS A 76 6.08 9.11 7.72
CA LYS A 76 5.71 10.38 8.31
C LYS A 76 5.42 11.43 7.22
N GLU A 77 6.27 11.46 6.21
CA GLU A 77 6.10 12.37 5.06
C GLU A 77 4.77 12.07 4.39
N PHE A 78 4.47 10.80 4.24
CA PHE A 78 3.23 10.41 3.63
C PHE A 78 2.06 10.69 4.59
N HIS A 79 2.29 10.59 5.88
CA HIS A 79 1.26 10.85 6.88
C HIS A 79 0.92 12.34 6.85
N LYS A 80 1.95 13.17 6.69
CA LYS A 80 1.81 14.61 6.53
C LYS A 80 0.88 14.91 5.37
N LEU A 81 1.10 14.19 4.30
CA LEU A 81 0.28 14.35 3.12
C LEU A 81 -1.11 13.70 3.29
N LYS A 82 -1.18 12.52 3.88
CA LYS A 82 -2.43 11.78 4.02
C LYS A 82 -3.37 12.50 4.98
N SER A 83 -2.83 13.28 5.87
CA SER A 83 -3.65 14.01 6.80
C SER A 83 -4.36 15.17 6.10
N VAL A 84 -3.79 15.62 5.00
CA VAL A 84 -4.38 16.63 4.18
C VAL A 84 -5.31 15.96 3.15
N LEU A 85 -4.93 14.79 2.68
CA LEU A 85 -5.67 14.10 1.64
C LEU A 85 -6.84 13.25 2.18
N CYS A 86 -6.80 12.92 3.44
CA CYS A 86 -7.86 12.14 4.03
C CYS A 86 -8.62 12.94 5.08
N THR A 87 -9.92 12.83 5.04
CA THR A 87 -10.81 13.53 5.94
C THR A 87 -10.61 13.03 7.38
N GLY A 88 -10.49 13.96 8.32
CA GLY A 88 -10.44 13.61 9.73
C GLY A 88 -9.11 13.05 10.19
N VAL A 89 -8.08 13.22 9.42
CA VAL A 89 -6.79 12.69 9.79
C VAL A 89 -5.87 13.81 10.27
N ASN A 90 -5.31 13.63 11.46
CA ASN A 90 -4.45 14.63 12.07
C ASN A 90 -3.06 14.48 11.50
N GLU A 91 -2.31 15.57 11.46
CA GLU A 91 -0.98 15.57 10.86
C GLU A 91 0.11 15.04 11.79
N THR A 92 -0.24 14.82 13.02
CA THR A 92 0.72 14.30 13.96
C THR A 92 0.09 13.20 14.83
N PRO A 93 0.49 11.95 14.59
CA PRO A 93 -0.01 10.81 15.34
C PRO A 93 0.57 10.75 16.75
N ALA A 94 -0.12 10.03 17.61
CA ALA A 94 0.27 9.90 18.99
C ALA A 94 1.01 8.60 19.15
N HIS A 95 0.55 7.61 18.43
CA HIS A 95 1.19 6.34 18.39
C HIS A 95 2.09 6.38 17.21
N VAL A 96 3.35 6.49 17.46
CA VAL A 96 4.35 6.53 16.41
C VAL A 96 5.22 5.27 16.48
N ALA A 97 5.33 4.58 15.37
CA ALA A 97 6.14 3.39 15.28
C ALA A 97 7.62 3.72 15.27
N ASN A 98 8.38 2.85 15.86
CA ASN A 98 9.84 3.00 15.92
C ASN A 98 10.55 1.82 15.26
N ARG A 99 9.90 0.66 15.23
CA ARG A 99 10.56 -0.53 14.74
C ARG A 99 9.79 -1.26 13.66
N VAL A 100 10.53 -1.73 12.68
CA VAL A 100 10.00 -2.53 11.59
C VAL A 100 10.77 -3.85 11.59
N SER A 101 10.07 -4.95 11.67
CA SER A 101 10.70 -6.26 11.70
C SER A 101 10.96 -6.69 10.26
N PRO A 102 11.89 -7.65 10.01
CA PRO A 102 12.12 -8.20 8.66
C PRO A 102 10.82 -8.68 8.01
N GLY A 103 9.98 -9.30 8.83
CA GLY A 103 8.69 -9.78 8.38
C GLY A 103 7.75 -8.65 7.98
N ASP A 104 7.87 -7.52 8.67
CA ASP A 104 7.03 -6.35 8.37
C ASP A 104 7.55 -5.66 7.15
N ALA A 105 8.87 -5.65 7.02
CA ALA A 105 9.57 -4.99 5.95
C ALA A 105 9.15 -5.53 4.60
N ILE A 106 8.92 -6.82 4.51
CA ILE A 106 8.52 -7.43 3.26
C ILE A 106 7.16 -6.88 2.82
N SER A 107 6.31 -6.60 3.75
CA SER A 107 5.05 -6.04 3.41
C SER A 107 5.22 -4.53 3.15
N MET A 108 6.01 -3.88 3.98
CA MET A 108 6.23 -2.44 3.89
C MET A 108 6.88 -2.07 2.56
N LEU A 109 7.88 -2.85 2.13
CA LEU A 109 8.59 -2.55 0.89
C LEU A 109 7.69 -2.73 -0.32
N TYR A 110 6.79 -3.68 -0.26
CA TYR A 110 5.87 -3.85 -1.32
C TYR A 110 4.76 -2.82 -1.30
N VAL A 111 4.38 -2.38 -0.11
CA VAL A 111 3.37 -1.34 0.04
C VAL A 111 3.90 -0.01 -0.48
N LEU A 112 5.11 0.38 -0.05
CA LEU A 112 5.68 1.66 -0.42
C LEU A 112 5.90 1.76 -1.93
N SER A 113 6.28 0.65 -2.53
CA SER A 113 6.48 0.65 -3.95
C SER A 113 5.13 0.80 -4.69
N ILE A 114 4.07 0.23 -4.12
CA ILE A 114 2.72 0.39 -4.67
C ILE A 114 2.29 1.84 -4.56
N THR A 115 2.53 2.42 -3.39
CA THR A 115 2.18 3.80 -3.11
C THR A 115 2.82 4.77 -4.12
N HIS A 116 4.06 4.56 -4.46
CA HIS A 116 4.69 5.47 -5.42
C HIS A 116 4.14 5.18 -6.83
N ARG A 117 3.77 3.93 -7.08
CA ARG A 117 3.16 3.54 -8.35
C ARG A 117 1.78 4.19 -8.54
N GLU A 118 0.99 4.24 -7.48
CA GLU A 118 -0.29 4.91 -7.57
C GLU A 118 -0.13 6.41 -7.60
N LEU A 119 0.85 6.95 -6.88
CA LEU A 119 1.08 8.39 -6.88
C LEU A 119 1.56 8.89 -8.25
N SER A 120 2.35 8.09 -8.93
CA SER A 120 2.79 8.44 -10.25
C SER A 120 1.62 8.31 -11.25
N SER A 121 0.73 7.39 -10.97
CA SER A 121 -0.45 7.23 -11.77
C SER A 121 -1.43 8.37 -11.48
N LEU A 122 -1.50 8.74 -10.21
CA LEU A 122 -2.34 9.81 -9.71
C LEU A 122 -1.97 11.09 -10.41
N LYS A 123 -0.67 11.41 -10.45
CA LYS A 123 -0.24 12.66 -11.08
C LYS A 123 -0.52 12.65 -12.57
N ASN A 124 -0.46 11.49 -13.15
CA ASN A 124 -0.72 11.34 -14.57
C ASN A 124 -2.20 11.50 -14.86
N LYS A 125 -3.01 10.93 -14.01
CA LYS A 125 -4.43 11.04 -14.12
C LYS A 125 -4.94 12.43 -13.81
N ILE A 126 -4.40 13.05 -12.78
CA ILE A 126 -4.87 14.36 -12.39
C ILE A 126 -4.49 15.43 -13.40
N ASP A 127 -3.42 15.17 -14.12
CA ASP A 127 -2.96 16.09 -15.15
C ASP A 127 -3.93 16.06 -16.32
N GLU A 128 -4.53 14.91 -16.55
CA GLU A 128 -5.53 14.74 -17.60
C GLU A 128 -6.72 15.65 -17.31
N TRP A 129 -7.26 15.56 -16.10
CA TRP A 129 -8.38 16.43 -15.73
C TRP A 129 -8.01 17.88 -15.41
N LYS A 130 -6.75 18.13 -15.12
CA LYS A 130 -6.24 19.51 -15.00
C LYS A 130 -6.23 20.14 -16.42
N LYS A 131 -6.10 19.28 -17.41
CA LYS A 131 -6.13 19.63 -18.80
C LYS A 131 -7.58 19.68 -19.32
N VAL A 132 -8.50 19.19 -18.52
CA VAL A 132 -9.92 19.24 -18.80
C VAL A 132 -10.46 20.60 -18.37
N LYS A 133 -11.27 21.16 -19.19
CA LYS A 133 -11.87 22.43 -18.96
C LYS A 133 -13.35 22.31 -19.25
N ALA A 134 -14.04 23.44 -19.42
CA ALA A 134 -15.43 23.40 -19.82
C ALA A 134 -15.51 22.82 -21.22
N SER A 135 -15.99 21.62 -21.29
CA SER A 135 -16.03 20.89 -22.51
C SER A 135 -17.46 20.78 -23.02
N GLU A 136 -17.58 20.42 -24.29
CA GLU A 136 -18.85 20.27 -25.01
C GLU A 136 -19.72 19.17 -24.41
N ASP A 137 -19.13 18.38 -23.58
CA ASP A 137 -19.81 17.26 -22.97
C ASP A 137 -20.55 17.70 -21.71
N GLY A 138 -20.42 18.99 -21.40
CA GLY A 138 -21.04 19.53 -20.23
C GLY A 138 -20.14 19.34 -19.05
N THR A 139 -18.87 19.39 -19.32
CA THR A 139 -17.88 19.14 -18.33
C THR A 139 -17.50 20.43 -17.64
N LYS A 140 -17.44 20.39 -16.35
CA LYS A 140 -17.01 21.50 -15.56
C LYS A 140 -15.51 21.38 -15.40
N VAL A 141 -14.84 22.47 -15.02
CA VAL A 141 -13.43 22.40 -14.75
C VAL A 141 -13.22 21.54 -13.52
N ILE A 142 -12.28 20.66 -13.57
CA ILE A 142 -12.05 19.78 -12.49
C ILE A 142 -11.17 20.47 -11.48
N GLN A 143 -11.81 21.11 -10.53
CA GLN A 143 -11.12 21.85 -9.51
C GLN A 143 -11.12 21.18 -8.17
N ASN A 144 -12.01 20.27 -7.94
CA ASN A 144 -12.10 19.64 -6.63
C ASN A 144 -11.76 18.18 -6.77
N ILE A 145 -11.36 17.57 -5.67
CA ILE A 145 -11.09 16.14 -5.66
C ILE A 145 -12.42 15.36 -5.77
N LYS A 146 -13.50 15.96 -5.28
CA LYS A 146 -14.82 15.36 -5.41
C LYS A 146 -15.50 15.77 -6.71
N ASP A 147 -14.71 16.05 -7.70
CA ASP A 147 -15.22 16.33 -8.99
C ASP A 147 -15.33 15.08 -9.75
N ASP A 148 -16.18 15.09 -10.72
CA ASP A 148 -16.61 13.91 -11.47
C ASP A 148 -15.47 13.05 -11.92
N ARG A 149 -14.46 13.66 -12.48
CA ARG A 149 -13.37 12.90 -13.06
C ARG A 149 -12.41 12.42 -12.01
N THR A 150 -12.23 13.22 -10.99
CA THR A 150 -11.34 12.91 -9.91
C THR A 150 -11.94 11.80 -9.07
N ASN A 151 -13.21 11.96 -8.78
CA ASN A 151 -13.96 11.05 -7.95
C ASN A 151 -13.96 9.68 -8.60
N THR A 152 -14.09 9.65 -9.92
CA THR A 152 -14.11 8.41 -10.68
C THR A 152 -12.78 7.62 -10.54
N TRP A 153 -11.67 8.31 -10.43
CA TRP A 153 -10.41 7.63 -10.26
C TRP A 153 -10.26 7.20 -8.83
N PHE A 154 -10.63 8.07 -7.94
CA PHE A 154 -10.50 7.79 -6.55
C PHE A 154 -11.39 6.62 -6.10
N VAL A 155 -12.64 6.61 -6.53
CA VAL A 155 -13.54 5.53 -6.17
C VAL A 155 -13.06 4.18 -6.69
N ALA A 156 -12.54 4.17 -7.91
CA ALA A 156 -12.07 2.95 -8.53
C ALA A 156 -10.87 2.38 -7.78
N HIS A 157 -10.03 3.25 -7.28
CA HIS A 157 -8.85 2.85 -6.55
C HIS A 157 -9.11 2.46 -5.09
N GLY A 158 -10.34 2.60 -4.64
CA GLY A 158 -10.65 2.18 -3.29
C GLY A 158 -10.98 3.33 -2.39
N PHE A 159 -10.73 4.53 -2.86
CA PHE A 159 -10.96 5.71 -2.08
C PHE A 159 -12.45 5.93 -1.95
N LYS A 160 -12.95 5.72 -0.78
CA LYS A 160 -14.32 5.95 -0.49
C LYS A 160 -14.47 7.45 -0.28
N VAL A 161 -15.61 8.01 -0.63
CA VAL A 161 -15.85 9.46 -0.58
C VAL A 161 -15.56 10.05 0.81
N ALA A 162 -15.95 9.33 1.84
CA ALA A 162 -15.73 9.77 3.23
C ALA A 162 -14.24 9.78 3.60
N GLU A 163 -13.45 9.00 2.90
CA GLU A 163 -12.04 8.88 3.17
C GLU A 163 -11.27 10.04 2.57
N LEU A 164 -11.65 10.46 1.39
CA LEU A 164 -10.92 11.48 0.69
C LEU A 164 -11.37 12.89 1.12
N ASN A 165 -10.41 13.71 1.41
CA ASN A 165 -10.63 15.05 1.91
C ASN A 165 -10.65 16.01 0.75
N ASP A 166 -11.58 16.95 0.77
CA ASP A 166 -11.79 17.79 -0.40
C ASP A 166 -10.84 18.95 -0.51
N VAL A 167 -9.87 18.80 -1.38
CA VAL A 167 -8.92 19.81 -1.71
C VAL A 167 -9.01 20.11 -3.20
N THR A 168 -8.41 21.20 -3.63
CA THR A 168 -8.37 21.53 -5.02
C THR A 168 -7.47 20.62 -5.80
N LEU A 169 -7.88 20.34 -7.00
CA LEU A 169 -7.21 19.44 -7.90
C LEU A 169 -5.87 20.02 -8.27
N GLU A 170 -5.81 21.31 -8.46
CA GLU A 170 -4.57 21.91 -8.88
C GLU A 170 -3.57 22.03 -7.73
N LYS A 171 -4.07 22.09 -6.51
CA LYS A 171 -3.20 22.07 -5.36
C LYS A 171 -2.69 20.66 -5.16
N LEU A 172 -3.60 19.70 -5.30
CA LEU A 172 -3.28 18.29 -5.21
C LEU A 172 -2.22 17.93 -6.24
N ALA A 173 -2.38 18.48 -7.45
CA ALA A 173 -1.44 18.28 -8.54
C ALA A 173 -0.06 18.73 -8.16
N THR A 174 0.01 19.85 -7.51
CA THR A 174 1.26 20.41 -7.09
C THR A 174 1.90 19.52 -6.02
N VAL A 175 1.09 19.10 -5.08
CA VAL A 175 1.57 18.30 -3.97
C VAL A 175 2.01 16.90 -4.44
N VAL A 176 1.28 16.33 -5.38
CA VAL A 176 1.64 15.01 -5.84
C VAL A 176 2.86 15.08 -6.74
N ASN A 177 3.02 16.18 -7.46
CA ASN A 177 4.15 16.31 -8.35
C ASN A 177 5.43 16.50 -7.57
N GLU A 178 5.38 17.27 -6.50
CA GLU A 178 6.58 17.49 -5.71
C GLU A 178 6.95 16.25 -4.91
N LEU A 179 5.97 15.43 -4.55
CA LEU A 179 6.24 14.23 -3.81
C LEU A 179 6.77 13.14 -4.74
N VAL A 180 6.22 13.03 -5.93
CA VAL A 180 6.66 11.97 -6.85
C VAL A 180 8.10 12.26 -7.32
N SER A 181 8.51 13.53 -7.25
CA SER A 181 9.83 13.92 -7.61
C SER A 181 10.70 14.19 -6.36
N HIS A 182 10.22 13.78 -5.20
CA HIS A 182 10.92 13.95 -3.94
C HIS A 182 12.18 13.08 -3.98
N LYS A 183 13.32 13.71 -3.79
CA LYS A 183 14.63 13.08 -3.92
C LYS A 183 14.77 11.84 -3.01
N ASP A 184 14.45 12.01 -1.73
CA ASP A 184 14.67 10.93 -0.75
C ASP A 184 13.69 9.80 -1.00
N MET A 185 12.50 10.19 -1.43
CA MET A 185 11.41 9.28 -1.72
C MET A 185 11.81 8.38 -2.89
N ILE A 186 12.30 8.97 -3.97
CA ILE A 186 12.71 8.23 -5.15
C ILE A 186 13.88 7.32 -4.81
N TYR A 187 14.76 7.84 -3.99
CA TYR A 187 15.94 7.12 -3.55
C TYR A 187 15.57 5.86 -2.79
N ILE A 188 14.64 5.96 -1.86
CA ILE A 188 14.28 4.79 -1.10
C ILE A 188 13.40 3.87 -1.92
N ASN A 189 12.58 4.47 -2.77
CA ASN A 189 11.68 3.73 -3.61
C ASN A 189 12.42 2.92 -4.65
N ASP A 190 13.45 3.49 -5.26
CA ASP A 190 14.14 2.78 -6.32
C ASP A 190 15.01 1.69 -5.73
N ALA A 191 15.48 1.91 -4.51
CA ALA A 191 16.25 0.91 -3.78
C ALA A 191 15.35 -0.25 -3.40
N MET A 192 14.13 0.06 -2.97
CA MET A 192 13.15 -0.99 -2.69
C MET A 192 12.80 -1.71 -3.96
N LYS A 193 12.66 -0.95 -5.03
CA LYS A 193 12.34 -1.48 -6.35
C LYS A 193 13.36 -2.52 -6.75
N GLN A 194 14.61 -2.24 -6.44
CA GLN A 194 15.69 -3.17 -6.72
C GLN A 194 15.54 -4.41 -5.88
N ASN A 195 15.26 -4.21 -4.61
CA ASN A 195 15.16 -5.33 -3.68
C ASN A 195 13.97 -6.20 -4.02
N VAL A 196 12.86 -5.58 -4.37
CA VAL A 196 11.66 -6.32 -4.64
C VAL A 196 11.79 -7.07 -5.96
N ASP A 197 12.58 -6.52 -6.87
CA ASP A 197 12.82 -7.16 -8.15
C ASP A 197 13.70 -8.36 -7.93
N LYS A 198 14.74 -8.14 -7.15
CA LYS A 198 15.70 -9.15 -6.80
C LYS A 198 15.01 -10.27 -6.04
N TRP A 199 14.13 -9.91 -5.12
CA TRP A 199 13.39 -10.89 -4.36
C TRP A 199 12.41 -11.68 -5.21
N THR A 200 11.81 -11.05 -6.19
CA THR A 200 10.90 -11.76 -7.05
C THR A 200 11.67 -12.71 -8.01
N LYS A 201 12.86 -12.30 -8.45
CA LYS A 201 13.69 -13.19 -9.26
C LYS A 201 14.26 -14.32 -8.40
N GLU A 202 14.44 -14.02 -7.15
CA GLU A 202 14.89 -14.99 -6.18
C GLU A 202 13.76 -15.95 -5.84
N GLU A 203 12.57 -15.41 -5.74
CA GLU A 203 11.36 -16.17 -5.50
C GLU A 203 11.14 -17.18 -6.62
N SER A 204 11.28 -16.73 -7.85
CA SER A 204 11.11 -17.59 -8.99
C SER A 204 12.22 -18.65 -9.09
N GLU A 205 13.43 -18.29 -8.64
CA GLU A 205 14.52 -19.24 -8.57
C GLU A 205 14.19 -20.31 -7.54
N ARG A 206 13.69 -19.89 -6.39
CA ARG A 206 13.32 -20.80 -5.33
C ARG A 206 12.15 -21.68 -5.73
N LEU A 207 11.24 -21.13 -6.50
CA LEU A 207 10.09 -21.87 -7.00
C LEU A 207 10.60 -22.97 -7.92
N ALA A 208 11.48 -22.60 -8.83
CA ALA A 208 12.04 -23.55 -9.77
C ALA A 208 12.87 -24.58 -9.02
N MET A 209 13.61 -24.12 -8.04
CA MET A 209 14.46 -24.95 -7.22
C MET A 209 13.65 -25.96 -6.41
N MET A 210 12.53 -25.56 -5.90
CA MET A 210 11.72 -26.48 -5.12
C MET A 210 10.96 -27.43 -5.99
N ALA A 211 10.67 -27.03 -7.18
CA ALA A 211 9.98 -27.90 -8.09
C ALA A 211 10.94 -28.91 -8.71
N GLU A 212 12.09 -28.43 -9.14
CA GLU A 212 13.06 -29.24 -9.83
C GLU A 212 14.00 -29.99 -8.88
N GLN A 213 14.49 -29.32 -7.86
CA GLN A 213 15.50 -29.88 -7.01
C GLN A 213 14.86 -30.48 -5.79
N GLY A 214 14.00 -29.71 -5.17
CA GLY A 214 13.37 -30.13 -3.97
C GLY A 214 12.22 -31.07 -4.19
N ILE A 215 11.71 -31.57 -3.11
CA ILE A 215 10.57 -32.43 -3.08
C ILE A 215 9.70 -32.02 -1.90
N SER A 216 8.53 -31.51 -2.20
CA SER A 216 7.61 -30.98 -1.21
C SER A 216 7.20 -32.06 -0.20
N GLY A 217 7.70 -31.93 1.01
CA GLY A 217 7.41 -32.89 2.05
C GLY A 217 6.16 -32.57 2.81
N ALA A 218 6.05 -33.11 4.00
CA ALA A 218 4.89 -32.91 4.82
C ALA A 218 4.95 -31.56 5.53
N LYS A 219 4.46 -30.56 4.85
CA LYS A 219 4.38 -29.24 5.41
C LYS A 219 2.97 -28.75 5.35
N GLY A 220 2.69 -27.78 6.15
CA GLY A 220 1.42 -27.13 6.16
C GLY A 220 1.63 -25.68 6.35
N LYS A 221 1.87 -25.31 7.58
CA LYS A 221 2.15 -23.94 7.95
C LYS A 221 2.79 -23.94 9.32
N LYS A 222 3.77 -23.11 9.52
CA LYS A 222 4.41 -22.97 10.80
C LYS A 222 3.81 -21.72 11.46
N ASP A 223 3.80 -21.69 12.78
CA ASP A 223 3.25 -20.54 13.48
C ASP A 223 4.35 -19.52 13.77
N SER A 1 -24.60 -63.18 28.87
CA SER A 1 -23.60 -63.42 27.85
C SER A 1 -22.92 -62.11 27.43
N SER A 2 -23.73 -61.03 27.26
CA SER A 2 -23.28 -59.72 26.80
C SER A 2 -22.94 -59.75 25.30
N GLY A 3 -23.28 -58.69 24.62
CA GLY A 3 -23.02 -58.61 23.22
C GLY A 3 -22.62 -57.24 22.83
N ILE A 4 -22.10 -57.12 21.65
CA ILE A 4 -21.67 -55.86 21.13
C ILE A 4 -22.77 -55.28 20.23
N GLU A 5 -23.03 -54.00 20.36
CA GLU A 5 -24.04 -53.36 19.55
C GLU A 5 -23.81 -51.86 19.54
N GLY A 6 -24.01 -51.25 18.40
CA GLY A 6 -23.89 -49.83 18.29
C GLY A 6 -22.59 -49.41 17.69
N CYS A 7 -22.53 -49.42 16.39
CA CYS A 7 -21.37 -48.98 15.67
C CYS A 7 -21.76 -47.74 14.88
N THR A 8 -21.61 -46.61 15.48
CA THR A 8 -21.98 -45.39 14.85
C THR A 8 -20.91 -44.33 15.04
N GLU A 9 -20.13 -44.14 14.01
CA GLU A 9 -19.13 -43.10 13.95
C GLU A 9 -19.11 -42.69 12.51
N ASP A 10 -20.00 -41.80 12.21
CA ASP A 10 -20.21 -41.36 10.86
C ASP A 10 -20.72 -39.94 10.90
N GLU A 11 -19.81 -39.04 11.18
CA GLU A 11 -20.14 -37.63 11.27
C GLU A 11 -19.97 -37.00 9.91
N LYS A 12 -18.73 -37.12 9.39
CA LYS A 12 -18.29 -36.47 8.16
C LYS A 12 -18.31 -34.96 8.31
N ARG A 13 -17.14 -34.40 8.49
CA ARG A 13 -17.04 -32.96 8.63
C ARG A 13 -17.07 -32.31 7.28
N ASP A 14 -18.22 -31.74 6.98
CA ASP A 14 -18.50 -31.12 5.71
C ASP A 14 -17.55 -29.96 5.47
N SER A 15 -17.46 -29.07 6.46
CA SER A 15 -16.53 -27.95 6.50
C SER A 15 -16.47 -27.11 5.21
N VAL A 16 -17.41 -26.22 5.06
CA VAL A 16 -17.42 -25.28 3.95
C VAL A 16 -17.19 -23.90 4.51
N VAL A 17 -15.98 -23.42 4.39
CA VAL A 17 -15.62 -22.12 4.88
C VAL A 17 -15.28 -21.21 3.72
N GLU A 18 -16.20 -20.37 3.37
CA GLU A 18 -16.02 -19.45 2.29
C GLU A 18 -15.87 -18.07 2.89
N GLY A 19 -14.72 -17.47 2.66
CA GLY A 19 -14.46 -16.16 3.18
C GLY A 19 -13.60 -15.39 2.25
N ALA A 20 -14.02 -15.29 1.00
CA ALA A 20 -13.30 -14.55 0.00
C ALA A 20 -13.40 -13.06 0.24
N THR A 21 -12.37 -12.53 0.82
CA THR A 21 -12.27 -11.13 1.09
C THR A 21 -11.10 -10.61 0.29
N SER A 22 -11.06 -9.34 -0.01
CA SER A 22 -9.94 -8.77 -0.70
C SER A 22 -8.70 -8.78 0.21
N VAL A 23 -7.89 -9.81 0.04
CA VAL A 23 -6.66 -9.97 0.79
C VAL A 23 -5.50 -9.43 0.00
N GLU A 24 -5.91 -8.73 -0.95
CA GLU A 24 -5.14 -8.01 -1.89
C GLU A 24 -5.84 -6.68 -1.86
N ALA A 25 -5.19 -5.74 -1.27
CA ALA A 25 -5.77 -4.48 -0.96
C ALA A 25 -5.78 -3.58 -2.16
N SER A 26 -6.53 -2.53 -2.07
CA SER A 26 -6.57 -1.59 -3.10
C SER A 26 -5.62 -0.47 -2.69
N LEU A 27 -5.45 0.50 -3.53
CA LEU A 27 -4.45 1.51 -3.35
C LEU A 27 -4.67 2.34 -2.09
N LYS A 28 -5.91 2.61 -1.75
CA LYS A 28 -6.18 3.41 -0.57
C LYS A 28 -6.01 2.54 0.65
N GLU A 29 -6.48 1.31 0.54
CA GLU A 29 -6.46 0.36 1.64
C GLU A 29 -5.02 0.04 2.08
N GLN A 30 -4.10 0.11 1.14
CA GLN A 30 -2.71 -0.14 1.43
C GLN A 30 -2.13 1.04 2.22
N ILE A 31 -2.66 2.22 1.94
CA ILE A 31 -2.25 3.44 2.60
C ILE A 31 -2.66 3.40 4.06
N ASP A 32 -3.85 2.83 4.33
CA ASP A 32 -4.31 2.67 5.73
C ASP A 32 -3.29 1.87 6.50
N TRP A 33 -2.81 0.82 5.86
CA TRP A 33 -1.85 -0.06 6.46
C TRP A 33 -0.55 0.71 6.67
N LEU A 34 -0.15 1.50 5.68
CA LEU A 34 1.08 2.28 5.74
C LEU A 34 1.02 3.30 6.86
N ALA A 35 -0.11 3.95 6.97
CA ALA A 35 -0.32 4.96 7.97
C ALA A 35 -0.27 4.34 9.34
N GLU A 36 -0.90 3.20 9.49
CA GLU A 36 -0.95 2.53 10.76
C GLU A 36 0.35 1.80 11.06
N ARG A 37 1.13 1.54 10.03
CA ARG A 37 2.44 0.96 10.17
C ARG A 37 3.39 2.01 10.78
N TYR A 38 3.27 3.27 10.34
CA TYR A 38 4.04 4.34 10.95
C TYR A 38 3.43 4.73 12.30
N SER A 39 2.12 4.65 12.40
CA SER A 39 1.41 4.93 13.61
C SER A 39 1.23 3.63 14.42
N ALA A 40 2.16 2.72 14.28
CA ALA A 40 2.09 1.46 14.96
C ALA A 40 2.41 1.59 16.42
N ASP A 41 1.51 1.10 17.22
CA ASP A 41 1.69 1.07 18.64
C ASP A 41 2.27 -0.27 19.06
N LEU A 42 3.52 -0.25 19.45
CA LEU A 42 4.17 -1.42 19.95
C LEU A 42 4.78 -1.14 21.31
N THR A 43 4.04 -0.36 22.09
CA THR A 43 4.44 0.02 23.44
C THR A 43 4.61 -1.20 24.35
N ASN A 44 3.88 -2.26 24.04
CA ASN A 44 3.98 -3.53 24.79
C ASN A 44 5.35 -4.17 24.64
N LYS A 45 6.03 -3.76 23.63
CA LYS A 45 7.34 -4.28 23.31
C LYS A 45 8.41 -3.32 23.74
N ASP A 46 9.42 -3.83 24.39
CA ASP A 46 10.62 -3.06 24.66
C ASP A 46 11.68 -3.68 23.80
N THR A 47 11.96 -3.04 22.70
CA THR A 47 12.75 -3.60 21.62
C THR A 47 14.18 -3.96 21.99
N SER A 48 14.40 -5.24 22.18
CA SER A 48 15.70 -5.77 22.51
C SER A 48 16.36 -6.30 21.23
N LYS A 49 17.04 -5.41 20.54
CA LYS A 49 17.73 -5.69 19.29
C LYS A 49 16.81 -6.14 18.17
N TRP A 50 16.10 -5.21 17.62
CA TRP A 50 15.45 -5.46 16.36
C TRP A 50 16.49 -5.32 15.27
N ASN A 51 17.02 -6.43 14.81
CA ASN A 51 18.10 -6.39 13.83
C ASN A 51 17.55 -6.23 12.42
N THR A 52 16.92 -5.11 12.22
CA THR A 52 16.36 -4.75 10.97
C THR A 52 17.47 -4.26 10.05
N ASP A 53 18.32 -3.40 10.60
CA ASP A 53 19.44 -2.81 9.88
C ASP A 53 20.41 -3.89 9.44
N GLU A 54 20.54 -4.88 10.26
CA GLU A 54 21.44 -5.97 10.02
C GLU A 54 20.92 -6.83 8.86
N LYS A 55 19.62 -7.03 8.81
CA LYS A 55 19.01 -7.82 7.78
C LYS A 55 19.00 -7.08 6.46
N VAL A 56 18.84 -5.77 6.52
CA VAL A 56 18.87 -4.98 5.34
C VAL A 56 20.26 -4.81 4.83
N LYS A 57 21.26 -5.07 5.66
CA LYS A 57 22.63 -5.11 5.16
C LYS A 57 22.74 -6.20 4.12
N GLU A 58 22.12 -7.35 4.40
CA GLU A 58 22.11 -8.40 3.39
C GLU A 58 21.23 -8.02 2.24
N LEU A 59 20.06 -7.53 2.55
CA LEU A 59 19.06 -7.30 1.52
C LEU A 59 19.34 -6.06 0.66
N LEU A 60 19.90 -5.02 1.23
CA LEU A 60 20.00 -3.75 0.55
C LEU A 60 21.38 -3.13 0.67
N ASN A 61 22.35 -3.94 1.11
CA ASN A 61 23.75 -3.52 1.24
C ASN A 61 23.89 -2.48 2.35
N GLU A 62 25.03 -1.83 2.43
CA GLU A 62 25.29 -0.80 3.45
C GLU A 62 24.49 0.47 3.14
N LYS A 63 23.97 0.53 1.94
CA LYS A 63 23.28 1.69 1.43
C LYS A 63 22.01 2.04 2.24
N ALA A 64 21.33 1.02 2.71
CA ALA A 64 20.08 1.23 3.40
C ALA A 64 20.18 1.08 4.92
N VAL A 65 21.40 1.04 5.45
CA VAL A 65 21.57 0.86 6.90
C VAL A 65 21.04 2.10 7.67
N GLY A 66 19.96 1.88 8.37
CA GLY A 66 19.22 2.95 9.03
C GLY A 66 17.83 2.99 8.44
N ILE A 67 17.28 1.81 8.22
CA ILE A 67 16.08 1.64 7.45
C ILE A 67 14.82 2.03 8.21
N GLU A 68 14.72 1.75 9.51
CA GLU A 68 13.50 2.11 10.21
C GLU A 68 13.41 3.62 10.29
N SER A 69 14.54 4.28 10.45
CA SER A 69 14.59 5.71 10.45
C SER A 69 14.16 6.26 9.08
N ARG A 70 14.62 5.59 8.04
CA ARG A 70 14.33 5.94 6.67
C ARG A 70 12.84 5.77 6.39
N LEU A 71 12.31 4.65 6.85
CA LEU A 71 10.93 4.33 6.64
C LEU A 71 10.06 5.27 7.41
N LEU A 72 10.47 5.59 8.62
CA LEU A 72 9.72 6.50 9.45
C LEU A 72 9.67 7.88 8.86
N ALA A 73 10.79 8.32 8.30
CA ALA A 73 10.86 9.66 7.76
C ALA A 73 10.04 9.78 6.50
N ILE A 74 10.01 8.75 5.70
CA ILE A 74 9.22 8.79 4.51
C ILE A 74 7.76 8.60 4.84
N ALA A 75 7.49 7.69 5.74
CA ALA A 75 6.14 7.39 6.11
C ALA A 75 5.48 8.58 6.78
N LYS A 76 6.21 9.27 7.67
CA LYS A 76 5.67 10.45 8.35
C LYS A 76 5.31 11.55 7.37
N GLU A 77 6.16 11.76 6.37
CA GLU A 77 5.94 12.81 5.43
C GLU A 77 4.83 12.44 4.47
N PHE A 78 4.76 11.18 4.12
CA PHE A 78 3.72 10.71 3.25
C PHE A 78 2.41 10.72 4.01
N HIS A 79 2.49 10.38 5.28
CA HIS A 79 1.36 10.37 6.19
C HIS A 79 0.74 11.74 6.23
N LYS A 80 1.54 12.74 6.53
CA LYS A 80 1.04 14.10 6.73
C LYS A 80 0.49 14.69 5.44
N LEU A 81 1.09 14.33 4.33
CA LEU A 81 0.68 14.87 3.07
C LEU A 81 -0.52 14.16 2.48
N LYS A 82 -0.61 12.86 2.68
CA LYS A 82 -1.73 12.11 2.16
C LYS A 82 -2.93 12.30 3.10
N SER A 83 -2.65 12.63 4.36
CA SER A 83 -3.66 12.89 5.37
C SER A 83 -4.46 14.15 5.02
N VAL A 84 -3.81 15.10 4.33
CA VAL A 84 -4.47 16.32 3.86
C VAL A 84 -5.64 15.95 2.93
N LEU A 85 -5.43 14.87 2.23
CA LEU A 85 -6.34 14.34 1.25
C LEU A 85 -7.42 13.45 1.90
N CYS A 86 -7.23 13.07 3.14
CA CYS A 86 -8.14 12.16 3.80
C CYS A 86 -8.99 12.88 4.88
N THR A 87 -10.27 12.55 4.94
CA THR A 87 -11.19 13.16 5.89
C THR A 87 -11.07 12.54 7.29
N GLY A 88 -10.77 13.38 8.27
CA GLY A 88 -10.76 12.97 9.65
C GLY A 88 -9.48 12.28 10.06
N VAL A 89 -8.44 12.50 9.32
CA VAL A 89 -7.18 11.87 9.62
C VAL A 89 -6.23 12.92 10.16
N ASN A 90 -5.43 12.53 11.13
CA ASN A 90 -4.45 13.41 11.70
C ASN A 90 -3.26 13.41 10.80
N GLU A 91 -2.63 14.54 10.63
CA GLU A 91 -1.44 14.62 9.79
C GLU A 91 -0.19 14.45 10.64
N THR A 92 -0.39 14.23 11.90
CA THR A 92 0.68 13.93 12.82
C THR A 92 0.09 13.10 13.95
N PRO A 93 0.41 11.80 13.99
CA PRO A 93 -0.12 10.90 15.00
C PRO A 93 0.57 11.05 16.35
N ALA A 94 -0.08 10.57 17.37
CA ALA A 94 0.46 10.57 18.70
C ALA A 94 1.01 9.20 18.98
N HIS A 95 0.28 8.19 18.56
CA HIS A 95 0.78 6.85 18.69
C HIS A 95 1.57 6.52 17.46
N VAL A 96 2.85 6.64 17.59
CA VAL A 96 3.75 6.43 16.50
C VAL A 96 4.89 5.50 16.89
N ALA A 97 5.23 4.62 15.97
CA ALA A 97 6.28 3.64 16.15
C ALA A 97 7.66 4.24 16.07
N ASN A 98 8.60 3.57 16.71
CA ASN A 98 10.01 3.92 16.61
C ASN A 98 10.78 2.75 16.03
N ARG A 99 10.09 1.65 15.83
CA ARG A 99 10.70 0.40 15.44
C ARG A 99 9.91 -0.28 14.34
N VAL A 100 10.63 -0.75 13.33
CA VAL A 100 10.06 -1.49 12.22
C VAL A 100 10.76 -2.86 12.15
N SER A 101 9.99 -3.93 12.13
CA SER A 101 10.53 -5.29 12.10
C SER A 101 11.05 -5.59 10.69
N PRO A 102 11.98 -6.56 10.52
CA PRO A 102 12.50 -6.98 9.19
C PRO A 102 11.35 -7.30 8.22
N GLY A 103 10.40 -8.05 8.71
CA GLY A 103 9.23 -8.41 7.93
C GLY A 103 8.37 -7.21 7.60
N ASP A 104 8.27 -6.27 8.52
CA ASP A 104 7.47 -5.07 8.29
C ASP A 104 8.17 -4.20 7.28
N ALA A 105 9.49 -4.12 7.40
CA ALA A 105 10.32 -3.31 6.54
C ALA A 105 10.19 -3.70 5.09
N ILE A 106 10.25 -5.00 4.81
CA ILE A 106 10.18 -5.44 3.44
C ILE A 106 8.78 -5.27 2.87
N SER A 107 7.80 -5.30 3.74
CA SER A 107 6.46 -5.06 3.35
C SER A 107 6.27 -3.56 3.06
N MET A 108 6.90 -2.72 3.90
CA MET A 108 6.82 -1.27 3.73
C MET A 108 7.48 -0.83 2.47
N LEU A 109 8.55 -1.51 2.09
CA LEU A 109 9.23 -1.24 0.84
C LEU A 109 8.26 -1.42 -0.31
N TYR A 110 7.57 -2.56 -0.32
CA TYR A 110 6.58 -2.83 -1.35
C TYR A 110 5.42 -1.85 -1.29
N VAL A 111 5.05 -1.46 -0.11
CA VAL A 111 4.01 -0.47 0.06
C VAL A 111 4.44 0.90 -0.48
N LEU A 112 5.68 1.28 -0.26
CA LEU A 112 6.20 2.55 -0.75
C LEU A 112 6.27 2.57 -2.27
N SER A 113 6.53 1.44 -2.88
CA SER A 113 6.53 1.38 -4.30
C SER A 113 5.09 1.39 -4.85
N ILE A 114 4.19 0.70 -4.16
CA ILE A 114 2.76 0.68 -4.52
C ILE A 114 2.14 2.08 -4.36
N THR A 115 2.48 2.75 -3.28
CA THR A 115 1.98 4.08 -3.05
C THR A 115 2.55 5.06 -4.07
N HIS A 116 3.81 4.87 -4.44
CA HIS A 116 4.43 5.68 -5.49
C HIS A 116 3.70 5.44 -6.80
N ARG A 117 3.28 4.20 -7.02
CA ARG A 117 2.55 3.85 -8.21
C ARG A 117 1.17 4.50 -8.25
N GLU A 118 0.49 4.60 -7.11
CA GLU A 118 -0.79 5.31 -7.14
C GLU A 118 -0.58 6.79 -7.24
N LEU A 119 0.48 7.25 -6.61
CA LEU A 119 0.87 8.64 -6.60
C LEU A 119 1.13 9.12 -8.03
N SER A 120 1.92 8.37 -8.76
CA SER A 120 2.21 8.69 -10.11
C SER A 120 0.96 8.54 -11.00
N SER A 121 0.15 7.53 -10.71
CA SER A 121 -1.07 7.32 -11.47
C SER A 121 -2.06 8.45 -11.19
N LEU A 122 -2.05 8.92 -9.98
CA LEU A 122 -2.90 10.00 -9.53
C LEU A 122 -2.54 11.25 -10.28
N LYS A 123 -1.25 11.51 -10.41
CA LYS A 123 -0.81 12.66 -11.17
C LYS A 123 -1.09 12.49 -12.67
N ASN A 124 -0.90 11.27 -13.16
CA ASN A 124 -1.19 10.98 -14.58
C ASN A 124 -2.64 11.15 -14.91
N LYS A 125 -3.48 10.81 -13.97
CA LYS A 125 -4.88 11.00 -14.13
C LYS A 125 -5.26 12.45 -13.93
N ILE A 126 -4.67 13.08 -12.92
CA ILE A 126 -4.94 14.49 -12.63
C ILE A 126 -4.59 15.36 -13.80
N ASP A 127 -3.41 15.15 -14.39
CA ASP A 127 -2.98 15.97 -15.53
C ASP A 127 -3.87 15.79 -16.73
N GLU A 128 -4.59 14.67 -16.80
CA GLU A 128 -5.49 14.41 -17.89
C GLU A 128 -6.77 15.23 -17.68
N TRP A 129 -7.36 15.14 -16.49
CA TRP A 129 -8.54 15.95 -16.20
C TRP A 129 -8.24 17.43 -15.94
N LYS A 130 -7.01 17.71 -15.63
CA LYS A 130 -6.50 19.07 -15.55
C LYS A 130 -6.42 19.70 -16.95
N LYS A 131 -6.30 18.86 -18.00
CA LYS A 131 -6.35 19.33 -19.38
C LYS A 131 -7.79 19.65 -19.74
N VAL A 132 -8.69 19.03 -19.02
CA VAL A 132 -10.10 19.21 -19.20
C VAL A 132 -10.49 20.58 -18.69
N LYS A 133 -11.39 21.20 -19.37
CA LYS A 133 -11.82 22.52 -19.09
C LYS A 133 -13.33 22.51 -19.03
N ALA A 134 -13.93 23.65 -18.76
CA ALA A 134 -15.37 23.75 -18.77
C ALA A 134 -15.84 23.68 -20.20
N SER A 135 -16.42 22.58 -20.55
CA SER A 135 -16.85 22.32 -21.88
C SER A 135 -18.37 22.20 -21.92
N GLU A 136 -18.95 22.70 -23.00
CA GLU A 136 -20.41 22.73 -23.21
C GLU A 136 -21.05 21.34 -23.20
N ASP A 137 -20.22 20.35 -23.43
CA ASP A 137 -20.61 18.94 -23.45
C ASP A 137 -21.11 18.49 -22.07
N GLY A 138 -20.64 19.14 -21.05
CA GLY A 138 -21.06 18.82 -19.71
C GLY A 138 -19.94 18.50 -18.79
N THR A 139 -18.75 18.62 -19.28
CA THR A 139 -17.61 18.41 -18.47
C THR A 139 -17.16 19.76 -17.95
N LYS A 140 -17.12 19.93 -16.67
CA LYS A 140 -16.73 21.19 -16.08
C LYS A 140 -15.26 21.15 -15.71
N VAL A 141 -14.78 22.17 -15.04
CA VAL A 141 -13.41 22.16 -14.67
C VAL A 141 -13.21 21.25 -13.52
N ILE A 142 -12.33 20.35 -13.71
CA ILE A 142 -12.10 19.38 -12.72
C ILE A 142 -10.95 19.87 -11.91
N GLN A 143 -11.29 20.58 -10.88
CA GLN A 143 -10.32 21.18 -10.01
C GLN A 143 -10.41 20.65 -8.59
N ASN A 144 -11.43 19.91 -8.29
CA ASN A 144 -11.59 19.35 -6.98
C ASN A 144 -11.48 17.86 -7.03
N ILE A 145 -10.94 17.29 -5.97
CA ILE A 145 -10.76 15.86 -5.83
C ILE A 145 -12.12 15.13 -5.85
N LYS A 146 -13.16 15.85 -5.45
CA LYS A 146 -14.48 15.31 -5.38
C LYS A 146 -15.34 15.70 -6.58
N ASP A 147 -14.68 16.00 -7.68
CA ASP A 147 -15.36 16.19 -8.92
C ASP A 147 -15.67 14.82 -9.44
N ASP A 148 -16.69 14.71 -10.25
CA ASP A 148 -17.22 13.42 -10.70
C ASP A 148 -16.15 12.54 -11.32
N ARG A 149 -15.25 13.14 -12.05
CA ARG A 149 -14.24 12.39 -12.76
C ARG A 149 -13.15 11.94 -11.83
N THR A 150 -12.81 12.79 -10.91
CA THR A 150 -11.77 12.52 -9.96
C THR A 150 -12.27 11.47 -8.98
N ASN A 151 -13.49 11.65 -8.54
CA ASN A 151 -14.14 10.76 -7.59
C ASN A 151 -14.25 9.36 -8.17
N THR A 152 -14.45 9.27 -9.49
CA THR A 152 -14.53 7.99 -10.18
C THR A 152 -13.21 7.21 -10.04
N TRP A 153 -12.09 7.92 -10.13
CA TRP A 153 -10.79 7.29 -9.99
C TRP A 153 -10.55 6.95 -8.54
N PHE A 154 -10.92 7.86 -7.68
CA PHE A 154 -10.69 7.68 -6.27
C PHE A 154 -11.46 6.48 -5.72
N VAL A 155 -12.73 6.35 -6.06
CA VAL A 155 -13.51 5.21 -5.59
C VAL A 155 -12.98 3.88 -6.13
N ALA A 156 -12.49 3.92 -7.36
CA ALA A 156 -11.93 2.75 -8.02
C ALA A 156 -10.67 2.26 -7.29
N HIS A 157 -9.91 3.21 -6.79
CA HIS A 157 -8.70 2.91 -6.03
C HIS A 157 -8.96 2.65 -4.55
N GLY A 158 -10.22 2.59 -4.17
CA GLY A 158 -10.57 2.24 -2.83
C GLY A 158 -10.84 3.41 -1.95
N PHE A 159 -10.69 4.61 -2.48
CA PHE A 159 -10.95 5.82 -1.73
C PHE A 159 -12.45 6.05 -1.75
N LYS A 160 -13.11 5.70 -0.68
CA LYS A 160 -14.55 5.84 -0.63
C LYS A 160 -14.91 7.30 -0.46
N VAL A 161 -16.13 7.66 -0.82
CA VAL A 161 -16.59 9.05 -0.81
C VAL A 161 -16.46 9.68 0.59
N ALA A 162 -16.58 8.88 1.62
CA ALA A 162 -16.47 9.35 2.99
C ALA A 162 -15.01 9.42 3.44
N GLU A 163 -14.10 8.88 2.65
CA GLU A 163 -12.73 8.86 3.03
C GLU A 163 -11.94 10.02 2.46
N LEU A 164 -12.21 10.40 1.21
CA LEU A 164 -11.48 11.52 0.62
C LEU A 164 -11.96 12.84 1.20
N ASN A 165 -11.07 13.77 1.25
CA ASN A 165 -11.27 15.09 1.79
C ASN A 165 -11.10 16.05 0.65
N ASP A 166 -11.89 17.09 0.59
CA ASP A 166 -11.87 17.98 -0.55
C ASP A 166 -10.65 18.90 -0.57
N VAL A 167 -9.79 18.63 -1.51
CA VAL A 167 -8.60 19.39 -1.78
C VAL A 167 -8.60 19.69 -3.29
N THR A 168 -7.97 20.76 -3.67
CA THR A 168 -7.90 21.15 -5.05
C THR A 168 -6.77 20.44 -5.78
N LEU A 169 -7.02 20.15 -7.04
CA LEU A 169 -6.07 19.45 -7.91
C LEU A 169 -4.82 20.24 -8.11
N GLU A 170 -4.92 21.52 -8.01
CA GLU A 170 -3.75 22.35 -8.17
C GLU A 170 -2.84 22.23 -6.95
N LYS A 171 -3.43 21.91 -5.83
CA LYS A 171 -2.70 21.71 -4.61
C LYS A 171 -2.18 20.28 -4.59
N LEU A 172 -3.02 19.35 -4.99
CA LEU A 172 -2.65 17.96 -5.05
C LEU A 172 -1.49 17.76 -6.02
N ALA A 173 -1.59 18.37 -7.19
CA ALA A 173 -0.56 18.21 -8.22
C ALA A 173 0.79 18.71 -7.75
N THR A 174 0.79 19.81 -7.00
CA THR A 174 2.03 20.35 -6.53
C THR A 174 2.64 19.49 -5.41
N VAL A 175 1.78 18.91 -4.58
CA VAL A 175 2.24 18.00 -3.53
C VAL A 175 2.78 16.70 -4.16
N VAL A 176 2.03 16.17 -5.11
CA VAL A 176 2.39 14.95 -5.79
C VAL A 176 3.69 15.12 -6.58
N ASN A 177 3.83 16.26 -7.23
CA ASN A 177 5.05 16.56 -7.99
C ASN A 177 6.26 16.58 -7.07
N GLU A 178 6.08 17.11 -5.89
CA GLU A 178 7.14 17.17 -4.92
C GLU A 178 7.48 15.76 -4.44
N LEU A 179 6.46 14.97 -4.18
CA LEU A 179 6.66 13.60 -3.70
C LEU A 179 7.28 12.68 -4.76
N VAL A 180 6.93 12.87 -6.00
CA VAL A 180 7.47 12.02 -7.04
C VAL A 180 8.89 12.48 -7.47
N SER A 181 9.24 13.72 -7.15
CA SER A 181 10.56 14.22 -7.48
C SER A 181 11.45 14.21 -6.23
N HIS A 182 10.87 13.77 -5.13
CA HIS A 182 11.47 13.76 -3.81
C HIS A 182 12.69 12.85 -3.77
N LYS A 183 13.77 13.38 -3.24
CA LYS A 183 15.06 12.71 -3.13
C LYS A 183 15.00 11.36 -2.40
N ASP A 184 14.35 11.33 -1.27
CA ASP A 184 14.39 10.13 -0.45
C ASP A 184 13.42 9.10 -0.99
N MET A 185 12.34 9.60 -1.57
CA MET A 185 11.35 8.76 -2.23
C MET A 185 11.95 8.07 -3.45
N ILE A 186 12.69 8.83 -4.27
CA ILE A 186 13.26 8.29 -5.48
C ILE A 186 14.39 7.32 -5.16
N TYR A 187 15.01 7.54 -4.00
CA TYR A 187 16.01 6.64 -3.50
C TYR A 187 15.38 5.31 -3.18
N ILE A 188 14.33 5.33 -2.38
CA ILE A 188 13.65 4.10 -2.01
C ILE A 188 13.03 3.46 -3.21
N ASN A 189 12.49 4.27 -4.09
CA ASN A 189 11.85 3.76 -5.28
C ASN A 189 12.84 3.09 -6.21
N ASP A 190 14.04 3.66 -6.35
CA ASP A 190 15.03 3.07 -7.23
C ASP A 190 15.58 1.79 -6.61
N ALA A 191 15.77 1.84 -5.29
CA ALA A 191 16.25 0.68 -4.55
C ALA A 191 15.21 -0.44 -4.62
N MET A 192 13.95 -0.05 -4.46
CA MET A 192 12.81 -0.95 -4.57
C MET A 192 12.75 -1.54 -5.95
N LYS A 193 12.95 -0.71 -6.95
CA LYS A 193 12.93 -1.12 -8.35
C LYS A 193 13.97 -2.20 -8.62
N GLN A 194 15.12 -2.07 -8.01
CA GLN A 194 16.15 -3.06 -8.15
C GLN A 194 15.80 -4.29 -7.35
N ASN A 195 15.28 -4.05 -6.18
CA ASN A 195 14.95 -5.11 -5.26
C ASN A 195 13.79 -5.95 -5.79
N VAL A 196 12.78 -5.32 -6.39
CA VAL A 196 11.64 -6.04 -6.92
C VAL A 196 12.04 -6.86 -8.11
N ASP A 197 12.99 -6.36 -8.89
CA ASP A 197 13.45 -7.08 -10.07
C ASP A 197 14.17 -8.33 -9.64
N LYS A 198 15.00 -8.18 -8.61
CA LYS A 198 15.70 -9.31 -8.07
C LYS A 198 14.73 -10.29 -7.42
N TRP A 199 13.75 -9.76 -6.70
CA TRP A 199 12.76 -10.59 -6.04
C TRP A 199 11.89 -11.35 -7.00
N THR A 200 11.51 -10.73 -8.11
CA THR A 200 10.68 -11.44 -9.08
C THR A 200 11.49 -12.55 -9.74
N LYS A 201 12.79 -12.31 -9.86
CA LYS A 201 13.69 -13.30 -10.36
C LYS A 201 13.84 -14.42 -9.35
N GLU A 202 13.91 -14.07 -8.08
CA GLU A 202 14.02 -15.06 -7.02
C GLU A 202 12.74 -15.85 -6.88
N GLU A 203 11.61 -15.20 -7.07
CA GLU A 203 10.31 -15.87 -7.06
C GLU A 203 10.28 -16.92 -8.14
N SER A 204 10.64 -16.51 -9.33
CA SER A 204 10.65 -17.39 -10.46
C SER A 204 11.68 -18.51 -10.26
N GLU A 205 12.80 -18.14 -9.69
CA GLU A 205 13.88 -19.06 -9.42
C GLU A 205 13.43 -20.13 -8.42
N ARG A 206 12.78 -19.71 -7.34
CA ARG A 206 12.40 -20.64 -6.32
C ARG A 206 11.20 -21.46 -6.75
N LEU A 207 10.35 -20.91 -7.59
CA LEU A 207 9.24 -21.67 -8.12
C LEU A 207 9.70 -22.68 -9.15
N ALA A 208 10.67 -22.29 -9.99
CA ALA A 208 11.19 -23.21 -10.99
C ALA A 208 11.92 -24.36 -10.31
N MET A 209 12.73 -24.00 -9.33
CA MET A 209 13.51 -24.97 -8.57
C MET A 209 12.61 -25.96 -7.85
N MET A 210 11.52 -25.47 -7.32
CA MET A 210 10.58 -26.28 -6.58
C MET A 210 9.84 -27.22 -7.53
N ALA A 211 9.48 -26.72 -8.70
CA ALA A 211 8.76 -27.50 -9.70
C ALA A 211 9.65 -28.59 -10.27
N GLU A 212 10.91 -28.25 -10.47
CA GLU A 212 11.89 -29.21 -10.95
C GLU A 212 12.20 -30.28 -9.90
N GLN A 213 11.94 -29.95 -8.64
CA GLN A 213 12.10 -30.90 -7.57
C GLN A 213 11.00 -31.96 -7.65
N GLY A 214 9.78 -31.50 -7.84
CA GLY A 214 8.67 -32.42 -7.96
C GLY A 214 7.52 -32.02 -7.08
N ILE A 215 7.84 -31.41 -5.99
CA ILE A 215 6.86 -30.97 -5.03
C ILE A 215 6.62 -29.49 -5.28
N SER A 216 5.42 -29.14 -5.64
CA SER A 216 5.08 -27.78 -5.92
C SER A 216 4.31 -27.23 -4.73
N GLY A 217 4.14 -25.92 -4.69
CA GLY A 217 3.46 -25.30 -3.59
C GLY A 217 2.88 -23.99 -4.01
N ALA A 218 2.12 -23.39 -3.13
CA ALA A 218 1.47 -22.13 -3.42
C ALA A 218 1.58 -21.21 -2.22
N LYS A 219 1.77 -19.94 -2.48
CA LYS A 219 1.85 -18.96 -1.42
C LYS A 219 1.40 -17.60 -1.92
N GLY A 220 0.22 -17.23 -1.53
CA GLY A 220 -0.30 -15.93 -1.79
C GLY A 220 -0.68 -15.33 -0.48
N LYS A 221 -0.57 -14.04 -0.33
CA LYS A 221 -0.83 -13.43 0.96
C LYS A 221 -2.32 -13.32 1.25
N LYS A 222 -2.80 -14.16 2.15
CA LYS A 222 -4.14 -13.98 2.69
C LYS A 222 -3.98 -13.01 3.83
N ASP A 223 -2.81 -13.08 4.41
CA ASP A 223 -2.30 -12.22 5.43
C ASP A 223 -0.85 -12.59 5.55
N SER A 1 -25.89 -47.14 26.03
CA SER A 1 -26.88 -47.20 24.98
C SER A 1 -26.30 -46.61 23.71
N SER A 2 -25.86 -47.47 22.82
CA SER A 2 -25.23 -47.05 21.59
C SER A 2 -26.28 -46.70 20.55
N GLY A 3 -25.86 -45.97 19.56
CA GLY A 3 -26.72 -45.61 18.48
C GLY A 3 -25.92 -45.31 17.26
N ILE A 4 -26.58 -45.14 16.16
CA ILE A 4 -25.94 -44.84 14.92
C ILE A 4 -26.85 -43.92 14.11
N GLU A 5 -26.35 -42.76 13.84
CA GLU A 5 -27.06 -41.78 13.06
C GLU A 5 -26.42 -41.83 11.70
N GLY A 6 -27.17 -42.27 10.71
CA GLY A 6 -26.57 -42.53 9.44
C GLY A 6 -26.98 -41.59 8.34
N CYS A 7 -27.07 -40.32 8.63
CA CYS A 7 -27.32 -39.36 7.58
C CYS A 7 -26.03 -39.21 6.79
N THR A 8 -25.94 -39.90 5.70
CA THR A 8 -24.74 -39.92 4.95
C THR A 8 -24.90 -39.16 3.64
N GLU A 9 -24.06 -38.19 3.45
CA GLU A 9 -24.00 -37.47 2.22
C GLU A 9 -22.66 -37.76 1.60
N ASP A 10 -22.61 -37.92 0.32
CA ASP A 10 -21.34 -38.20 -0.32
C ASP A 10 -20.56 -36.92 -0.51
N GLU A 11 -19.29 -37.07 -0.81
CA GLU A 11 -18.31 -35.96 -0.85
C GLU A 11 -18.77 -34.69 -1.57
N LYS A 12 -19.14 -34.80 -2.86
CA LYS A 12 -19.56 -33.63 -3.66
C LYS A 12 -18.46 -32.56 -3.83
N ARG A 13 -18.76 -31.58 -4.65
CA ARG A 13 -17.98 -30.35 -4.82
C ARG A 13 -18.71 -29.48 -5.83
N ASP A 14 -18.78 -28.21 -5.58
CA ASP A 14 -19.45 -27.31 -6.50
C ASP A 14 -18.46 -26.91 -7.58
N SER A 15 -17.35 -26.39 -7.14
CA SER A 15 -16.27 -25.98 -7.98
C SER A 15 -15.07 -25.69 -7.09
N VAL A 16 -14.00 -26.39 -7.31
CA VAL A 16 -12.80 -26.18 -6.56
C VAL A 16 -12.04 -25.04 -7.21
N VAL A 17 -12.20 -23.87 -6.65
CA VAL A 17 -11.57 -22.67 -7.18
C VAL A 17 -10.12 -22.58 -6.71
N GLU A 18 -9.24 -22.21 -7.60
CA GLU A 18 -7.84 -22.07 -7.28
C GLU A 18 -7.34 -20.76 -7.88
N GLY A 19 -6.40 -20.13 -7.19
CA GLY A 19 -5.84 -18.85 -7.62
C GLY A 19 -6.87 -17.74 -7.61
N ALA A 20 -7.59 -17.62 -6.53
CA ALA A 20 -8.60 -16.58 -6.38
C ALA A 20 -8.65 -16.08 -4.95
N THR A 21 -8.07 -14.94 -4.73
CA THR A 21 -8.08 -14.31 -3.46
C THR A 21 -7.63 -12.87 -3.63
N SER A 22 -7.73 -12.11 -2.58
CA SER A 22 -7.33 -10.74 -2.62
C SER A 22 -5.83 -10.65 -2.38
N VAL A 23 -5.08 -10.74 -3.45
CA VAL A 23 -3.66 -10.57 -3.39
C VAL A 23 -3.38 -9.08 -3.43
N GLU A 24 -2.98 -8.54 -2.27
CA GLU A 24 -2.68 -7.12 -2.07
C GLU A 24 -3.99 -6.29 -1.99
N ALA A 25 -4.12 -5.52 -0.92
CA ALA A 25 -5.27 -4.67 -0.70
C ALA A 25 -5.30 -3.55 -1.71
N SER A 26 -6.35 -2.78 -1.67
CA SER A 26 -6.54 -1.74 -2.62
C SER A 26 -5.58 -0.61 -2.31
N LEU A 27 -5.43 0.30 -3.23
CA LEU A 27 -4.45 1.34 -3.09
C LEU A 27 -4.80 2.29 -1.95
N LYS A 28 -6.07 2.35 -1.58
CA LYS A 28 -6.46 3.22 -0.49
C LYS A 28 -6.04 2.58 0.81
N GLU A 29 -6.36 1.31 0.91
CA GLU A 29 -6.10 0.53 2.09
C GLU A 29 -4.59 0.42 2.35
N GLN A 30 -3.83 0.27 1.29
CA GLN A 30 -2.39 0.12 1.41
C GLN A 30 -1.75 1.44 1.84
N ILE A 31 -2.24 2.53 1.27
CA ILE A 31 -1.74 3.87 1.55
C ILE A 31 -2.10 4.33 2.96
N ASP A 32 -3.21 3.85 3.45
CA ASP A 32 -3.56 4.14 4.81
C ASP A 32 -2.78 3.29 5.77
N TRP A 33 -2.45 2.08 5.35
CA TRP A 33 -1.67 1.16 6.16
C TRP A 33 -0.26 1.70 6.38
N LEU A 34 0.35 2.21 5.33
CA LEU A 34 1.70 2.82 5.40
C LEU A 34 1.70 3.92 6.44
N ALA A 35 0.74 4.79 6.34
CA ALA A 35 0.67 5.90 7.24
C ALA A 35 0.31 5.44 8.65
N GLU A 36 -0.54 4.42 8.73
CA GLU A 36 -0.97 3.89 10.00
C GLU A 36 0.16 3.14 10.68
N ARG A 37 1.04 2.52 9.91
CA ARG A 37 2.16 1.77 10.47
C ARG A 37 3.09 2.77 11.19
N TYR A 38 3.19 3.98 10.64
CA TYR A 38 3.91 5.05 11.32
C TYR A 38 3.08 5.63 12.49
N SER A 39 1.79 5.73 12.27
CA SER A 39 0.86 6.35 13.19
C SER A 39 0.30 5.32 14.23
N ALA A 40 1.04 4.27 14.44
CA ALA A 40 0.72 3.30 15.44
C ALA A 40 1.98 3.03 16.22
N ASP A 41 1.94 3.17 17.51
CA ASP A 41 3.13 2.99 18.29
C ASP A 41 3.20 1.60 18.81
N LEU A 42 4.38 1.18 19.08
CA LEU A 42 4.64 -0.14 19.54
C LEU A 42 5.50 -0.14 20.78
N THR A 43 5.20 0.79 21.66
CA THR A 43 5.88 0.92 22.95
C THR A 43 5.52 -0.32 23.82
N ASN A 44 4.46 -1.00 23.40
CA ASN A 44 3.98 -2.23 24.02
C ASN A 44 4.88 -3.40 23.66
N LYS A 45 5.66 -3.21 22.65
CA LYS A 45 6.57 -4.22 22.15
C LYS A 45 7.90 -4.13 22.83
N ASP A 46 8.54 -5.26 22.93
CA ASP A 46 9.88 -5.35 23.44
C ASP A 46 10.80 -5.26 22.24
N THR A 47 11.62 -4.24 22.19
CA THR A 47 12.42 -4.04 21.02
C THR A 47 13.90 -4.26 21.31
N SER A 48 14.18 -5.35 22.02
CA SER A 48 15.52 -5.70 22.45
C SER A 48 16.44 -6.03 21.28
N LYS A 49 17.09 -4.98 20.78
CA LYS A 49 18.03 -5.02 19.68
C LYS A 49 17.45 -5.69 18.43
N TRP A 50 16.50 -5.03 17.83
CA TRP A 50 15.99 -5.45 16.54
C TRP A 50 17.08 -5.31 15.50
N ASN A 51 17.49 -6.42 14.93
CA ASN A 51 18.48 -6.40 13.86
C ASN A 51 17.75 -6.21 12.54
N THR A 52 17.11 -5.08 12.43
CA THR A 52 16.33 -4.75 11.27
C THR A 52 17.25 -4.31 10.16
N ASP A 53 18.15 -3.37 10.48
CA ASP A 53 19.08 -2.82 9.50
C ASP A 53 19.92 -3.93 8.94
N GLU A 54 20.23 -4.86 9.79
CA GLU A 54 21.10 -5.95 9.47
C GLU A 54 20.39 -6.93 8.56
N LYS A 55 19.12 -7.13 8.77
CA LYS A 55 18.32 -8.04 8.01
C LYS A 55 18.12 -7.47 6.62
N VAL A 56 17.86 -6.18 6.57
CA VAL A 56 17.66 -5.55 5.32
C VAL A 56 18.99 -5.32 4.60
N LYS A 57 20.07 -5.10 5.35
CA LYS A 57 21.42 -4.97 4.80
C LYS A 57 21.86 -6.29 4.19
N GLU A 58 21.48 -7.36 4.82
CA GLU A 58 21.80 -8.69 4.34
C GLU A 58 21.07 -8.96 3.03
N LEU A 59 19.90 -8.39 2.91
CA LEU A 59 19.12 -8.52 1.72
C LEU A 59 19.50 -7.45 0.63
N LEU A 60 19.83 -6.23 1.05
CA LEU A 60 19.99 -5.08 0.13
C LEU A 60 21.31 -4.32 0.25
N ASN A 61 22.33 -4.93 0.85
CA ASN A 61 23.67 -4.33 0.98
C ASN A 61 23.66 -3.13 1.96
N GLU A 62 24.76 -2.37 1.99
CA GLU A 62 24.96 -1.22 2.91
C GLU A 62 23.93 -0.09 2.71
N LYS A 63 23.11 -0.21 1.70
CA LYS A 63 22.11 0.80 1.40
C LYS A 63 20.93 0.72 2.34
N ALA A 64 20.80 -0.40 3.01
CA ALA A 64 19.67 -0.65 3.85
C ALA A 64 19.96 -0.38 5.34
N VAL A 65 21.04 0.28 5.63
CA VAL A 65 21.33 0.61 6.99
C VAL A 65 20.49 1.81 7.45
N GLY A 66 19.85 1.65 8.58
CA GLY A 66 19.02 2.71 9.13
C GLY A 66 17.65 2.77 8.48
N ILE A 67 17.15 1.63 8.06
CA ILE A 67 15.86 1.54 7.41
C ILE A 67 14.69 1.92 8.32
N GLU A 68 14.80 1.59 9.61
CA GLU A 68 13.72 1.90 10.53
C GLU A 68 13.50 3.42 10.63
N SER A 69 14.59 4.17 10.69
CA SER A 69 14.50 5.59 10.79
C SER A 69 14.18 6.21 9.42
N ARG A 70 14.62 5.53 8.36
CA ARG A 70 14.36 5.96 6.99
C ARG A 70 12.86 5.91 6.73
N LEU A 71 12.26 4.80 7.10
CA LEU A 71 10.84 4.61 6.94
C LEU A 71 10.07 5.57 7.79
N LEU A 72 10.56 5.82 8.99
CA LEU A 72 9.94 6.80 9.87
C LEU A 72 9.94 8.18 9.25
N ALA A 73 11.07 8.58 8.70
CA ALA A 73 11.20 9.89 8.11
C ALA A 73 10.35 10.05 6.87
N ILE A 74 10.21 9.00 6.11
CA ILE A 74 9.37 9.09 4.94
C ILE A 74 7.91 9.01 5.31
N ALA A 75 7.60 8.14 6.25
CA ALA A 75 6.24 7.94 6.65
C ALA A 75 5.69 9.13 7.40
N LYS A 76 6.53 9.82 8.19
CA LYS A 76 6.08 11.02 8.87
C LYS A 76 5.68 12.09 7.86
N GLU A 77 6.48 12.26 6.81
CA GLU A 77 6.18 13.24 5.79
C GLU A 77 4.96 12.85 5.01
N PHE A 78 4.85 11.58 4.73
CA PHE A 78 3.75 11.06 3.97
C PHE A 78 2.46 11.17 4.78
N HIS A 79 2.53 10.85 6.05
CA HIS A 79 1.39 10.92 6.96
C HIS A 79 0.91 12.37 7.06
N LYS A 80 1.86 13.25 7.27
CA LYS A 80 1.61 14.66 7.47
C LYS A 80 1.01 15.29 6.22
N LEU A 81 1.44 14.87 5.06
CA LEU A 81 0.96 15.41 3.81
C LEU A 81 -0.37 14.76 3.37
N LYS A 82 -0.50 13.46 3.57
CA LYS A 82 -1.69 12.71 3.17
C LYS A 82 -2.89 13.04 4.06
N SER A 83 -2.61 13.56 5.23
CA SER A 83 -3.58 13.86 6.28
C SER A 83 -4.80 14.63 5.75
N VAL A 84 -4.59 15.46 4.76
CA VAL A 84 -5.65 16.27 4.22
C VAL A 84 -6.48 15.50 3.16
N LEU A 85 -5.90 14.47 2.57
CA LEU A 85 -6.54 13.75 1.48
C LEU A 85 -7.41 12.61 1.98
N CYS A 86 -7.07 12.07 3.12
CA CYS A 86 -7.86 11.04 3.71
C CYS A 86 -8.69 11.66 4.82
N THR A 87 -9.97 11.38 4.86
CA THR A 87 -10.80 11.98 5.88
C THR A 87 -10.54 11.32 7.25
N GLY A 88 -10.36 12.15 8.26
CA GLY A 88 -10.17 11.67 9.61
C GLY A 88 -8.71 11.52 9.99
N VAL A 89 -7.83 12.00 9.16
CA VAL A 89 -6.42 11.86 9.44
C VAL A 89 -5.82 13.20 9.87
N ASN A 90 -5.32 13.22 11.08
CA ASN A 90 -4.64 14.38 11.63
C ASN A 90 -3.19 14.33 11.21
N GLU A 91 -2.56 15.46 11.03
CA GLU A 91 -1.15 15.49 10.59
C GLU A 91 -0.17 15.41 11.77
N THR A 92 -0.66 14.97 12.88
CA THR A 92 0.14 14.83 14.05
C THR A 92 -0.33 13.61 14.86
N PRO A 93 0.38 12.48 14.73
CA PRO A 93 0.03 11.28 15.43
C PRO A 93 0.52 11.27 16.88
N ALA A 94 -0.19 10.55 17.71
CA ALA A 94 0.15 10.41 19.09
C ALA A 94 0.80 9.06 19.28
N HIS A 95 0.35 8.13 18.48
CA HIS A 95 0.92 6.83 18.42
C HIS A 95 1.94 6.91 17.30
N VAL A 96 3.18 6.92 17.64
CA VAL A 96 4.24 6.93 16.64
C VAL A 96 5.15 5.72 16.81
N ALA A 97 5.31 4.96 15.76
CA ALA A 97 6.19 3.79 15.77
C ALA A 97 7.64 4.25 15.82
N ASN A 98 8.37 3.79 16.81
CA ASN A 98 9.79 4.15 16.97
C ASN A 98 10.70 3.02 16.51
N ARG A 99 10.10 1.90 16.17
CA ARG A 99 10.81 0.71 15.71
C ARG A 99 10.07 0.10 14.54
N VAL A 100 10.79 -0.31 13.52
CA VAL A 100 10.20 -0.97 12.37
C VAL A 100 10.69 -2.41 12.35
N SER A 101 9.77 -3.33 12.31
CA SER A 101 10.07 -4.75 12.34
C SER A 101 10.65 -5.18 10.99
N PRO A 102 11.60 -6.14 10.96
CA PRO A 102 12.21 -6.66 9.70
C PRO A 102 11.17 -7.01 8.63
N GLY A 103 10.12 -7.67 9.06
CA GLY A 103 9.04 -8.07 8.16
C GLY A 103 8.27 -6.88 7.63
N ASP A 104 8.11 -5.87 8.46
CA ASP A 104 7.40 -4.66 8.07
C ASP A 104 8.24 -3.83 7.17
N ALA A 105 9.52 -3.79 7.47
CA ALA A 105 10.47 -3.00 6.72
C ALA A 105 10.48 -3.36 5.26
N ILE A 106 10.54 -4.64 4.97
CA ILE A 106 10.58 -5.09 3.60
C ILE A 106 9.26 -4.84 2.90
N SER A 107 8.19 -4.98 3.65
CA SER A 107 6.87 -4.75 3.15
C SER A 107 6.65 -3.26 2.88
N MET A 108 7.06 -2.41 3.82
CA MET A 108 6.88 -0.97 3.70
C MET A 108 7.72 -0.43 2.56
N LEU A 109 8.89 -1.00 2.35
CA LEU A 109 9.73 -0.63 1.23
C LEU A 109 9.00 -0.88 -0.08
N TYR A 110 8.37 -2.05 -0.18
CA TYR A 110 7.64 -2.40 -1.37
C TYR A 110 6.41 -1.52 -1.52
N VAL A 111 5.80 -1.18 -0.38
CA VAL A 111 4.66 -0.27 -0.37
C VAL A 111 5.08 1.11 -0.88
N LEU A 112 6.28 1.55 -0.53
CA LEU A 112 6.79 2.84 -1.01
C LEU A 112 6.89 2.86 -2.53
N SER A 113 7.30 1.75 -3.10
CA SER A 113 7.44 1.64 -4.53
C SER A 113 6.08 1.61 -5.22
N ILE A 114 5.14 0.92 -4.63
CA ILE A 114 3.83 0.86 -5.22
C ILE A 114 3.12 2.19 -5.04
N THR A 115 3.19 2.75 -3.84
CA THR A 115 2.46 3.97 -3.53
C THR A 115 2.94 5.13 -4.39
N HIS A 116 4.20 5.11 -4.76
CA HIS A 116 4.74 6.17 -5.55
C HIS A 116 4.34 5.99 -7.02
N ARG A 117 4.08 4.75 -7.43
CA ARG A 117 3.70 4.51 -8.80
C ARG A 117 2.25 4.93 -9.04
N GLU A 118 1.34 4.67 -8.07
CA GLU A 118 -0.03 5.17 -8.25
C GLU A 118 -0.10 6.63 -8.04
N LEU A 119 0.81 7.15 -7.25
CA LEU A 119 0.89 8.57 -7.05
C LEU A 119 1.27 9.25 -8.38
N SER A 120 2.15 8.60 -9.10
CA SER A 120 2.59 9.09 -10.38
C SER A 120 1.47 8.96 -11.43
N SER A 121 0.70 7.87 -11.38
CA SER A 121 -0.39 7.68 -12.31
C SER A 121 -1.56 8.60 -11.93
N LEU A 122 -1.71 8.84 -10.63
CA LEU A 122 -2.66 9.80 -10.11
C LEU A 122 -2.33 11.17 -10.64
N LYS A 123 -1.05 11.53 -10.59
CA LYS A 123 -0.59 12.80 -11.10
C LYS A 123 -0.86 12.87 -12.58
N ASN A 124 -0.63 11.76 -13.28
CA ASN A 124 -0.90 11.66 -14.72
C ASN A 124 -2.38 11.89 -15.02
N LYS A 125 -3.22 11.21 -14.29
CA LYS A 125 -4.66 11.29 -14.50
C LYS A 125 -5.18 12.66 -14.16
N ILE A 126 -4.66 13.22 -13.10
CA ILE A 126 -5.05 14.53 -12.68
C ILE A 126 -4.52 15.58 -13.63
N ASP A 127 -3.33 15.37 -14.15
CA ASP A 127 -2.72 16.30 -15.09
C ASP A 127 -3.56 16.35 -16.35
N GLU A 128 -4.10 15.19 -16.72
CA GLU A 128 -5.00 15.09 -17.84
C GLU A 128 -6.26 15.88 -17.60
N TRP A 129 -6.94 15.59 -16.50
CA TRP A 129 -8.19 16.26 -16.26
C TRP A 129 -8.10 17.67 -15.76
N LYS A 130 -6.97 18.05 -15.20
CA LYS A 130 -6.78 19.43 -14.73
C LYS A 130 -6.57 20.36 -15.91
N LYS A 131 -6.13 19.76 -17.01
CA LYS A 131 -5.94 20.48 -18.24
C LYS A 131 -7.27 20.47 -19.01
N VAL A 132 -8.19 19.65 -18.54
CA VAL A 132 -9.53 19.60 -19.06
C VAL A 132 -10.31 20.77 -18.44
N LYS A 133 -11.19 21.30 -19.17
CA LYS A 133 -11.89 22.48 -18.81
C LYS A 133 -13.38 22.30 -19.05
N ALA A 134 -14.13 23.38 -18.97
CA ALA A 134 -15.55 23.33 -19.23
C ALA A 134 -15.77 23.09 -20.72
N SER A 135 -15.88 21.83 -21.06
CA SER A 135 -16.01 21.42 -22.42
C SER A 135 -17.48 21.34 -22.82
N GLU A 136 -17.70 21.28 -24.13
CA GLU A 136 -19.03 21.20 -24.75
C GLU A 136 -19.76 19.93 -24.35
N ASP A 137 -18.99 19.00 -23.85
CA ASP A 137 -19.50 17.71 -23.41
C ASP A 137 -20.17 17.85 -22.04
N GLY A 138 -20.01 19.01 -21.44
CA GLY A 138 -20.59 19.27 -20.15
C GLY A 138 -19.67 18.88 -19.04
N THR A 139 -18.40 18.91 -19.35
CA THR A 139 -17.38 18.55 -18.42
C THR A 139 -17.16 19.71 -17.44
N LYS A 140 -16.99 19.38 -16.20
CA LYS A 140 -16.76 20.37 -15.18
C LYS A 140 -15.27 20.57 -15.06
N VAL A 141 -14.87 21.76 -14.66
CA VAL A 141 -13.49 21.99 -14.38
C VAL A 141 -13.13 21.29 -13.09
N ILE A 142 -12.05 20.56 -13.10
CA ILE A 142 -11.70 19.82 -11.90
C ILE A 142 -11.01 20.72 -10.85
N GLN A 143 -11.82 21.28 -9.99
CA GLN A 143 -11.35 22.19 -8.98
C GLN A 143 -11.24 21.53 -7.61
N ASN A 144 -12.05 20.54 -7.37
CA ASN A 144 -12.03 19.82 -6.11
C ASN A 144 -12.05 18.34 -6.43
N ILE A 145 -11.32 17.57 -5.65
CA ILE A 145 -11.04 16.14 -5.90
C ILE A 145 -12.30 15.23 -5.76
N LYS A 146 -13.41 15.77 -5.36
CA LYS A 146 -14.59 14.97 -5.15
C LYS A 146 -15.55 15.04 -6.37
N ASP A 147 -14.99 15.21 -7.53
CA ASP A 147 -15.76 15.24 -8.75
C ASP A 147 -15.99 13.84 -9.26
N ASP A 148 -17.05 13.66 -10.02
CA ASP A 148 -17.46 12.36 -10.57
C ASP A 148 -16.31 11.70 -11.30
N ARG A 149 -15.52 12.50 -12.02
CA ARG A 149 -14.43 11.98 -12.80
C ARG A 149 -13.32 11.49 -11.91
N THR A 150 -13.03 12.21 -10.87
CA THR A 150 -11.99 11.80 -9.98
C THR A 150 -12.45 10.64 -9.12
N ASN A 151 -13.73 10.69 -8.71
CA ASN A 151 -14.33 9.63 -7.90
C ASN A 151 -14.29 8.32 -8.62
N THR A 152 -14.45 8.36 -9.94
CA THR A 152 -14.41 7.15 -10.74
C THR A 152 -13.03 6.48 -10.63
N TRP A 153 -11.98 7.30 -10.67
CA TRP A 153 -10.62 6.78 -10.58
C TRP A 153 -10.35 6.34 -9.16
N PHE A 154 -10.81 7.12 -8.23
CA PHE A 154 -10.61 6.87 -6.83
C PHE A 154 -11.27 5.57 -6.39
N VAL A 155 -12.54 5.39 -6.73
CA VAL A 155 -13.27 4.19 -6.33
C VAL A 155 -12.66 2.93 -6.99
N ALA A 156 -12.13 3.10 -8.20
CA ALA A 156 -11.51 2.00 -8.93
C ALA A 156 -10.23 1.53 -8.23
N HIS A 157 -9.52 2.46 -7.66
CA HIS A 157 -8.31 2.16 -6.91
C HIS A 157 -8.58 1.76 -5.45
N GLY A 158 -9.79 1.95 -5.00
CA GLY A 158 -10.12 1.54 -3.65
C GLY A 158 -10.48 2.69 -2.75
N PHE A 159 -10.34 3.89 -3.24
CA PHE A 159 -10.66 5.07 -2.48
C PHE A 159 -12.17 5.23 -2.54
N LYS A 160 -12.85 4.82 -1.52
CA LYS A 160 -14.28 4.86 -1.54
C LYS A 160 -14.74 6.29 -1.18
N VAL A 161 -16.00 6.62 -1.45
CA VAL A 161 -16.50 8.01 -1.33
C VAL A 161 -16.35 8.60 0.07
N ALA A 162 -16.56 7.81 1.09
CA ALA A 162 -16.43 8.29 2.46
C ALA A 162 -15.01 8.14 2.99
N GLU A 163 -14.10 7.76 2.11
CA GLU A 163 -12.73 7.54 2.45
C GLU A 163 -11.87 8.71 2.05
N LEU A 164 -12.15 9.31 0.90
CA LEU A 164 -11.37 10.45 0.49
C LEU A 164 -11.91 11.70 1.15
N ASN A 165 -11.14 12.72 1.13
CA ASN A 165 -11.49 13.97 1.71
C ASN A 165 -11.38 14.98 0.62
N ASP A 166 -12.22 16.00 0.63
CA ASP A 166 -12.21 16.96 -0.47
C ASP A 166 -11.06 17.92 -0.30
N VAL A 167 -10.49 18.33 -1.41
CA VAL A 167 -9.34 19.20 -1.43
C VAL A 167 -9.20 19.76 -2.84
N THR A 168 -8.57 20.91 -2.98
CA THR A 168 -8.37 21.52 -4.25
C THR A 168 -7.27 20.83 -5.01
N LEU A 169 -7.41 20.76 -6.30
CA LEU A 169 -6.40 20.13 -7.15
C LEU A 169 -5.13 20.94 -7.15
N GLU A 170 -5.26 22.21 -6.86
CA GLU A 170 -4.14 23.10 -6.72
C GLU A 170 -3.30 22.68 -5.53
N LYS A 171 -3.96 22.35 -4.43
CA LYS A 171 -3.26 21.92 -3.25
C LYS A 171 -2.75 20.50 -3.44
N LEU A 172 -3.54 19.71 -4.15
CA LEU A 172 -3.17 18.34 -4.46
C LEU A 172 -1.92 18.34 -5.38
N ALA A 173 -1.90 19.22 -6.36
CA ALA A 173 -0.78 19.32 -7.29
C ALA A 173 0.48 19.74 -6.57
N THR A 174 0.31 20.53 -5.55
CA THR A 174 1.39 20.95 -4.71
C THR A 174 1.96 19.78 -3.88
N VAL A 175 1.08 18.98 -3.29
CA VAL A 175 1.56 17.88 -2.45
C VAL A 175 2.19 16.77 -3.30
N VAL A 176 1.64 16.54 -4.48
CA VAL A 176 2.16 15.50 -5.32
C VAL A 176 3.46 15.95 -5.95
N ASN A 177 3.63 17.27 -6.08
CA ASN A 177 4.84 17.85 -6.63
C ASN A 177 5.99 17.54 -5.73
N GLU A 178 5.81 17.80 -4.45
CA GLU A 178 6.84 17.53 -3.46
C GLU A 178 7.16 16.05 -3.35
N LEU A 179 6.14 15.23 -3.45
CA LEU A 179 6.31 13.80 -3.37
C LEU A 179 6.97 13.20 -4.63
N VAL A 180 6.66 13.75 -5.80
CA VAL A 180 7.24 13.22 -7.03
C VAL A 180 8.66 13.78 -7.24
N SER A 181 8.98 14.86 -6.57
CA SER A 181 10.27 15.46 -6.69
C SER A 181 11.17 15.04 -5.52
N HIS A 182 10.71 14.09 -4.74
CA HIS A 182 11.48 13.62 -3.62
C HIS A 182 12.49 12.60 -4.15
N LYS A 183 13.74 13.01 -4.21
CA LYS A 183 14.79 12.24 -4.84
C LYS A 183 15.08 10.94 -4.09
N ASP A 184 15.04 10.98 -2.76
CA ASP A 184 15.34 9.78 -1.98
C ASP A 184 14.24 8.76 -2.16
N MET A 185 13.02 9.26 -2.27
CA MET A 185 11.85 8.45 -2.52
C MET A 185 11.97 7.79 -3.88
N ILE A 186 12.43 8.56 -4.86
CA ILE A 186 12.66 8.05 -6.21
C ILE A 186 13.71 6.92 -6.19
N TYR A 187 14.78 7.12 -5.42
CA TYR A 187 15.80 6.10 -5.28
C TYR A 187 15.22 4.82 -4.71
N ILE A 188 14.46 4.96 -3.65
CA ILE A 188 13.89 3.83 -2.97
C ILE A 188 12.89 3.11 -3.87
N ASN A 189 12.18 3.87 -4.66
CA ASN A 189 11.23 3.31 -5.61
C ASN A 189 11.99 2.45 -6.63
N ASP A 190 13.04 3.01 -7.21
CA ASP A 190 13.79 2.28 -8.25
C ASP A 190 14.52 1.09 -7.67
N ALA A 191 15.00 1.25 -6.45
CA ALA A 191 15.70 0.19 -5.75
C ALA A 191 14.74 -0.93 -5.42
N MET A 192 13.54 -0.57 -5.01
CA MET A 192 12.55 -1.56 -4.73
C MET A 192 12.05 -2.23 -5.98
N LYS A 193 12.01 -1.49 -7.08
CA LYS A 193 11.68 -2.06 -8.39
C LYS A 193 12.66 -3.18 -8.73
N GLN A 194 13.92 -2.94 -8.45
CA GLN A 194 14.95 -3.94 -8.69
C GLN A 194 14.78 -5.10 -7.73
N ASN A 195 14.47 -4.79 -6.50
CA ASN A 195 14.36 -5.81 -5.49
C ASN A 195 13.14 -6.68 -5.74
N VAL A 196 12.02 -6.07 -6.16
CA VAL A 196 10.82 -6.84 -6.41
C VAL A 196 10.98 -7.65 -7.67
N ASP A 197 11.81 -7.15 -8.58
CA ASP A 197 12.14 -7.87 -9.80
C ASP A 197 12.81 -9.17 -9.46
N LYS A 198 13.80 -9.10 -8.59
CA LYS A 198 14.48 -10.30 -8.17
C LYS A 198 13.52 -11.20 -7.42
N TRP A 199 12.76 -10.61 -6.54
CA TRP A 199 11.84 -11.36 -5.71
C TRP A 199 10.75 -12.04 -6.50
N THR A 200 10.21 -11.36 -7.50
CA THR A 200 9.16 -11.96 -8.28
C THR A 200 9.72 -13.08 -9.14
N LYS A 201 10.95 -12.93 -9.63
CA LYS A 201 11.55 -13.98 -10.42
C LYS A 201 11.89 -15.15 -9.52
N GLU A 202 12.49 -14.84 -8.39
CA GLU A 202 12.89 -15.83 -7.41
C GLU A 202 11.70 -16.66 -6.96
N GLU A 203 10.60 -15.98 -6.69
CA GLU A 203 9.37 -16.62 -6.24
C GLU A 203 8.82 -17.52 -7.34
N SER A 204 8.89 -17.04 -8.56
CA SER A 204 8.39 -17.78 -9.70
C SER A 204 9.26 -19.00 -9.97
N GLU A 205 10.57 -18.83 -9.85
CA GLU A 205 11.48 -19.93 -10.06
C GLU A 205 11.33 -20.96 -8.95
N ARG A 206 11.12 -20.49 -7.74
CA ARG A 206 10.89 -21.36 -6.60
C ARG A 206 9.61 -22.15 -6.80
N LEU A 207 8.57 -21.48 -7.24
CA LEU A 207 7.28 -22.11 -7.47
C LEU A 207 7.39 -23.14 -8.59
N ALA A 208 8.11 -22.78 -9.63
CA ALA A 208 8.30 -23.65 -10.78
C ALA A 208 9.07 -24.90 -10.39
N MET A 209 10.11 -24.73 -9.59
CA MET A 209 10.93 -25.87 -9.23
C MET A 209 10.19 -26.76 -8.22
N MET A 210 9.37 -26.14 -7.38
CA MET A 210 8.61 -26.84 -6.37
C MET A 210 7.51 -27.68 -7.03
N ALA A 211 6.88 -27.09 -8.04
CA ALA A 211 5.81 -27.75 -8.78
C ALA A 211 6.38 -28.85 -9.67
N GLU A 212 7.67 -28.81 -9.94
CA GLU A 212 8.29 -29.84 -10.70
C GLU A 212 8.67 -31.00 -9.77
N GLN A 213 9.03 -30.67 -8.54
CA GLN A 213 9.33 -31.69 -7.53
C GLN A 213 8.08 -32.46 -7.20
N GLY A 214 7.04 -31.74 -6.91
CA GLY A 214 5.78 -32.32 -6.60
C GLY A 214 4.71 -31.31 -6.73
N ILE A 215 4.18 -30.85 -5.64
CA ILE A 215 3.17 -29.83 -5.70
C ILE A 215 3.49 -28.72 -4.75
N SER A 216 2.72 -27.68 -4.85
CA SER A 216 2.79 -26.60 -3.95
C SER A 216 1.37 -26.40 -3.46
N GLY A 217 1.06 -27.01 -2.34
CA GLY A 217 -0.26 -26.95 -1.78
C GLY A 217 -0.70 -25.55 -1.49
N ALA A 218 -1.89 -25.24 -1.91
CA ALA A 218 -2.50 -23.95 -1.76
C ALA A 218 -4.01 -24.14 -1.88
N LYS A 219 -4.75 -23.07 -1.73
CA LYS A 219 -6.18 -23.14 -1.89
C LYS A 219 -6.70 -21.76 -2.24
N GLY A 220 -6.86 -21.52 -3.52
CA GLY A 220 -7.34 -20.26 -3.99
C GLY A 220 -8.84 -20.12 -3.92
N LYS A 221 -9.35 -20.35 -2.76
CA LYS A 221 -10.73 -20.24 -2.47
C LYS A 221 -10.77 -19.51 -1.14
N LYS A 222 -10.64 -18.19 -1.26
CA LYS A 222 -10.50 -17.24 -0.15
C LYS A 222 -11.52 -17.49 0.95
N ASP A 223 -12.75 -17.34 0.64
CA ASP A 223 -13.81 -17.49 1.59
C ASP A 223 -14.64 -18.67 1.21
N SER A 1 -47.38 -49.76 14.23
CA SER A 1 -47.33 -48.31 14.16
C SER A 1 -46.12 -47.86 13.35
N SER A 2 -46.32 -47.66 12.06
CA SER A 2 -45.29 -47.18 11.16
C SER A 2 -45.97 -46.55 9.95
N GLY A 3 -45.37 -45.54 9.39
CA GLY A 3 -45.90 -44.91 8.21
C GLY A 3 -44.85 -44.85 7.15
N ILE A 4 -45.27 -44.68 5.93
CA ILE A 4 -44.35 -44.68 4.82
C ILE A 4 -44.81 -43.75 3.70
N GLU A 5 -44.33 -42.55 3.75
CA GLU A 5 -44.56 -41.60 2.71
C GLU A 5 -43.18 -41.16 2.28
N GLY A 6 -42.88 -41.33 1.04
CA GLY A 6 -41.59 -40.99 0.55
C GLY A 6 -41.02 -42.05 -0.34
N CYS A 7 -40.87 -41.71 -1.58
CA CYS A 7 -40.23 -42.54 -2.55
C CYS A 7 -39.53 -41.61 -3.51
N THR A 8 -38.56 -40.93 -3.00
CA THR A 8 -37.85 -39.93 -3.73
C THR A 8 -36.35 -40.12 -3.49
N GLU A 9 -35.57 -39.17 -3.89
CA GLU A 9 -34.14 -39.26 -3.80
C GLU A 9 -33.57 -37.89 -3.60
N ASP A 10 -32.44 -37.84 -2.97
CA ASP A 10 -31.74 -36.63 -2.80
C ASP A 10 -30.27 -36.90 -3.00
N GLU A 11 -29.67 -36.19 -3.92
CA GLU A 11 -28.24 -36.32 -4.12
C GLU A 11 -27.62 -35.55 -2.99
N LYS A 12 -28.14 -34.35 -2.85
CA LYS A 12 -27.69 -33.37 -1.92
C LYS A 12 -26.29 -32.94 -2.11
N ARG A 13 -26.10 -32.27 -3.20
CA ARG A 13 -24.86 -31.63 -3.47
C ARG A 13 -25.14 -30.16 -3.56
N ASP A 14 -25.21 -29.52 -2.43
CA ASP A 14 -25.38 -28.09 -2.42
C ASP A 14 -24.03 -27.47 -2.59
N SER A 15 -23.08 -28.00 -1.79
CA SER A 15 -21.66 -27.68 -1.81
C SER A 15 -21.35 -26.26 -2.25
N VAL A 16 -21.74 -25.32 -1.43
CA VAL A 16 -21.47 -23.96 -1.73
C VAL A 16 -20.04 -23.67 -1.31
N VAL A 17 -19.14 -23.79 -2.24
CA VAL A 17 -17.77 -23.57 -1.96
C VAL A 17 -17.46 -22.07 -1.92
N GLU A 18 -17.75 -21.51 -0.79
CA GLU A 18 -17.49 -20.15 -0.52
C GLU A 18 -16.63 -20.13 0.72
N GLY A 19 -15.37 -20.01 0.50
CA GLY A 19 -14.42 -19.92 1.56
C GLY A 19 -13.26 -19.14 1.10
N ALA A 20 -13.55 -18.10 0.37
CA ALA A 20 -12.55 -17.25 -0.17
C ALA A 20 -12.71 -15.87 0.38
N THR A 21 -11.64 -15.26 0.69
CA THR A 21 -11.65 -13.95 1.21
C THR A 21 -11.11 -12.98 0.17
N SER A 22 -11.31 -11.72 0.39
CA SER A 22 -10.78 -10.72 -0.49
C SER A 22 -9.26 -10.64 -0.27
N VAL A 23 -8.51 -11.24 -1.18
CA VAL A 23 -7.08 -11.19 -1.09
C VAL A 23 -6.58 -9.82 -1.54
N GLU A 24 -5.91 -9.14 -0.61
CA GLU A 24 -5.42 -7.78 -0.76
C GLU A 24 -6.57 -6.78 -0.59
N ALA A 25 -6.26 -5.60 -0.15
CA ALA A 25 -7.22 -4.58 0.07
C ALA A 25 -7.14 -3.56 -1.03
N SER A 26 -8.02 -2.60 -1.00
CA SER A 26 -8.03 -1.58 -1.99
C SER A 26 -6.94 -0.56 -1.70
N LEU A 27 -6.76 0.38 -2.57
CA LEU A 27 -5.68 1.31 -2.42
C LEU A 27 -5.91 2.31 -1.31
N LYS A 28 -7.15 2.49 -0.93
CA LYS A 28 -7.45 3.44 0.13
C LYS A 28 -6.96 2.83 1.43
N GLU A 29 -7.28 1.56 1.59
CA GLU A 29 -6.82 0.79 2.72
C GLU A 29 -5.32 0.61 2.68
N GLN A 30 -4.75 0.58 1.49
CA GLN A 30 -3.32 0.42 1.30
C GLN A 30 -2.60 1.66 1.81
N ILE A 31 -3.14 2.84 1.44
CA ILE A 31 -2.59 4.13 1.86
C ILE A 31 -2.67 4.23 3.37
N ASP A 32 -3.80 3.79 3.88
CA ASP A 32 -4.04 3.78 5.30
C ASP A 32 -3.10 2.82 6.00
N TRP A 33 -2.84 1.68 5.38
CA TRP A 33 -2.00 0.64 5.93
C TRP A 33 -0.56 1.12 6.03
N LEU A 34 -0.12 1.88 5.02
CA LEU A 34 1.25 2.41 5.01
C LEU A 34 1.37 3.46 6.11
N ALA A 35 0.33 4.26 6.28
CA ALA A 35 0.30 5.24 7.34
C ALA A 35 0.29 4.53 8.69
N GLU A 36 -0.46 3.45 8.78
CA GLU A 36 -0.56 2.62 9.97
C GLU A 36 0.71 1.83 10.23
N ARG A 37 1.51 1.67 9.20
CA ARG A 37 2.81 1.02 9.33
C ARG A 37 3.72 1.93 10.14
N TYR A 38 3.59 3.23 9.90
CA TYR A 38 4.30 4.24 10.68
C TYR A 38 3.61 4.47 12.02
N SER A 39 2.31 4.40 11.99
CA SER A 39 1.50 4.59 13.14
C SER A 39 1.23 3.26 13.82
N ALA A 40 2.19 2.35 13.72
CA ALA A 40 2.04 1.08 14.33
C ALA A 40 2.48 1.15 15.78
N ASP A 41 1.60 0.78 16.63
CA ASP A 41 1.89 0.71 18.04
C ASP A 41 2.56 -0.60 18.39
N LEU A 42 3.84 -0.57 18.58
CA LEU A 42 4.58 -1.72 19.04
C LEU A 42 5.32 -1.33 20.29
N THR A 43 4.82 -0.26 20.89
CA THR A 43 5.36 0.38 22.07
C THR A 43 5.43 -0.60 23.26
N ASN A 44 4.55 -1.61 23.24
CA ASN A 44 4.51 -2.62 24.32
C ASN A 44 5.75 -3.48 24.32
N LYS A 45 6.44 -3.47 23.22
CA LYS A 45 7.65 -4.24 23.09
C LYS A 45 8.88 -3.35 23.20
N ASP A 46 9.78 -3.73 24.09
CA ASP A 46 11.04 -3.02 24.31
C ASP A 46 12.05 -3.54 23.32
N THR A 47 12.28 -2.79 22.29
CA THR A 47 13.14 -3.21 21.23
C THR A 47 14.56 -3.09 21.59
N SER A 48 15.17 -4.22 21.63
CA SER A 48 16.54 -4.38 21.75
C SER A 48 17.16 -3.92 20.43
N LYS A 49 18.36 -4.19 20.28
CA LYS A 49 19.07 -3.84 19.08
C LYS A 49 18.69 -4.73 17.92
N TRP A 50 17.52 -4.44 17.43
CA TRP A 50 17.08 -4.93 16.17
C TRP A 50 18.09 -4.48 15.17
N ASN A 51 18.81 -5.40 14.60
CA ASN A 51 19.80 -5.05 13.63
C ASN A 51 19.17 -5.12 12.28
N THR A 52 18.18 -4.31 12.11
CA THR A 52 17.45 -4.23 10.89
C THR A 52 18.36 -3.58 9.90
N ASP A 53 18.97 -2.50 10.37
CA ASP A 53 19.88 -1.65 9.63
C ASP A 53 21.16 -2.38 9.28
N GLU A 54 21.49 -3.36 10.05
CA GLU A 54 22.65 -4.14 9.81
C GLU A 54 22.30 -5.24 8.81
N LYS A 55 21.14 -5.85 9.00
CA LYS A 55 20.71 -6.95 8.17
C LYS A 55 20.38 -6.47 6.77
N VAL A 56 19.78 -5.30 6.67
CA VAL A 56 19.42 -4.76 5.37
C VAL A 56 20.64 -4.26 4.63
N LYS A 57 21.70 -4.00 5.35
CA LYS A 57 22.95 -3.62 4.75
C LYS A 57 23.56 -4.84 4.05
N GLU A 58 23.22 -5.99 4.51
CA GLU A 58 23.63 -7.21 3.88
C GLU A 58 22.64 -7.61 2.81
N LEU A 59 21.40 -7.46 3.13
CA LEU A 59 20.31 -7.90 2.29
C LEU A 59 20.02 -6.94 1.11
N LEU A 60 20.27 -5.66 1.28
CA LEU A 60 19.96 -4.68 0.23
C LEU A 60 21.20 -3.82 -0.03
N ASN A 61 22.31 -4.20 0.59
CA ASN A 61 23.56 -3.45 0.56
C ASN A 61 23.46 -2.16 1.38
N GLU A 62 24.52 -1.38 1.39
CA GLU A 62 24.63 -0.18 2.24
C GLU A 62 23.60 0.92 1.94
N LYS A 63 22.82 0.75 0.90
CA LYS A 63 21.78 1.71 0.53
C LYS A 63 20.68 1.77 1.61
N ALA A 64 20.41 0.64 2.23
CA ALA A 64 19.31 0.54 3.17
C ALA A 64 19.70 0.77 4.62
N VAL A 65 20.91 1.26 4.86
CA VAL A 65 21.38 1.52 6.21
C VAL A 65 20.45 2.51 6.93
N GLY A 66 19.98 2.08 8.09
CA GLY A 66 19.09 2.87 8.91
C GLY A 66 17.68 2.79 8.39
N ILE A 67 17.28 1.58 8.03
CA ILE A 67 16.02 1.35 7.34
C ILE A 67 14.81 1.84 8.14
N GLU A 68 14.74 1.54 9.42
CA GLU A 68 13.60 1.95 10.18
C GLU A 68 13.55 3.46 10.33
N SER A 69 14.70 4.07 10.51
CA SER A 69 14.75 5.50 10.68
C SER A 69 14.45 6.21 9.35
N ARG A 70 14.92 5.64 8.28
CA ARG A 70 14.73 6.19 6.96
C ARG A 70 13.29 6.03 6.54
N LEU A 71 12.74 4.87 6.80
CA LEU A 71 11.38 4.60 6.44
C LEU A 71 10.41 5.35 7.30
N LEU A 72 10.77 5.57 8.54
CA LEU A 72 9.94 6.34 9.45
C LEU A 72 9.84 7.79 9.01
N ALA A 73 10.94 8.35 8.51
CA ALA A 73 10.91 9.72 8.06
C ALA A 73 10.04 9.87 6.84
N ILE A 74 10.20 8.96 5.91
CA ILE A 74 9.39 9.06 4.71
C ILE A 74 7.94 8.70 4.96
N ALA A 75 7.71 7.75 5.81
CA ALA A 75 6.37 7.33 6.15
C ALA A 75 5.65 8.38 6.99
N LYS A 76 6.37 9.10 7.86
CA LYS A 76 5.79 10.23 8.59
C LYS A 76 5.32 11.25 7.56
N GLU A 77 6.17 11.52 6.59
CA GLU A 77 5.89 12.49 5.54
C GLU A 77 4.65 12.03 4.77
N PHE A 78 4.58 10.75 4.52
CA PHE A 78 3.47 10.16 3.82
C PHE A 78 2.21 10.23 4.68
N HIS A 79 2.35 10.01 5.98
CA HIS A 79 1.23 10.10 6.91
C HIS A 79 0.69 11.54 6.96
N LYS A 80 1.60 12.49 6.87
CA LYS A 80 1.24 13.90 6.81
C LYS A 80 0.34 14.12 5.59
N LEU A 81 0.77 13.58 4.46
CA LEU A 81 -0.02 13.61 3.22
C LEU A 81 -1.32 12.82 3.33
N LYS A 82 -1.27 11.70 4.02
CA LYS A 82 -2.42 10.83 4.23
C LYS A 82 -3.47 11.58 5.04
N SER A 83 -3.01 12.40 5.94
CA SER A 83 -3.85 13.23 6.74
C SER A 83 -4.50 14.37 5.91
N VAL A 84 -3.88 14.71 4.80
CA VAL A 84 -4.41 15.73 3.91
C VAL A 84 -5.41 15.09 2.95
N LEU A 85 -5.10 13.91 2.48
CA LEU A 85 -5.93 13.23 1.48
C LEU A 85 -7.11 12.50 2.14
N CYS A 86 -6.95 12.02 3.34
CA CYS A 86 -8.02 11.37 4.03
C CYS A 86 -8.63 12.34 5.04
N THR A 87 -9.92 12.49 5.00
CA THR A 87 -10.57 13.44 5.84
C THR A 87 -10.72 12.88 7.25
N GLY A 88 -10.55 13.75 8.24
CA GLY A 88 -10.69 13.35 9.61
C GLY A 88 -9.45 12.68 10.14
N VAL A 89 -8.37 12.79 9.40
CA VAL A 89 -7.13 12.19 9.83
C VAL A 89 -6.16 13.27 10.27
N ASN A 90 -5.47 13.02 11.34
CA ASN A 90 -4.50 13.95 11.92
C ASN A 90 -3.11 13.66 11.43
N GLU A 91 -2.31 14.70 11.31
CA GLU A 91 -0.93 14.61 10.76
C GLU A 91 0.10 14.28 11.85
N THR A 92 -0.40 13.85 12.97
CA THR A 92 0.39 13.40 14.07
C THR A 92 -0.36 12.23 14.72
N PRO A 93 0.19 11.02 14.64
CA PRO A 93 -0.42 9.85 15.24
C PRO A 93 0.02 9.65 16.70
N ALA A 94 -0.74 8.89 17.44
CA ALA A 94 -0.47 8.64 18.84
C ALA A 94 0.27 7.35 18.97
N HIS A 95 -0.08 6.46 18.09
CA HIS A 95 0.55 5.19 17.98
C HIS A 95 1.68 5.38 17.02
N VAL A 96 2.86 5.51 17.50
CA VAL A 96 3.99 5.69 16.61
C VAL A 96 4.97 4.53 16.69
N ALA A 97 5.31 3.99 15.54
CA ALA A 97 6.25 2.89 15.40
C ALA A 97 7.67 3.35 15.70
N ASN A 98 8.35 2.58 16.48
CA ASN A 98 9.74 2.86 16.80
C ASN A 98 10.65 1.96 15.99
N ARG A 99 10.12 0.83 15.59
CA ARG A 99 10.83 -0.21 14.90
C ARG A 99 9.96 -0.82 13.86
N VAL A 100 10.55 -1.29 12.80
CA VAL A 100 9.84 -1.96 11.75
C VAL A 100 10.36 -3.37 11.71
N SER A 101 9.53 -4.32 12.07
CA SER A 101 9.89 -5.72 12.11
C SER A 101 10.33 -6.16 10.71
N PRO A 102 11.33 -7.06 10.59
CA PRO A 102 11.83 -7.55 9.29
C PRO A 102 10.70 -8.05 8.38
N GLY A 103 9.75 -8.73 8.98
CA GLY A 103 8.61 -9.25 8.25
C GLY A 103 7.68 -8.12 7.78
N ASP A 104 7.53 -7.12 8.64
CA ASP A 104 6.68 -5.96 8.33
C ASP A 104 7.35 -5.12 7.27
N ALA A 105 8.67 -5.08 7.34
CA ALA A 105 9.49 -4.33 6.43
C ALA A 105 9.32 -4.84 5.02
N ILE A 106 9.34 -6.16 4.85
CA ILE A 106 9.18 -6.76 3.53
C ILE A 106 7.84 -6.35 2.91
N SER A 107 6.81 -6.33 3.73
CA SER A 107 5.52 -5.91 3.29
C SER A 107 5.52 -4.41 2.98
N MET A 108 6.18 -3.62 3.85
CA MET A 108 6.25 -2.17 3.69
C MET A 108 7.00 -1.82 2.41
N LEU A 109 8.07 -2.55 2.12
CA LEU A 109 8.85 -2.35 0.91
C LEU A 109 8.01 -2.57 -0.33
N TYR A 110 7.21 -3.61 -0.30
CA TYR A 110 6.31 -3.89 -1.39
C TYR A 110 5.26 -2.81 -1.51
N VAL A 111 4.69 -2.44 -0.39
CA VAL A 111 3.63 -1.45 -0.37
C VAL A 111 4.13 -0.09 -0.80
N LEU A 112 5.32 0.28 -0.38
CA LEU A 112 5.88 1.59 -0.75
C LEU A 112 6.14 1.64 -2.26
N SER A 113 6.48 0.50 -2.82
CA SER A 113 6.72 0.40 -4.24
C SER A 113 5.39 0.43 -5.00
N ILE A 114 4.36 -0.09 -4.38
CA ILE A 114 3.02 -0.06 -4.92
C ILE A 114 2.49 1.35 -4.84
N THR A 115 2.61 1.95 -3.68
CA THR A 115 2.05 3.26 -3.40
C THR A 115 2.62 4.34 -4.30
N HIS A 116 3.92 4.26 -4.60
CA HIS A 116 4.50 5.27 -5.45
C HIS A 116 4.01 5.08 -6.89
N ARG A 117 3.66 3.85 -7.22
CA ARG A 117 3.18 3.54 -8.52
C ARG A 117 1.76 4.06 -8.70
N GLU A 118 0.90 3.95 -7.68
CA GLU A 118 -0.40 4.60 -7.85
C GLU A 118 -0.36 6.09 -7.70
N LEU A 119 0.52 6.64 -6.86
CA LEU A 119 0.57 8.09 -6.72
C LEU A 119 1.06 8.75 -8.00
N SER A 120 1.95 8.06 -8.72
CA SER A 120 2.44 8.59 -9.97
C SER A 120 1.35 8.52 -11.04
N SER A 121 0.58 7.43 -11.01
CA SER A 121 -0.54 7.26 -11.93
C SER A 121 -1.67 8.24 -11.57
N LEU A 122 -1.81 8.48 -10.28
CA LEU A 122 -2.74 9.45 -9.73
C LEU A 122 -2.41 10.80 -10.27
N LYS A 123 -1.15 11.18 -10.18
CA LYS A 123 -0.73 12.48 -10.65
C LYS A 123 -0.90 12.56 -12.15
N ASN A 124 -0.58 11.47 -12.83
CA ASN A 124 -0.67 11.44 -14.27
C ASN A 124 -2.10 11.60 -14.75
N LYS A 125 -3.04 10.97 -14.08
CA LYS A 125 -4.39 11.12 -14.51
C LYS A 125 -5.03 12.36 -13.95
N ILE A 126 -4.59 12.79 -12.79
CA ILE A 126 -5.10 14.01 -12.20
C ILE A 126 -4.66 15.20 -13.01
N ASP A 127 -3.42 15.18 -13.46
CA ASP A 127 -2.90 16.25 -14.27
C ASP A 127 -3.60 16.23 -15.63
N GLU A 128 -3.99 15.04 -16.06
CA GLU A 128 -4.75 14.82 -17.29
C GLU A 128 -6.07 15.58 -17.24
N TRP A 129 -6.88 15.32 -16.22
CA TRP A 129 -8.15 16.01 -16.09
C TRP A 129 -8.03 17.45 -15.60
N LYS A 130 -6.90 17.76 -15.01
CA LYS A 130 -6.56 19.13 -14.64
C LYS A 130 -6.44 19.98 -15.93
N LYS A 131 -5.95 19.35 -16.99
CA LYS A 131 -5.80 20.01 -18.27
C LYS A 131 -7.14 20.04 -19.00
N VAL A 132 -8.06 19.20 -18.55
CA VAL A 132 -9.40 19.16 -19.09
C VAL A 132 -10.17 20.39 -18.61
N LYS A 133 -10.66 21.13 -19.55
CA LYS A 133 -11.27 22.41 -19.30
C LYS A 133 -12.76 22.38 -19.59
N ALA A 134 -13.40 23.52 -19.40
CA ALA A 134 -14.82 23.66 -19.62
C ALA A 134 -15.15 23.63 -21.10
N SER A 135 -15.59 22.51 -21.54
CA SER A 135 -16.01 22.35 -22.90
C SER A 135 -17.50 22.55 -23.00
N GLU A 136 -17.93 23.00 -24.16
CA GLU A 136 -19.32 23.26 -24.50
C GLU A 136 -20.15 22.00 -24.37
N ASP A 137 -19.48 20.91 -24.56
CA ASP A 137 -20.08 19.57 -24.52
C ASP A 137 -20.42 19.11 -23.10
N GLY A 138 -20.37 20.02 -22.14
CA GLY A 138 -20.74 19.71 -20.78
C GLY A 138 -19.61 19.13 -20.01
N THR A 139 -18.41 19.47 -20.39
CA THR A 139 -17.25 19.00 -19.72
C THR A 139 -16.86 20.06 -18.68
N LYS A 140 -16.79 19.67 -17.44
CA LYS A 140 -16.48 20.59 -16.36
C LYS A 140 -14.99 20.70 -16.16
N VAL A 141 -14.61 21.64 -15.33
CA VAL A 141 -13.24 21.82 -14.96
C VAL A 141 -13.00 21.03 -13.72
N ILE A 142 -11.94 20.30 -13.71
CA ILE A 142 -11.70 19.46 -12.59
C ILE A 142 -10.82 20.21 -11.60
N GLN A 143 -11.49 20.74 -10.61
CA GLN A 143 -10.92 21.65 -9.65
C GLN A 143 -10.56 20.95 -8.37
N ASN A 144 -11.38 20.02 -7.98
CA ASN A 144 -11.28 19.39 -6.69
C ASN A 144 -11.08 17.89 -6.87
N ILE A 145 -10.52 17.25 -5.87
CA ILE A 145 -10.28 15.81 -5.86
C ILE A 145 -11.64 15.06 -5.75
N LYS A 146 -12.67 15.80 -5.40
CA LYS A 146 -13.99 15.30 -5.24
C LYS A 146 -14.86 15.68 -6.47
N ASP A 147 -14.22 15.76 -7.60
CA ASP A 147 -14.88 16.03 -8.87
C ASP A 147 -15.15 14.74 -9.57
N ASP A 148 -16.12 14.72 -10.47
CA ASP A 148 -16.55 13.49 -11.17
C ASP A 148 -15.39 12.69 -11.72
N ARG A 149 -14.46 13.38 -12.33
CA ARG A 149 -13.34 12.72 -12.96
C ARG A 149 -12.40 12.14 -11.94
N THR A 150 -12.22 12.84 -10.86
CA THR A 150 -11.37 12.37 -9.84
C THR A 150 -12.05 11.25 -9.05
N ASN A 151 -13.31 11.45 -8.74
CA ASN A 151 -14.11 10.49 -7.99
C ASN A 151 -14.16 9.18 -8.68
N THR A 152 -14.29 9.19 -10.01
CA THR A 152 -14.39 7.95 -10.78
C THR A 152 -13.10 7.11 -10.68
N TRP A 153 -11.97 7.76 -10.50
CA TRP A 153 -10.72 7.05 -10.34
C TRP A 153 -10.57 6.63 -8.89
N PHE A 154 -10.92 7.52 -8.01
CA PHE A 154 -10.76 7.28 -6.60
C PHE A 154 -11.68 6.16 -6.11
N VAL A 155 -12.92 6.15 -6.54
CA VAL A 155 -13.85 5.10 -6.13
C VAL A 155 -13.41 3.73 -6.62
N ALA A 156 -12.86 3.70 -7.83
CA ALA A 156 -12.40 2.46 -8.44
C ALA A 156 -11.21 1.89 -7.66
N HIS A 157 -10.40 2.77 -7.14
CA HIS A 157 -9.26 2.37 -6.34
C HIS A 157 -9.60 2.02 -4.88
N GLY A 158 -10.80 2.32 -4.43
CA GLY A 158 -11.13 1.98 -3.06
C GLY A 158 -11.42 3.16 -2.20
N PHE A 159 -11.20 4.33 -2.73
CA PHE A 159 -11.42 5.53 -1.99
C PHE A 159 -12.90 5.85 -1.95
N LYS A 160 -13.47 5.77 -0.79
CA LYS A 160 -14.84 6.14 -0.60
C LYS A 160 -14.92 7.67 -0.57
N VAL A 161 -15.95 8.25 -1.18
CA VAL A 161 -16.09 9.72 -1.30
C VAL A 161 -16.24 10.39 0.07
N ALA A 162 -16.74 9.64 1.03
CA ALA A 162 -16.90 10.15 2.39
C ALA A 162 -15.58 10.06 3.18
N GLU A 163 -14.59 9.40 2.59
CA GLU A 163 -13.30 9.23 3.20
C GLU A 163 -12.28 10.17 2.60
N LEU A 164 -12.36 10.37 1.31
CA LEU A 164 -11.43 11.24 0.65
C LEU A 164 -11.72 12.68 1.01
N ASN A 165 -10.70 13.37 1.36
CA ASN A 165 -10.78 14.72 1.82
C ASN A 165 -10.71 15.62 0.64
N ASP A 166 -11.75 16.38 0.42
CA ASP A 166 -11.80 17.23 -0.74
C ASP A 166 -10.84 18.38 -0.57
N VAL A 167 -10.18 18.70 -1.64
CA VAL A 167 -9.17 19.69 -1.66
C VAL A 167 -8.93 20.04 -3.13
N THR A 168 -8.36 21.17 -3.38
CA THR A 168 -8.09 21.61 -4.70
C THR A 168 -7.01 20.76 -5.35
N LEU A 169 -7.16 20.52 -6.63
CA LEU A 169 -6.23 19.74 -7.37
C LEU A 169 -5.02 20.52 -7.70
N GLU A 170 -5.12 21.80 -7.63
CA GLU A 170 -3.98 22.62 -7.86
C GLU A 170 -3.04 22.46 -6.68
N LYS A 171 -3.62 22.33 -5.49
CA LYS A 171 -2.86 22.08 -4.30
C LYS A 171 -2.40 20.64 -4.27
N LEU A 172 -3.29 19.75 -4.64
CA LEU A 172 -3.01 18.33 -4.62
C LEU A 172 -1.91 18.01 -5.63
N ALA A 173 -2.00 18.58 -6.82
CA ALA A 173 -1.05 18.27 -7.84
C ALA A 173 0.29 18.89 -7.55
N THR A 174 0.32 20.00 -6.83
CA THR A 174 1.58 20.63 -6.55
C THR A 174 2.31 19.91 -5.41
N VAL A 175 1.56 19.33 -4.46
CA VAL A 175 2.21 18.62 -3.38
C VAL A 175 2.67 17.23 -3.86
N VAL A 176 1.87 16.59 -4.71
CA VAL A 176 2.25 15.31 -5.27
C VAL A 176 3.40 15.51 -6.27
N ASN A 177 3.44 16.69 -6.87
CA ASN A 177 4.53 17.07 -7.77
C ASN A 177 5.81 17.10 -7.01
N GLU A 178 5.75 17.63 -5.80
CA GLU A 178 6.89 17.69 -4.94
C GLU A 178 7.29 16.28 -4.51
N LEU A 179 6.32 15.44 -4.22
CA LEU A 179 6.57 14.05 -3.83
C LEU A 179 7.31 13.28 -4.93
N VAL A 180 6.91 13.49 -6.18
CA VAL A 180 7.52 12.79 -7.29
C VAL A 180 8.84 13.49 -7.74
N SER A 181 9.03 14.73 -7.32
CA SER A 181 10.25 15.44 -7.62
C SER A 181 11.22 15.39 -6.42
N HIS A 182 10.80 14.66 -5.40
CA HIS A 182 11.57 14.50 -4.19
C HIS A 182 12.65 13.46 -4.47
N LYS A 183 13.88 13.95 -4.52
CA LYS A 183 15.06 13.18 -4.89
C LYS A 183 15.25 11.97 -3.99
N ASP A 184 15.01 12.18 -2.74
CA ASP A 184 15.21 11.18 -1.73
C ASP A 184 14.17 10.06 -1.83
N MET A 185 12.95 10.43 -2.06
CA MET A 185 11.85 9.48 -2.24
C MET A 185 12.03 8.65 -3.53
N ILE A 186 12.37 9.33 -4.62
CA ILE A 186 12.51 8.65 -5.90
C ILE A 186 13.73 7.75 -5.95
N TYR A 187 14.66 8.01 -5.09
CA TYR A 187 15.81 7.16 -4.96
C TYR A 187 15.45 5.92 -4.19
N ILE A 188 14.81 6.13 -3.05
CA ILE A 188 14.44 5.03 -2.17
C ILE A 188 13.47 4.11 -2.87
N ASN A 189 12.52 4.69 -3.58
CA ASN A 189 11.54 3.91 -4.28
C ASN A 189 12.16 3.11 -5.41
N ASP A 190 13.07 3.71 -6.12
CA ASP A 190 13.71 3.05 -7.25
C ASP A 190 14.61 1.90 -6.79
N ALA A 191 15.29 2.10 -5.68
CA ALA A 191 16.16 1.08 -5.12
C ALA A 191 15.32 -0.05 -4.53
N MET A 192 14.21 0.34 -3.96
CA MET A 192 13.30 -0.57 -3.37
C MET A 192 12.55 -1.34 -4.45
N LYS A 193 12.24 -0.66 -5.54
CA LYS A 193 11.57 -1.26 -6.70
C LYS A 193 12.42 -2.39 -7.25
N GLN A 194 13.71 -2.13 -7.39
CA GLN A 194 14.64 -3.15 -7.87
C GLN A 194 14.71 -4.30 -6.87
N ASN A 195 14.70 -3.95 -5.60
CA ASN A 195 14.75 -4.92 -4.52
C ASN A 195 13.52 -5.82 -4.53
N VAL A 196 12.35 -5.23 -4.67
CA VAL A 196 11.12 -5.98 -4.63
C VAL A 196 10.96 -6.81 -5.88
N ASP A 197 11.53 -6.34 -6.96
CA ASP A 197 11.51 -7.04 -8.23
C ASP A 197 12.36 -8.29 -8.11
N LYS A 198 13.49 -8.13 -7.45
CA LYS A 198 14.40 -9.22 -7.20
C LYS A 198 13.77 -10.20 -6.21
N TRP A 199 13.14 -9.67 -5.19
CA TRP A 199 12.51 -10.49 -4.17
C TRP A 199 11.32 -11.26 -4.70
N THR A 200 10.55 -10.68 -5.60
CA THR A 200 9.40 -11.36 -6.12
C THR A 200 9.85 -12.48 -7.08
N LYS A 201 10.96 -12.25 -7.80
CA LYS A 201 11.49 -13.26 -8.69
C LYS A 201 12.03 -14.40 -7.85
N GLU A 202 12.77 -14.03 -6.81
CA GLU A 202 13.34 -14.99 -5.89
C GLU A 202 12.24 -15.78 -5.18
N GLU A 203 11.18 -15.09 -4.78
CA GLU A 203 10.05 -15.72 -4.10
C GLU A 203 9.39 -16.73 -5.02
N SER A 204 9.21 -16.35 -6.27
CA SER A 204 8.58 -17.21 -7.25
C SER A 204 9.46 -18.43 -7.53
N GLU A 205 10.75 -18.21 -7.52
CA GLU A 205 11.73 -19.24 -7.74
C GLU A 205 11.75 -20.21 -6.56
N ARG A 206 11.70 -19.67 -5.35
CA ARG A 206 11.71 -20.47 -4.14
C ARG A 206 10.43 -21.29 -4.06
N LEU A 207 9.35 -20.68 -4.50
CA LEU A 207 8.07 -21.34 -4.58
C LEU A 207 8.13 -22.47 -5.61
N ALA A 208 8.69 -22.18 -6.77
CA ALA A 208 8.80 -23.15 -7.87
C ALA A 208 9.62 -24.38 -7.45
N MET A 209 10.72 -24.13 -6.76
CA MET A 209 11.59 -25.23 -6.35
C MET A 209 10.95 -26.02 -5.24
N MET A 210 10.22 -25.35 -4.37
CA MET A 210 9.55 -26.00 -3.25
C MET A 210 8.35 -26.79 -3.75
N ALA A 211 7.73 -26.31 -4.81
CA ALA A 211 6.60 -26.98 -5.44
C ALA A 211 7.03 -28.28 -6.10
N GLU A 212 8.24 -28.30 -6.58
CA GLU A 212 8.79 -29.47 -7.17
C GLU A 212 9.30 -30.40 -6.08
N GLN A 213 9.91 -29.80 -5.05
CA GLN A 213 10.45 -30.54 -3.92
C GLN A 213 9.35 -31.27 -3.15
N GLY A 214 8.23 -30.60 -2.95
CA GLY A 214 7.13 -31.20 -2.25
C GLY A 214 5.88 -30.38 -2.38
N ILE A 215 5.37 -29.94 -1.27
CA ILE A 215 4.14 -29.19 -1.23
C ILE A 215 4.46 -27.73 -0.89
N SER A 216 3.76 -26.82 -1.50
CA SER A 216 3.95 -25.43 -1.25
C SER A 216 2.67 -24.79 -0.73
N GLY A 217 2.77 -23.54 -0.38
CA GLY A 217 1.65 -22.80 0.13
C GLY A 217 2.15 -21.86 1.18
N ALA A 218 1.61 -20.66 1.21
CA ALA A 218 2.01 -19.69 2.19
C ALA A 218 1.55 -20.13 3.58
N LYS A 219 0.25 -20.12 3.77
CA LYS A 219 -0.43 -20.54 4.98
C LYS A 219 -1.88 -20.16 4.88
N GLY A 220 -2.74 -21.13 4.88
CA GLY A 220 -4.15 -20.85 4.87
C GLY A 220 -4.59 -20.49 6.25
N LYS A 221 -4.45 -19.23 6.58
CA LYS A 221 -4.75 -18.73 7.89
C LYS A 221 -6.25 -18.55 8.01
N LYS A 222 -6.83 -18.05 6.96
CA LYS A 222 -8.24 -17.82 6.89
C LYS A 222 -8.84 -18.68 5.81
N ASP A 223 -9.50 -19.74 6.23
CA ASP A 223 -10.17 -20.68 5.34
C ASP A 223 -11.21 -21.41 6.15
N SER A 1 -10.84 -62.50 32.62
CA SER A 1 -10.18 -62.30 31.36
C SER A 1 -10.91 -61.22 30.59
N SER A 2 -10.20 -60.27 30.04
CA SER A 2 -10.81 -59.21 29.29
C SER A 2 -9.94 -58.84 28.11
N GLY A 3 -10.55 -58.44 27.03
CA GLY A 3 -9.82 -58.03 25.86
C GLY A 3 -10.44 -56.79 25.28
N ILE A 4 -9.82 -56.26 24.26
CA ILE A 4 -10.32 -55.09 23.59
C ILE A 4 -9.67 -54.94 22.22
N GLU A 5 -10.39 -55.36 21.21
CA GLU A 5 -9.93 -55.28 19.87
C GLU A 5 -10.42 -53.98 19.26
N GLY A 6 -9.50 -53.14 18.88
CA GLY A 6 -9.84 -51.85 18.36
C GLY A 6 -10.14 -51.89 16.88
N CYS A 7 -11.30 -51.42 16.54
CA CYS A 7 -11.72 -51.35 15.16
C CYS A 7 -12.32 -49.98 14.90
N THR A 8 -11.49 -49.05 14.58
CA THR A 8 -11.94 -47.74 14.25
C THR A 8 -10.93 -47.06 13.32
N GLU A 9 -11.37 -46.79 12.12
CA GLU A 9 -10.55 -46.15 11.14
C GLU A 9 -11.22 -44.86 10.73
N ASP A 10 -10.43 -43.87 10.49
CA ASP A 10 -10.92 -42.57 10.08
C ASP A 10 -10.36 -42.24 8.72
N GLU A 11 -11.11 -41.49 7.93
CA GLU A 11 -10.67 -41.09 6.59
C GLU A 11 -9.34 -40.34 6.61
N LYS A 12 -9.10 -39.58 7.69
CA LYS A 12 -7.92 -38.75 7.85
C LYS A 12 -7.67 -37.88 6.64
N ARG A 13 -8.57 -36.96 6.44
CA ARG A 13 -8.52 -36.09 5.30
C ARG A 13 -7.49 -35.00 5.49
N ASP A 14 -6.76 -34.70 4.41
CA ASP A 14 -5.74 -33.63 4.43
C ASP A 14 -6.38 -32.28 4.26
N SER A 15 -7.63 -32.30 3.82
CA SER A 15 -8.46 -31.14 3.59
C SER A 15 -8.07 -30.43 2.32
N VAL A 16 -8.58 -30.92 1.22
CA VAL A 16 -8.37 -30.28 -0.04
C VAL A 16 -9.37 -29.14 -0.20
N VAL A 17 -8.95 -27.99 0.26
CA VAL A 17 -9.77 -26.83 0.28
C VAL A 17 -9.02 -25.70 -0.42
N GLU A 18 -9.74 -24.71 -0.83
CA GLU A 18 -9.15 -23.57 -1.47
C GLU A 18 -9.09 -22.46 -0.45
N GLY A 19 -7.92 -21.89 -0.27
CA GLY A 19 -7.75 -20.82 0.68
C GLY A 19 -7.92 -19.49 0.03
N ALA A 20 -8.91 -18.75 0.44
CA ALA A 20 -9.19 -17.48 -0.17
C ALA A 20 -8.75 -16.33 0.69
N THR A 21 -8.05 -15.42 0.09
CA THR A 21 -7.64 -14.22 0.74
C THR A 21 -7.68 -13.11 -0.31
N SER A 22 -7.71 -11.89 0.12
CA SER A 22 -7.80 -10.78 -0.79
C SER A 22 -6.42 -10.42 -1.33
N VAL A 23 -6.12 -10.90 -2.51
CA VAL A 23 -4.86 -10.60 -3.13
C VAL A 23 -4.89 -9.21 -3.76
N GLU A 24 -4.01 -8.35 -3.27
CA GLU A 24 -3.94 -6.94 -3.62
C GLU A 24 -5.15 -6.18 -3.13
N ALA A 25 -4.98 -5.56 -1.99
CA ALA A 25 -5.97 -4.71 -1.42
C ALA A 25 -6.01 -3.44 -2.23
N SER A 26 -7.01 -2.65 -2.02
CA SER A 26 -7.16 -1.46 -2.77
C SER A 26 -6.10 -0.46 -2.33
N LEU A 27 -5.86 0.51 -3.15
CA LEU A 27 -4.82 1.48 -2.91
C LEU A 27 -5.16 2.33 -1.70
N LYS A 28 -6.43 2.39 -1.38
CA LYS A 28 -6.85 3.16 -0.23
C LYS A 28 -6.49 2.41 1.02
N GLU A 29 -6.74 1.12 1.00
CA GLU A 29 -6.47 0.25 2.12
C GLU A 29 -4.98 0.11 2.34
N GLN A 30 -4.24 0.16 1.25
CA GLN A 30 -2.80 0.02 1.29
C GLN A 30 -2.21 1.26 1.98
N ILE A 31 -2.73 2.41 1.60
CA ILE A 31 -2.31 3.67 2.16
C ILE A 31 -2.79 3.81 3.61
N ASP A 32 -4.00 3.32 3.88
CA ASP A 32 -4.55 3.35 5.23
C ASP A 32 -3.70 2.55 6.16
N TRP A 33 -3.18 1.43 5.66
CA TRP A 33 -2.35 0.55 6.40
C TRP A 33 -1.03 1.23 6.71
N LEU A 34 -0.47 1.93 5.73
CA LEU A 34 0.79 2.64 5.89
C LEU A 34 0.65 3.70 6.96
N ALA A 35 -0.45 4.44 6.89
CA ALA A 35 -0.71 5.50 7.82
C ALA A 35 -0.94 4.94 9.21
N GLU A 36 -1.64 3.82 9.25
CA GLU A 36 -1.97 3.15 10.49
C GLU A 36 -0.72 2.61 11.13
N ARG A 37 0.15 2.03 10.31
CA ARG A 37 1.35 1.42 10.81
C ARG A 37 2.31 2.49 11.34
N TYR A 38 2.36 3.65 10.69
CA TYR A 38 3.20 4.73 11.17
C TYR A 38 2.60 5.38 12.44
N SER A 39 1.28 5.37 12.52
CA SER A 39 0.55 5.91 13.62
C SER A 39 0.27 4.82 14.68
N ALA A 40 1.00 3.73 14.62
CA ALA A 40 0.89 2.70 15.61
C ALA A 40 2.19 2.55 16.37
N ASP A 41 2.13 2.64 17.68
CA ASP A 41 3.32 2.46 18.51
C ASP A 41 3.35 1.06 19.02
N LEU A 42 4.51 0.45 19.05
CA LEU A 42 4.61 -0.86 19.51
C LEU A 42 4.99 -0.93 20.97
N THR A 43 4.07 -0.47 21.77
CA THR A 43 4.20 -0.38 23.20
C THR A 43 4.36 -1.77 23.84
N ASN A 44 3.81 -2.77 23.17
CA ASN A 44 3.83 -4.11 23.69
C ASN A 44 5.04 -4.88 23.18
N LYS A 45 5.93 -4.18 22.50
CA LYS A 45 7.14 -4.81 21.98
C LYS A 45 8.36 -4.29 22.72
N ASP A 46 9.32 -5.16 22.95
CA ASP A 46 10.60 -4.78 23.54
C ASP A 46 11.62 -4.80 22.46
N THR A 47 12.27 -3.70 22.24
CA THR A 47 13.16 -3.64 21.16
C THR A 47 14.61 -3.62 21.63
N SER A 48 15.18 -4.79 21.67
CA SER A 48 16.56 -4.95 22.02
C SER A 48 17.25 -5.67 20.88
N LYS A 49 18.02 -4.91 20.13
CA LYS A 49 18.70 -5.39 18.95
C LYS A 49 17.77 -5.85 17.86
N TRP A 50 17.00 -4.93 17.35
CA TRP A 50 16.28 -5.16 16.14
C TRP A 50 17.26 -4.95 15.01
N ASN A 51 17.73 -6.01 14.46
CA ASN A 51 18.76 -5.91 13.44
C ASN A 51 18.12 -5.85 12.09
N THR A 52 17.37 -4.84 11.88
CA THR A 52 16.69 -4.61 10.65
C THR A 52 17.70 -4.12 9.63
N ASP A 53 18.50 -3.16 10.08
CA ASP A 53 19.51 -2.49 9.26
C ASP A 53 20.62 -3.46 8.91
N GLU A 54 20.81 -4.40 9.77
CA GLU A 54 21.82 -5.40 9.65
C GLU A 54 21.44 -6.38 8.56
N LYS A 55 20.20 -6.83 8.57
CA LYS A 55 19.81 -7.84 7.63
C LYS A 55 19.59 -7.24 6.27
N VAL A 56 19.16 -5.99 6.24
CA VAL A 56 18.97 -5.35 4.97
C VAL A 56 20.29 -4.95 4.36
N LYS A 57 21.34 -4.88 5.17
CA LYS A 57 22.64 -4.62 4.62
C LYS A 57 23.10 -5.83 3.79
N GLU A 58 22.61 -6.98 4.15
CA GLU A 58 22.89 -8.17 3.36
C GLU A 58 21.89 -8.29 2.20
N LEU A 59 20.65 -7.95 2.46
CA LEU A 59 19.58 -8.10 1.47
C LEU A 59 19.54 -6.97 0.42
N LEU A 60 19.96 -5.77 0.79
CA LEU A 60 19.84 -4.63 -0.09
C LEU A 60 21.15 -3.81 -0.09
N ASN A 61 22.21 -4.41 0.43
CA ASN A 61 23.56 -3.82 0.48
C ASN A 61 23.71 -2.72 1.55
N GLU A 62 24.94 -2.20 1.69
CA GLU A 62 25.32 -1.13 2.65
C GLU A 62 24.46 0.09 2.47
N LYS A 63 24.07 0.31 1.24
CA LYS A 63 23.33 1.48 0.82
C LYS A 63 21.86 1.48 1.27
N ALA A 64 21.47 0.51 2.09
CA ALA A 64 20.13 0.43 2.60
C ALA A 64 20.12 0.44 4.14
N VAL A 65 21.25 0.79 4.72
CA VAL A 65 21.39 0.81 6.16
C VAL A 65 20.49 1.88 6.80
N GLY A 66 19.77 1.47 7.82
CA GLY A 66 18.88 2.36 8.55
C GLY A 66 17.49 2.33 7.99
N ILE A 67 17.11 1.18 7.47
CA ILE A 67 15.83 0.98 6.80
C ILE A 67 14.64 1.35 7.69
N GLU A 68 14.66 0.92 8.93
CA GLU A 68 13.56 1.17 9.84
C GLU A 68 13.34 2.66 10.08
N SER A 69 14.42 3.38 10.25
CA SER A 69 14.36 4.80 10.52
C SER A 69 13.99 5.55 9.25
N ARG A 70 14.48 5.05 8.12
CA ARG A 70 14.21 5.62 6.83
C ARG A 70 12.73 5.45 6.51
N LEU A 71 12.22 4.27 6.74
CA LEU A 71 10.84 3.94 6.49
C LEU A 71 9.92 4.74 7.33
N LEU A 72 10.30 5.01 8.56
CA LEU A 72 9.50 5.86 9.43
C LEU A 72 9.39 7.25 8.88
N ALA A 73 10.52 7.81 8.45
CA ALA A 73 10.52 9.16 7.93
C ALA A 73 9.78 9.28 6.62
N ILE A 74 9.87 8.25 5.80
CA ILE A 74 9.19 8.26 4.53
C ILE A 74 7.71 7.94 4.69
N ALA A 75 7.39 7.07 5.67
CA ALA A 75 6.00 6.78 5.97
C ALA A 75 5.35 8.04 6.45
N LYS A 76 6.04 8.76 7.33
CA LYS A 76 5.62 10.06 7.81
C LYS A 76 5.38 11.04 6.66
N GLU A 77 6.24 11.00 5.67
CA GLU A 77 6.15 11.90 4.53
C GLU A 77 4.87 11.59 3.76
N PHE A 78 4.60 10.32 3.56
CA PHE A 78 3.39 9.92 2.86
C PHE A 78 2.19 10.08 3.75
N HIS A 79 2.43 10.02 5.02
CA HIS A 79 1.42 10.20 6.03
C HIS A 79 0.93 11.63 5.98
N LYS A 80 1.85 12.58 5.97
CA LYS A 80 1.51 13.99 5.91
C LYS A 80 0.70 14.25 4.63
N LEU A 81 1.17 13.71 3.53
CA LEU A 81 0.52 13.93 2.24
C LEU A 81 -0.79 13.17 2.06
N LYS A 82 -0.88 11.96 2.56
CA LYS A 82 -2.09 11.20 2.42
C LYS A 82 -3.14 11.50 3.50
N SER A 83 -2.71 11.99 4.66
CA SER A 83 -3.66 12.36 5.72
C SER A 83 -4.39 13.63 5.38
N VAL A 84 -3.74 14.54 4.66
CA VAL A 84 -4.39 15.76 4.21
C VAL A 84 -5.36 15.42 3.06
N LEU A 85 -5.12 14.28 2.45
CA LEU A 85 -5.94 13.80 1.36
C LEU A 85 -7.09 12.92 1.89
N CYS A 86 -7.01 12.50 3.13
CA CYS A 86 -8.04 11.70 3.72
C CYS A 86 -8.78 12.51 4.80
N THR A 87 -10.02 12.19 5.02
CA THR A 87 -10.80 12.83 6.05
C THR A 87 -10.68 12.02 7.35
N GLY A 88 -10.43 12.70 8.47
CA GLY A 88 -10.39 12.03 9.76
C GLY A 88 -9.06 11.39 10.07
N VAL A 89 -8.05 11.75 9.34
CA VAL A 89 -6.74 11.20 9.59
C VAL A 89 -5.79 12.34 9.91
N ASN A 90 -5.29 12.35 11.12
CA ASN A 90 -4.44 13.43 11.57
C ASN A 90 -3.04 13.25 11.06
N GLU A 91 -2.46 14.36 10.62
CA GLU A 91 -1.11 14.41 10.08
C GLU A 91 -0.08 14.27 11.18
N THR A 92 -0.53 14.43 12.38
CA THR A 92 0.29 14.33 13.54
C THR A 92 -0.24 13.17 14.39
N PRO A 93 0.40 11.98 14.30
CA PRO A 93 -0.02 10.83 15.08
C PRO A 93 0.30 11.00 16.56
N ALA A 94 -0.41 10.29 17.40
CA ALA A 94 -0.19 10.33 18.82
C ALA A 94 0.60 9.11 19.23
N HIS A 95 0.75 8.23 18.28
CA HIS A 95 1.51 7.05 18.41
C HIS A 95 2.35 6.99 17.17
N VAL A 96 3.57 7.30 17.28
CA VAL A 96 4.49 7.20 16.17
C VAL A 96 5.37 5.97 16.37
N ALA A 97 5.35 5.08 15.40
CA ALA A 97 6.17 3.88 15.42
C ALA A 97 7.66 4.21 15.51
N ASN A 98 8.36 3.49 16.32
CA ASN A 98 9.80 3.68 16.48
C ASN A 98 10.58 2.55 15.80
N ARG A 99 10.00 1.37 15.77
CA ARG A 99 10.69 0.22 15.24
C ARG A 99 9.90 -0.43 14.14
N VAL A 100 10.55 -0.65 13.02
CA VAL A 100 9.96 -1.34 11.90
C VAL A 100 10.62 -2.71 11.87
N SER A 101 9.82 -3.74 11.99
CA SER A 101 10.35 -5.09 12.03
C SER A 101 10.71 -5.53 10.63
N PRO A 102 11.57 -6.56 10.45
CA PRO A 102 11.87 -7.10 9.12
C PRO A 102 10.60 -7.51 8.36
N GLY A 103 9.65 -8.05 9.11
CA GLY A 103 8.38 -8.46 8.54
C GLY A 103 7.57 -7.26 8.05
N ASP A 104 7.54 -6.20 8.85
CA ASP A 104 6.83 -4.97 8.50
C ASP A 104 7.52 -4.29 7.36
N ALA A 105 8.84 -4.31 7.41
CA ALA A 105 9.69 -3.67 6.42
C ALA A 105 9.40 -4.17 5.04
N ILE A 106 9.23 -5.48 4.90
CA ILE A 106 8.94 -6.07 3.61
C ILE A 106 7.63 -5.53 3.07
N SER A 107 6.65 -5.48 3.92
CA SER A 107 5.36 -5.01 3.52
C SER A 107 5.39 -3.50 3.26
N MET A 108 6.13 -2.77 4.10
CA MET A 108 6.23 -1.33 3.96
C MET A 108 6.99 -0.94 2.71
N LEU A 109 8.01 -1.72 2.34
CA LEU A 109 8.75 -1.45 1.11
C LEU A 109 7.84 -1.58 -0.08
N TYR A 110 7.00 -2.58 -0.04
CA TYR A 110 6.00 -2.79 -1.06
C TYR A 110 5.02 -1.64 -1.07
N VAL A 111 4.54 -1.25 0.10
CA VAL A 111 3.56 -0.17 0.21
C VAL A 111 4.15 1.16 -0.28
N LEU A 112 5.41 1.42 0.05
CA LEU A 112 6.07 2.64 -0.40
C LEU A 112 6.17 2.67 -1.90
N SER A 113 6.45 1.52 -2.48
CA SER A 113 6.54 1.40 -3.91
C SER A 113 5.14 1.57 -4.53
N ILE A 114 4.15 0.96 -3.91
CA ILE A 114 2.79 1.04 -4.36
C ILE A 114 2.24 2.47 -4.28
N THR A 115 2.52 3.17 -3.19
CA THR A 115 1.98 4.50 -3.02
C THR A 115 2.70 5.53 -3.90
N HIS A 116 3.89 5.23 -4.32
CA HIS A 116 4.55 6.13 -5.21
C HIS A 116 4.08 5.84 -6.65
N ARG A 117 3.59 4.63 -6.83
CA ARG A 117 3.11 4.16 -8.10
C ARG A 117 1.68 4.68 -8.35
N GLU A 118 0.82 4.65 -7.32
CA GLU A 118 -0.54 5.16 -7.46
C GLU A 118 -0.56 6.67 -7.54
N LEU A 119 0.39 7.27 -6.87
CA LEU A 119 0.54 8.70 -6.88
C LEU A 119 0.87 9.19 -8.27
N SER A 120 1.80 8.51 -8.91
CA SER A 120 2.18 8.85 -10.25
C SER A 120 1.02 8.61 -11.22
N SER A 121 0.25 7.60 -10.91
CA SER A 121 -0.87 7.22 -11.72
C SER A 121 -1.98 8.25 -11.61
N LEU A 122 -2.19 8.75 -10.41
CA LEU A 122 -3.21 9.73 -10.21
C LEU A 122 -2.81 11.01 -10.85
N LYS A 123 -1.58 11.43 -10.68
CA LYS A 123 -1.20 12.72 -11.21
C LYS A 123 -1.19 12.76 -12.72
N ASN A 124 -0.86 11.63 -13.36
CA ASN A 124 -0.80 11.61 -14.81
C ASN A 124 -2.19 11.56 -15.43
N LYS A 125 -3.13 10.91 -14.75
CA LYS A 125 -4.48 10.91 -15.23
C LYS A 125 -5.28 12.10 -14.76
N ILE A 126 -4.99 12.57 -13.57
CA ILE A 126 -5.67 13.72 -13.02
C ILE A 126 -5.33 14.97 -13.79
N ASP A 127 -4.06 15.11 -14.17
CA ASP A 127 -3.63 16.27 -14.96
C ASP A 127 -4.35 16.31 -16.29
N GLU A 128 -4.70 15.14 -16.79
CA GLU A 128 -5.42 14.99 -18.03
C GLU A 128 -6.84 15.54 -17.89
N TRP A 129 -7.57 15.12 -16.88
CA TRP A 129 -8.93 15.63 -16.68
C TRP A 129 -8.96 17.03 -16.08
N LYS A 130 -7.86 17.41 -15.45
CA LYS A 130 -7.69 18.77 -14.96
C LYS A 130 -7.55 19.70 -16.18
N LYS A 131 -6.97 19.15 -17.25
CA LYS A 131 -6.80 19.84 -18.49
C LYS A 131 -8.13 19.93 -19.24
N VAL A 132 -9.02 19.00 -18.95
CA VAL A 132 -10.37 19.01 -19.50
C VAL A 132 -11.14 20.16 -18.86
N LYS A 133 -11.73 20.98 -19.69
CA LYS A 133 -12.37 22.19 -19.27
C LYS A 133 -13.86 22.13 -19.49
N ALA A 134 -14.53 23.27 -19.25
CA ALA A 134 -15.95 23.43 -19.50
C ALA A 134 -16.24 23.14 -20.96
N SER A 135 -16.70 21.96 -21.19
CA SER A 135 -16.97 21.52 -22.51
C SER A 135 -18.45 21.63 -22.83
N GLU A 136 -18.78 21.47 -24.08
CA GLU A 136 -20.13 21.70 -24.62
C GLU A 136 -21.19 20.78 -24.05
N ASP A 137 -20.76 19.67 -23.53
CA ASP A 137 -21.66 18.70 -22.91
C ASP A 137 -21.93 19.01 -21.45
N GLY A 138 -21.32 20.07 -20.95
CA GLY A 138 -21.51 20.44 -19.57
C GLY A 138 -20.44 19.86 -18.68
N THR A 139 -19.36 19.48 -19.31
CA THR A 139 -18.21 18.91 -18.64
C THR A 139 -17.58 19.95 -17.71
N LYS A 140 -17.22 19.53 -16.52
CA LYS A 140 -16.64 20.39 -15.51
C LYS A 140 -15.18 20.64 -15.78
N VAL A 141 -14.64 21.61 -15.08
CA VAL A 141 -13.23 21.73 -14.98
C VAL A 141 -12.88 20.97 -13.72
N ILE A 142 -11.94 20.11 -13.80
CA ILE A 142 -11.62 19.33 -12.62
C ILE A 142 -10.60 20.07 -11.79
N GLN A 143 -11.09 20.81 -10.84
CA GLN A 143 -10.26 21.53 -9.93
C GLN A 143 -10.21 20.80 -8.59
N ASN A 144 -11.32 20.22 -8.22
CA ASN A 144 -11.45 19.63 -6.92
C ASN A 144 -11.67 18.13 -7.06
N ILE A 145 -11.12 17.41 -6.11
CA ILE A 145 -11.13 15.96 -6.08
C ILE A 145 -12.55 15.36 -6.04
N LYS A 146 -13.46 16.04 -5.39
CA LYS A 146 -14.80 15.51 -5.20
C LYS A 146 -15.74 15.74 -6.40
N ASP A 147 -15.21 15.67 -7.60
CA ASP A 147 -16.02 15.75 -8.78
C ASP A 147 -16.15 14.34 -9.31
N ASP A 148 -17.22 14.07 -10.01
CA ASP A 148 -17.61 12.74 -10.44
C ASP A 148 -16.52 11.98 -11.16
N ARG A 149 -15.82 12.64 -12.05
CA ARG A 149 -14.81 11.95 -12.83
C ARG A 149 -13.55 11.67 -12.05
N THR A 150 -13.29 12.50 -11.08
CA THR A 150 -12.18 12.31 -10.22
C THR A 150 -12.52 11.17 -9.27
N ASN A 151 -13.78 11.18 -8.82
CA ASN A 151 -14.31 10.15 -7.93
C ASN A 151 -14.25 8.82 -8.63
N THR A 152 -14.50 8.83 -9.95
CA THR A 152 -14.50 7.61 -10.75
C THR A 152 -13.14 6.88 -10.68
N TRP A 153 -12.06 7.63 -10.57
CA TRP A 153 -10.77 7.02 -10.44
C TRP A 153 -10.54 6.65 -9.00
N PHE A 154 -10.91 7.55 -8.13
CA PHE A 154 -10.68 7.35 -6.72
C PHE A 154 -11.44 6.13 -6.16
N VAL A 155 -12.70 5.98 -6.54
CA VAL A 155 -13.48 4.84 -6.09
C VAL A 155 -12.95 3.53 -6.63
N ALA A 156 -12.40 3.59 -7.84
CA ALA A 156 -11.80 2.42 -8.48
C ALA A 156 -10.60 1.96 -7.68
N HIS A 157 -9.82 2.91 -7.23
CA HIS A 157 -8.66 2.60 -6.42
C HIS A 157 -9.00 2.25 -4.96
N GLY A 158 -10.23 2.49 -4.56
CA GLY A 158 -10.66 2.08 -3.25
C GLY A 158 -11.02 3.23 -2.37
N PHE A 159 -10.76 4.43 -2.83
CA PHE A 159 -11.03 5.62 -2.07
C PHE A 159 -12.51 5.89 -2.07
N LYS A 160 -13.11 5.80 -0.91
CA LYS A 160 -14.49 6.19 -0.79
C LYS A 160 -14.56 7.70 -0.84
N VAL A 161 -15.60 8.23 -1.43
CA VAL A 161 -15.72 9.67 -1.64
C VAL A 161 -15.92 10.38 -0.28
N ALA A 162 -16.34 9.64 0.72
CA ALA A 162 -16.48 10.17 2.06
C ALA A 162 -15.17 10.09 2.84
N GLU A 163 -14.25 9.24 2.38
CA GLU A 163 -12.96 9.09 3.03
C GLU A 163 -11.98 10.09 2.49
N LEU A 164 -12.13 10.47 1.24
CA LEU A 164 -11.21 11.40 0.64
C LEU A 164 -11.56 12.85 1.04
N ASN A 165 -10.54 13.62 1.24
CA ASN A 165 -10.64 14.98 1.76
C ASN A 165 -10.69 15.98 0.62
N ASP A 166 -11.41 17.05 0.84
CA ASP A 166 -11.58 18.14 -0.12
C ASP A 166 -10.27 18.87 -0.33
N VAL A 167 -9.87 19.04 -1.57
CA VAL A 167 -8.63 19.71 -1.91
C VAL A 167 -8.60 19.95 -3.42
N THR A 168 -7.81 20.90 -3.86
CA THR A 168 -7.63 21.14 -5.27
C THR A 168 -6.54 20.23 -5.72
N LEU A 169 -6.66 19.77 -6.90
CA LEU A 169 -5.72 18.82 -7.44
C LEU A 169 -4.45 19.51 -7.79
N GLU A 170 -4.54 20.75 -8.17
CA GLU A 170 -3.37 21.49 -8.55
C GLU A 170 -2.51 21.74 -7.32
N LYS A 171 -3.13 21.98 -6.18
CA LYS A 171 -2.37 22.17 -4.99
C LYS A 171 -1.84 20.84 -4.51
N LEU A 172 -2.70 19.85 -4.53
CA LEU A 172 -2.36 18.53 -4.06
C LEU A 172 -1.22 17.95 -4.85
N ALA A 173 -1.33 18.02 -6.17
CA ALA A 173 -0.35 17.40 -7.02
C ALA A 173 0.97 18.09 -6.89
N THR A 174 0.94 19.39 -6.70
CA THR A 174 2.16 20.12 -6.61
C THR A 174 2.88 19.84 -5.28
N VAL A 175 2.14 19.74 -4.20
CA VAL A 175 2.78 19.52 -2.94
C VAL A 175 3.23 18.06 -2.81
N VAL A 176 2.42 17.15 -3.32
CA VAL A 176 2.75 15.76 -3.18
C VAL A 176 3.86 15.37 -4.15
N ASN A 177 3.86 15.97 -5.35
CA ASN A 177 4.86 15.64 -6.34
C ASN A 177 6.20 16.20 -5.93
N GLU A 178 6.19 17.35 -5.25
CA GLU A 178 7.42 17.97 -4.83
C GLU A 178 8.10 17.11 -3.76
N LEU A 179 7.31 16.64 -2.82
CA LEU A 179 7.84 15.83 -1.74
C LEU A 179 8.33 14.46 -2.22
N VAL A 180 7.68 13.89 -3.20
CA VAL A 180 8.14 12.60 -3.69
C VAL A 180 9.26 12.71 -4.70
N SER A 181 9.48 13.90 -5.23
CA SER A 181 10.51 14.09 -6.19
C SER A 181 11.84 14.50 -5.55
N HIS A 182 11.93 14.45 -4.22
CA HIS A 182 13.21 14.76 -3.62
C HIS A 182 14.17 13.63 -3.93
N LYS A 183 15.42 13.98 -4.10
CA LYS A 183 16.43 13.05 -4.59
C LYS A 183 16.68 11.86 -3.67
N ASP A 184 16.37 12.01 -2.40
CA ASP A 184 16.54 10.93 -1.46
C ASP A 184 15.43 9.91 -1.65
N MET A 185 14.24 10.41 -1.92
CA MET A 185 13.08 9.57 -2.17
C MET A 185 13.23 8.83 -3.47
N ILE A 186 13.72 9.52 -4.48
CA ILE A 186 13.97 8.92 -5.78
C ILE A 186 14.96 7.76 -5.61
N TYR A 187 15.94 7.99 -4.76
CA TYR A 187 16.93 6.98 -4.42
C TYR A 187 16.28 5.80 -3.69
N ILE A 188 15.40 6.10 -2.76
CA ILE A 188 14.69 5.06 -2.03
C ILE A 188 13.81 4.25 -2.96
N ASN A 189 13.12 4.93 -3.85
CA ASN A 189 12.25 4.25 -4.80
C ASN A 189 13.08 3.36 -5.72
N ASP A 190 14.26 3.84 -6.07
CA ASP A 190 15.20 3.09 -6.90
C ASP A 190 15.68 1.85 -6.17
N ALA A 191 16.03 2.03 -4.91
CA ALA A 191 16.52 0.96 -4.08
C ALA A 191 15.41 -0.04 -3.79
N MET A 192 14.21 0.47 -3.60
CA MET A 192 13.05 -0.36 -3.38
C MET A 192 12.73 -1.15 -4.61
N LYS A 193 12.80 -0.50 -5.77
CA LYS A 193 12.51 -1.12 -7.04
C LYS A 193 13.52 -2.28 -7.24
N GLN A 194 14.77 -2.02 -6.94
CA GLN A 194 15.82 -3.01 -7.04
C GLN A 194 15.57 -4.18 -6.11
N ASN A 195 15.15 -3.87 -4.91
CA ASN A 195 14.94 -4.87 -3.91
C ASN A 195 13.72 -5.70 -4.25
N VAL A 196 12.67 -5.06 -4.76
CA VAL A 196 11.48 -5.77 -5.10
C VAL A 196 11.71 -6.61 -6.33
N ASP A 197 12.65 -6.20 -7.19
CA ASP A 197 13.04 -7.05 -8.33
C ASP A 197 13.58 -8.32 -7.79
N LYS A 198 14.57 -8.17 -6.91
CA LYS A 198 15.23 -9.31 -6.30
C LYS A 198 14.23 -10.21 -5.61
N TRP A 199 13.37 -9.63 -4.83
CA TRP A 199 12.42 -10.41 -4.08
C TRP A 199 11.37 -11.05 -4.94
N THR A 200 10.97 -10.39 -6.02
CA THR A 200 9.98 -10.98 -6.88
C THR A 200 10.61 -12.13 -7.69
N LYS A 201 11.87 -11.96 -8.08
CA LYS A 201 12.54 -12.98 -8.86
C LYS A 201 12.86 -14.18 -7.98
N GLU A 202 13.21 -13.91 -6.76
CA GLU A 202 13.53 -14.95 -5.83
C GLU A 202 12.26 -15.69 -5.45
N GLU A 203 11.17 -14.97 -5.17
CA GLU A 203 9.94 -15.64 -4.76
C GLU A 203 9.33 -16.41 -5.91
N SER A 204 9.45 -15.87 -7.13
CA SER A 204 8.91 -16.55 -8.30
C SER A 204 9.60 -17.88 -8.49
N GLU A 205 10.91 -17.89 -8.30
CA GLU A 205 11.65 -19.10 -8.46
C GLU A 205 11.43 -20.00 -7.24
N ARG A 206 11.21 -19.38 -6.09
CA ARG A 206 10.97 -20.10 -4.85
C ARG A 206 9.66 -20.87 -4.97
N LEU A 207 8.62 -20.22 -5.47
CA LEU A 207 7.34 -20.87 -5.66
C LEU A 207 7.45 -21.99 -6.70
N ALA A 208 8.21 -21.73 -7.75
CA ALA A 208 8.39 -22.70 -8.83
C ALA A 208 9.19 -23.91 -8.33
N MET A 209 10.21 -23.64 -7.53
CA MET A 209 11.06 -24.69 -6.98
C MET A 209 10.29 -25.50 -5.97
N MET A 210 9.50 -24.82 -5.17
CA MET A 210 8.73 -25.48 -4.13
C MET A 210 7.67 -26.35 -4.75
N ALA A 211 7.04 -25.85 -5.80
CA ALA A 211 5.98 -26.57 -6.51
C ALA A 211 6.55 -27.79 -7.23
N GLU A 212 7.81 -27.69 -7.59
CA GLU A 212 8.48 -28.77 -8.26
C GLU A 212 8.88 -29.84 -7.26
N GLN A 213 9.50 -29.41 -6.19
CA GLN A 213 10.04 -30.27 -5.15
C GLN A 213 8.93 -31.00 -4.38
N GLY A 214 8.04 -30.26 -3.79
CA GLY A 214 7.02 -30.86 -3.01
C GLY A 214 5.76 -30.05 -3.03
N ILE A 215 4.74 -30.59 -3.67
CA ILE A 215 3.46 -29.93 -3.78
C ILE A 215 2.84 -29.79 -2.39
N SER A 216 2.66 -28.56 -1.98
CA SER A 216 2.14 -28.27 -0.68
C SER A 216 0.62 -28.32 -0.73
N GLY A 217 0.02 -28.66 0.39
CA GLY A 217 -1.41 -28.74 0.46
C GLY A 217 -2.01 -27.38 0.67
N ALA A 218 -3.04 -27.06 -0.08
CA ALA A 218 -3.70 -25.79 0.05
C ALA A 218 -4.63 -25.83 1.23
N LYS A 219 -4.36 -24.99 2.19
CA LYS A 219 -5.16 -24.90 3.38
C LYS A 219 -5.56 -23.46 3.59
N GLY A 220 -6.81 -23.25 3.86
CA GLY A 220 -7.31 -21.94 4.10
C GLY A 220 -8.78 -21.96 4.24
N LYS A 221 -9.36 -20.82 4.51
CA LYS A 221 -10.76 -20.71 4.67
C LYS A 221 -11.38 -20.08 3.43
N LYS A 222 -12.59 -20.48 3.14
CA LYS A 222 -13.35 -20.05 1.96
C LYS A 222 -14.66 -20.79 1.97
N ASP A 223 -14.58 -22.09 2.17
CA ASP A 223 -15.74 -22.96 2.21
C ASP A 223 -16.06 -23.21 3.67
N SER A 1 -25.22 -67.44 -29.52
CA SER A 1 -24.78 -66.32 -28.76
C SER A 1 -25.14 -66.53 -27.29
N SER A 2 -24.16 -66.51 -26.43
CA SER A 2 -24.37 -66.68 -25.02
C SER A 2 -23.55 -65.63 -24.27
N GLY A 3 -24.06 -65.19 -23.13
CA GLY A 3 -23.37 -64.22 -22.34
C GLY A 3 -24.33 -63.31 -21.61
N ILE A 4 -23.81 -62.46 -20.78
CA ILE A 4 -24.61 -61.51 -20.05
C ILE A 4 -23.99 -60.13 -20.20
N GLU A 5 -24.63 -59.29 -20.94
CA GLU A 5 -24.12 -58.00 -21.24
C GLU A 5 -24.89 -56.93 -20.49
N GLY A 6 -24.23 -55.84 -20.23
CA GLY A 6 -24.86 -54.77 -19.53
C GLY A 6 -24.00 -54.23 -18.45
N CYS A 7 -23.14 -53.31 -18.78
CA CYS A 7 -22.26 -52.70 -17.82
C CYS A 7 -22.01 -51.26 -18.20
N THR A 8 -22.66 -50.36 -17.53
CA THR A 8 -22.43 -48.97 -17.72
C THR A 8 -22.18 -48.33 -16.35
N GLU A 9 -21.02 -47.77 -16.21
CA GLU A 9 -20.64 -47.14 -14.98
C GLU A 9 -20.56 -45.63 -15.15
N ASP A 10 -21.48 -44.96 -14.55
CA ASP A 10 -21.52 -43.52 -14.60
C ASP A 10 -20.73 -43.01 -13.39
N GLU A 11 -19.56 -42.44 -13.67
CA GLU A 11 -18.57 -42.07 -12.64
C GLU A 11 -19.15 -41.17 -11.53
N LYS A 12 -19.87 -40.14 -11.93
CA LYS A 12 -20.49 -39.16 -11.02
C LYS A 12 -19.43 -38.44 -10.20
N ARG A 13 -18.67 -37.60 -10.87
CA ARG A 13 -17.62 -36.87 -10.22
C ARG A 13 -18.17 -35.51 -9.78
N ASP A 14 -18.34 -35.36 -8.47
CA ASP A 14 -19.01 -34.21 -7.86
C ASP A 14 -18.13 -32.98 -7.76
N SER A 15 -16.87 -33.12 -8.11
CA SER A 15 -15.85 -32.07 -8.02
C SER A 15 -16.34 -30.65 -8.41
N VAL A 16 -16.33 -29.76 -7.42
CA VAL A 16 -16.68 -28.36 -7.56
C VAL A 16 -15.60 -27.57 -6.81
N VAL A 17 -14.85 -26.75 -7.52
CA VAL A 17 -13.76 -26.00 -6.92
C VAL A 17 -13.78 -24.54 -7.39
N GLU A 18 -13.76 -23.63 -6.44
CA GLU A 18 -13.69 -22.21 -6.70
C GLU A 18 -12.32 -21.69 -6.25
N GLY A 19 -12.02 -20.47 -6.62
CA GLY A 19 -10.77 -19.88 -6.25
C GLY A 19 -10.84 -18.38 -6.33
N ALA A 20 -11.63 -17.80 -5.47
CA ALA A 20 -11.82 -16.36 -5.45
C ALA A 20 -11.85 -15.88 -4.03
N THR A 21 -11.18 -14.80 -3.77
CA THR A 21 -11.10 -14.22 -2.46
C THR A 21 -10.32 -12.91 -2.56
N SER A 22 -10.57 -11.99 -1.68
CA SER A 22 -9.85 -10.75 -1.70
C SER A 22 -8.83 -10.73 -0.56
N VAL A 23 -7.68 -11.33 -0.81
CA VAL A 23 -6.64 -11.37 0.16
C VAL A 23 -5.56 -10.33 -0.14
N GLU A 24 -6.01 -9.11 -0.19
CA GLU A 24 -5.20 -7.94 -0.44
C GLU A 24 -6.08 -6.74 -0.19
N ALA A 25 -5.51 -5.66 0.27
CA ALA A 25 -6.24 -4.48 0.55
C ALA A 25 -6.34 -3.62 -0.69
N SER A 26 -7.20 -2.65 -0.64
CA SER A 26 -7.41 -1.71 -1.69
C SER A 26 -6.22 -0.76 -1.72
N LEU A 27 -6.13 0.06 -2.74
CA LEU A 27 -5.02 0.98 -2.88
C LEU A 27 -5.16 2.11 -1.87
N LYS A 28 -6.39 2.33 -1.44
CA LYS A 28 -6.65 3.36 -0.47
C LYS A 28 -6.16 2.83 0.85
N GLU A 29 -6.54 1.62 1.14
CA GLU A 29 -6.15 0.97 2.37
C GLU A 29 -4.65 0.62 2.37
N GLN A 30 -4.07 0.55 1.19
CA GLN A 30 -2.66 0.29 1.01
C GLN A 30 -1.86 1.47 1.51
N ILE A 31 -2.23 2.66 1.04
CA ILE A 31 -1.53 3.87 1.47
C ILE A 31 -1.91 4.20 2.91
N ASP A 32 -3.13 3.83 3.26
CA ASP A 32 -3.63 4.01 4.62
C ASP A 32 -2.82 3.18 5.59
N TRP A 33 -2.45 1.98 5.16
CA TRP A 33 -1.67 1.08 5.97
C TRP A 33 -0.28 1.62 6.15
N LEU A 34 0.29 2.16 5.08
CA LEU A 34 1.64 2.71 5.12
C LEU A 34 1.68 3.89 6.11
N ALA A 35 0.63 4.67 6.11
CA ALA A 35 0.52 5.77 7.03
C ALA A 35 0.24 5.24 8.44
N GLU A 36 -0.48 4.12 8.54
CA GLU A 36 -0.81 3.50 9.82
C GLU A 36 0.42 2.84 10.42
N ARG A 37 1.28 2.29 9.57
CA ARG A 37 2.56 1.71 9.97
C ARG A 37 3.37 2.75 10.74
N TYR A 38 3.23 3.98 10.31
CA TYR A 38 3.84 5.10 10.97
C TYR A 38 3.03 5.55 12.22
N SER A 39 1.72 5.50 12.09
CA SER A 39 0.80 5.99 13.08
C SER A 39 0.31 4.92 14.07
N ALA A 40 1.03 3.84 14.18
CA ALA A 40 0.73 2.82 15.14
C ALA A 40 2.02 2.25 15.65
N ASP A 41 2.18 2.26 16.94
CA ASP A 41 3.40 1.75 17.52
C ASP A 41 3.16 0.38 18.08
N LEU A 42 4.19 -0.39 18.14
CA LEU A 42 4.14 -1.74 18.60
C LEU A 42 4.69 -1.80 20.01
N THR A 43 4.10 -0.97 20.84
CA THR A 43 4.47 -0.75 22.22
C THR A 43 4.46 -2.04 23.06
N ASN A 44 3.67 -3.02 22.62
CA ASN A 44 3.55 -4.31 23.31
C ASN A 44 4.81 -5.15 23.15
N LYS A 45 5.66 -4.74 22.25
CA LYS A 45 6.95 -5.36 22.06
C LYS A 45 8.03 -4.41 22.51
N ASP A 46 8.83 -4.79 23.48
CA ASP A 46 9.98 -3.97 23.84
C ASP A 46 11.07 -4.27 22.87
N THR A 47 11.59 -3.27 22.27
CA THR A 47 12.49 -3.47 21.19
C THR A 47 13.96 -3.53 21.61
N SER A 48 14.33 -4.67 22.15
CA SER A 48 15.66 -4.92 22.58
C SER A 48 16.46 -5.40 21.40
N LYS A 49 17.25 -4.52 20.86
CA LYS A 49 18.09 -4.76 19.71
C LYS A 49 17.39 -5.33 18.51
N TRP A 50 16.61 -4.52 17.90
CA TRP A 50 16.06 -4.86 16.62
C TRP A 50 17.10 -4.58 15.57
N ASN A 51 17.66 -5.61 15.03
CA ASN A 51 18.65 -5.43 14.01
C ASN A 51 17.97 -5.51 12.65
N THR A 52 17.08 -4.57 12.43
CA THR A 52 16.34 -4.47 11.19
C THR A 52 17.19 -3.77 10.16
N ASP A 53 17.71 -2.61 10.56
CA ASP A 53 18.66 -1.84 9.73
C ASP A 53 19.84 -2.71 9.30
N GLU A 54 20.27 -3.57 10.17
CA GLU A 54 21.34 -4.49 9.89
C GLU A 54 20.92 -5.51 8.83
N LYS A 55 19.72 -6.01 8.96
CA LYS A 55 19.21 -7.04 8.08
C LYS A 55 18.95 -6.46 6.70
N VAL A 56 18.49 -5.24 6.64
CA VAL A 56 18.28 -4.63 5.36
C VAL A 56 19.59 -4.27 4.69
N LYS A 57 20.62 -3.97 5.49
CA LYS A 57 21.94 -3.69 4.95
C LYS A 57 22.61 -4.96 4.49
N GLU A 58 22.15 -6.06 4.99
CA GLU A 58 22.65 -7.35 4.59
C GLU A 58 22.17 -7.62 3.16
N LEU A 59 20.90 -7.41 2.95
CA LEU A 59 20.31 -7.65 1.64
C LEU A 59 20.48 -6.49 0.65
N LEU A 60 20.61 -5.26 1.13
CA LEU A 60 20.67 -4.09 0.23
C LEU A 60 21.90 -3.21 0.42
N ASN A 61 22.95 -3.76 1.02
CA ASN A 61 24.22 -3.04 1.26
C ASN A 61 24.05 -1.94 2.29
N GLU A 62 25.14 -1.24 2.59
CA GLU A 62 25.16 -0.17 3.59
C GLU A 62 24.29 1.04 3.21
N LYS A 63 23.82 1.06 1.97
CA LYS A 63 22.97 2.13 1.48
C LYS A 63 21.57 2.04 2.10
N ALA A 64 21.29 0.90 2.71
CA ALA A 64 20.03 0.67 3.36
C ALA A 64 20.09 1.09 4.83
N VAL A 65 21.10 1.84 5.19
CA VAL A 65 21.27 2.29 6.56
C VAL A 65 20.08 3.14 7.05
N GLY A 66 19.55 2.70 8.17
CA GLY A 66 18.48 3.39 8.85
C GLY A 66 17.14 3.24 8.15
N ILE A 67 16.86 2.06 7.60
CA ILE A 67 15.58 1.85 6.89
C ILE A 67 14.39 2.06 7.81
N GLU A 68 14.46 1.50 8.99
CA GLU A 68 13.38 1.57 9.93
C GLU A 68 13.01 3.00 10.33
N SER A 69 13.99 3.82 10.54
CA SER A 69 13.74 5.17 10.94
C SER A 69 13.46 6.05 9.74
N ARG A 70 14.14 5.78 8.64
CA ARG A 70 14.04 6.63 7.48
C ARG A 70 12.76 6.35 6.74
N LEU A 71 12.28 5.11 6.77
CA LEU A 71 11.03 4.81 6.13
C LEU A 71 9.88 5.28 6.95
N LEU A 72 10.05 5.39 8.25
CA LEU A 72 9.03 6.00 9.09
C LEU A 72 8.94 7.49 8.75
N ALA A 73 10.08 8.09 8.46
CA ALA A 73 10.13 9.47 8.01
C ALA A 73 9.46 9.64 6.65
N ILE A 74 9.72 8.70 5.74
CA ILE A 74 9.06 8.72 4.43
C ILE A 74 7.57 8.43 4.60
N ALA A 75 7.25 7.57 5.55
CA ALA A 75 5.87 7.27 5.88
C ALA A 75 5.19 8.49 6.49
N LYS A 76 5.96 9.31 7.22
CA LYS A 76 5.49 10.58 7.72
C LYS A 76 5.11 11.48 6.54
N GLU A 77 5.93 11.44 5.49
CA GLU A 77 5.64 12.20 4.27
C GLU A 77 4.40 11.64 3.56
N PHE A 78 4.22 10.33 3.61
CA PHE A 78 3.00 9.71 3.11
C PHE A 78 1.82 10.03 4.01
N HIS A 79 2.12 10.22 5.28
CA HIS A 79 1.15 10.60 6.26
C HIS A 79 0.69 12.02 5.96
N LYS A 80 1.64 12.87 5.55
CA LYS A 80 1.35 14.21 5.06
C LYS A 80 0.37 14.12 3.91
N LEU A 81 0.66 13.25 2.97
CA LEU A 81 -0.23 13.06 1.84
C LEU A 81 -1.59 12.54 2.28
N LYS A 82 -1.61 11.55 3.18
CA LYS A 82 -2.87 10.97 3.62
C LYS A 82 -3.67 11.95 4.48
N SER A 83 -3.00 12.80 5.22
CA SER A 83 -3.68 13.77 6.05
C SER A 83 -4.33 14.88 5.18
N VAL A 84 -3.69 15.16 4.06
CA VAL A 84 -4.20 16.11 3.11
C VAL A 84 -5.30 15.47 2.24
N LEU A 85 -5.16 14.19 1.99
CA LEU A 85 -6.07 13.43 1.14
C LEU A 85 -7.31 12.93 1.91
N CYS A 86 -7.09 12.19 2.97
CA CYS A 86 -8.15 11.58 3.71
C CYS A 86 -8.69 12.52 4.78
N THR A 87 -9.97 12.41 5.08
CA THR A 87 -10.62 13.31 5.99
C THR A 87 -10.47 12.86 7.45
N GLY A 88 -10.11 13.81 8.29
CA GLY A 88 -10.01 13.56 9.71
C GLY A 88 -8.68 13.02 10.12
N VAL A 89 -7.80 12.92 9.17
CA VAL A 89 -6.48 12.42 9.43
C VAL A 89 -5.59 13.61 9.68
N ASN A 90 -5.12 13.73 10.88
CA ASN A 90 -4.27 14.83 11.26
C ASN A 90 -2.84 14.41 11.11
N GLU A 91 -2.00 15.33 10.64
CA GLU A 91 -0.58 15.02 10.36
C GLU A 91 0.25 14.78 11.63
N THR A 92 -0.37 14.95 12.74
CA THR A 92 0.25 14.72 14.00
C THR A 92 -0.32 13.45 14.64
N PRO A 93 0.37 12.31 14.51
CA PRO A 93 -0.07 11.07 15.09
C PRO A 93 0.38 10.95 16.54
N ALA A 94 -0.39 10.28 17.34
CA ALA A 94 -0.11 10.13 18.75
C ALA A 94 0.78 8.94 18.94
N HIS A 95 0.53 7.92 18.18
CA HIS A 95 1.33 6.73 18.21
C HIS A 95 2.24 6.75 17.02
N VAL A 96 3.42 7.16 17.23
CA VAL A 96 4.41 7.08 16.18
C VAL A 96 5.24 5.82 16.44
N ALA A 97 5.30 4.95 15.45
CA ALA A 97 6.05 3.72 15.55
C ALA A 97 7.52 3.99 15.75
N ASN A 98 8.12 3.24 16.62
CA ASN A 98 9.55 3.38 16.89
C ASN A 98 10.35 2.38 16.10
N ARG A 99 9.73 1.28 15.75
CA ARG A 99 10.42 0.19 15.11
C ARG A 99 9.64 -0.37 13.95
N VAL A 100 10.33 -0.68 12.88
CA VAL A 100 9.74 -1.38 11.79
C VAL A 100 10.22 -2.81 11.88
N SER A 101 9.30 -3.73 12.06
CA SER A 101 9.60 -5.13 12.18
C SER A 101 10.25 -5.62 10.89
N PRO A 102 11.26 -6.53 10.94
CA PRO A 102 11.92 -7.07 9.73
C PRO A 102 10.93 -7.54 8.67
N GLY A 103 9.88 -8.18 9.12
CA GLY A 103 8.83 -8.64 8.24
C GLY A 103 8.02 -7.49 7.68
N ASP A 104 7.72 -6.51 8.54
CA ASP A 104 6.95 -5.33 8.13
C ASP A 104 7.76 -4.49 7.18
N ALA A 105 9.06 -4.47 7.39
CA ALA A 105 10.00 -3.73 6.56
C ALA A 105 9.94 -4.21 5.14
N ILE A 106 9.99 -5.52 4.97
CA ILE A 106 9.95 -6.10 3.63
C ILE A 106 8.62 -5.75 2.97
N SER A 107 7.56 -5.77 3.74
CA SER A 107 6.26 -5.38 3.27
C SER A 107 6.29 -3.89 2.88
N MET A 108 6.88 -3.04 3.72
CA MET A 108 6.97 -1.61 3.45
C MET A 108 7.71 -1.33 2.19
N LEU A 109 8.82 -2.03 1.96
CA LEU A 109 9.59 -1.81 0.73
C LEU A 109 8.76 -2.17 -0.49
N TYR A 110 7.98 -3.24 -0.38
CA TYR A 110 7.05 -3.61 -1.45
C TYR A 110 5.93 -2.57 -1.58
N VAL A 111 5.40 -2.13 -0.45
CA VAL A 111 4.34 -1.12 -0.41
C VAL A 111 4.83 0.20 -1.01
N LEU A 112 6.09 0.57 -0.76
CA LEU A 112 6.70 1.77 -1.36
C LEU A 112 6.78 1.67 -2.88
N SER A 113 6.77 0.47 -3.38
CA SER A 113 6.77 0.25 -4.78
C SER A 113 5.34 0.32 -5.31
N ILE A 114 4.44 -0.27 -4.57
CA ILE A 114 3.03 -0.29 -4.94
C ILE A 114 2.47 1.10 -4.87
N THR A 115 2.73 1.80 -3.79
CA THR A 115 2.15 3.11 -3.59
C THR A 115 2.63 4.09 -4.63
N HIS A 116 3.84 3.89 -5.13
CA HIS A 116 4.36 4.77 -6.14
C HIS A 116 3.65 4.51 -7.45
N ARG A 117 3.17 3.30 -7.61
CA ARG A 117 2.44 2.91 -8.79
C ARG A 117 1.07 3.59 -8.80
N GLU A 118 0.38 3.57 -7.66
CA GLU A 118 -0.88 4.31 -7.58
C GLU A 118 -0.65 5.80 -7.63
N LEU A 119 0.38 6.26 -6.96
CA LEU A 119 0.70 7.68 -6.95
C LEU A 119 1.04 8.21 -8.33
N SER A 120 1.76 7.44 -9.12
CA SER A 120 2.09 7.86 -10.46
C SER A 120 0.86 7.83 -11.35
N SER A 121 0.01 6.82 -11.17
CA SER A 121 -1.22 6.71 -11.94
C SER A 121 -2.18 7.85 -11.55
N LEU A 122 -2.23 8.12 -10.26
CA LEU A 122 -3.02 9.19 -9.69
C LEU A 122 -2.54 10.50 -10.23
N LYS A 123 -1.24 10.69 -10.21
CA LYS A 123 -0.64 11.93 -10.67
C LYS A 123 -0.87 12.08 -12.16
N ASN A 124 -0.77 10.99 -12.88
CA ASN A 124 -0.98 11.00 -14.31
C ASN A 124 -2.41 11.36 -14.66
N LYS A 125 -3.36 10.75 -13.99
CA LYS A 125 -4.73 10.99 -14.34
C LYS A 125 -5.23 12.29 -13.74
N ILE A 126 -4.67 12.68 -12.62
CA ILE A 126 -5.02 13.95 -12.02
C ILE A 126 -4.52 15.09 -12.91
N ASP A 127 -3.31 14.95 -13.41
CA ASP A 127 -2.74 15.95 -14.31
C ASP A 127 -3.52 15.97 -15.61
N GLU A 128 -3.99 14.79 -16.00
CA GLU A 128 -4.79 14.58 -17.18
C GLU A 128 -6.06 15.42 -17.12
N TRP A 129 -6.82 15.26 -16.05
CA TRP A 129 -8.05 16.02 -15.94
C TRP A 129 -7.87 17.44 -15.45
N LYS A 130 -6.74 17.73 -14.84
CA LYS A 130 -6.42 19.10 -14.42
C LYS A 130 -6.26 19.96 -15.68
N LYS A 131 -5.79 19.32 -16.76
CA LYS A 131 -5.64 19.96 -18.05
C LYS A 131 -6.96 20.02 -18.78
N VAL A 132 -7.87 19.15 -18.42
CA VAL A 132 -9.20 19.16 -18.99
C VAL A 132 -9.92 20.40 -18.51
N LYS A 133 -10.46 21.12 -19.44
CA LYS A 133 -11.06 22.38 -19.17
C LYS A 133 -12.57 22.30 -19.29
N ALA A 134 -13.25 23.45 -19.23
CA ALA A 134 -14.68 23.50 -19.37
C ALA A 134 -15.08 22.99 -20.76
N SER A 135 -15.62 21.82 -20.76
CA SER A 135 -16.04 21.15 -21.93
C SER A 135 -17.56 21.16 -21.96
N GLU A 136 -18.12 21.17 -23.15
CA GLU A 136 -19.56 21.19 -23.35
C GLU A 136 -20.19 19.87 -22.96
N ASP A 137 -19.33 18.89 -22.78
CA ASP A 137 -19.74 17.53 -22.43
C ASP A 137 -19.90 17.40 -20.91
N GLY A 138 -20.33 18.49 -20.31
CA GLY A 138 -20.57 18.55 -18.89
C GLY A 138 -19.35 18.30 -18.06
N THR A 139 -18.24 18.85 -18.47
CA THR A 139 -17.03 18.71 -17.71
C THR A 139 -16.46 20.09 -17.42
N LYS A 140 -16.10 20.33 -16.19
CA LYS A 140 -15.51 21.60 -15.77
C LYS A 140 -14.01 21.42 -15.74
N VAL A 141 -13.29 22.46 -15.33
CA VAL A 141 -11.87 22.25 -15.08
C VAL A 141 -11.82 21.50 -13.77
N ILE A 142 -10.95 20.55 -13.65
CA ILE A 142 -10.93 19.82 -12.42
C ILE A 142 -10.08 20.55 -11.41
N GLN A 143 -10.73 21.34 -10.61
CA GLN A 143 -10.08 22.19 -9.66
C GLN A 143 -10.18 21.60 -8.26
N ASN A 144 -11.16 20.76 -8.05
CA ASN A 144 -11.37 20.18 -6.73
C ASN A 144 -11.34 18.65 -6.82
N ILE A 145 -10.98 18.00 -5.73
CA ILE A 145 -10.87 16.53 -5.70
C ILE A 145 -12.26 15.86 -5.69
N LYS A 146 -13.28 16.57 -5.23
CA LYS A 146 -14.61 16.02 -5.12
C LYS A 146 -15.43 16.27 -6.38
N ASP A 147 -14.75 16.41 -7.46
CA ASP A 147 -15.37 16.62 -8.73
C ASP A 147 -15.80 15.27 -9.25
N ASP A 148 -16.80 15.26 -10.08
CA ASP A 148 -17.40 14.05 -10.64
C ASP A 148 -16.36 13.15 -11.28
N ARG A 149 -15.43 13.75 -11.96
CA ARG A 149 -14.45 13.01 -12.71
C ARG A 149 -13.40 12.42 -11.80
N THR A 150 -13.04 13.17 -10.80
CA THR A 150 -12.06 12.74 -9.85
C THR A 150 -12.68 11.65 -8.98
N ASN A 151 -13.91 11.90 -8.59
CA ASN A 151 -14.74 11.00 -7.79
C ASN A 151 -14.79 9.63 -8.45
N THR A 152 -15.04 9.63 -9.75
CA THR A 152 -15.17 8.42 -10.52
C THR A 152 -13.88 7.56 -10.49
N TRP A 153 -12.72 8.20 -10.41
CA TRP A 153 -11.49 7.45 -10.28
C TRP A 153 -11.32 6.97 -8.87
N PHE A 154 -11.55 7.86 -7.95
CA PHE A 154 -11.34 7.57 -6.55
C PHE A 154 -12.22 6.41 -6.07
N VAL A 155 -13.50 6.45 -6.41
CA VAL A 155 -14.41 5.39 -6.00
C VAL A 155 -14.08 4.05 -6.62
N ALA A 156 -13.57 4.07 -7.83
CA ALA A 156 -13.23 2.85 -8.52
C ALA A 156 -11.91 2.29 -8.03
N HIS A 157 -11.09 3.16 -7.50
CA HIS A 157 -9.78 2.80 -7.07
C HIS A 157 -9.76 2.33 -5.59
N GLY A 158 -10.86 2.52 -4.86
CA GLY A 158 -10.87 2.10 -3.46
C GLY A 158 -11.10 3.22 -2.49
N PHE A 159 -11.32 4.40 -2.98
CA PHE A 159 -11.53 5.54 -2.14
C PHE A 159 -13.00 5.84 -2.00
N LYS A 160 -13.48 5.72 -0.82
CA LYS A 160 -14.82 6.10 -0.50
C LYS A 160 -14.80 7.63 -0.35
N VAL A 161 -15.82 8.31 -0.86
CA VAL A 161 -15.84 9.77 -0.85
C VAL A 161 -15.88 10.28 0.61
N ALA A 162 -16.52 9.51 1.48
CA ALA A 162 -16.62 9.83 2.89
C ALA A 162 -15.25 9.66 3.62
N GLU A 163 -14.29 9.07 2.92
CA GLU A 163 -12.96 8.87 3.44
C GLU A 163 -12.03 10.01 3.03
N LEU A 164 -12.33 10.68 1.95
CA LEU A 164 -11.47 11.74 1.46
C LEU A 164 -12.04 13.12 1.80
N ASN A 165 -11.17 14.10 1.97
CA ASN A 165 -11.64 15.45 2.37
C ASN A 165 -11.63 16.41 1.21
N ASP A 166 -12.11 17.60 1.46
CA ASP A 166 -12.14 18.65 0.47
C ASP A 166 -10.80 19.35 0.37
N VAL A 167 -10.17 19.16 -0.75
CA VAL A 167 -8.91 19.79 -1.05
C VAL A 167 -8.90 20.09 -2.55
N THR A 168 -8.16 21.10 -2.95
CA THR A 168 -8.04 21.42 -4.32
C THR A 168 -7.18 20.42 -5.00
N LEU A 169 -7.51 20.14 -6.24
CA LEU A 169 -6.82 19.14 -6.99
C LEU A 169 -5.41 19.58 -7.24
N GLU A 170 -5.25 20.87 -7.40
CA GLU A 170 -3.97 21.42 -7.69
C GLU A 170 -3.07 21.35 -6.46
N LYS A 171 -3.64 21.56 -5.28
CA LYS A 171 -2.83 21.50 -4.09
C LYS A 171 -2.49 20.06 -3.79
N LEU A 172 -3.44 19.17 -4.03
CA LEU A 172 -3.21 17.74 -3.83
C LEU A 172 -2.11 17.27 -4.82
N ALA A 173 -2.21 17.74 -6.06
CA ALA A 173 -1.26 17.39 -7.11
C ALA A 173 0.15 17.84 -6.78
N THR A 174 0.30 19.02 -6.23
CA THR A 174 1.62 19.50 -5.92
C THR A 174 2.21 18.80 -4.70
N VAL A 175 1.35 18.33 -3.79
CA VAL A 175 1.80 17.56 -2.64
C VAL A 175 2.29 16.18 -3.10
N VAL A 176 1.52 15.52 -3.96
CA VAL A 176 1.92 14.21 -4.43
C VAL A 176 3.13 14.33 -5.35
N ASN A 177 3.18 15.40 -6.15
CA ASN A 177 4.27 15.65 -7.06
C ASN A 177 5.57 15.86 -6.31
N GLU A 178 5.49 16.54 -5.16
CA GLU A 178 6.65 16.79 -4.35
C GLU A 178 7.15 15.49 -3.74
N LEU A 179 6.21 14.67 -3.28
CA LEU A 179 6.54 13.40 -2.66
C LEU A 179 7.22 12.44 -3.66
N VAL A 180 6.72 12.39 -4.87
CA VAL A 180 7.24 11.48 -5.87
C VAL A 180 8.51 12.03 -6.55
N SER A 181 8.76 13.32 -6.39
CA SER A 181 9.89 13.92 -6.99
C SER A 181 11.04 14.19 -6.02
N HIS A 182 10.90 13.84 -4.74
CA HIS A 182 12.01 14.11 -3.86
C HIS A 182 13.05 12.99 -3.99
N LYS A 183 14.30 13.40 -4.11
CA LYS A 183 15.43 12.52 -4.41
C LYS A 183 15.59 11.33 -3.45
N ASP A 184 15.13 11.50 -2.23
CA ASP A 184 15.28 10.45 -1.24
C ASP A 184 14.32 9.32 -1.52
N MET A 185 13.09 9.68 -1.81
CA MET A 185 12.03 8.71 -2.12
C MET A 185 12.39 8.04 -3.41
N ILE A 186 12.91 8.84 -4.35
CA ILE A 186 13.33 8.34 -5.64
C ILE A 186 14.38 7.26 -5.47
N TYR A 187 15.35 7.46 -4.58
CA TYR A 187 16.35 6.44 -4.36
C TYR A 187 15.74 5.19 -3.77
N ILE A 188 14.83 5.34 -2.83
CA ILE A 188 14.20 4.18 -2.21
C ILE A 188 13.38 3.40 -3.23
N ASN A 189 12.63 4.09 -4.07
CA ASN A 189 11.80 3.44 -5.04
C ASN A 189 12.63 2.87 -6.20
N ASP A 190 13.72 3.53 -6.53
CA ASP A 190 14.58 3.07 -7.61
C ASP A 190 15.48 1.94 -7.16
N ALA A 191 15.91 1.98 -5.90
CA ALA A 191 16.71 0.90 -5.35
C ALA A 191 15.83 -0.30 -5.17
N MET A 192 14.59 -0.06 -4.81
CA MET A 192 13.65 -1.13 -4.65
C MET A 192 13.16 -1.60 -6.02
N LYS A 193 13.33 -0.78 -7.05
CA LYS A 193 12.99 -1.19 -8.40
C LYS A 193 13.93 -2.31 -8.81
N GLN A 194 15.17 -2.12 -8.46
CA GLN A 194 16.17 -3.14 -8.69
C GLN A 194 15.98 -4.29 -7.71
N ASN A 195 15.59 -3.95 -6.48
CA ASN A 195 15.38 -4.96 -5.46
C ASN A 195 14.22 -5.87 -5.83
N VAL A 196 13.12 -5.31 -6.36
CA VAL A 196 12.02 -6.14 -6.77
C VAL A 196 12.39 -6.95 -7.96
N ASP A 197 13.21 -6.41 -8.85
CA ASP A 197 13.64 -7.17 -10.03
C ASP A 197 14.46 -8.35 -9.61
N LYS A 198 15.35 -8.09 -8.72
CA LYS A 198 16.25 -9.08 -8.16
C LYS A 198 15.45 -10.14 -7.42
N TRP A 199 14.51 -9.70 -6.62
CA TRP A 199 13.71 -10.61 -5.85
C TRP A 199 12.69 -11.33 -6.70
N THR A 200 12.23 -10.71 -7.78
CA THR A 200 11.32 -11.38 -8.67
C THR A 200 12.07 -12.38 -9.52
N LYS A 201 13.30 -12.07 -9.94
CA LYS A 201 14.08 -13.03 -10.69
C LYS A 201 14.42 -14.22 -9.82
N GLU A 202 14.75 -13.96 -8.58
CA GLU A 202 15.03 -15.00 -7.63
C GLU A 202 13.76 -15.84 -7.39
N GLU A 203 12.66 -15.15 -7.16
CA GLU A 203 11.41 -15.80 -6.85
C GLU A 203 10.89 -16.57 -8.06
N SER A 204 11.13 -16.05 -9.25
CA SER A 204 10.73 -16.74 -10.46
C SER A 204 11.61 -17.95 -10.71
N GLU A 205 12.90 -17.83 -10.42
CA GLU A 205 13.82 -18.94 -10.61
C GLU A 205 13.43 -20.08 -9.71
N ARG A 206 13.19 -19.77 -8.45
CA ARG A 206 12.84 -20.79 -7.50
C ARG A 206 11.44 -21.32 -7.76
N LEU A 207 10.57 -20.48 -8.29
CA LEU A 207 9.22 -20.88 -8.60
C LEU A 207 9.21 -21.82 -9.79
N ALA A 208 9.99 -21.50 -10.81
CA ALA A 208 10.07 -22.33 -12.00
C ALA A 208 10.71 -23.67 -11.66
N MET A 209 11.74 -23.60 -10.82
CA MET A 209 12.44 -24.79 -10.40
C MET A 209 11.57 -25.63 -9.48
N MET A 210 10.72 -24.96 -8.71
CA MET A 210 9.77 -25.64 -7.86
C MET A 210 8.67 -26.26 -8.70
N ALA A 211 8.32 -25.60 -9.79
CA ALA A 211 7.32 -26.11 -10.73
C ALA A 211 7.78 -27.40 -11.36
N GLU A 212 9.06 -27.47 -11.65
CA GLU A 212 9.66 -28.66 -12.21
C GLU A 212 9.69 -29.79 -11.17
N GLN A 213 10.04 -29.44 -9.95
CA GLN A 213 10.09 -30.39 -8.85
C GLN A 213 8.68 -30.88 -8.49
N GLY A 214 7.77 -29.97 -8.39
CA GLY A 214 6.41 -30.28 -8.06
C GLY A 214 5.79 -29.12 -7.31
N ILE A 215 5.19 -28.21 -8.05
CA ILE A 215 4.58 -27.05 -7.45
C ILE A 215 3.19 -27.41 -6.95
N SER A 216 2.92 -27.04 -5.73
CA SER A 216 1.65 -27.29 -5.15
C SER A 216 0.66 -26.20 -5.53
N GLY A 217 -0.20 -26.53 -6.47
CA GLY A 217 -1.26 -25.65 -6.87
C GLY A 217 -2.33 -25.68 -5.82
N ALA A 218 -2.31 -24.69 -4.97
CA ALA A 218 -3.23 -24.63 -3.87
C ALA A 218 -4.59 -24.17 -4.32
N LYS A 219 -5.48 -25.11 -4.46
CA LYS A 219 -6.85 -24.82 -4.80
C LYS A 219 -7.61 -24.54 -3.52
N GLY A 220 -8.28 -23.43 -3.47
CA GLY A 220 -8.99 -23.09 -2.26
C GLY A 220 -10.47 -23.22 -2.42
N LYS A 221 -11.13 -22.10 -2.38
CA LYS A 221 -12.57 -22.02 -2.47
C LYS A 221 -12.88 -20.55 -2.65
N LYS A 222 -14.13 -20.21 -2.66
CA LYS A 222 -14.51 -18.83 -2.66
C LYS A 222 -14.46 -18.37 -1.21
N ASP A 223 -13.60 -17.47 -0.89
CA ASP A 223 -13.52 -16.99 0.47
C ASP A 223 -13.88 -15.54 0.49
N SER A 1 -17.86 7.26 11.81
CA SER A 1 -18.82 6.21 12.06
C SER A 1 -19.45 5.79 10.74
N SER A 2 -19.62 4.50 10.56
CA SER A 2 -20.21 4.00 9.36
C SER A 2 -20.93 2.69 9.67
N GLY A 3 -22.21 2.81 9.90
CA GLY A 3 -23.06 1.67 10.15
C GLY A 3 -24.48 2.03 9.78
N ILE A 4 -25.39 1.11 9.94
CA ILE A 4 -26.78 1.36 9.62
C ILE A 4 -27.67 1.00 10.82
N GLU A 5 -28.24 2.02 11.42
CA GLU A 5 -29.07 1.84 12.58
C GLU A 5 -30.49 1.52 12.14
N GLY A 6 -31.11 0.63 12.86
CA GLY A 6 -32.45 0.25 12.56
C GLY A 6 -32.93 -0.85 13.46
N CYS A 7 -32.04 -1.77 13.80
CA CYS A 7 -32.35 -2.91 14.65
C CYS A 7 -32.74 -2.47 16.07
N THR A 8 -34.01 -2.33 16.26
CA THR A 8 -34.58 -1.92 17.53
C THR A 8 -35.29 -3.13 18.15
N GLU A 9 -35.13 -4.21 17.49
CA GLU A 9 -35.77 -5.44 17.81
C GLU A 9 -34.87 -6.55 17.34
N ASP A 10 -34.91 -7.68 18.00
CA ASP A 10 -34.12 -8.80 17.61
C ASP A 10 -34.79 -9.50 16.44
N GLU A 11 -34.03 -10.17 15.64
CA GLU A 11 -34.52 -10.82 14.44
C GLU A 11 -35.11 -12.20 14.76
N LYS A 12 -34.72 -12.74 15.90
CA LYS A 12 -35.11 -14.06 16.36
C LYS A 12 -34.81 -15.14 15.31
N ARG A 13 -33.55 -15.21 14.99
CA ARG A 13 -32.96 -16.18 14.12
C ARG A 13 -31.63 -16.48 14.69
N ASP A 14 -30.90 -17.35 14.07
CA ASP A 14 -29.55 -17.65 14.54
C ASP A 14 -28.64 -16.43 14.34
N SER A 15 -29.08 -15.52 13.45
CA SER A 15 -28.46 -14.25 13.17
C SER A 15 -27.18 -14.41 12.37
N VAL A 16 -27.30 -14.09 11.10
CA VAL A 16 -26.21 -14.20 10.22
C VAL A 16 -25.47 -12.87 10.11
N VAL A 17 -24.33 -12.81 10.73
CA VAL A 17 -23.51 -11.64 10.70
C VAL A 17 -22.48 -11.82 9.62
N GLU A 18 -22.63 -11.13 8.53
CA GLU A 18 -21.68 -11.26 7.45
C GLU A 18 -20.74 -10.08 7.53
N GLY A 19 -19.57 -10.34 8.03
CA GLY A 19 -18.58 -9.33 8.15
C GLY A 19 -17.23 -9.91 7.86
N ALA A 20 -17.13 -10.57 6.75
CA ALA A 20 -15.88 -11.12 6.34
C ALA A 20 -15.05 -10.06 5.65
N THR A 21 -13.81 -10.00 6.02
CA THR A 21 -12.88 -9.06 5.45
C THR A 21 -11.97 -9.81 4.47
N SER A 22 -11.73 -9.23 3.33
CA SER A 22 -10.87 -9.83 2.34
C SER A 22 -9.43 -9.49 2.69
N VAL A 23 -8.56 -10.50 2.69
CA VAL A 23 -7.18 -10.28 3.03
C VAL A 23 -6.34 -9.73 1.88
N GLU A 24 -6.55 -8.46 1.63
CA GLU A 24 -5.83 -7.63 0.69
C GLU A 24 -6.49 -6.26 0.75
N ALA A 25 -5.81 -5.26 0.28
CA ALA A 25 -6.29 -3.93 0.39
C ALA A 25 -6.39 -3.29 -0.97
N SER A 26 -7.34 -2.41 -1.11
CA SER A 26 -7.42 -1.55 -2.25
C SER A 26 -6.59 -0.35 -1.88
N LEU A 27 -6.43 0.61 -2.75
CA LEU A 27 -5.59 1.76 -2.42
C LEU A 27 -6.14 2.60 -1.29
N LYS A 28 -7.41 2.49 -1.03
CA LYS A 28 -7.99 3.18 0.10
C LYS A 28 -7.50 2.53 1.40
N GLU A 29 -7.75 1.23 1.53
CA GLU A 29 -7.32 0.49 2.72
C GLU A 29 -5.78 0.43 2.82
N GLN A 30 -5.12 0.57 1.67
CA GLN A 30 -3.65 0.61 1.63
C GLN A 30 -3.18 1.82 2.44
N ILE A 31 -3.89 2.93 2.26
CA ILE A 31 -3.65 4.15 3.00
C ILE A 31 -3.85 3.88 4.49
N ASP A 32 -4.90 3.14 4.79
CA ASP A 32 -5.22 2.79 6.17
C ASP A 32 -4.14 2.00 6.83
N TRP A 33 -3.49 1.12 6.08
CA TRP A 33 -2.44 0.32 6.62
C TRP A 33 -1.19 1.17 6.77
N LEU A 34 -0.93 2.02 5.78
CA LEU A 34 0.24 2.89 5.79
C LEU A 34 0.16 3.84 6.99
N ALA A 35 -1.02 4.39 7.22
CA ALA A 35 -1.22 5.29 8.32
C ALA A 35 -1.15 4.55 9.65
N GLU A 36 -1.63 3.32 9.64
CA GLU A 36 -1.60 2.47 10.81
C GLU A 36 -0.17 2.17 11.18
N ARG A 37 0.61 1.79 10.20
CA ARG A 37 1.90 1.26 10.46
C ARG A 37 2.88 2.36 10.90
N TYR A 38 2.61 3.60 10.51
CA TYR A 38 3.41 4.70 11.00
C TYR A 38 2.86 5.26 12.32
N SER A 39 1.59 5.06 12.55
CA SER A 39 0.96 5.57 13.74
C SER A 39 0.79 4.46 14.78
N ALA A 40 1.54 3.39 14.64
CA ALA A 40 1.44 2.30 15.55
C ALA A 40 2.43 2.47 16.69
N ASP A 41 1.90 2.46 17.88
CA ASP A 41 2.71 2.50 19.07
C ASP A 41 3.13 1.08 19.39
N LEU A 42 4.29 0.93 19.97
CA LEU A 42 4.77 -0.37 20.28
C LEU A 42 4.97 -0.57 21.77
N THR A 43 3.87 -0.58 22.45
CA THR A 43 3.84 -0.69 23.89
C THR A 43 4.00 -2.15 24.31
N ASN A 44 3.54 -3.04 23.47
CA ASN A 44 3.65 -4.48 23.74
C ASN A 44 4.90 -5.03 23.13
N LYS A 45 5.63 -4.20 22.43
CA LYS A 45 6.81 -4.66 21.76
C LYS A 45 8.04 -3.98 22.30
N ASP A 46 8.94 -4.76 22.82
CA ASP A 46 10.19 -4.24 23.30
C ASP A 46 11.14 -4.29 22.15
N THR A 47 11.83 -3.23 21.91
CA THR A 47 12.67 -3.19 20.79
C THR A 47 14.09 -3.64 21.14
N SER A 48 14.19 -4.94 21.34
CA SER A 48 15.42 -5.57 21.70
C SER A 48 16.27 -5.81 20.47
N LYS A 49 17.07 -4.79 20.12
CA LYS A 49 17.99 -4.79 18.98
C LYS A 49 17.37 -5.32 17.70
N TRP A 50 16.51 -4.53 17.13
CA TRP A 50 15.90 -4.84 15.87
C TRP A 50 16.91 -4.60 14.77
N ASN A 51 17.40 -5.66 14.22
CA ASN A 51 18.40 -5.58 13.19
C ASN A 51 17.77 -5.52 11.83
N THR A 52 17.02 -4.47 11.61
CA THR A 52 16.35 -4.26 10.37
C THR A 52 17.35 -3.79 9.34
N ASP A 53 18.04 -2.71 9.66
CA ASP A 53 19.03 -2.08 8.79
C ASP A 53 20.17 -3.04 8.50
N GLU A 54 20.44 -3.92 9.43
CA GLU A 54 21.52 -4.85 9.30
C GLU A 54 21.13 -5.98 8.34
N LYS A 55 19.87 -6.37 8.37
CA LYS A 55 19.41 -7.43 7.49
C LYS A 55 19.21 -6.90 6.10
N VAL A 56 18.70 -5.68 6.00
CA VAL A 56 18.49 -5.10 4.70
C VAL A 56 19.83 -4.70 4.08
N LYS A 57 20.81 -4.52 4.92
CA LYS A 57 22.18 -4.27 4.49
C LYS A 57 22.70 -5.45 3.68
N GLU A 58 22.42 -6.64 4.15
CA GLU A 58 22.85 -7.83 3.46
C GLU A 58 21.96 -8.13 2.27
N LEU A 59 20.70 -7.81 2.40
CA LEU A 59 19.75 -8.09 1.34
C LEU A 59 19.73 -7.04 0.23
N LEU A 60 20.10 -5.81 0.53
CA LEU A 60 19.98 -4.75 -0.42
C LEU A 60 21.33 -4.06 -0.73
N ASN A 61 22.32 -4.23 0.17
CA ASN A 61 23.67 -3.56 0.11
C ASN A 61 23.67 -2.23 0.86
N GLU A 62 24.80 -1.48 0.78
CA GLU A 62 25.04 -0.23 1.57
C GLU A 62 23.98 0.85 1.36
N LYS A 63 23.16 0.70 0.34
CA LYS A 63 22.08 1.67 0.09
C LYS A 63 21.05 1.62 1.23
N ALA A 64 21.05 0.52 1.96
CA ALA A 64 20.09 0.24 2.99
C ALA A 64 20.53 0.71 4.40
N VAL A 65 21.55 1.53 4.49
CA VAL A 65 21.98 2.04 5.80
C VAL A 65 20.90 2.95 6.42
N GLY A 66 20.18 2.42 7.39
CA GLY A 66 19.14 3.17 8.05
C GLY A 66 17.86 3.11 7.25
N ILE A 67 17.17 1.99 7.35
CA ILE A 67 15.96 1.79 6.61
C ILE A 67 14.72 2.01 7.47
N GLU A 68 14.74 1.51 8.70
CA GLU A 68 13.60 1.66 9.59
C GLU A 68 13.28 3.14 9.83
N SER A 69 14.33 3.92 10.03
CA SER A 69 14.22 5.34 10.25
C SER A 69 13.82 6.07 8.97
N ARG A 70 14.26 5.55 7.85
CA ARG A 70 13.97 6.09 6.55
C ARG A 70 12.50 5.89 6.28
N LEU A 71 12.04 4.67 6.55
CA LEU A 71 10.67 4.29 6.32
C LEU A 71 9.74 5.14 7.15
N LEU A 72 10.13 5.41 8.38
CA LEU A 72 9.33 6.24 9.27
C LEU A 72 9.19 7.65 8.74
N ALA A 73 10.28 8.22 8.25
CA ALA A 73 10.28 9.58 7.77
C ALA A 73 9.49 9.71 6.46
N ILE A 74 9.57 8.69 5.65
CA ILE A 74 8.87 8.66 4.40
C ILE A 74 7.39 8.35 4.64
N ALA A 75 7.13 7.47 5.60
CA ALA A 75 5.76 7.13 5.97
C ALA A 75 5.06 8.34 6.52
N LYS A 76 5.76 9.09 7.37
CA LYS A 76 5.27 10.35 7.89
C LYS A 76 4.88 11.28 6.77
N GLU A 77 5.73 11.37 5.78
CA GLU A 77 5.52 12.25 4.66
C GLU A 77 4.27 11.81 3.89
N PHE A 78 4.13 10.51 3.71
CA PHE A 78 2.98 9.99 3.02
C PHE A 78 1.75 10.14 3.88
N HIS A 79 1.92 9.97 5.17
CA HIS A 79 0.85 10.11 6.15
C HIS A 79 0.28 11.52 6.08
N LYS A 80 1.16 12.49 6.03
CA LYS A 80 0.77 13.89 5.94
C LYS A 80 -0.01 14.16 4.66
N LEU A 81 0.45 13.58 3.56
CA LEU A 81 -0.25 13.75 2.30
C LEU A 81 -1.56 12.98 2.28
N LYS A 82 -1.55 11.78 2.83
CA LYS A 82 -2.72 10.95 2.90
C LYS A 82 -3.74 11.53 3.89
N SER A 83 -3.28 12.27 4.88
CA SER A 83 -4.16 12.95 5.81
C SER A 83 -4.94 14.06 5.12
N VAL A 84 -4.29 14.76 4.20
CA VAL A 84 -4.94 15.79 3.42
C VAL A 84 -6.02 15.15 2.54
N LEU A 85 -5.69 13.98 2.03
CA LEU A 85 -6.55 13.25 1.15
C LEU A 85 -7.70 12.59 1.94
N CYS A 86 -7.38 11.81 2.94
CA CYS A 86 -8.35 11.01 3.66
C CYS A 86 -8.89 11.66 4.92
N THR A 87 -10.19 11.86 4.93
CA THR A 87 -10.94 12.35 6.05
C THR A 87 -10.78 11.41 7.27
N GLY A 88 -10.39 11.98 8.40
CA GLY A 88 -10.30 11.22 9.62
C GLY A 88 -8.89 11.01 10.08
N VAL A 89 -7.97 11.27 9.22
CA VAL A 89 -6.57 11.11 9.53
C VAL A 89 -5.98 12.48 9.86
N ASN A 90 -5.23 12.55 10.92
CA ASN A 90 -4.61 13.79 11.40
C ASN A 90 -3.16 13.81 10.93
N GLU A 91 -2.65 14.99 10.56
CA GLU A 91 -1.24 15.15 10.09
C GLU A 91 -0.24 15.07 11.23
N THR A 92 -0.74 14.98 12.42
CA THR A 92 0.04 14.91 13.61
C THR A 92 -0.42 13.73 14.46
N PRO A 93 0.30 12.60 14.40
CA PRO A 93 -0.04 11.43 15.19
C PRO A 93 0.53 11.53 16.61
N ALA A 94 -0.15 10.94 17.55
CA ALA A 94 0.28 10.95 18.94
C ALA A 94 0.99 9.66 19.25
N HIS A 95 0.57 8.64 18.57
CA HIS A 95 1.20 7.35 18.64
C HIS A 95 1.97 7.19 17.37
N VAL A 96 3.24 7.31 17.48
CA VAL A 96 4.14 7.18 16.34
C VAL A 96 5.01 5.92 16.49
N ALA A 97 5.15 5.19 15.39
CA ALA A 97 6.00 4.02 15.33
C ALA A 97 7.45 4.42 15.44
N ASN A 98 8.19 3.69 16.22
CA ASN A 98 9.59 4.01 16.46
C ASN A 98 10.49 3.00 15.77
N ARG A 99 9.94 1.86 15.45
CA ARG A 99 10.71 0.74 14.96
C ARG A 99 9.95 -0.01 13.89
N VAL A 100 10.64 -0.30 12.80
CA VAL A 100 10.10 -1.12 11.74
C VAL A 100 10.88 -2.42 11.77
N SER A 101 10.21 -3.54 11.87
CA SER A 101 10.88 -4.82 12.00
C SER A 101 11.39 -5.30 10.63
N PRO A 102 12.34 -6.27 10.59
CA PRO A 102 12.86 -6.82 9.33
C PRO A 102 11.74 -7.48 8.50
N GLY A 103 10.77 -8.02 9.19
CA GLY A 103 9.65 -8.67 8.53
C GLY A 103 8.68 -7.67 7.97
N ASP A 104 8.34 -6.66 8.77
CA ASP A 104 7.41 -5.62 8.36
C ASP A 104 8.02 -4.71 7.33
N ALA A 105 9.34 -4.62 7.35
CA ALA A 105 10.08 -3.81 6.39
C ALA A 105 9.82 -4.30 4.99
N ILE A 106 9.76 -5.61 4.83
CA ILE A 106 9.52 -6.21 3.52
C ILE A 106 8.14 -5.80 3.02
N SER A 107 7.17 -5.83 3.91
CA SER A 107 5.84 -5.44 3.56
C SER A 107 5.81 -3.94 3.26
N MET A 108 6.48 -3.17 4.09
CA MET A 108 6.52 -1.73 3.98
C MET A 108 7.19 -1.29 2.66
N LEU A 109 8.23 -2.01 2.26
CA LEU A 109 8.91 -1.73 1.02
C LEU A 109 7.96 -1.92 -0.14
N TYR A 110 7.20 -3.00 -0.11
CA TYR A 110 6.23 -3.26 -1.15
C TYR A 110 5.10 -2.24 -1.13
N VAL A 111 4.68 -1.86 0.06
CA VAL A 111 3.64 -0.87 0.23
C VAL A 111 4.09 0.48 -0.33
N LEU A 112 5.32 0.88 -0.03
CA LEU A 112 5.85 2.14 -0.53
C LEU A 112 6.03 2.10 -2.03
N SER A 113 6.35 0.92 -2.55
CA SER A 113 6.45 0.74 -3.98
C SER A 113 5.08 0.94 -4.62
N ILE A 114 4.05 0.34 -4.03
CA ILE A 114 2.68 0.49 -4.50
C ILE A 114 2.24 1.95 -4.37
N THR A 115 2.60 2.56 -3.24
CA THR A 115 2.26 3.94 -2.96
C THR A 115 2.92 4.88 -3.99
N HIS A 116 4.15 4.60 -4.38
CA HIS A 116 4.82 5.44 -5.32
C HIS A 116 4.19 5.27 -6.70
N ARG A 117 3.74 4.06 -6.99
CA ARG A 117 3.10 3.77 -8.25
C ARG A 117 1.75 4.44 -8.36
N GLU A 118 0.98 4.45 -7.26
CA GLU A 118 -0.32 5.11 -7.28
C GLU A 118 -0.18 6.58 -7.46
N LEU A 119 0.77 7.22 -6.79
CA LEU A 119 0.91 8.66 -6.94
C LEU A 119 1.40 9.04 -8.31
N SER A 120 2.24 8.20 -8.89
CA SER A 120 2.72 8.44 -10.23
C SER A 120 1.57 8.24 -11.23
N SER A 121 0.73 7.24 -10.98
CA SER A 121 -0.39 6.95 -11.82
C SER A 121 -1.46 8.01 -11.63
N LEU A 122 -1.64 8.43 -10.39
CA LEU A 122 -2.60 9.45 -10.03
C LEU A 122 -2.25 10.71 -10.76
N LYS A 123 -0.98 11.10 -10.69
CA LYS A 123 -0.55 12.33 -11.35
C LYS A 123 -0.78 12.22 -12.85
N ASN A 124 -0.43 11.08 -13.41
CA ASN A 124 -0.53 10.84 -14.84
C ASN A 124 -1.98 10.89 -15.30
N LYS A 125 -2.86 10.34 -14.52
CA LYS A 125 -4.26 10.33 -14.85
C LYS A 125 -4.86 11.69 -14.64
N ILE A 126 -4.51 12.32 -13.53
CA ILE A 126 -5.12 13.56 -13.19
C ILE A 126 -4.69 14.65 -14.09
N ASP A 127 -3.46 14.55 -14.60
CA ASP A 127 -2.95 15.56 -15.49
C ASP A 127 -3.73 15.60 -16.78
N GLU A 128 -4.16 14.41 -17.25
CA GLU A 128 -4.93 14.37 -18.46
C GLU A 128 -6.36 14.86 -18.25
N TRP A 129 -6.99 14.49 -17.15
CA TRP A 129 -8.33 14.98 -16.92
C TRP A 129 -8.38 16.41 -16.34
N LYS A 130 -7.29 16.87 -15.78
CA LYS A 130 -7.15 18.27 -15.35
C LYS A 130 -7.03 19.16 -16.58
N LYS A 131 -6.63 18.53 -17.68
CA LYS A 131 -6.55 19.14 -18.97
C LYS A 131 -7.98 19.26 -19.56
N VAL A 132 -8.89 18.48 -19.01
CA VAL A 132 -10.30 18.59 -19.35
C VAL A 132 -10.83 19.86 -18.73
N LYS A 133 -11.27 20.73 -19.57
CA LYS A 133 -11.62 22.06 -19.20
C LYS A 133 -13.12 22.25 -19.07
N ALA A 134 -13.48 23.48 -18.77
CA ALA A 134 -14.84 23.90 -18.72
C ALA A 134 -15.37 23.91 -20.14
N SER A 135 -16.38 23.14 -20.37
CA SER A 135 -16.93 22.95 -21.67
C SER A 135 -18.44 23.18 -21.64
N GLU A 136 -19.05 23.39 -22.80
CA GLU A 136 -20.47 23.73 -22.93
C GLU A 136 -21.39 22.59 -22.52
N ASP A 137 -20.84 21.42 -22.40
CA ASP A 137 -21.62 20.25 -21.97
C ASP A 137 -21.81 20.27 -20.46
N GLY A 138 -21.11 21.17 -19.82
CA GLY A 138 -21.26 21.33 -18.40
C GLY A 138 -20.13 20.77 -17.62
N THR A 139 -19.05 20.48 -18.28
CA THR A 139 -17.89 19.98 -17.62
C THR A 139 -17.13 21.11 -16.91
N LYS A 140 -16.54 20.77 -15.82
CA LYS A 140 -15.80 21.67 -15.00
C LYS A 140 -14.34 21.27 -15.03
N VAL A 141 -13.45 22.24 -14.86
CA VAL A 141 -12.03 21.96 -14.78
C VAL A 141 -11.77 21.12 -13.54
N ILE A 142 -10.96 20.12 -13.68
CA ILE A 142 -10.66 19.28 -12.59
C ILE A 142 -9.56 19.89 -11.75
N GLN A 143 -10.04 20.62 -10.79
CA GLN A 143 -9.22 21.35 -9.87
C GLN A 143 -9.45 20.81 -8.46
N ASN A 144 -10.50 20.03 -8.29
CA ASN A 144 -10.87 19.49 -7.01
C ASN A 144 -10.64 17.98 -7.06
N ILE A 145 -10.29 17.40 -5.95
CA ILE A 145 -10.03 15.98 -5.87
C ILE A 145 -11.32 15.17 -6.09
N LYS A 146 -12.46 15.79 -5.80
CA LYS A 146 -13.72 15.12 -5.91
C LYS A 146 -14.43 15.48 -7.23
N ASP A 147 -13.67 15.76 -8.25
CA ASP A 147 -14.25 16.03 -9.52
C ASP A 147 -14.68 14.75 -10.15
N ASP A 148 -15.63 14.81 -11.03
CA ASP A 148 -16.30 13.62 -11.54
C ASP A 148 -15.38 12.60 -12.18
N ARG A 149 -14.33 13.04 -12.82
CA ARG A 149 -13.46 12.10 -13.50
C ARG A 149 -12.47 11.55 -12.50
N THR A 150 -12.12 12.38 -11.57
CA THR A 150 -11.24 12.05 -10.50
C THR A 150 -11.91 10.98 -9.65
N ASN A 151 -13.18 11.22 -9.30
CA ASN A 151 -14.00 10.29 -8.51
C ASN A 151 -14.04 8.95 -9.15
N THR A 152 -14.13 8.94 -10.46
CA THR A 152 -14.19 7.71 -11.22
C THR A 152 -12.91 6.84 -11.01
N TRP A 153 -11.77 7.47 -10.88
CA TRP A 153 -10.51 6.76 -10.63
C TRP A 153 -10.44 6.38 -9.17
N PHE A 154 -10.86 7.30 -8.35
CA PHE A 154 -10.83 7.10 -6.93
C PHE A 154 -11.74 5.95 -6.48
N VAL A 155 -12.97 5.92 -6.98
CA VAL A 155 -13.90 4.85 -6.62
C VAL A 155 -13.41 3.49 -7.09
N ALA A 156 -12.81 3.45 -8.28
CA ALA A 156 -12.29 2.21 -8.83
C ALA A 156 -11.15 1.67 -7.98
N HIS A 157 -10.37 2.56 -7.43
CA HIS A 157 -9.25 2.18 -6.60
C HIS A 157 -9.60 1.91 -5.12
N GLY A 158 -10.85 2.18 -4.73
CA GLY A 158 -11.26 1.84 -3.39
C GLY A 158 -11.61 3.05 -2.58
N PHE A 159 -11.29 4.20 -3.10
CA PHE A 159 -11.51 5.44 -2.40
C PHE A 159 -12.98 5.74 -2.26
N LYS A 160 -13.44 5.71 -1.06
CA LYS A 160 -14.79 6.06 -0.74
C LYS A 160 -14.85 7.58 -0.73
N VAL A 161 -15.89 8.15 -1.32
CA VAL A 161 -16.00 9.61 -1.47
C VAL A 161 -15.99 10.30 -0.09
N ALA A 162 -16.59 9.64 0.89
CA ALA A 162 -16.65 10.16 2.25
C ALA A 162 -15.31 10.03 2.97
N GLU A 163 -14.41 9.26 2.39
CA GLU A 163 -13.12 9.08 2.97
C GLU A 163 -12.09 10.00 2.34
N LEU A 164 -12.51 10.79 1.38
CA LEU A 164 -11.64 11.78 0.82
C LEU A 164 -12.15 13.19 1.14
N ASN A 165 -11.25 14.08 1.47
CA ASN A 165 -11.60 15.44 1.89
C ASN A 165 -11.80 16.37 0.72
N ASP A 166 -12.37 17.53 1.01
CA ASP A 166 -12.50 18.59 0.02
C ASP A 166 -11.24 19.42 -0.01
N VAL A 167 -10.43 19.19 -1.00
CA VAL A 167 -9.18 19.88 -1.17
C VAL A 167 -8.90 19.96 -2.66
N THR A 168 -8.08 20.90 -3.09
CA THR A 168 -7.76 20.98 -4.46
C THR A 168 -6.87 19.84 -4.89
N LEU A 169 -7.11 19.37 -6.09
CA LEU A 169 -6.40 18.26 -6.63
C LEU A 169 -5.06 18.73 -7.05
N GLU A 170 -5.01 19.95 -7.55
CA GLU A 170 -3.79 20.53 -8.01
C GLU A 170 -2.82 20.71 -6.87
N LYS A 171 -3.31 21.18 -5.75
CA LYS A 171 -2.47 21.38 -4.60
C LYS A 171 -2.01 20.05 -4.07
N LEU A 172 -2.92 19.11 -4.00
CA LEU A 172 -2.57 17.79 -3.48
C LEU A 172 -1.54 17.13 -4.38
N ALA A 173 -1.77 17.21 -5.68
CA ALA A 173 -0.91 16.56 -6.63
C ALA A 173 0.45 17.19 -6.67
N THR A 174 0.52 18.49 -6.55
CA THR A 174 1.79 19.16 -6.59
C THR A 174 2.62 18.88 -5.35
N VAL A 175 1.98 18.85 -4.18
CA VAL A 175 2.73 18.60 -2.97
C VAL A 175 3.18 17.16 -2.92
N VAL A 176 2.31 16.24 -3.30
CA VAL A 176 2.68 14.86 -3.21
C VAL A 176 3.69 14.50 -4.29
N ASN A 177 3.58 15.13 -5.46
CA ASN A 177 4.49 14.89 -6.56
C ASN A 177 5.89 15.33 -6.19
N GLU A 178 6.00 16.45 -5.51
CA GLU A 178 7.30 16.95 -5.13
C GLU A 178 7.94 16.00 -4.12
N LEU A 179 7.15 15.51 -3.20
CA LEU A 179 7.65 14.56 -2.21
C LEU A 179 7.97 13.17 -2.78
N VAL A 180 7.23 12.72 -3.78
CA VAL A 180 7.54 11.44 -4.39
C VAL A 180 8.69 11.56 -5.37
N SER A 181 9.00 12.78 -5.75
CA SER A 181 10.03 13.01 -6.69
C SER A 181 11.22 13.74 -6.05
N HIS A 182 11.32 13.77 -4.71
CA HIS A 182 12.46 14.42 -4.12
C HIS A 182 13.69 13.53 -4.25
N LYS A 183 14.86 14.15 -4.27
CA LYS A 183 16.13 13.48 -4.54
C LYS A 183 16.39 12.23 -3.67
N ASP A 184 16.19 12.37 -2.37
CA ASP A 184 16.41 11.23 -1.45
C ASP A 184 15.40 10.13 -1.70
N MET A 185 14.19 10.51 -2.04
CA MET A 185 13.13 9.58 -2.31
C MET A 185 13.40 8.84 -3.60
N ILE A 186 14.01 9.51 -4.56
CA ILE A 186 14.37 8.91 -5.82
C ILE A 186 15.42 7.84 -5.57
N TYR A 187 16.36 8.16 -4.72
CA TYR A 187 17.42 7.22 -4.35
C TYR A 187 16.84 6.02 -3.62
N ILE A 188 15.92 6.28 -2.72
CA ILE A 188 15.25 5.22 -1.98
C ILE A 188 14.39 4.38 -2.90
N ASN A 189 13.65 5.03 -3.79
CA ASN A 189 12.77 4.35 -4.72
C ASN A 189 13.56 3.49 -5.69
N ASP A 190 14.70 4.01 -6.12
CA ASP A 190 15.58 3.27 -7.04
C ASP A 190 16.07 2.02 -6.36
N ALA A 191 16.49 2.17 -5.11
CA ALA A 191 16.98 1.08 -4.32
C ALA A 191 15.87 0.07 -4.04
N MET A 192 14.68 0.57 -3.76
CA MET A 192 13.52 -0.28 -3.52
C MET A 192 13.16 -1.05 -4.76
N LYS A 193 13.17 -0.36 -5.89
CA LYS A 193 12.80 -0.96 -7.16
C LYS A 193 13.77 -2.07 -7.51
N GLN A 194 15.05 -1.84 -7.27
CA GLN A 194 16.06 -2.83 -7.54
C GLN A 194 15.98 -3.99 -6.57
N ASN A 195 15.57 -3.69 -5.36
CA ASN A 195 15.45 -4.70 -4.32
C ASN A 195 14.28 -5.61 -4.63
N VAL A 196 13.16 -5.03 -5.01
CA VAL A 196 11.98 -5.82 -5.29
C VAL A 196 12.15 -6.54 -6.61
N ASP A 197 12.96 -5.97 -7.49
CA ASP A 197 13.30 -6.56 -8.78
C ASP A 197 14.06 -7.84 -8.54
N LYS A 198 15.08 -7.77 -7.68
CA LYS A 198 15.85 -8.94 -7.35
C LYS A 198 14.99 -9.97 -6.66
N TRP A 199 14.11 -9.53 -5.78
CA TRP A 199 13.23 -10.44 -5.09
C TRP A 199 12.19 -11.07 -6.01
N THR A 200 11.82 -10.37 -7.06
CA THR A 200 10.93 -10.92 -8.06
C THR A 200 11.67 -12.04 -8.82
N LYS A 201 12.92 -11.78 -9.12
CA LYS A 201 13.78 -12.75 -9.75
C LYS A 201 14.01 -13.94 -8.81
N GLU A 202 14.21 -13.64 -7.53
CA GLU A 202 14.34 -14.65 -6.47
C GLU A 202 13.15 -15.56 -6.46
N GLU A 203 11.98 -14.98 -6.47
CA GLU A 203 10.73 -15.72 -6.44
C GLU A 203 10.65 -16.63 -7.64
N SER A 204 10.97 -16.09 -8.77
CA SER A 204 10.87 -16.81 -10.00
C SER A 204 11.91 -17.94 -10.06
N GLU A 205 13.10 -17.67 -9.55
CA GLU A 205 14.15 -18.66 -9.54
C GLU A 205 13.85 -19.74 -8.53
N ARG A 206 13.28 -19.34 -7.41
CA ARG A 206 12.97 -20.28 -6.36
C ARG A 206 11.80 -21.15 -6.75
N LEU A 207 10.87 -20.59 -7.49
CA LEU A 207 9.75 -21.34 -8.01
C LEU A 207 10.24 -22.34 -9.04
N ALA A 208 11.13 -21.88 -9.92
CA ALA A 208 11.73 -22.73 -10.93
C ALA A 208 12.59 -23.80 -10.28
N MET A 209 13.22 -23.43 -9.18
CA MET A 209 14.02 -24.35 -8.37
C MET A 209 13.15 -25.47 -7.83
N MET A 210 12.00 -25.09 -7.31
CA MET A 210 11.06 -26.05 -6.77
C MET A 210 10.53 -26.96 -7.86
N ALA A 211 10.31 -26.39 -9.04
CA ALA A 211 9.84 -27.15 -10.19
C ALA A 211 10.94 -28.07 -10.71
N GLU A 212 12.17 -27.61 -10.63
CA GLU A 212 13.36 -28.34 -11.04
C GLU A 212 13.56 -29.55 -10.10
N GLN A 213 13.43 -29.29 -8.82
CA GLN A 213 13.56 -30.29 -7.79
C GLN A 213 12.38 -31.27 -7.87
N GLY A 214 11.22 -30.75 -8.21
CA GLY A 214 10.01 -31.54 -8.30
C GLY A 214 9.31 -31.56 -6.97
N ILE A 215 9.55 -30.54 -6.19
CA ILE A 215 9.03 -30.42 -4.86
C ILE A 215 8.34 -29.08 -4.72
N SER A 216 7.06 -29.09 -4.48
CA SER A 216 6.34 -27.87 -4.34
C SER A 216 6.36 -27.45 -2.86
N GLY A 217 7.36 -26.68 -2.50
CA GLY A 217 7.51 -26.20 -1.15
C GLY A 217 7.94 -24.75 -1.14
N ALA A 218 7.24 -23.94 -1.90
CA ALA A 218 7.55 -22.54 -2.01
C ALA A 218 6.69 -21.75 -1.04
N LYS A 219 7.27 -21.34 0.05
CA LYS A 219 6.56 -20.60 1.05
C LYS A 219 6.60 -19.11 0.73
N GLY A 220 5.48 -18.59 0.30
CA GLY A 220 5.36 -17.19 0.00
C GLY A 220 4.63 -16.48 1.11
N LYS A 221 4.61 -17.10 2.25
CA LYS A 221 4.01 -16.54 3.43
C LYS A 221 4.94 -15.45 3.98
N LYS A 222 4.73 -14.26 3.48
CA LYS A 222 5.49 -13.08 3.82
C LYS A 222 5.15 -12.69 5.25
N ASP A 223 3.89 -12.44 5.46
CA ASP A 223 3.33 -12.10 6.74
C ASP A 223 1.85 -11.98 6.54
N SER A 1 -69.92 -34.17 -9.97
CA SER A 1 -69.05 -34.30 -8.82
C SER A 1 -67.72 -33.66 -9.19
N SER A 2 -67.20 -32.84 -8.33
CA SER A 2 -65.93 -32.21 -8.58
C SER A 2 -64.81 -33.19 -8.25
N GLY A 3 -63.67 -33.01 -8.83
CA GLY A 3 -62.61 -33.95 -8.59
C GLY A 3 -61.78 -33.57 -7.43
N ILE A 4 -61.10 -34.52 -6.90
CA ILE A 4 -60.23 -34.30 -5.81
C ILE A 4 -58.87 -33.92 -6.34
N GLU A 5 -58.63 -32.65 -6.37
CA GLU A 5 -57.42 -32.11 -6.91
C GLU A 5 -56.48 -31.82 -5.77
N GLY A 6 -55.43 -32.60 -5.69
CA GLY A 6 -54.45 -32.38 -4.67
C GLY A 6 -53.54 -31.26 -5.07
N CYS A 7 -53.15 -30.46 -4.11
CA CYS A 7 -52.30 -29.36 -4.39
C CYS A 7 -50.86 -29.80 -4.32
N THR A 8 -50.15 -29.62 -5.39
CA THR A 8 -48.79 -30.01 -5.43
C THR A 8 -47.92 -28.84 -4.94
N GLU A 9 -47.41 -29.00 -3.75
CA GLU A 9 -46.65 -27.95 -3.11
C GLU A 9 -45.19 -28.27 -3.12
N ASP A 10 -44.39 -27.24 -3.14
CA ASP A 10 -42.95 -27.35 -3.23
C ASP A 10 -42.30 -26.13 -2.59
N GLU A 11 -41.17 -26.33 -1.95
CA GLU A 11 -40.46 -25.28 -1.24
C GLU A 11 -39.58 -24.43 -2.15
N LYS A 12 -38.65 -25.08 -2.82
CA LYS A 12 -37.56 -24.42 -3.53
C LYS A 12 -36.78 -23.51 -2.61
N ARG A 13 -36.21 -24.12 -1.59
CA ARG A 13 -35.38 -23.40 -0.67
C ARG A 13 -33.98 -23.39 -1.22
N ASP A 14 -33.44 -22.21 -1.41
CA ASP A 14 -32.12 -22.08 -2.04
C ASP A 14 -31.04 -21.99 -1.01
N SER A 15 -31.24 -21.09 -0.04
CA SER A 15 -30.25 -20.78 1.00
C SER A 15 -28.97 -20.27 0.34
N VAL A 16 -28.97 -19.00 0.01
CA VAL A 16 -27.86 -18.43 -0.71
C VAL A 16 -26.90 -17.66 0.19
N VAL A 17 -25.72 -18.17 0.30
CA VAL A 17 -24.67 -17.51 1.01
C VAL A 17 -23.82 -16.74 0.00
N GLU A 18 -23.60 -15.49 0.27
CA GLU A 18 -22.85 -14.65 -0.62
C GLU A 18 -21.35 -14.88 -0.39
N GLY A 19 -20.62 -15.11 -1.45
CA GLY A 19 -19.22 -15.39 -1.32
C GLY A 19 -18.36 -14.26 -1.83
N ALA A 20 -18.70 -13.07 -1.41
CA ALA A 20 -17.95 -11.90 -1.80
C ALA A 20 -16.82 -11.68 -0.82
N THR A 21 -15.68 -11.33 -1.32
CA THR A 21 -14.53 -11.09 -0.50
C THR A 21 -13.68 -10.01 -1.17
N SER A 22 -13.07 -9.15 -0.40
CA SER A 22 -12.20 -8.15 -0.94
C SER A 22 -10.75 -8.62 -0.78
N VAL A 23 -10.18 -9.15 -1.85
CA VAL A 23 -8.83 -9.62 -1.81
C VAL A 23 -7.88 -8.44 -1.93
N GLU A 24 -6.91 -8.37 -0.99
CA GLU A 24 -5.96 -7.29 -0.92
C GLU A 24 -6.64 -6.00 -0.46
N ALA A 25 -5.85 -5.05 -0.17
CA ALA A 25 -6.32 -3.78 0.26
C ALA A 25 -6.44 -2.86 -0.93
N SER A 26 -7.14 -1.78 -0.76
CA SER A 26 -7.33 -0.82 -1.80
C SER A 26 -6.10 0.07 -1.84
N LEU A 27 -6.07 1.00 -2.74
CA LEU A 27 -4.94 1.90 -2.82
C LEU A 27 -5.06 2.92 -1.70
N LYS A 28 -6.28 3.19 -1.29
CA LYS A 28 -6.47 4.13 -0.22
C LYS A 28 -6.06 3.46 1.09
N GLU A 29 -6.39 2.19 1.20
CA GLU A 29 -5.99 1.42 2.37
C GLU A 29 -4.50 1.12 2.35
N GLN A 30 -3.91 1.19 1.18
CA GLN A 30 -2.49 0.94 1.01
C GLN A 30 -1.71 2.06 1.68
N ILE A 31 -2.07 3.29 1.35
CA ILE A 31 -1.41 4.44 1.92
C ILE A 31 -1.83 4.61 3.38
N ASP A 32 -3.04 4.17 3.68
CA ASP A 32 -3.55 4.26 5.02
C ASP A 32 -2.82 3.31 5.94
N TRP A 33 -2.55 2.09 5.46
CA TRP A 33 -1.88 1.09 6.27
C TRP A 33 -0.45 1.51 6.55
N LEU A 34 0.19 2.15 5.57
CA LEU A 34 1.55 2.65 5.74
C LEU A 34 1.59 3.68 6.88
N ALA A 35 0.63 4.59 6.85
CA ALA A 35 0.52 5.59 7.88
C ALA A 35 0.08 4.98 9.21
N GLU A 36 -0.71 3.91 9.14
CA GLU A 36 -1.20 3.19 10.30
C GLU A 36 -0.05 2.43 10.97
N ARG A 37 0.91 1.99 10.17
CA ARG A 37 2.04 1.27 10.68
C ARG A 37 2.91 2.22 11.47
N TYR A 38 3.07 3.44 10.95
CA TYR A 38 3.81 4.49 11.65
C TYR A 38 3.04 4.98 12.87
N SER A 39 1.74 4.78 12.83
CA SER A 39 0.87 5.14 13.90
C SER A 39 0.66 3.96 14.87
N ALA A 40 1.44 2.92 14.74
CA ALA A 40 1.37 1.83 15.67
C ALA A 40 2.54 1.88 16.64
N ASP A 41 2.25 1.90 17.91
CA ASP A 41 3.31 1.88 18.92
C ASP A 41 3.50 0.47 19.43
N LEU A 42 4.72 0.02 19.38
CA LEU A 42 5.07 -1.32 19.76
C LEU A 42 5.45 -1.41 21.21
N THR A 43 4.50 -1.12 22.04
CA THR A 43 4.70 -1.11 23.48
C THR A 43 5.09 -2.50 24.02
N ASN A 44 4.51 -3.54 23.45
CA ASN A 44 4.75 -4.90 23.94
C ASN A 44 5.73 -5.63 23.04
N LYS A 45 6.00 -5.06 21.90
CA LYS A 45 6.87 -5.70 20.92
C LYS A 45 8.31 -5.20 21.13
N ASP A 46 9.09 -5.99 21.85
CA ASP A 46 10.47 -5.66 22.24
C ASP A 46 11.39 -5.65 21.02
N THR A 47 12.29 -4.68 20.97
CA THR A 47 13.08 -4.49 19.78
C THR A 47 14.58 -4.60 20.01
N SER A 48 14.94 -5.39 21.00
CA SER A 48 16.32 -5.56 21.41
C SER A 48 17.22 -6.07 20.27
N LYS A 49 17.88 -5.10 19.66
CA LYS A 49 18.85 -5.29 18.61
C LYS A 49 18.30 -6.02 17.39
N TRP A 50 17.19 -5.53 16.86
CA TRP A 50 16.69 -6.05 15.60
C TRP A 50 17.70 -5.77 14.52
N ASN A 51 18.10 -6.79 13.80
CA ASN A 51 19.04 -6.60 12.72
C ASN A 51 18.29 -6.35 11.43
N THR A 52 17.57 -5.27 11.43
CA THR A 52 16.81 -4.88 10.29
C THR A 52 17.68 -4.14 9.31
N ASP A 53 18.25 -3.03 9.78
CA ASP A 53 19.04 -2.19 8.94
C ASP A 53 20.29 -2.88 8.54
N GLU A 54 20.73 -3.79 9.39
CA GLU A 54 21.90 -4.57 9.11
C GLU A 54 21.64 -5.52 7.96
N LYS A 55 20.50 -6.22 8.02
CA LYS A 55 20.13 -7.13 6.96
C LYS A 55 19.96 -6.41 5.66
N VAL A 56 19.27 -5.29 5.68
CA VAL A 56 19.03 -4.60 4.45
C VAL A 56 20.27 -3.88 3.94
N LYS A 57 21.17 -3.50 4.82
CA LYS A 57 22.42 -2.88 4.40
C LYS A 57 23.31 -3.93 3.74
N GLU A 58 23.05 -5.18 4.02
CA GLU A 58 23.77 -6.21 3.38
C GLU A 58 23.08 -6.68 2.12
N LEU A 59 21.77 -6.72 2.14
CA LEU A 59 20.98 -7.18 1.00
C LEU A 59 20.70 -6.08 -0.03
N LEU A 60 20.55 -4.86 0.41
CA LEU A 60 20.18 -3.77 -0.49
C LEU A 60 21.38 -2.83 -0.66
N ASN A 61 22.44 -3.14 0.08
CA ASN A 61 23.71 -2.40 0.09
C ASN A 61 23.64 -1.15 1.00
N GLU A 62 24.67 -0.33 0.94
CA GLU A 62 24.94 0.80 1.82
C GLU A 62 23.83 1.82 1.99
N LYS A 63 22.98 2.00 0.99
CA LYS A 63 21.93 3.03 1.10
C LYS A 63 20.78 2.63 2.04
N ALA A 64 20.80 1.40 2.50
CA ALA A 64 19.76 0.91 3.37
C ALA A 64 20.15 1.03 4.86
N VAL A 65 21.22 1.76 5.14
CA VAL A 65 21.66 1.98 6.50
C VAL A 65 20.61 2.79 7.28
N GLY A 66 20.26 2.28 8.44
CA GLY A 66 19.22 2.88 9.27
C GLY A 66 17.88 2.89 8.57
N ILE A 67 17.53 1.73 8.02
CA ILE A 67 16.34 1.58 7.20
C ILE A 67 15.06 1.91 7.96
N GLU A 68 14.98 1.55 9.23
CA GLU A 68 13.78 1.79 9.99
C GLU A 68 13.64 3.25 10.28
N SER A 69 14.74 3.90 10.56
CA SER A 69 14.72 5.31 10.85
C SER A 69 14.34 6.09 9.59
N ARG A 70 14.83 5.62 8.44
CA ARG A 70 14.49 6.18 7.16
C ARG A 70 13.00 5.96 6.89
N LEU A 71 12.54 4.75 7.12
CA LEU A 71 11.14 4.39 6.90
C LEU A 71 10.22 5.14 7.83
N LEU A 72 10.68 5.38 9.04
CA LEU A 72 9.93 6.17 10.00
C LEU A 72 9.71 7.55 9.48
N ALA A 73 10.76 8.14 8.92
CA ALA A 73 10.65 9.46 8.39
C ALA A 73 9.77 9.48 7.15
N ILE A 74 9.92 8.47 6.32
CA ILE A 74 9.13 8.36 5.09
C ILE A 74 7.65 8.18 5.45
N ALA A 75 7.37 7.33 6.42
CA ALA A 75 6.02 7.09 6.84
C ALA A 75 5.47 8.30 7.60
N LYS A 76 6.34 9.01 8.30
CA LYS A 76 6.01 10.28 8.94
C LYS A 76 5.51 11.28 7.91
N GLU A 77 6.19 11.35 6.80
CA GLU A 77 5.76 12.18 5.71
C GLU A 77 4.44 11.71 5.16
N PHE A 78 4.33 10.41 4.94
CA PHE A 78 3.11 9.86 4.37
C PHE A 78 1.92 9.94 5.32
N HIS A 79 2.19 10.00 6.61
CA HIS A 79 1.14 10.18 7.58
C HIS A 79 0.56 11.59 7.40
N LYS A 80 1.45 12.56 7.37
CA LYS A 80 1.08 13.96 7.17
C LYS A 80 0.35 14.11 5.84
N LEU A 81 0.90 13.49 4.84
CA LEU A 81 0.38 13.58 3.50
C LEU A 81 -0.97 12.87 3.37
N LYS A 82 -1.16 11.78 4.12
CA LYS A 82 -2.43 11.08 4.12
C LYS A 82 -3.48 11.97 4.75
N SER A 83 -3.09 12.71 5.75
CA SER A 83 -3.97 13.62 6.43
C SER A 83 -4.39 14.79 5.52
N VAL A 84 -3.61 15.05 4.51
CA VAL A 84 -3.93 16.05 3.53
C VAL A 84 -4.91 15.45 2.50
N LEU A 85 -4.83 14.13 2.31
CA LEU A 85 -5.61 13.44 1.30
C LEU A 85 -6.91 12.84 1.85
N CYS A 86 -6.99 12.69 3.15
CA CYS A 86 -8.16 12.15 3.78
C CYS A 86 -8.71 13.15 4.77
N THR A 87 -10.01 13.16 4.93
CA THR A 87 -10.64 14.06 5.84
C THR A 87 -10.80 13.36 7.21
N GLY A 88 -10.59 14.11 8.28
CA GLY A 88 -10.77 13.56 9.59
C GLY A 88 -9.51 12.92 10.13
N VAL A 89 -8.41 13.15 9.47
CA VAL A 89 -7.15 12.64 9.91
C VAL A 89 -6.30 13.83 10.38
N ASN A 90 -5.38 13.61 11.28
CA ASN A 90 -4.49 14.67 11.76
C ASN A 90 -3.09 14.37 11.26
N GLU A 91 -2.26 15.40 11.12
CA GLU A 91 -0.88 15.24 10.61
C GLU A 91 0.09 14.82 11.73
N THR A 92 -0.46 14.41 12.86
CA THR A 92 0.32 14.00 13.99
C THR A 92 -0.38 12.90 14.80
N PRO A 93 0.21 11.71 14.82
CA PRO A 93 -0.33 10.58 15.58
C PRO A 93 0.14 10.58 17.04
N ALA A 94 -0.48 9.74 17.85
CA ALA A 94 -0.18 9.62 19.27
C ALA A 94 0.71 8.42 19.46
N HIS A 95 0.49 7.43 18.65
CA HIS A 95 1.30 6.26 18.69
C HIS A 95 2.22 6.32 17.53
N VAL A 96 3.44 6.60 17.79
CA VAL A 96 4.43 6.59 16.77
C VAL A 96 5.30 5.33 16.86
N ALA A 97 5.49 4.69 15.72
CA ALA A 97 6.34 3.51 15.61
C ALA A 97 7.79 3.91 15.73
N ASN A 98 8.58 3.09 16.39
CA ASN A 98 9.99 3.37 16.54
C ASN A 98 10.84 2.33 15.79
N ARG A 99 10.32 1.13 15.66
CA ARG A 99 11.12 0.03 15.15
C ARG A 99 10.36 -0.76 14.09
N VAL A 100 11.07 -1.11 13.05
CA VAL A 100 10.55 -1.93 11.95
C VAL A 100 11.46 -3.16 11.86
N SER A 101 10.89 -4.35 11.86
CA SER A 101 11.69 -5.57 11.77
C SER A 101 11.77 -5.98 10.30
N PRO A 102 12.71 -6.89 9.91
CA PRO A 102 12.79 -7.38 8.53
C PRO A 102 11.44 -7.93 8.06
N GLY A 103 10.74 -8.57 8.96
CA GLY A 103 9.43 -9.12 8.69
C GLY A 103 8.42 -8.03 8.34
N ASP A 104 8.43 -6.94 9.11
CA ASP A 104 7.51 -5.82 8.87
C ASP A 104 7.95 -5.10 7.60
N ALA A 105 9.25 -5.01 7.44
CA ALA A 105 9.88 -4.32 6.33
C ALA A 105 9.45 -4.90 5.02
N ILE A 106 9.40 -6.22 4.92
CA ILE A 106 8.99 -6.87 3.68
C ILE A 106 7.60 -6.41 3.23
N SER A 107 6.71 -6.21 4.18
CA SER A 107 5.41 -5.74 3.85
C SER A 107 5.45 -4.26 3.48
N MET A 108 6.21 -3.50 4.24
CA MET A 108 6.31 -2.06 4.02
C MET A 108 7.00 -1.74 2.70
N LEU A 109 8.00 -2.53 2.35
CA LEU A 109 8.73 -2.35 1.11
C LEU A 109 7.83 -2.62 -0.10
N TYR A 110 6.96 -3.62 0.03
CA TYR A 110 6.01 -3.90 -1.04
C TYR A 110 5.01 -2.75 -1.15
N VAL A 111 4.66 -2.18 -0.01
CA VAL A 111 3.78 -1.01 0.05
C VAL A 111 4.42 0.22 -0.63
N LEU A 112 5.68 0.48 -0.35
CA LEU A 112 6.38 1.65 -0.92
C LEU A 112 6.51 1.58 -2.42
N SER A 113 6.60 0.39 -2.92
CA SER A 113 6.71 0.22 -4.33
C SER A 113 5.38 0.50 -5.01
N ILE A 114 4.30 -0.02 -4.46
CA ILE A 114 3.01 0.17 -5.09
C ILE A 114 2.49 1.59 -4.89
N THR A 115 2.78 2.18 -3.74
CA THR A 115 2.33 3.51 -3.44
C THR A 115 2.95 4.56 -4.36
N HIS A 116 4.22 4.39 -4.74
CA HIS A 116 4.81 5.39 -5.60
C HIS A 116 4.24 5.24 -7.01
N ARG A 117 3.82 4.02 -7.32
CA ARG A 117 3.24 3.72 -8.62
C ARG A 117 1.86 4.34 -8.78
N GLU A 118 1.05 4.27 -7.74
CA GLU A 118 -0.27 4.90 -7.79
C GLU A 118 -0.14 6.41 -7.80
N LEU A 119 0.79 6.93 -7.00
CA LEU A 119 0.99 8.36 -6.89
C LEU A 119 1.50 8.96 -8.21
N SER A 120 2.40 8.26 -8.87
CA SER A 120 2.93 8.73 -10.14
C SER A 120 1.87 8.69 -11.24
N SER A 121 0.97 7.72 -11.14
CA SER A 121 -0.10 7.61 -12.08
C SER A 121 -1.20 8.63 -11.74
N LEU A 122 -1.38 8.89 -10.45
CA LEU A 122 -2.33 9.88 -9.96
C LEU A 122 -1.93 11.21 -10.52
N LYS A 123 -0.65 11.54 -10.36
CA LYS A 123 -0.12 12.80 -10.88
C LYS A 123 -0.35 12.93 -12.37
N ASN A 124 -0.10 11.86 -13.10
CA ASN A 124 -0.26 11.88 -14.55
C ASN A 124 -1.72 12.04 -14.93
N LYS A 125 -2.58 11.39 -14.20
CA LYS A 125 -3.97 11.41 -14.49
C LYS A 125 -4.63 12.73 -14.03
N ILE A 126 -4.14 13.29 -12.93
CA ILE A 126 -4.69 14.54 -12.45
C ILE A 126 -4.22 15.69 -13.34
N ASP A 127 -3.03 15.54 -13.90
CA ASP A 127 -2.48 16.53 -14.81
C ASP A 127 -3.31 16.55 -16.10
N GLU A 128 -3.80 15.36 -16.43
CA GLU A 128 -4.64 15.15 -17.60
C GLU A 128 -5.97 15.93 -17.41
N TRP A 129 -6.62 15.78 -16.26
CA TRP A 129 -7.82 16.58 -15.99
C TRP A 129 -7.57 18.02 -15.59
N LYS A 130 -6.37 18.31 -15.15
CA LYS A 130 -5.93 19.69 -14.93
C LYS A 130 -6.02 20.44 -16.26
N LYS A 131 -5.77 19.70 -17.33
CA LYS A 131 -5.86 20.19 -18.68
C LYS A 131 -7.33 20.22 -19.14
N VAL A 132 -8.14 19.36 -18.57
CA VAL A 132 -9.54 19.29 -18.90
C VAL A 132 -10.26 20.55 -18.48
N LYS A 133 -10.70 21.27 -19.46
CA LYS A 133 -11.44 22.48 -19.27
C LYS A 133 -12.92 22.17 -19.47
N ALA A 134 -13.74 23.18 -19.67
CA ALA A 134 -15.13 22.96 -19.97
C ALA A 134 -15.24 22.38 -21.38
N SER A 135 -15.15 21.09 -21.45
CA SER A 135 -15.16 20.37 -22.69
C SER A 135 -16.53 20.38 -23.34
N GLU A 136 -16.54 20.15 -24.64
CA GLU A 136 -17.74 20.09 -25.47
C GLU A 136 -18.65 18.92 -25.07
N ASP A 137 -18.08 18.03 -24.30
CA ASP A 137 -18.77 16.88 -23.72
C ASP A 137 -19.78 17.32 -22.66
N GLY A 138 -19.62 18.52 -22.18
CA GLY A 138 -20.46 19.02 -21.12
C GLY A 138 -19.77 18.87 -19.81
N THR A 139 -18.50 18.60 -19.91
CA THR A 139 -17.64 18.43 -18.79
C THR A 139 -17.39 19.79 -18.18
N LYS A 140 -17.59 19.92 -16.90
CA LYS A 140 -17.24 21.13 -16.23
C LYS A 140 -15.74 21.08 -15.93
N VAL A 141 -15.16 22.20 -15.57
CA VAL A 141 -13.77 22.25 -15.31
C VAL A 141 -13.47 21.46 -14.06
N ILE A 142 -12.47 20.65 -14.12
CA ILE A 142 -12.11 19.86 -12.98
C ILE A 142 -11.35 20.72 -12.01
N GLN A 143 -12.06 21.22 -11.04
CA GLN A 143 -11.50 22.08 -10.02
C GLN A 143 -11.30 21.37 -8.71
N ASN A 144 -12.14 20.41 -8.43
CA ASN A 144 -12.10 19.73 -7.15
C ASN A 144 -11.84 18.24 -7.37
N ILE A 145 -11.32 17.58 -6.37
CA ILE A 145 -11.10 16.15 -6.39
C ILE A 145 -12.45 15.43 -6.33
N LYS A 146 -13.45 16.12 -5.84
CA LYS A 146 -14.78 15.59 -5.73
C LYS A 146 -15.57 15.86 -7.04
N ASP A 147 -14.84 16.15 -8.09
CA ASP A 147 -15.42 16.36 -9.38
C ASP A 147 -15.53 15.06 -10.08
N ASP A 148 -16.45 14.99 -11.01
CA ASP A 148 -16.87 13.74 -11.67
C ASP A 148 -15.72 12.90 -12.16
N ARG A 149 -14.75 13.54 -12.74
CA ARG A 149 -13.64 12.81 -13.30
C ARG A 149 -12.67 12.36 -12.24
N THR A 150 -12.42 13.24 -11.31
CA THR A 150 -11.47 12.99 -10.27
C THR A 150 -12.00 11.95 -9.31
N ASN A 151 -13.26 12.09 -9.02
CA ASN A 151 -13.97 11.24 -8.10
C ASN A 151 -13.99 9.82 -8.66
N THR A 152 -14.12 9.71 -9.99
CA THR A 152 -14.13 8.41 -10.64
C THR A 152 -12.83 7.64 -10.38
N TRP A 153 -11.70 8.31 -10.47
CA TRP A 153 -10.43 7.63 -10.26
C TRP A 153 -10.27 7.32 -8.80
N PHE A 154 -10.66 8.25 -7.97
CA PHE A 154 -10.53 8.07 -6.55
C PHE A 154 -11.44 6.95 -6.02
N VAL A 155 -12.70 6.92 -6.44
CA VAL A 155 -13.59 5.87 -5.98
C VAL A 155 -13.16 4.50 -6.47
N ALA A 156 -12.63 4.44 -7.67
CA ALA A 156 -12.16 3.20 -8.24
C ALA A 156 -11.01 2.62 -7.42
N HIS A 157 -10.15 3.48 -6.94
CA HIS A 157 -8.98 3.08 -6.17
C HIS A 157 -9.26 2.78 -4.69
N GLY A 158 -10.44 3.11 -4.21
CA GLY A 158 -10.74 2.80 -2.83
C GLY A 158 -11.01 4.01 -1.98
N PHE A 159 -10.94 5.17 -2.55
CA PHE A 159 -11.16 6.39 -1.83
C PHE A 159 -12.67 6.63 -1.72
N LYS A 160 -13.20 6.51 -0.53
CA LYS A 160 -14.59 6.75 -0.28
C LYS A 160 -14.88 8.24 -0.22
N VAL A 161 -15.99 8.63 -0.85
CA VAL A 161 -16.40 10.04 -0.97
C VAL A 161 -16.51 10.73 0.41
N ALA A 162 -16.94 9.99 1.40
CA ALA A 162 -17.12 10.55 2.74
C ALA A 162 -15.85 10.46 3.58
N GLU A 163 -14.78 9.93 3.00
CA GLU A 163 -13.56 9.75 3.74
C GLU A 163 -12.36 10.47 3.11
N LEU A 164 -12.35 10.64 1.78
CA LEU A 164 -11.23 11.37 1.17
C LEU A 164 -11.42 12.87 1.42
N ASN A 165 -10.38 13.60 1.22
CA ASN A 165 -10.40 15.02 1.46
C ASN A 165 -10.59 15.72 0.13
N ASP A 166 -11.68 16.45 -0.02
CA ASP A 166 -11.93 17.16 -1.27
C ASP A 166 -11.10 18.43 -1.29
N VAL A 167 -10.12 18.44 -2.14
CA VAL A 167 -9.20 19.53 -2.24
C VAL A 167 -9.22 20.05 -3.68
N THR A 168 -8.74 21.25 -3.90
CA THR A 168 -8.65 21.77 -5.24
C THR A 168 -7.60 21.00 -6.02
N LEU A 169 -7.84 20.87 -7.30
CA LEU A 169 -6.97 20.12 -8.19
C LEU A 169 -5.58 20.71 -8.19
N GLU A 170 -5.52 22.00 -7.94
CA GLU A 170 -4.27 22.72 -7.94
C GLU A 170 -3.47 22.37 -6.72
N LYS A 171 -4.15 22.30 -5.59
CA LYS A 171 -3.46 21.97 -4.36
C LYS A 171 -3.06 20.52 -4.39
N LEU A 172 -3.95 19.69 -4.88
CA LEU A 172 -3.71 18.27 -4.93
C LEU A 172 -2.57 17.98 -5.90
N ALA A 173 -2.54 18.72 -7.02
CA ALA A 173 -1.48 18.55 -8.00
C ALA A 173 -0.12 18.84 -7.41
N THR A 174 -0.01 19.91 -6.63
CA THR A 174 1.27 20.24 -6.05
C THR A 174 1.61 19.26 -4.92
N VAL A 175 0.59 18.78 -4.21
CA VAL A 175 0.78 17.78 -3.19
C VAL A 175 1.26 16.48 -3.81
N VAL A 176 0.57 15.98 -4.83
CA VAL A 176 0.93 14.70 -5.41
C VAL A 176 2.27 14.81 -6.14
N ASN A 177 2.56 16.00 -6.66
CA ASN A 177 3.83 16.26 -7.29
C ASN A 177 4.94 16.17 -6.26
N GLU A 178 4.67 16.67 -5.06
CA GLU A 178 5.65 16.60 -3.97
C GLU A 178 5.87 15.14 -3.57
N LEU A 179 4.78 14.38 -3.53
CA LEU A 179 4.85 12.95 -3.20
C LEU A 179 5.67 12.16 -4.21
N VAL A 180 5.45 12.41 -5.47
CA VAL A 180 6.12 11.64 -6.49
C VAL A 180 7.53 12.19 -6.77
N SER A 181 7.72 13.47 -6.58
CA SER A 181 8.98 14.09 -6.86
C SER A 181 9.84 14.21 -5.61
N HIS A 182 9.44 13.48 -4.58
CA HIS A 182 10.22 13.40 -3.40
C HIS A 182 11.45 12.57 -3.74
N LYS A 183 12.58 13.20 -3.78
CA LYS A 183 13.80 12.60 -4.29
C LYS A 183 14.28 11.38 -3.53
N ASP A 184 14.13 11.37 -2.21
CA ASP A 184 14.55 10.20 -1.43
C ASP A 184 13.60 9.05 -1.72
N MET A 185 12.34 9.41 -1.90
CA MET A 185 11.28 8.46 -2.19
C MET A 185 11.47 7.82 -3.55
N ILE A 186 11.91 8.60 -4.53
CA ILE A 186 12.13 8.08 -5.87
C ILE A 186 13.27 7.08 -5.86
N TYR A 187 14.33 7.42 -5.15
CA TYR A 187 15.47 6.57 -5.06
C TYR A 187 15.14 5.31 -4.29
N ILE A 188 14.39 5.45 -3.20
CA ILE A 188 14.07 4.29 -2.40
C ILE A 188 13.09 3.41 -3.15
N ASN A 189 12.22 4.01 -3.97
CA ASN A 189 11.28 3.24 -4.77
C ASN A 189 12.01 2.46 -5.87
N ASP A 190 13.00 3.08 -6.49
CA ASP A 190 13.78 2.39 -7.52
C ASP A 190 14.55 1.25 -6.91
N ALA A 191 15.14 1.52 -5.76
CA ALA A 191 15.90 0.53 -5.06
C ALA A 191 14.97 -0.53 -4.48
N MET A 192 13.74 -0.13 -4.22
CA MET A 192 12.70 -1.01 -3.72
C MET A 192 12.34 -1.97 -4.81
N LYS A 193 12.14 -1.44 -6.01
CA LYS A 193 11.81 -2.24 -7.19
C LYS A 193 12.92 -3.26 -7.41
N GLN A 194 14.15 -2.81 -7.25
CA GLN A 194 15.30 -3.66 -7.42
C GLN A 194 15.36 -4.72 -6.32
N ASN A 195 15.02 -4.33 -5.12
CA ASN A 195 15.04 -5.23 -3.98
C ASN A 195 13.92 -6.25 -4.08
N VAL A 196 12.74 -5.81 -4.49
CA VAL A 196 11.61 -6.70 -4.58
C VAL A 196 11.76 -7.65 -5.75
N ASP A 197 12.42 -7.20 -6.81
CA ASP A 197 12.69 -8.08 -7.93
C ASP A 197 13.75 -9.08 -7.60
N LYS A 198 14.61 -8.71 -6.68
CA LYS A 198 15.63 -9.62 -6.22
C LYS A 198 14.99 -10.65 -5.30
N TRP A 199 14.13 -10.20 -4.40
CA TRP A 199 13.42 -11.09 -3.50
C TRP A 199 12.45 -12.02 -4.24
N THR A 200 11.79 -11.51 -5.26
CA THR A 200 10.89 -12.34 -6.04
C THR A 200 11.67 -13.38 -6.83
N LYS A 201 12.82 -12.97 -7.34
CA LYS A 201 13.74 -13.86 -8.02
C LYS A 201 14.20 -14.91 -7.06
N GLU A 202 14.65 -14.48 -5.91
CA GLU A 202 15.15 -15.35 -4.89
C GLU A 202 14.08 -16.33 -4.43
N GLU A 203 12.87 -15.85 -4.27
CA GLU A 203 11.78 -16.69 -3.84
C GLU A 203 11.48 -17.73 -4.91
N SER A 204 11.45 -17.30 -6.15
CA SER A 204 11.13 -18.18 -7.25
C SER A 204 12.25 -19.20 -7.47
N GLU A 205 13.47 -18.73 -7.36
CA GLU A 205 14.63 -19.50 -7.61
C GLU A 205 14.86 -20.50 -6.47
N ARG A 206 14.50 -20.09 -5.25
CA ARG A 206 14.61 -20.98 -4.12
C ARG A 206 13.46 -21.97 -4.11
N LEU A 207 12.29 -21.54 -4.57
CA LEU A 207 11.14 -22.43 -4.69
C LEU A 207 11.46 -23.51 -5.73
N ALA A 208 12.15 -23.11 -6.79
CA ALA A 208 12.60 -24.03 -7.81
C ALA A 208 13.64 -24.98 -7.23
N MET A 209 14.46 -24.44 -6.34
CA MET A 209 15.49 -25.21 -5.66
C MET A 209 14.84 -26.22 -4.69
N MET A 210 13.73 -25.83 -4.09
CA MET A 210 12.96 -26.70 -3.22
C MET A 210 12.34 -27.83 -4.02
N ALA A 211 11.89 -27.49 -5.23
CA ALA A 211 11.32 -28.46 -6.14
C ALA A 211 12.41 -29.40 -6.67
N GLU A 212 13.60 -28.84 -6.88
CA GLU A 212 14.80 -29.59 -7.27
C GLU A 212 15.10 -30.62 -6.18
N GLN A 213 15.00 -30.18 -4.94
CA GLN A 213 15.17 -31.04 -3.78
C GLN A 213 14.08 -32.10 -3.78
N GLY A 214 12.88 -31.66 -4.01
CA GLY A 214 11.72 -32.51 -4.05
C GLY A 214 10.61 -31.84 -3.30
N ILE A 215 10.77 -31.81 -2.00
CA ILE A 215 9.84 -31.13 -1.15
C ILE A 215 10.62 -30.52 0.01
N SER A 216 10.25 -29.33 0.39
CA SER A 216 10.89 -28.64 1.45
C SER A 216 9.84 -28.09 2.41
N GLY A 217 8.77 -27.58 1.85
CA GLY A 217 7.70 -27.03 2.63
C GLY A 217 7.08 -25.88 1.92
N ALA A 218 7.67 -24.71 2.11
CA ALA A 218 7.25 -23.45 1.48
C ALA A 218 5.79 -23.11 1.71
N LYS A 219 5.50 -22.61 2.88
CA LYS A 219 4.15 -22.24 3.22
C LYS A 219 4.20 -20.97 4.06
N GLY A 220 3.21 -20.13 3.93
CA GLY A 220 3.19 -18.89 4.67
C GLY A 220 2.52 -17.80 3.87
N LYS A 221 1.49 -17.22 4.43
CA LYS A 221 0.73 -16.19 3.78
C LYS A 221 0.63 -14.97 4.67
N LYS A 222 0.71 -13.81 4.08
CA LYS A 222 0.48 -12.58 4.78
C LYS A 222 -0.99 -12.18 4.61
N ASP A 223 -1.70 -12.18 5.70
CA ASP A 223 -3.08 -11.70 5.69
C ASP A 223 -3.07 -10.29 6.17
N SER A 1 18.84 -42.67 39.30
CA SER A 1 17.73 -41.83 38.93
C SER A 1 17.23 -42.19 37.55
N SER A 2 15.98 -42.59 37.48
CA SER A 2 15.30 -42.96 36.27
C SER A 2 13.81 -42.74 36.51
N GLY A 3 13.07 -42.42 35.47
CA GLY A 3 11.67 -42.13 35.65
C GLY A 3 10.79 -42.88 34.68
N ILE A 4 9.50 -42.79 34.90
CA ILE A 4 8.50 -43.43 34.08
C ILE A 4 7.45 -42.39 33.68
N GLU A 5 7.67 -41.77 32.55
CA GLU A 5 6.81 -40.74 32.04
C GLU A 5 5.77 -41.44 31.17
N GLY A 6 4.52 -41.12 31.36
CA GLY A 6 3.48 -41.81 30.65
C GLY A 6 2.40 -40.89 30.11
N CYS A 7 2.76 -39.65 29.86
CA CYS A 7 1.83 -38.72 29.28
C CYS A 7 1.56 -39.07 27.82
N THR A 8 0.49 -39.80 27.60
CA THR A 8 0.04 -40.17 26.30
C THR A 8 -0.66 -38.96 25.71
N GLU A 9 -0.12 -38.40 24.67
CA GLU A 9 -0.63 -37.15 24.16
C GLU A 9 -0.66 -37.11 22.64
N ASP A 10 -1.83 -37.16 22.09
CA ASP A 10 -2.04 -36.96 20.69
C ASP A 10 -3.02 -35.81 20.56
N GLU A 11 -2.51 -34.66 20.17
CA GLU A 11 -3.29 -33.42 20.13
C GLU A 11 -4.09 -33.29 18.84
N LYS A 12 -3.70 -34.09 17.84
CA LYS A 12 -4.30 -34.09 16.47
C LYS A 12 -3.92 -32.85 15.70
N ARG A 13 -3.72 -33.00 14.43
CA ARG A 13 -3.56 -31.85 13.58
C ARG A 13 -4.75 -31.79 12.66
N ASP A 14 -5.78 -31.11 13.14
CA ASP A 14 -7.08 -31.06 12.47
C ASP A 14 -7.07 -30.19 11.24
N SER A 15 -5.97 -29.50 11.02
CA SER A 15 -5.79 -28.61 9.90
C SER A 15 -6.75 -27.42 10.04
N VAL A 16 -6.35 -26.50 10.86
CA VAL A 16 -7.12 -25.32 11.10
C VAL A 16 -6.50 -24.21 10.31
N VAL A 17 -7.21 -23.69 9.37
CA VAL A 17 -6.76 -22.59 8.60
C VAL A 17 -7.77 -21.46 8.67
N GLU A 18 -7.65 -20.70 9.71
CA GLU A 18 -8.57 -19.63 9.95
C GLU A 18 -7.86 -18.31 9.71
N GLY A 19 -8.02 -17.82 8.52
CA GLY A 19 -7.36 -16.62 8.16
C GLY A 19 -7.87 -16.13 6.83
N ALA A 20 -9.17 -16.04 6.72
CA ALA A 20 -9.80 -15.53 5.52
C ALA A 20 -9.81 -14.03 5.60
N THR A 21 -8.69 -13.47 5.30
CA THR A 21 -8.47 -12.06 5.36
C THR A 21 -8.60 -11.48 3.96
N SER A 22 -8.53 -10.18 3.87
CA SER A 22 -8.64 -9.49 2.63
C SER A 22 -7.36 -9.69 1.81
N VAL A 23 -7.38 -10.66 0.93
CA VAL A 23 -6.24 -10.95 0.11
C VAL A 23 -6.09 -9.93 -1.00
N GLU A 24 -5.16 -9.01 -0.76
CA GLU A 24 -4.84 -7.89 -1.64
C GLU A 24 -6.03 -6.94 -1.72
N ALA A 25 -6.01 -5.97 -0.85
CA ALA A 25 -7.07 -5.02 -0.72
C ALA A 25 -6.90 -3.88 -1.70
N SER A 26 -7.86 -3.00 -1.73
CA SER A 26 -7.87 -1.91 -2.65
C SER A 26 -6.88 -0.84 -2.23
N LEU A 27 -6.77 0.20 -3.03
CA LEU A 27 -5.77 1.21 -2.81
C LEU A 27 -6.07 2.04 -1.57
N LYS A 28 -7.33 2.06 -1.18
CA LYS A 28 -7.73 2.79 -0.01
C LYS A 28 -7.30 2.04 1.24
N GLU A 29 -7.61 0.75 1.33
CA GLU A 29 -7.21 -0.05 2.47
C GLU A 29 -5.68 -0.15 2.54
N GLN A 30 -5.05 -0.04 1.38
CA GLN A 30 -3.61 -0.05 1.26
C GLN A 30 -3.06 1.19 1.96
N ILE A 31 -3.66 2.33 1.64
CA ILE A 31 -3.33 3.61 2.26
C ILE A 31 -3.57 3.56 3.76
N ASP A 32 -4.68 2.94 4.14
CA ASP A 32 -5.03 2.83 5.55
C ASP A 32 -3.97 2.09 6.32
N TRP A 33 -3.44 1.03 5.74
CA TRP A 33 -2.46 0.22 6.39
C TRP A 33 -1.17 1.00 6.54
N LEU A 34 -0.82 1.74 5.50
CA LEU A 34 0.38 2.56 5.47
C LEU A 34 0.30 3.62 6.57
N ALA A 35 -0.82 4.29 6.63
CA ALA A 35 -1.01 5.35 7.60
C ALA A 35 -1.08 4.79 9.00
N GLU A 36 -1.70 3.64 9.14
CA GLU A 36 -1.84 3.03 10.43
C GLU A 36 -0.57 2.39 10.90
N ARG A 37 0.34 2.08 9.99
CA ARG A 37 1.63 1.57 10.37
C ARG A 37 2.50 2.68 10.96
N TYR A 38 2.44 3.88 10.38
CA TYR A 38 3.20 4.99 10.96
C TYR A 38 2.45 5.57 12.18
N SER A 39 1.19 5.20 12.31
CA SER A 39 0.35 5.58 13.41
C SER A 39 0.11 4.35 14.32
N ALA A 40 1.06 3.43 14.33
CA ALA A 40 1.01 2.27 15.18
C ALA A 40 2.08 2.38 16.22
N ASP A 41 1.78 2.06 17.45
CA ASP A 41 2.80 2.08 18.47
C ASP A 41 3.28 0.67 18.67
N LEU A 42 4.41 0.54 19.30
CA LEU A 42 4.90 -0.74 19.69
C LEU A 42 5.62 -0.69 21.01
N THR A 43 4.88 -0.29 22.02
CA THR A 43 5.40 -0.11 23.35
C THR A 43 5.65 -1.47 24.05
N ASN A 44 4.95 -2.52 23.59
CA ASN A 44 5.15 -3.87 24.16
C ASN A 44 6.35 -4.51 23.52
N LYS A 45 6.84 -3.88 22.49
CA LYS A 45 8.03 -4.33 21.81
C LYS A 45 9.25 -3.74 22.46
N ASP A 46 10.09 -4.57 22.98
CA ASP A 46 11.33 -4.14 23.55
C ASP A 46 12.36 -4.21 22.48
N THR A 47 12.76 -3.07 21.99
CA THR A 47 13.66 -3.06 20.90
C THR A 47 15.08 -2.98 21.39
N SER A 48 15.61 -4.13 21.67
CA SER A 48 16.94 -4.26 22.12
C SER A 48 17.81 -4.84 21.03
N LYS A 49 18.47 -3.95 20.33
CA LYS A 49 19.38 -4.24 19.23
C LYS A 49 18.64 -4.77 18.02
N TRP A 50 17.78 -3.94 17.49
CA TRP A 50 17.10 -4.25 16.26
C TRP A 50 18.01 -4.02 15.10
N ASN A 51 18.44 -5.09 14.51
CA ASN A 51 19.34 -5.02 13.39
C ASN A 51 18.56 -5.15 12.11
N THR A 52 17.72 -4.16 11.91
CA THR A 52 16.90 -4.07 10.74
C THR A 52 17.79 -3.48 9.65
N ASP A 53 18.66 -2.58 10.10
CA ASP A 53 19.66 -1.91 9.29
C ASP A 53 20.65 -2.92 8.74
N GLU A 54 20.85 -3.96 9.48
CA GLU A 54 21.79 -5.00 9.16
C GLU A 54 21.24 -5.82 7.98
N LYS A 55 19.95 -6.06 8.02
CA LYS A 55 19.23 -6.79 6.98
C LYS A 55 19.27 -6.01 5.69
N VAL A 56 19.01 -4.72 5.76
CA VAL A 56 18.98 -3.91 4.57
C VAL A 56 20.37 -3.62 4.04
N LYS A 57 21.36 -3.79 4.88
CA LYS A 57 22.73 -3.69 4.45
C LYS A 57 23.02 -4.85 3.50
N GLU A 58 22.45 -5.99 3.80
CA GLU A 58 22.62 -7.15 2.95
C GLU A 58 21.74 -7.05 1.74
N LEU A 59 20.59 -6.45 1.92
CA LEU A 59 19.66 -6.29 0.85
C LEU A 59 20.09 -5.21 -0.16
N LEU A 60 20.48 -4.06 0.33
CA LEU A 60 20.70 -2.91 -0.53
C LEU A 60 21.94 -2.08 -0.20
N ASN A 61 22.81 -2.62 0.65
CA ASN A 61 24.11 -2.01 0.96
C ASN A 61 23.99 -0.74 1.84
N GLU A 62 25.13 -0.05 2.05
CA GLU A 62 25.26 1.17 2.88
C GLU A 62 24.32 2.30 2.52
N LYS A 63 23.77 2.26 1.36
CA LYS A 63 22.93 3.34 0.89
C LYS A 63 21.50 3.22 1.40
N ALA A 64 21.12 2.06 1.87
CA ALA A 64 19.77 1.87 2.36
C ALA A 64 19.79 1.45 3.82
N VAL A 65 20.94 1.59 4.46
CA VAL A 65 21.10 1.21 5.82
C VAL A 65 20.31 2.14 6.75
N GLY A 66 19.83 1.59 7.82
CA GLY A 66 19.02 2.32 8.77
C GLY A 66 17.62 2.46 8.24
N ILE A 67 17.02 1.32 7.97
CA ILE A 67 15.74 1.26 7.30
C ILE A 67 14.58 1.69 8.18
N GLU A 68 14.64 1.42 9.46
CA GLU A 68 13.53 1.77 10.33
C GLU A 68 13.37 3.28 10.40
N SER A 69 14.48 3.97 10.56
CA SER A 69 14.47 5.42 10.65
C SER A 69 14.08 6.01 9.29
N ARG A 70 14.48 5.32 8.24
CA ARG A 70 14.20 5.71 6.88
C ARG A 70 12.71 5.60 6.65
N LEU A 71 12.15 4.47 7.09
CA LEU A 71 10.75 4.20 6.95
C LEU A 71 9.93 5.20 7.71
N LEU A 72 10.40 5.59 8.88
CA LEU A 72 9.69 6.61 9.65
C LEU A 72 9.62 7.91 8.91
N ALA A 73 10.73 8.34 8.35
CA ALA A 73 10.76 9.60 7.66
C ALA A 73 9.94 9.55 6.39
N ILE A 74 10.00 8.46 5.69
CA ILE A 74 9.25 8.33 4.47
C ILE A 74 7.78 8.13 4.76
N ALA A 75 7.47 7.38 5.80
CA ALA A 75 6.11 7.12 6.15
C ALA A 75 5.43 8.34 6.67
N LYS A 76 6.13 9.18 7.45
CA LYS A 76 5.55 10.42 7.91
C LYS A 76 5.23 11.37 6.74
N GLU A 77 6.13 11.39 5.75
CA GLU A 77 5.89 12.17 4.55
C GLU A 77 4.72 11.61 3.77
N PHE A 78 4.67 10.29 3.63
CA PHE A 78 3.56 9.64 2.97
C PHE A 78 2.30 9.75 3.77
N HIS A 79 2.44 9.86 5.06
CA HIS A 79 1.33 10.11 5.95
C HIS A 79 0.78 11.48 5.63
N LYS A 80 1.65 12.48 5.59
CA LYS A 80 1.25 13.86 5.23
C LYS A 80 0.65 13.96 3.82
N LEU A 81 1.03 13.05 2.97
CA LEU A 81 0.49 12.98 1.64
C LEU A 81 -0.87 12.23 1.62
N LYS A 82 -0.88 11.05 2.19
CA LYS A 82 -2.03 10.14 2.15
C LYS A 82 -3.12 10.40 3.20
N SER A 83 -2.76 10.78 4.43
CA SER A 83 -3.75 10.97 5.50
C SER A 83 -4.68 12.11 5.18
N VAL A 84 -4.13 13.16 4.58
CA VAL A 84 -4.87 14.34 4.19
C VAL A 84 -5.91 14.00 3.11
N LEU A 85 -5.70 12.89 2.43
CA LEU A 85 -6.62 12.43 1.40
C LEU A 85 -7.84 11.78 2.03
N CYS A 86 -7.75 11.46 3.31
CA CYS A 86 -8.83 10.88 4.03
C CYS A 86 -9.32 11.87 5.09
N THR A 87 -10.59 12.18 5.05
CA THR A 87 -11.13 13.16 5.95
C THR A 87 -11.30 12.57 7.35
N GLY A 88 -10.87 13.32 8.33
CA GLY A 88 -10.97 12.89 9.68
C GLY A 88 -9.75 12.13 10.13
N VAL A 89 -8.79 11.98 9.25
CA VAL A 89 -7.60 11.26 9.60
C VAL A 89 -6.53 12.24 10.03
N ASN A 90 -5.89 11.92 11.12
CA ASN A 90 -4.87 12.76 11.71
C ASN A 90 -3.64 12.83 10.85
N GLU A 91 -3.13 14.02 10.68
CA GLU A 91 -1.91 14.24 9.90
C GLU A 91 -0.69 14.22 10.82
N THR A 92 -0.95 14.07 12.07
CA THR A 92 0.07 13.99 13.08
C THR A 92 -0.26 12.89 14.08
N PRO A 93 0.37 11.71 13.94
CA PRO A 93 0.16 10.62 14.86
C PRO A 93 1.11 10.69 16.07
N ALA A 94 0.64 10.17 17.19
CA ALA A 94 1.42 10.14 18.41
C ALA A 94 1.98 8.74 18.60
N HIS A 95 1.24 7.77 18.10
CA HIS A 95 1.63 6.40 18.16
C HIS A 95 2.51 6.14 16.97
N VAL A 96 3.77 6.28 17.15
CA VAL A 96 4.71 6.07 16.09
C VAL A 96 5.59 4.87 16.42
N ALA A 97 5.65 3.92 15.52
CA ALA A 97 6.49 2.77 15.68
C ALA A 97 7.89 3.16 15.36
N ASN A 98 8.77 3.08 16.32
CA ASN A 98 10.16 3.49 16.11
C ASN A 98 10.96 2.40 15.44
N ARG A 99 10.36 1.24 15.35
CA ARG A 99 10.96 0.08 14.77
C ARG A 99 9.95 -0.58 13.89
N VAL A 100 10.40 -1.17 12.82
CA VAL A 100 9.51 -1.87 11.92
C VAL A 100 9.98 -3.31 11.82
N SER A 101 9.13 -4.22 12.22
CA SER A 101 9.40 -5.64 12.21
C SER A 101 9.85 -6.13 10.81
N PRO A 102 10.93 -6.96 10.72
CA PRO A 102 11.54 -7.42 9.44
C PRO A 102 10.53 -7.86 8.37
N GLY A 103 9.60 -8.68 8.76
CA GLY A 103 8.59 -9.19 7.84
C GLY A 103 7.69 -8.07 7.37
N ASP A 104 7.31 -7.22 8.29
CA ASP A 104 6.45 -6.09 7.99
C ASP A 104 7.18 -5.04 7.23
N ALA A 105 8.49 -5.00 7.37
CA ALA A 105 9.32 -4.08 6.63
C ALA A 105 9.28 -4.40 5.15
N ILE A 106 9.28 -5.69 4.83
CA ILE A 106 9.15 -6.15 3.46
C ILE A 106 7.77 -5.75 2.94
N SER A 107 6.77 -5.97 3.77
CA SER A 107 5.41 -5.59 3.43
C SER A 107 5.33 -4.07 3.23
N MET A 108 5.96 -3.34 4.14
CA MET A 108 6.01 -1.88 4.13
C MET A 108 6.64 -1.37 2.86
N LEU A 109 7.68 -2.04 2.40
CA LEU A 109 8.35 -1.66 1.15
C LEU A 109 7.40 -1.84 -0.01
N TYR A 110 6.68 -2.94 0.00
CA TYR A 110 5.69 -3.19 -1.04
C TYR A 110 4.53 -2.23 -0.96
N VAL A 111 4.08 -1.93 0.24
CA VAL A 111 2.98 -1.01 0.44
C VAL A 111 3.38 0.39 0.01
N LEU A 112 4.60 0.78 0.35
CA LEU A 112 5.13 2.09 -0.01
C LEU A 112 5.28 2.16 -1.53
N SER A 113 5.75 1.07 -2.11
CA SER A 113 5.93 1.02 -3.53
C SER A 113 4.58 1.11 -4.24
N ILE A 114 3.57 0.38 -3.77
CA ILE A 114 2.28 0.37 -4.44
C ILE A 114 1.50 1.66 -4.18
N THR A 115 1.71 2.30 -3.03
CA THR A 115 1.07 3.55 -2.74
C THR A 115 1.68 4.68 -3.57
N HIS A 116 2.88 4.44 -4.02
CA HIS A 116 3.53 5.36 -4.91
C HIS A 116 3.06 5.08 -6.35
N ARG A 117 2.58 3.87 -6.58
CA ARG A 117 2.07 3.48 -7.88
C ARG A 117 0.68 4.03 -8.08
N GLU A 118 -0.13 4.02 -7.04
CA GLU A 118 -1.43 4.66 -7.14
C GLU A 118 -1.25 6.14 -7.20
N LEU A 119 -0.21 6.64 -6.55
CA LEU A 119 0.12 8.04 -6.57
C LEU A 119 0.51 8.44 -7.99
N SER A 120 1.35 7.64 -8.62
CA SER A 120 1.76 7.92 -9.98
C SER A 120 0.57 7.77 -10.96
N SER A 121 -0.34 6.86 -10.66
CA SER A 121 -1.54 6.70 -11.47
C SER A 121 -2.44 7.92 -11.27
N LEU A 122 -2.54 8.35 -10.03
CA LEU A 122 -3.26 9.53 -9.64
C LEU A 122 -2.67 10.74 -10.31
N LYS A 123 -1.37 10.85 -10.28
CA LYS A 123 -0.65 11.98 -10.88
C LYS A 123 -0.88 11.98 -12.40
N ASN A 124 -0.81 10.81 -12.99
CA ASN A 124 -0.97 10.64 -14.42
C ASN A 124 -2.38 10.98 -14.86
N LYS A 125 -3.36 10.60 -14.08
CA LYS A 125 -4.70 10.90 -14.44
C LYS A 125 -5.10 12.29 -14.01
N ILE A 126 -4.49 12.79 -12.95
CA ILE A 126 -4.72 14.15 -12.53
C ILE A 126 -4.25 15.10 -13.58
N ASP A 127 -3.07 14.85 -14.12
CA ASP A 127 -2.53 15.71 -15.17
C ASP A 127 -3.43 15.66 -16.40
N GLU A 128 -3.99 14.49 -16.60
CA GLU A 128 -4.91 14.22 -17.69
C GLU A 128 -6.21 15.03 -17.54
N TRP A 129 -6.84 14.97 -16.38
CA TRP A 129 -8.05 15.75 -16.17
C TRP A 129 -7.81 17.21 -15.82
N LYS A 130 -6.62 17.51 -15.40
CA LYS A 130 -6.20 18.90 -15.20
C LYS A 130 -6.11 19.55 -16.58
N LYS A 131 -5.82 18.72 -17.57
CA LYS A 131 -5.67 19.12 -18.93
C LYS A 131 -7.05 19.23 -19.60
N VAL A 132 -8.06 18.60 -19.02
CA VAL A 132 -9.39 18.70 -19.59
C VAL A 132 -9.93 20.08 -19.21
N LYS A 133 -10.80 20.58 -20.00
CA LYS A 133 -11.22 21.92 -19.86
C LYS A 133 -12.72 22.03 -19.99
N ALA A 134 -13.21 23.26 -19.85
CA ALA A 134 -14.60 23.56 -20.03
C ALA A 134 -15.00 23.27 -21.45
N SER A 135 -15.63 22.17 -21.62
CA SER A 135 -16.02 21.69 -22.90
C SER A 135 -17.39 22.26 -23.26
N GLU A 136 -17.73 22.26 -24.54
CA GLU A 136 -19.00 22.85 -25.04
C GLU A 136 -20.24 22.27 -24.39
N ASP A 137 -20.11 21.06 -23.90
CA ASP A 137 -21.18 20.38 -23.18
C ASP A 137 -21.52 21.12 -21.90
N GLY A 138 -20.53 21.75 -21.35
CA GLY A 138 -20.66 22.36 -20.06
C GLY A 138 -19.91 21.56 -19.03
N THR A 139 -19.05 20.69 -19.52
CA THR A 139 -18.20 19.89 -18.69
C THR A 139 -17.13 20.81 -18.12
N LYS A 140 -17.14 20.95 -16.81
CA LYS A 140 -16.28 21.90 -16.10
C LYS A 140 -14.82 21.44 -16.07
N VAL A 141 -13.99 22.23 -15.43
CA VAL A 141 -12.59 21.93 -15.34
C VAL A 141 -12.36 21.08 -14.11
N ILE A 142 -11.50 20.12 -14.22
CA ILE A 142 -11.29 19.24 -13.11
C ILE A 142 -10.04 19.66 -12.34
N GLN A 143 -10.27 20.40 -11.29
CA GLN A 143 -9.20 20.90 -10.48
C GLN A 143 -9.26 20.38 -9.05
N ASN A 144 -10.35 19.73 -8.67
CA ASN A 144 -10.49 19.20 -7.30
C ASN A 144 -10.69 17.71 -7.32
N ILE A 145 -10.49 17.09 -6.16
CA ILE A 145 -10.72 15.66 -5.98
C ILE A 145 -12.22 15.40 -6.08
N LYS A 146 -12.98 16.33 -5.59
CA LYS A 146 -14.40 16.23 -5.57
C LYS A 146 -15.05 16.60 -6.92
N ASP A 147 -14.32 16.42 -7.98
CA ASP A 147 -14.85 16.61 -9.28
C ASP A 147 -15.26 15.28 -9.74
N ASP A 148 -16.22 15.21 -10.62
CA ASP A 148 -16.90 13.95 -10.90
C ASP A 148 -15.99 12.84 -11.42
N ARG A 149 -15.03 13.18 -12.24
CA ARG A 149 -14.15 12.17 -12.79
C ARG A 149 -13.14 11.72 -11.77
N THR A 150 -12.69 12.65 -10.97
CA THR A 150 -11.75 12.37 -9.92
C THR A 150 -12.45 11.53 -8.84
N ASN A 151 -13.66 11.93 -8.52
CA ASN A 151 -14.53 11.26 -7.56
C ASN A 151 -14.75 9.81 -7.99
N THR A 152 -14.97 9.62 -9.29
CA THR A 152 -15.15 8.30 -9.87
C THR A 152 -13.88 7.44 -9.70
N TRP A 153 -12.73 8.05 -9.86
CA TRP A 153 -11.46 7.37 -9.71
C TRP A 153 -11.28 6.94 -8.27
N PHE A 154 -11.57 7.83 -7.37
CA PHE A 154 -11.43 7.54 -5.97
C PHE A 154 -12.38 6.42 -5.53
N VAL A 155 -13.63 6.49 -5.92
CA VAL A 155 -14.58 5.46 -5.52
C VAL A 155 -14.25 4.09 -6.11
N ALA A 156 -13.69 4.09 -7.31
CA ALA A 156 -13.30 2.86 -7.97
C ALA A 156 -12.10 2.21 -7.25
N HIS A 157 -11.20 3.02 -6.76
CA HIS A 157 -10.00 2.55 -6.07
C HIS A 157 -10.26 2.10 -4.62
N GLY A 158 -11.46 2.27 -4.14
CA GLY A 158 -11.77 1.81 -2.80
C GLY A 158 -12.12 2.93 -1.87
N PHE A 159 -11.92 4.14 -2.31
CA PHE A 159 -12.17 5.28 -1.47
C PHE A 159 -13.67 5.50 -1.29
N LYS A 160 -14.12 5.27 -0.09
CA LYS A 160 -15.48 5.57 0.28
C LYS A 160 -15.63 7.10 0.26
N VAL A 161 -16.78 7.60 -0.15
CA VAL A 161 -17.01 9.04 -0.28
C VAL A 161 -16.85 9.77 1.08
N ALA A 162 -17.20 9.09 2.14
CA ALA A 162 -17.08 9.65 3.48
C ALA A 162 -15.66 9.47 4.04
N GLU A 163 -14.82 8.82 3.27
CA GLU A 163 -13.43 8.66 3.63
C GLU A 163 -12.58 9.67 2.89
N LEU A 164 -12.91 9.90 1.64
CA LEU A 164 -12.11 10.78 0.80
C LEU A 164 -12.28 12.26 1.17
N ASN A 165 -11.18 12.92 1.26
CA ASN A 165 -11.10 14.32 1.63
C ASN A 165 -10.70 15.09 0.39
N ASP A 166 -11.28 16.23 0.18
CA ASP A 166 -11.03 17.01 -1.03
C ASP A 166 -9.90 18.00 -0.85
N VAL A 167 -9.13 18.15 -1.87
CA VAL A 167 -8.07 19.10 -1.94
C VAL A 167 -7.89 19.36 -3.41
N THR A 168 -7.28 20.46 -3.78
CA THR A 168 -7.09 20.74 -5.17
C THR A 168 -6.04 19.83 -5.75
N LEU A 169 -6.26 19.43 -6.97
CA LEU A 169 -5.40 18.52 -7.66
C LEU A 169 -4.12 19.20 -7.99
N GLU A 170 -4.23 20.47 -8.26
CA GLU A 170 -3.08 21.25 -8.63
C GLU A 170 -2.14 21.41 -7.44
N LYS A 171 -2.70 21.55 -6.25
CA LYS A 171 -1.91 21.68 -5.07
C LYS A 171 -1.35 20.34 -4.70
N LEU A 172 -2.17 19.32 -4.82
CA LEU A 172 -1.76 17.98 -4.49
C LEU A 172 -0.63 17.51 -5.39
N ALA A 173 -0.77 17.75 -6.68
CA ALA A 173 0.21 17.29 -7.63
C ALA A 173 1.52 18.01 -7.46
N THR A 174 1.48 19.29 -7.14
CA THR A 174 2.70 20.02 -6.98
C THR A 174 3.40 19.69 -5.67
N VAL A 175 2.63 19.42 -4.62
CA VAL A 175 3.27 19.09 -3.37
C VAL A 175 3.79 17.66 -3.40
N VAL A 176 3.04 16.75 -3.99
CA VAL A 176 3.48 15.37 -3.97
C VAL A 176 4.63 15.15 -4.93
N ASN A 177 4.66 15.90 -6.03
CA ASN A 177 5.75 15.78 -7.00
C ASN A 177 7.03 16.25 -6.36
N GLU A 178 6.91 17.19 -5.45
CA GLU A 178 8.04 17.68 -4.74
C GLU A 178 8.54 16.62 -3.76
N LEU A 179 7.62 16.03 -3.02
CA LEU A 179 7.99 15.02 -2.03
C LEU A 179 8.57 13.74 -2.66
N VAL A 180 8.09 13.38 -3.82
CA VAL A 180 8.61 12.20 -4.47
C VAL A 180 9.94 12.50 -5.18
N SER A 181 10.22 13.77 -5.41
CA SER A 181 11.41 14.19 -6.08
C SER A 181 12.56 14.53 -5.12
N HIS A 182 12.38 14.38 -3.79
CA HIS A 182 13.50 14.69 -2.92
C HIS A 182 14.58 13.60 -3.07
N LYS A 183 15.83 14.01 -2.94
CA LYS A 183 16.99 13.14 -3.22
C LYS A 183 16.99 11.81 -2.46
N ASP A 184 16.63 11.82 -1.19
CA ASP A 184 16.68 10.59 -0.39
C ASP A 184 15.56 9.65 -0.83
N MET A 185 14.44 10.23 -1.19
CA MET A 185 13.26 9.49 -1.64
C MET A 185 13.50 8.86 -2.98
N ILE A 186 14.07 9.60 -3.90
CA ILE A 186 14.25 9.12 -5.24
C ILE A 186 15.27 7.99 -5.30
N TYR A 187 16.23 7.98 -4.39
CA TYR A 187 17.11 6.86 -4.34
C TYR A 187 16.42 5.68 -3.72
N ILE A 188 15.81 5.89 -2.57
CA ILE A 188 15.21 4.79 -1.81
C ILE A 188 14.07 4.15 -2.61
N ASN A 189 13.30 4.97 -3.26
CA ASN A 189 12.17 4.48 -4.02
C ASN A 189 12.61 3.69 -5.23
N ASP A 190 13.68 4.13 -5.88
CA ASP A 190 14.15 3.45 -7.05
C ASP A 190 14.90 2.19 -6.67
N ALA A 191 15.62 2.27 -5.55
CA ALA A 191 16.36 1.14 -5.03
C ALA A 191 15.39 0.06 -4.58
N MET A 192 14.32 0.46 -3.90
CA MET A 192 13.30 -0.47 -3.48
C MET A 192 12.56 -1.04 -4.66
N LYS A 193 12.37 -0.24 -5.69
CA LYS A 193 11.72 -0.70 -6.91
C LYS A 193 12.59 -1.79 -7.55
N GLN A 194 13.88 -1.60 -7.52
CA GLN A 194 14.81 -2.59 -8.02
C GLN A 194 14.87 -3.79 -7.09
N ASN A 195 14.78 -3.53 -5.80
CA ASN A 195 14.85 -4.58 -4.79
C ASN A 195 13.65 -5.48 -4.88
N VAL A 196 12.47 -4.90 -5.07
CA VAL A 196 11.27 -5.69 -5.15
C VAL A 196 11.24 -6.49 -6.44
N ASP A 197 11.85 -5.93 -7.49
CA ASP A 197 11.98 -6.64 -8.77
C ASP A 197 12.96 -7.79 -8.63
N LYS A 198 14.05 -7.52 -7.90
CA LYS A 198 15.05 -8.54 -7.59
C LYS A 198 14.37 -9.66 -6.84
N TRP A 199 13.57 -9.29 -5.86
CA TRP A 199 12.80 -10.23 -5.10
C TRP A 199 11.78 -10.96 -5.95
N THR A 200 11.27 -10.31 -6.97
CA THR A 200 10.35 -10.98 -7.86
C THR A 200 11.09 -12.12 -8.55
N LYS A 201 12.29 -11.83 -8.99
CA LYS A 201 13.13 -12.80 -9.65
C LYS A 201 13.59 -13.85 -8.66
N GLU A 202 13.92 -13.42 -7.47
CA GLU A 202 14.42 -14.29 -6.43
C GLU A 202 13.32 -15.23 -5.93
N GLU A 203 12.11 -14.72 -5.80
CA GLU A 203 11.02 -15.52 -5.31
C GLU A 203 10.51 -16.45 -6.38
N SER A 204 10.53 -16.02 -7.62
CA SER A 204 10.07 -16.87 -8.69
C SER A 204 11.09 -17.99 -8.94
N GLU A 205 12.37 -17.67 -8.73
CA GLU A 205 13.42 -18.63 -8.85
C GLU A 205 13.31 -19.61 -7.69
N ARG A 206 12.96 -19.07 -6.51
CA ARG A 206 12.79 -19.88 -5.31
C ARG A 206 11.62 -20.83 -5.51
N LEU A 207 10.56 -20.31 -6.09
CA LEU A 207 9.36 -21.08 -6.35
C LEU A 207 9.68 -22.17 -7.36
N ALA A 208 10.44 -21.82 -8.39
CA ALA A 208 10.81 -22.77 -9.43
C ALA A 208 11.73 -23.85 -8.88
N MET A 209 12.62 -23.44 -8.00
CA MET A 209 13.55 -24.34 -7.33
C MET A 209 12.78 -25.34 -6.50
N MET A 210 11.81 -24.83 -5.76
CA MET A 210 10.96 -25.67 -4.94
C MET A 210 10.10 -26.57 -5.80
N ALA A 211 9.60 -26.05 -6.91
CA ALA A 211 8.72 -26.79 -7.81
C ALA A 211 9.46 -27.89 -8.58
N GLU A 212 10.74 -27.70 -8.80
CA GLU A 212 11.53 -28.68 -9.51
C GLU A 212 11.76 -29.86 -8.58
N GLN A 213 11.94 -29.58 -7.30
CA GLN A 213 12.09 -30.61 -6.32
C GLN A 213 10.70 -31.21 -6.01
N GLY A 214 9.76 -30.37 -5.67
CA GLY A 214 8.41 -30.78 -5.40
C GLY A 214 7.43 -29.69 -5.77
N ILE A 215 7.05 -28.89 -4.78
CA ILE A 215 6.17 -27.75 -4.99
C ILE A 215 6.59 -26.63 -4.07
N SER A 216 6.12 -25.46 -4.29
CA SER A 216 6.38 -24.38 -3.41
C SER A 216 5.14 -24.21 -2.53
N GLY A 217 5.12 -24.92 -1.43
CA GLY A 217 3.96 -24.91 -0.58
C GLY A 217 4.17 -24.08 0.64
N ALA A 218 3.26 -23.19 0.89
CA ALA A 218 3.30 -22.33 2.03
C ALA A 218 2.13 -22.62 2.95
N LYS A 219 2.02 -21.88 4.02
CA LYS A 219 0.94 -22.07 4.96
C LYS A 219 -0.25 -21.18 4.61
N GLY A 220 0.04 -19.90 4.41
CA GLY A 220 -0.98 -18.95 4.04
C GLY A 220 -1.92 -18.63 5.17
N LYS A 221 -1.40 -18.59 6.37
CA LYS A 221 -2.22 -18.31 7.54
C LYS A 221 -2.45 -16.82 7.67
N LYS A 222 -1.34 -16.07 7.64
CA LYS A 222 -1.29 -14.63 7.86
C LYS A 222 -1.40 -14.34 9.38
N ASP A 223 -0.56 -13.40 9.83
CA ASP A 223 -0.46 -12.93 11.24
C ASP A 223 0.30 -13.96 12.05
N SER A 1 -27.85 -53.19 36.55
CA SER A 1 -27.28 -53.75 37.77
C SER A 1 -25.84 -53.26 37.99
N SER A 2 -24.95 -53.57 37.06
CA SER A 2 -23.56 -53.17 37.12
C SER A 2 -22.92 -53.33 35.75
N GLY A 3 -22.48 -52.24 35.18
CA GLY A 3 -21.91 -52.31 33.89
C GLY A 3 -20.54 -51.71 33.83
N ILE A 4 -19.95 -51.81 32.68
CA ILE A 4 -18.64 -51.28 32.41
C ILE A 4 -18.78 -49.79 32.07
N GLU A 5 -17.75 -49.02 32.40
CA GLU A 5 -17.70 -47.59 32.15
C GLU A 5 -18.01 -47.28 30.70
N GLY A 6 -18.72 -46.23 30.47
CA GLY A 6 -18.94 -45.79 29.13
C GLY A 6 -17.68 -45.10 28.67
N CYS A 7 -17.14 -45.52 27.54
CA CYS A 7 -15.91 -44.95 27.05
C CYS A 7 -16.10 -43.49 26.67
N THR A 8 -15.41 -42.62 27.37
CA THR A 8 -15.48 -41.22 27.12
C THR A 8 -14.57 -40.86 25.95
N GLU A 9 -15.05 -41.15 24.77
CA GLU A 9 -14.34 -40.90 23.56
C GLU A 9 -15.28 -40.34 22.57
N ASP A 10 -14.89 -39.29 21.92
CA ASP A 10 -15.68 -38.73 20.88
C ASP A 10 -14.79 -38.31 19.76
N GLU A 11 -15.07 -38.81 18.60
CA GLU A 11 -14.25 -38.63 17.43
C GLU A 11 -14.67 -37.36 16.66
N LYS A 12 -15.85 -36.81 16.99
CA LYS A 12 -16.39 -35.64 16.29
C LYS A 12 -15.40 -34.47 16.28
N ARG A 13 -15.02 -34.06 15.11
CA ARG A 13 -14.10 -32.96 14.94
C ARG A 13 -14.74 -31.91 14.04
N ASP A 14 -14.75 -30.69 14.48
CA ASP A 14 -15.37 -29.64 13.70
C ASP A 14 -14.35 -28.71 13.12
N SER A 15 -13.27 -28.48 13.86
CA SER A 15 -12.17 -27.63 13.44
C SER A 15 -12.64 -26.17 13.22
N VAL A 16 -12.79 -25.46 14.32
CA VAL A 16 -13.29 -24.10 14.31
C VAL A 16 -12.23 -23.14 13.76
N VAL A 17 -12.42 -22.77 12.53
CA VAL A 17 -11.53 -21.86 11.83
C VAL A 17 -12.03 -20.41 12.00
N GLU A 18 -11.12 -19.46 12.13
CA GLU A 18 -11.53 -18.08 12.28
C GLU A 18 -11.66 -17.36 10.94
N GLY A 19 -12.67 -16.52 10.87
CA GLY A 19 -13.01 -15.82 9.65
C GLY A 19 -12.24 -14.54 9.48
N ALA A 20 -12.77 -13.71 8.61
CA ALA A 20 -12.19 -12.43 8.20
C ALA A 20 -10.98 -12.67 7.30
N THR A 21 -11.26 -12.81 6.04
CA THR A 21 -10.28 -13.12 5.05
C THR A 21 -10.13 -11.97 4.06
N SER A 22 -9.01 -11.30 4.09
CA SER A 22 -8.72 -10.25 3.16
C SER A 22 -7.23 -10.25 2.85
N VAL A 23 -6.85 -11.10 1.92
CA VAL A 23 -5.46 -11.24 1.57
C VAL A 23 -5.14 -10.38 0.33
N GLU A 24 -5.41 -9.11 0.49
CA GLU A 24 -5.15 -8.03 -0.45
C GLU A 24 -5.95 -6.87 0.05
N ALA A 25 -5.64 -5.69 -0.37
CA ALA A 25 -6.39 -4.52 -0.02
C ALA A 25 -6.37 -3.56 -1.18
N SER A 26 -7.39 -2.73 -1.31
CA SER A 26 -7.39 -1.74 -2.35
C SER A 26 -6.60 -0.55 -1.85
N LEU A 27 -6.35 0.41 -2.68
CA LEU A 27 -5.47 1.49 -2.31
C LEU A 27 -5.98 2.37 -1.18
N LYS A 28 -7.28 2.39 -0.96
CA LYS A 28 -7.83 3.17 0.15
C LYS A 28 -7.33 2.54 1.44
N GLU A 29 -7.57 1.27 1.55
CA GLU A 29 -7.27 0.53 2.73
C GLU A 29 -5.79 0.13 2.83
N GLN A 30 -5.11 0.10 1.70
CA GLN A 30 -3.68 -0.19 1.67
C GLN A 30 -2.92 0.99 2.28
N ILE A 31 -3.31 2.18 1.86
CA ILE A 31 -2.70 3.40 2.36
C ILE A 31 -3.09 3.60 3.81
N ASP A 32 -4.32 3.25 4.13
CA ASP A 32 -4.84 3.31 5.50
C ASP A 32 -3.98 2.41 6.40
N TRP A 33 -3.57 1.28 5.85
CA TRP A 33 -2.72 0.35 6.55
C TRP A 33 -1.35 0.96 6.78
N LEU A 34 -0.81 1.61 5.77
CA LEU A 34 0.52 2.23 5.87
C LEU A 34 0.48 3.37 6.87
N ALA A 35 -0.58 4.15 6.83
CA ALA A 35 -0.73 5.28 7.72
C ALA A 35 -0.88 4.80 9.14
N GLU A 36 -1.65 3.76 9.32
CA GLU A 36 -1.87 3.19 10.63
C GLU A 36 -0.63 2.44 11.08
N ARG A 37 0.17 1.96 10.15
CA ARG A 37 1.37 1.23 10.48
C ARG A 37 2.38 2.20 11.10
N TYR A 38 2.35 3.44 10.66
CA TYR A 38 3.17 4.46 11.25
C TYR A 38 2.51 5.04 12.53
N SER A 39 1.19 5.16 12.49
CA SER A 39 0.44 5.78 13.55
C SER A 39 -0.13 4.75 14.58
N ALA A 40 0.46 3.60 14.66
CA ALA A 40 0.11 2.65 15.68
C ALA A 40 1.32 2.38 16.49
N ASP A 41 1.21 2.55 17.77
CA ASP A 41 2.35 2.40 18.63
C ASP A 41 2.57 0.92 18.94
N LEU A 42 3.81 0.53 18.99
CA LEU A 42 4.18 -0.82 19.35
C LEU A 42 5.40 -0.81 20.25
N THR A 43 5.54 0.26 21.01
CA THR A 43 6.70 0.47 21.87
C THR A 43 6.72 -0.54 23.03
N ASN A 44 5.57 -1.17 23.29
CA ASN A 44 5.48 -2.19 24.33
C ASN A 44 6.01 -3.52 23.85
N LYS A 45 6.41 -3.55 22.61
CA LYS A 45 7.08 -4.68 22.04
C LYS A 45 8.55 -4.45 22.34
N ASP A 46 9.21 -5.44 22.88
CA ASP A 46 10.60 -5.27 23.32
C ASP A 46 11.56 -5.17 22.16
N THR A 47 12.11 -4.00 21.95
CA THR A 47 13.06 -3.83 20.90
C THR A 47 14.37 -3.37 21.50
N SER A 48 15.37 -4.20 21.43
CA SER A 48 16.68 -3.85 21.85
C SER A 48 17.61 -4.06 20.68
N LYS A 49 17.71 -3.02 19.86
CA LYS A 49 18.47 -2.99 18.62
C LYS A 49 18.10 -4.14 17.69
N TRP A 50 16.99 -3.97 17.00
CA TRP A 50 16.57 -4.92 16.00
C TRP A 50 17.54 -4.95 14.85
N ASN A 51 17.78 -6.11 14.33
CA ASN A 51 18.72 -6.28 13.25
C ASN A 51 17.97 -6.24 11.94
N THR A 52 17.38 -5.11 11.69
CA THR A 52 16.64 -4.87 10.48
C THR A 52 17.66 -4.61 9.39
N ASP A 53 18.60 -3.75 9.74
CA ASP A 53 19.72 -3.36 8.89
C ASP A 53 20.57 -4.56 8.51
N GLU A 54 20.70 -5.48 9.41
CA GLU A 54 21.49 -6.67 9.18
C GLU A 54 20.81 -7.58 8.14
N LYS A 55 19.50 -7.71 8.24
CA LYS A 55 18.77 -8.55 7.32
C LYS A 55 18.70 -7.92 5.96
N VAL A 56 18.55 -6.62 5.93
CA VAL A 56 18.49 -5.97 4.67
C VAL A 56 19.89 -5.82 4.10
N LYS A 57 20.91 -5.93 4.91
CA LYS A 57 22.27 -5.82 4.39
C LYS A 57 22.57 -7.01 3.49
N GLU A 58 21.98 -8.12 3.80
CA GLU A 58 22.14 -9.30 3.01
C GLU A 58 21.18 -9.29 1.84
N LEU A 59 19.98 -8.87 2.08
CA LEU A 59 18.94 -8.92 1.07
C LEU A 59 18.92 -7.66 0.15
N LEU A 60 19.37 -6.54 0.67
CA LEU A 60 19.28 -5.25 -0.02
C LEU A 60 20.64 -4.48 -0.04
N ASN A 61 21.53 -4.79 0.91
CA ASN A 61 22.84 -4.13 1.13
C ASN A 61 22.77 -2.97 2.10
N GLU A 62 23.93 -2.57 2.54
CA GLU A 62 24.14 -1.58 3.61
C GLU A 62 23.82 -0.12 3.22
N LYS A 63 23.52 0.10 1.97
CA LYS A 63 23.18 1.44 1.48
C LYS A 63 21.91 2.01 2.13
N ALA A 64 21.12 1.16 2.78
CA ALA A 64 19.87 1.58 3.36
C ALA A 64 19.86 1.52 4.89
N VAL A 65 21.04 1.35 5.52
CA VAL A 65 21.12 1.23 7.00
C VAL A 65 20.46 2.41 7.70
N GLY A 66 19.54 2.07 8.58
CA GLY A 66 18.69 3.03 9.26
C GLY A 66 17.29 2.88 8.72
N ILE A 67 16.91 1.63 8.49
CA ILE A 67 15.71 1.25 7.76
C ILE A 67 14.47 1.70 8.44
N GLU A 68 14.24 1.26 9.66
CA GLU A 68 13.00 1.60 10.33
C GLU A 68 12.89 3.08 10.56
N SER A 69 14.01 3.72 10.83
CA SER A 69 14.03 5.14 11.03
C SER A 69 13.71 5.88 9.72
N ARG A 70 14.24 5.38 8.61
CA ARG A 70 13.96 5.97 7.32
C ARG A 70 12.50 5.70 6.95
N LEU A 71 12.03 4.48 7.25
CA LEU A 71 10.64 4.09 6.97
C LEU A 71 9.69 4.99 7.69
N LEU A 72 9.98 5.26 8.96
CA LEU A 72 9.17 6.14 9.77
C LEU A 72 9.11 7.52 9.17
N ALA A 73 10.24 8.01 8.73
CA ALA A 73 10.33 9.33 8.14
C ALA A 73 9.56 9.41 6.82
N ILE A 74 9.61 8.36 6.06
CA ILE A 74 8.88 8.34 4.82
C ILE A 74 7.39 8.17 5.08
N ALA A 75 7.07 7.32 6.02
CA ALA A 75 5.70 7.05 6.37
C ALA A 75 5.05 8.28 6.97
N LYS A 76 5.77 9.01 7.83
CA LYS A 76 5.26 10.24 8.41
C LYS A 76 4.99 11.31 7.33
N GLU A 77 5.78 11.32 6.28
CA GLU A 77 5.54 12.25 5.20
C GLU A 77 4.44 11.79 4.26
N PHE A 78 4.27 10.49 4.10
CA PHE A 78 3.11 9.98 3.38
C PHE A 78 1.87 10.24 4.19
N HIS A 79 2.01 10.11 5.49
CA HIS A 79 0.96 10.38 6.45
C HIS A 79 0.56 11.85 6.34
N LYS A 80 1.55 12.73 6.34
CA LYS A 80 1.34 14.17 6.23
C LYS A 80 0.68 14.54 4.89
N LEU A 81 1.06 13.81 3.85
CA LEU A 81 0.51 14.04 2.53
C LEU A 81 -0.93 13.51 2.43
N LYS A 82 -1.12 12.27 2.84
CA LYS A 82 -2.41 11.65 2.75
C LYS A 82 -3.42 12.17 3.76
N SER A 83 -2.97 12.77 4.83
CA SER A 83 -3.89 13.36 5.80
C SER A 83 -4.60 14.60 5.21
N VAL A 84 -4.00 15.16 4.19
CA VAL A 84 -4.53 16.30 3.48
C VAL A 84 -5.56 15.82 2.47
N LEU A 85 -5.43 14.58 2.07
CA LEU A 85 -6.27 14.01 1.07
C LEU A 85 -7.40 13.21 1.70
N CYS A 86 -7.08 12.46 2.73
CA CYS A 86 -8.02 11.61 3.40
C CYS A 86 -8.65 12.32 4.59
N THR A 87 -9.95 12.22 4.67
CA THR A 87 -10.73 12.84 5.71
C THR A 87 -10.51 12.14 7.05
N GLY A 88 -10.26 12.91 8.08
CA GLY A 88 -10.20 12.38 9.41
C GLY A 88 -8.86 11.82 9.76
N VAL A 89 -7.89 12.10 8.95
CA VAL A 89 -6.55 11.69 9.24
C VAL A 89 -5.79 12.94 9.62
N ASN A 90 -5.34 12.99 10.84
CA ASN A 90 -4.63 14.15 11.32
C ASN A 90 -3.17 13.90 11.26
N GLU A 91 -2.42 14.91 10.88
CA GLU A 91 -0.97 14.80 10.69
C GLU A 91 -0.21 14.97 12.03
N THR A 92 -0.86 14.66 13.11
CA THR A 92 -0.22 14.80 14.40
C THR A 92 -0.32 13.46 15.15
N PRO A 93 0.60 12.53 14.87
CA PRO A 93 0.60 11.23 15.50
C PRO A 93 1.51 11.17 16.73
N ALA A 94 1.01 10.58 17.78
CA ALA A 94 1.76 10.41 19.00
C ALA A 94 2.17 8.96 19.11
N HIS A 95 1.31 8.10 18.62
CA HIS A 95 1.53 6.68 18.65
C HIS A 95 2.28 6.31 17.41
N VAL A 96 3.55 6.18 17.55
CA VAL A 96 4.40 5.83 16.43
C VAL A 96 5.03 4.47 16.65
N ALA A 97 5.03 3.66 15.60
CA ALA A 97 5.70 2.39 15.61
C ALA A 97 7.19 2.65 15.47
N ASN A 98 7.91 2.54 16.57
CA ASN A 98 9.33 2.87 16.60
C ASN A 98 10.18 1.85 15.87
N ARG A 99 9.66 0.67 15.71
CA ARG A 99 10.37 -0.43 15.14
C ARG A 99 9.51 -1.19 14.18
N VAL A 100 10.01 -1.32 12.99
CA VAL A 100 9.34 -2.07 11.97
C VAL A 100 10.05 -3.40 11.86
N SER A 101 9.32 -4.47 12.10
CA SER A 101 9.87 -5.80 12.04
C SER A 101 10.33 -6.10 10.59
N PRO A 102 11.47 -6.80 10.41
CA PRO A 102 12.03 -7.12 9.08
C PRO A 102 11.02 -7.76 8.10
N GLY A 103 10.14 -8.56 8.65
CA GLY A 103 9.12 -9.21 7.83
C GLY A 103 8.09 -8.22 7.33
N ASP A 104 7.84 -7.20 8.13
CA ASP A 104 6.91 -6.14 7.77
C ASP A 104 7.60 -5.15 6.87
N ALA A 105 8.89 -4.97 7.10
CA ALA A 105 9.71 -4.03 6.36
C ALA A 105 9.68 -4.35 4.89
N ILE A 106 9.87 -5.61 4.52
CA ILE A 106 9.87 -5.99 3.11
C ILE A 106 8.50 -5.72 2.47
N SER A 107 7.44 -5.92 3.25
CA SER A 107 6.11 -5.65 2.79
C SER A 107 5.92 -4.13 2.61
N MET A 108 6.40 -3.35 3.58
CA MET A 108 6.32 -1.90 3.54
C MET A 108 7.11 -1.33 2.39
N LEU A 109 8.26 -1.93 2.08
CA LEU A 109 9.07 -1.52 0.92
C LEU A 109 8.28 -1.68 -0.37
N TYR A 110 7.57 -2.80 -0.49
CA TYR A 110 6.70 -3.00 -1.63
C TYR A 110 5.57 -1.98 -1.64
N VAL A 111 4.99 -1.74 -0.47
CA VAL A 111 3.91 -0.78 -0.34
C VAL A 111 4.39 0.65 -0.63
N LEU A 112 5.63 0.97 -0.31
CA LEU A 112 6.21 2.29 -0.65
C LEU A 112 6.24 2.47 -2.15
N SER A 113 6.62 1.42 -2.85
CA SER A 113 6.69 1.46 -4.29
C SER A 113 5.26 1.53 -4.87
N ILE A 114 4.30 0.96 -4.17
CA ILE A 114 2.92 0.97 -4.59
C ILE A 114 2.25 2.32 -4.25
N THR A 115 2.64 2.91 -3.16
CA THR A 115 2.10 4.20 -2.79
C THR A 115 2.68 5.29 -3.69
N HIS A 116 3.98 5.22 -3.95
CA HIS A 116 4.60 6.20 -4.83
C HIS A 116 4.02 5.98 -6.24
N ARG A 117 3.57 4.75 -6.49
CA ARG A 117 2.88 4.38 -7.70
C ARG A 117 1.54 5.11 -7.77
N GLU A 118 0.75 5.08 -6.70
CA GLU A 118 -0.52 5.77 -6.74
C GLU A 118 -0.39 7.26 -6.80
N LEU A 119 0.65 7.80 -6.16
CA LEU A 119 0.90 9.22 -6.28
C LEU A 119 1.24 9.60 -7.70
N SER A 120 2.07 8.81 -8.35
CA SER A 120 2.43 9.08 -9.71
C SER A 120 1.27 8.80 -10.67
N SER A 121 0.47 7.81 -10.34
CA SER A 121 -0.68 7.46 -11.15
C SER A 121 -1.74 8.53 -11.07
N LEU A 122 -2.00 9.05 -9.87
CA LEU A 122 -2.99 10.09 -9.75
C LEU A 122 -2.46 11.37 -10.35
N LYS A 123 -1.18 11.63 -10.18
CA LYS A 123 -0.54 12.83 -10.75
C LYS A 123 -0.63 12.81 -12.29
N ASN A 124 -0.33 11.66 -12.87
CA ASN A 124 -0.40 11.49 -14.33
C ASN A 124 -1.84 11.66 -14.82
N LYS A 125 -2.76 11.17 -14.03
CA LYS A 125 -4.18 11.23 -14.33
C LYS A 125 -4.68 12.67 -14.16
N ILE A 126 -4.17 13.35 -13.12
CA ILE A 126 -4.50 14.74 -12.82
C ILE A 126 -4.16 15.60 -13.99
N ASP A 127 -2.96 15.45 -14.51
CA ASP A 127 -2.52 16.32 -15.60
C ASP A 127 -3.28 16.04 -16.87
N GLU A 128 -3.83 14.85 -16.97
CA GLU A 128 -4.62 14.48 -18.11
C GLU A 128 -5.95 15.21 -18.03
N TRP A 129 -6.67 15.02 -16.94
CA TRP A 129 -7.97 15.65 -16.82
C TRP A 129 -7.97 17.12 -16.44
N LYS A 130 -6.87 17.61 -15.91
CA LYS A 130 -6.75 19.04 -15.62
C LYS A 130 -6.60 19.77 -16.97
N LYS A 131 -6.08 19.04 -17.95
CA LYS A 131 -5.94 19.53 -19.31
C LYS A 131 -7.32 19.47 -20.00
N VAL A 132 -8.17 18.61 -19.50
CA VAL A 132 -9.53 18.49 -19.97
C VAL A 132 -10.32 19.70 -19.46
N LYS A 133 -11.05 20.32 -20.35
CA LYS A 133 -11.80 21.50 -20.01
C LYS A 133 -13.18 21.10 -19.51
N ALA A 134 -14.04 22.06 -19.34
CA ALA A 134 -15.39 21.76 -18.99
C ALA A 134 -16.06 21.11 -20.20
N SER A 135 -16.13 19.79 -20.17
CA SER A 135 -16.79 19.04 -21.19
C SER A 135 -18.25 19.45 -21.21
N GLU A 136 -18.71 19.87 -22.38
CA GLU A 136 -20.08 20.38 -22.58
C GLU A 136 -21.18 19.33 -22.32
N ASP A 137 -20.76 18.13 -21.92
CA ASP A 137 -21.65 17.09 -21.43
C ASP A 137 -22.22 17.51 -20.09
N GLY A 138 -21.51 18.41 -19.44
CA GLY A 138 -21.89 18.88 -18.14
C GLY A 138 -20.80 18.69 -17.11
N THR A 139 -19.62 18.41 -17.58
CA THR A 139 -18.47 18.27 -16.72
C THR A 139 -17.89 19.68 -16.48
N LYS A 140 -17.08 19.82 -15.46
CA LYS A 140 -16.45 21.09 -15.12
C LYS A 140 -14.99 20.98 -15.50
N VAL A 141 -14.22 22.04 -15.30
CA VAL A 141 -12.80 21.91 -15.45
C VAL A 141 -12.30 21.19 -14.20
N ILE A 142 -11.38 20.30 -14.36
CA ILE A 142 -10.92 19.54 -13.23
C ILE A 142 -9.99 20.35 -12.33
N GLN A 143 -10.59 20.86 -11.29
CA GLN A 143 -9.91 21.57 -10.28
C GLN A 143 -10.10 20.91 -8.92
N ASN A 144 -11.34 20.55 -8.57
CA ASN A 144 -11.62 19.95 -7.26
C ASN A 144 -11.68 18.46 -7.37
N ILE A 145 -11.29 17.79 -6.30
CA ILE A 145 -11.21 16.33 -6.23
C ILE A 145 -12.61 15.65 -6.27
N LYS A 146 -13.65 16.40 -6.01
CA LYS A 146 -14.95 15.79 -5.87
C LYS A 146 -15.79 15.79 -7.14
N ASP A 147 -15.15 15.93 -8.26
CA ASP A 147 -15.85 15.87 -9.52
C ASP A 147 -16.03 14.42 -9.91
N ASP A 148 -17.02 14.15 -10.70
CA ASP A 148 -17.40 12.79 -11.07
C ASP A 148 -16.23 12.07 -11.73
N ARG A 149 -15.44 12.82 -12.49
CA ARG A 149 -14.30 12.24 -13.18
C ARG A 149 -13.26 11.81 -12.18
N THR A 150 -12.93 12.68 -11.26
CA THR A 150 -11.91 12.37 -10.29
C THR A 150 -12.40 11.29 -9.34
N ASN A 151 -13.68 11.36 -9.01
CA ASN A 151 -14.32 10.39 -8.15
C ASN A 151 -14.25 9.02 -8.76
N THR A 152 -14.48 8.91 -10.08
CA THR A 152 -14.44 7.61 -10.73
C THR A 152 -13.08 6.92 -10.63
N TRP A 153 -12.00 7.69 -10.63
CA TRP A 153 -10.68 7.09 -10.43
C TRP A 153 -10.48 6.73 -8.99
N PHE A 154 -10.86 7.62 -8.12
CA PHE A 154 -10.72 7.41 -6.71
C PHE A 154 -11.54 6.20 -6.23
N VAL A 155 -12.81 6.13 -6.61
CA VAL A 155 -13.65 5.02 -6.21
C VAL A 155 -13.19 3.69 -6.78
N ALA A 156 -12.63 3.74 -7.97
CA ALA A 156 -12.08 2.56 -8.63
C ALA A 156 -10.95 1.97 -7.80
N HIS A 157 -10.13 2.84 -7.26
CA HIS A 157 -9.00 2.42 -6.45
C HIS A 157 -9.38 2.05 -5.01
N GLY A 158 -10.62 2.31 -4.63
CA GLY A 158 -11.08 1.94 -3.31
C GLY A 158 -11.46 3.12 -2.48
N PHE A 159 -11.13 4.30 -2.95
CA PHE A 159 -11.39 5.52 -2.21
C PHE A 159 -12.86 5.84 -2.28
N LYS A 160 -13.51 5.78 -1.18
CA LYS A 160 -14.87 6.19 -1.13
C LYS A 160 -14.87 7.70 -0.89
N VAL A 161 -15.85 8.40 -1.46
CA VAL A 161 -15.87 9.88 -1.47
C VAL A 161 -15.87 10.49 -0.05
N ALA A 162 -16.35 9.73 0.91
CA ALA A 162 -16.36 10.16 2.30
C ALA A 162 -14.93 10.24 2.86
N GLU A 163 -14.06 9.33 2.42
CA GLU A 163 -12.71 9.27 2.95
C GLU A 163 -11.78 10.27 2.30
N LEU A 164 -12.22 10.91 1.27
CA LEU A 164 -11.40 11.91 0.64
C LEU A 164 -11.96 13.30 0.91
N ASN A 165 -11.13 14.21 1.31
CA ASN A 165 -11.60 15.54 1.65
C ASN A 165 -11.30 16.50 0.53
N ASP A 166 -12.01 17.61 0.51
CA ASP A 166 -11.91 18.58 -0.57
C ASP A 166 -10.53 19.23 -0.64
N VAL A 167 -10.00 19.23 -1.83
CA VAL A 167 -8.73 19.79 -2.15
C VAL A 167 -8.70 19.91 -3.68
N THR A 168 -7.90 20.78 -4.20
CA THR A 168 -7.76 20.86 -5.61
C THR A 168 -6.69 19.89 -6.07
N LEU A 169 -6.91 19.30 -7.24
CA LEU A 169 -5.95 18.34 -7.79
C LEU A 169 -4.67 19.03 -8.11
N GLU A 170 -4.78 20.25 -8.53
CA GLU A 170 -3.65 21.05 -8.93
C GLU A 170 -2.76 21.41 -7.73
N LYS A 171 -3.39 21.58 -6.57
CA LYS A 171 -2.66 21.87 -5.37
C LYS A 171 -2.07 20.59 -4.82
N LEU A 172 -2.85 19.51 -4.90
CA LEU A 172 -2.41 18.20 -4.43
C LEU A 172 -1.20 17.78 -5.26
N ALA A 173 -1.27 18.04 -6.55
CA ALA A 173 -0.21 17.73 -7.47
C ALA A 173 1.04 18.51 -7.13
N THR A 174 0.87 19.75 -6.74
CA THR A 174 2.00 20.59 -6.39
C THR A 174 2.72 20.06 -5.15
N VAL A 175 1.96 19.68 -4.14
CA VAL A 175 2.57 19.21 -2.92
C VAL A 175 3.21 17.83 -3.12
N VAL A 176 2.58 16.99 -3.92
CA VAL A 176 3.13 15.68 -4.15
C VAL A 176 4.32 15.73 -5.09
N ASN A 177 4.29 16.62 -6.09
CA ASN A 177 5.37 16.74 -7.05
C ASN A 177 6.62 17.22 -6.33
N GLU A 178 6.43 18.02 -5.31
CA GLU A 178 7.53 18.51 -4.53
C GLU A 178 8.08 17.38 -3.64
N LEU A 179 7.18 16.59 -3.08
CA LEU A 179 7.55 15.48 -2.22
C LEU A 179 8.29 14.39 -3.02
N VAL A 180 7.81 14.09 -4.21
CA VAL A 180 8.40 13.03 -5.01
C VAL A 180 9.69 13.50 -5.69
N SER A 181 9.91 14.80 -5.71
CA SER A 181 11.05 15.38 -6.36
C SER A 181 12.32 15.35 -5.49
N HIS A 182 12.19 15.11 -4.17
CA HIS A 182 13.39 15.18 -3.35
C HIS A 182 14.29 13.98 -3.59
N LYS A 183 15.59 14.25 -3.63
CA LYS A 183 16.61 13.26 -3.99
C LYS A 183 16.61 12.04 -3.08
N ASP A 184 16.28 12.25 -1.83
CA ASP A 184 16.23 11.17 -0.84
C ASP A 184 15.14 10.18 -1.18
N MET A 185 14.05 10.69 -1.71
CA MET A 185 12.93 9.86 -2.09
C MET A 185 13.25 9.16 -3.41
N ILE A 186 13.99 9.86 -4.26
CA ILE A 186 14.42 9.30 -5.53
C ILE A 186 15.26 8.06 -5.27
N TYR A 187 16.16 8.15 -4.27
CA TYR A 187 16.97 7.00 -3.88
C TYR A 187 16.08 5.87 -3.43
N ILE A 188 15.11 6.18 -2.58
CA ILE A 188 14.23 5.18 -2.02
C ILE A 188 13.49 4.43 -3.11
N ASN A 189 12.97 5.16 -4.06
CA ASN A 189 12.20 4.53 -5.09
C ASN A 189 13.13 3.77 -6.03
N ASP A 190 14.30 4.33 -6.27
CA ASP A 190 15.30 3.69 -7.11
C ASP A 190 15.78 2.38 -6.48
N ALA A 191 15.99 2.44 -5.18
CA ALA A 191 16.40 1.28 -4.42
C ALA A 191 15.31 0.26 -4.39
N MET A 192 14.09 0.71 -4.26
CA MET A 192 12.94 -0.18 -4.28
C MET A 192 12.81 -0.83 -5.62
N LYS A 193 12.96 -0.07 -6.68
CA LYS A 193 12.87 -0.60 -8.05
C LYS A 193 13.89 -1.68 -8.29
N GLN A 194 15.12 -1.43 -7.88
CA GLN A 194 16.19 -2.40 -8.08
C GLN A 194 15.99 -3.63 -7.23
N ASN A 195 15.52 -3.43 -6.04
CA ASN A 195 15.31 -4.54 -5.16
C ASN A 195 14.11 -5.34 -5.54
N VAL A 196 13.02 -4.69 -5.93
CA VAL A 196 11.82 -5.43 -6.26
C VAL A 196 12.00 -6.16 -7.56
N ASP A 197 12.88 -5.64 -8.41
CA ASP A 197 13.19 -6.31 -9.65
C ASP A 197 13.87 -7.61 -9.38
N LYS A 198 14.85 -7.59 -8.53
CA LYS A 198 15.57 -8.79 -8.19
C LYS A 198 14.70 -9.71 -7.34
N TRP A 199 13.94 -9.13 -6.45
CA TRP A 199 13.06 -9.90 -5.58
C TRP A 199 11.95 -10.58 -6.35
N THR A 200 11.44 -9.94 -7.40
CA THR A 200 10.41 -10.55 -8.21
C THR A 200 11.01 -11.72 -9.00
N LYS A 201 12.24 -11.55 -9.44
CA LYS A 201 12.94 -12.60 -10.16
C LYS A 201 13.21 -13.78 -9.23
N GLU A 202 13.62 -13.49 -8.00
CA GLU A 202 13.83 -14.53 -7.01
C GLU A 202 12.54 -15.20 -6.65
N GLU A 203 11.51 -14.42 -6.49
CA GLU A 203 10.23 -14.93 -6.08
C GLU A 203 9.65 -15.85 -7.15
N SER A 204 9.82 -15.48 -8.40
CA SER A 204 9.31 -16.27 -9.47
C SER A 204 10.07 -17.61 -9.61
N GLU A 205 11.38 -17.58 -9.41
CA GLU A 205 12.15 -18.79 -9.50
C GLU A 205 11.92 -19.66 -8.27
N ARG A 206 11.85 -19.02 -7.12
CA ARG A 206 11.69 -19.73 -5.86
C ARG A 206 10.31 -20.33 -5.74
N LEU A 207 9.29 -19.63 -6.24
CA LEU A 207 7.93 -20.15 -6.19
C LEU A 207 7.82 -21.38 -7.06
N ALA A 208 8.43 -21.32 -8.25
CA ALA A 208 8.40 -22.45 -9.15
C ALA A 208 9.25 -23.58 -8.58
N MET A 209 10.35 -23.23 -7.92
CA MET A 209 11.23 -24.21 -7.31
C MET A 209 10.51 -24.92 -6.19
N MET A 210 9.80 -24.16 -5.37
CA MET A 210 9.04 -24.69 -4.24
C MET A 210 7.98 -25.65 -4.75
N ALA A 211 7.31 -25.25 -5.82
CA ALA A 211 6.26 -26.06 -6.42
C ALA A 211 6.84 -27.33 -7.04
N GLU A 212 8.02 -27.22 -7.63
CA GLU A 212 8.68 -28.34 -8.26
C GLU A 212 9.28 -29.29 -7.22
N GLN A 213 9.88 -28.75 -6.17
CA GLN A 213 10.45 -29.58 -5.14
C GLN A 213 9.37 -30.27 -4.35
N GLY A 214 8.43 -29.51 -3.85
CA GLY A 214 7.37 -30.08 -3.09
C GLY A 214 6.42 -29.04 -2.62
N ILE A 215 5.29 -28.94 -3.26
CA ILE A 215 4.29 -28.01 -2.81
C ILE A 215 3.56 -28.63 -1.62
N SER A 216 3.90 -28.15 -0.46
CA SER A 216 3.40 -28.69 0.75
C SER A 216 3.28 -27.56 1.76
N GLY A 217 2.55 -27.79 2.83
CA GLY A 217 2.38 -26.78 3.84
C GLY A 217 0.97 -26.27 3.87
N ALA A 218 0.26 -26.56 4.92
CA ALA A 218 -1.14 -26.14 5.07
C ALA A 218 -1.25 -24.73 5.64
N LYS A 219 -0.14 -24.02 5.62
CA LYS A 219 -0.10 -22.66 6.09
C LYS A 219 -0.29 -21.69 4.95
N GLY A 220 -0.62 -20.50 5.30
CA GLY A 220 -0.77 -19.43 4.39
C GLY A 220 -0.69 -18.17 5.18
N LYS A 221 -0.89 -17.05 4.56
CA LYS A 221 -0.89 -15.82 5.28
C LYS A 221 -2.22 -15.14 5.31
N LYS A 222 -2.91 -15.39 6.36
CA LYS A 222 -4.15 -14.78 6.63
C LYS A 222 -3.89 -13.71 7.66
N ASP A 223 -4.31 -12.49 7.36
CA ASP A 223 -4.10 -11.33 8.22
C ASP A 223 -2.63 -11.07 8.42
N SER A 1 -56.17 -44.83 -10.26
CA SER A 1 -54.81 -44.36 -10.47
C SER A 1 -53.84 -45.55 -10.50
N SER A 2 -53.04 -45.62 -11.53
CA SER A 2 -52.03 -46.67 -11.68
C SER A 2 -50.88 -46.12 -12.51
N GLY A 3 -49.85 -46.89 -12.69
CA GLY A 3 -48.75 -46.46 -13.50
C GLY A 3 -47.50 -46.31 -12.69
N ILE A 4 -46.42 -45.95 -13.33
CA ILE A 4 -45.17 -45.77 -12.66
C ILE A 4 -44.47 -44.50 -13.14
N GLU A 5 -44.02 -43.71 -12.22
CA GLU A 5 -43.26 -42.53 -12.49
C GLU A 5 -41.95 -42.63 -11.73
N GLY A 6 -41.07 -43.47 -12.23
CA GLY A 6 -39.82 -43.73 -11.56
C GLY A 6 -38.71 -42.82 -12.03
N CYS A 7 -39.05 -41.61 -12.39
CA CYS A 7 -38.07 -40.66 -12.82
C CYS A 7 -37.64 -39.78 -11.64
N THR A 8 -36.47 -40.03 -11.16
CA THR A 8 -35.89 -39.25 -10.13
C THR A 8 -34.39 -39.17 -10.41
N GLU A 9 -34.02 -38.17 -11.18
CA GLU A 9 -32.66 -38.05 -11.66
C GLU A 9 -32.17 -36.62 -11.51
N ASP A 10 -31.00 -36.48 -10.95
CA ASP A 10 -30.38 -35.19 -10.75
C ASP A 10 -29.46 -34.88 -11.91
N GLU A 11 -29.11 -33.62 -12.08
CA GLU A 11 -28.22 -33.21 -13.15
C GLU A 11 -26.81 -33.65 -12.82
N LYS A 12 -26.35 -33.16 -11.70
CA LYS A 12 -25.04 -33.38 -11.10
C LYS A 12 -25.06 -32.55 -9.86
N ARG A 13 -24.09 -32.71 -9.02
CA ARG A 13 -23.87 -31.79 -7.94
C ARG A 13 -22.61 -31.04 -8.24
N ASP A 14 -22.75 -30.05 -9.09
CA ASP A 14 -21.63 -29.27 -9.59
C ASP A 14 -20.96 -28.53 -8.50
N SER A 15 -21.77 -27.98 -7.63
CA SER A 15 -21.33 -27.23 -6.48
C SER A 15 -20.41 -26.07 -6.90
N VAL A 16 -21.01 -24.93 -7.21
CA VAL A 16 -20.23 -23.79 -7.62
C VAL A 16 -19.67 -23.11 -6.38
N VAL A 17 -18.48 -23.51 -6.01
CA VAL A 17 -17.84 -22.99 -4.84
C VAL A 17 -16.97 -21.78 -5.18
N GLU A 18 -17.28 -20.67 -4.55
CA GLU A 18 -16.52 -19.47 -4.70
C GLU A 18 -15.89 -19.13 -3.37
N GLY A 19 -14.60 -19.38 -3.25
CA GLY A 19 -13.88 -19.14 -2.03
C GLY A 19 -13.74 -17.67 -1.74
N ALA A 20 -14.51 -17.19 -0.80
CA ALA A 20 -14.47 -15.81 -0.41
C ALA A 20 -13.35 -15.61 0.58
N THR A 21 -12.37 -14.83 0.20
CA THR A 21 -11.24 -14.51 1.05
C THR A 21 -10.66 -13.18 0.55
N SER A 22 -10.45 -12.24 1.43
CA SER A 22 -9.92 -10.95 1.03
C SER A 22 -8.40 -11.02 0.79
N VAL A 23 -8.03 -11.50 -0.37
CA VAL A 23 -6.66 -11.57 -0.78
C VAL A 23 -6.45 -10.40 -1.73
N GLU A 24 -5.51 -9.54 -1.38
CA GLU A 24 -5.25 -8.26 -2.06
C GLU A 24 -6.32 -7.24 -1.68
N ALA A 25 -5.91 -6.24 -0.94
CA ALA A 25 -6.80 -5.20 -0.50
C ALA A 25 -6.79 -4.05 -1.49
N SER A 26 -7.62 -3.09 -1.24
CA SER A 26 -7.67 -1.94 -2.07
C SER A 26 -6.54 -1.05 -1.63
N LEU A 27 -6.19 -0.11 -2.45
CA LEU A 27 -5.07 0.71 -2.16
C LEU A 27 -5.36 1.70 -1.04
N LYS A 28 -6.65 1.95 -0.80
CA LYS A 28 -7.03 2.87 0.25
C LYS A 28 -6.66 2.22 1.58
N GLU A 29 -7.10 0.98 1.76
CA GLU A 29 -6.79 0.21 2.95
C GLU A 29 -5.29 0.00 3.11
N GLN A 30 -4.61 -0.12 1.99
CA GLN A 30 -3.18 -0.35 2.01
C GLN A 30 -2.44 0.89 2.51
N ILE A 31 -2.89 2.06 2.06
CA ILE A 31 -2.31 3.32 2.50
C ILE A 31 -2.64 3.52 3.97
N ASP A 32 -3.84 3.11 4.33
CA ASP A 32 -4.32 3.22 5.69
C ASP A 32 -3.47 2.39 6.63
N TRP A 33 -2.99 1.24 6.16
CA TRP A 33 -2.14 0.39 6.95
C TRP A 33 -0.75 1.02 7.08
N LEU A 34 -0.26 1.63 6.00
CA LEU A 34 1.03 2.29 6.02
C LEU A 34 0.99 3.45 7.01
N ALA A 35 -0.12 4.17 7.01
CA ALA A 35 -0.36 5.24 7.93
C ALA A 35 -0.46 4.70 9.34
N GLU A 36 -1.15 3.57 9.48
CA GLU A 36 -1.33 2.88 10.75
C GLU A 36 0.01 2.51 11.35
N ARG A 37 0.91 1.96 10.53
CA ARG A 37 2.24 1.58 10.99
C ARG A 37 3.01 2.77 11.55
N TYR A 38 2.87 3.91 10.90
CA TYR A 38 3.53 5.11 11.34
C TYR A 38 2.83 5.75 12.57
N SER A 39 1.53 5.60 12.65
CA SER A 39 0.74 6.20 13.69
C SER A 39 0.39 5.21 14.83
N ALA A 40 1.16 4.15 14.96
CA ALA A 40 0.90 3.15 15.96
C ALA A 40 1.99 3.13 17.03
N ASP A 41 1.57 3.16 18.27
CA ASP A 41 2.49 3.00 19.40
C ASP A 41 2.71 1.53 19.62
N LEU A 42 3.94 1.13 19.72
CA LEU A 42 4.27 -0.24 19.98
C LEU A 42 5.27 -0.34 21.12
N THR A 43 5.20 0.63 22.02
CA THR A 43 6.11 0.75 23.14
C THR A 43 5.91 -0.42 24.15
N ASN A 44 4.76 -1.11 24.03
CA ASN A 44 4.47 -2.29 24.86
C ASN A 44 5.43 -3.42 24.49
N LYS A 45 5.97 -3.30 23.32
CA LYS A 45 6.94 -4.24 22.83
C LYS A 45 8.29 -3.71 23.26
N ASP A 46 9.00 -4.45 24.05
CA ASP A 46 10.30 -4.00 24.51
C ASP A 46 11.31 -4.35 23.46
N THR A 47 11.62 -3.39 22.63
CA THR A 47 12.51 -3.59 21.51
C THR A 47 13.92 -3.91 21.94
N SER A 48 14.18 -5.20 22.00
CA SER A 48 15.43 -5.71 22.45
C SER A 48 16.35 -5.87 21.25
N LYS A 49 17.02 -4.78 20.92
CA LYS A 49 18.00 -4.68 19.85
C LYS A 49 17.55 -5.33 18.53
N TRP A 50 16.62 -4.67 17.85
CA TRP A 50 16.17 -5.13 16.55
C TRP A 50 17.27 -4.90 15.51
N ASN A 51 17.62 -5.92 14.79
CA ASN A 51 18.64 -5.83 13.75
C ASN A 51 17.99 -5.85 12.38
N THR A 52 17.18 -4.86 12.14
CA THR A 52 16.47 -4.73 10.92
C THR A 52 17.36 -4.07 9.87
N ASP A 53 18.13 -3.07 10.31
CA ASP A 53 19.07 -2.34 9.44
C ASP A 53 20.16 -3.28 8.99
N GLU A 54 20.42 -4.26 9.82
CA GLU A 54 21.39 -5.26 9.56
C GLU A 54 20.90 -6.22 8.47
N LYS A 55 19.62 -6.51 8.48
CA LYS A 55 19.03 -7.36 7.47
C LYS A 55 18.95 -6.62 6.15
N VAL A 56 18.54 -5.39 6.19
CA VAL A 56 18.35 -4.68 4.96
C VAL A 56 19.66 -4.28 4.32
N LYS A 57 20.75 -4.19 5.09
CA LYS A 57 22.01 -3.86 4.49
C LYS A 57 22.56 -5.03 3.70
N GLU A 58 22.09 -6.23 4.00
CA GLU A 58 22.51 -7.35 3.21
C GLU A 58 21.51 -7.69 2.11
N LEU A 59 20.25 -7.40 2.36
CA LEU A 59 19.21 -7.63 1.35
C LEU A 59 19.16 -6.50 0.30
N LEU A 60 19.24 -5.26 0.74
CA LEU A 60 19.07 -4.13 -0.15
C LEU A 60 20.41 -3.41 -0.37
N ASN A 61 21.38 -3.74 0.49
CA ASN A 61 22.74 -3.17 0.51
C ASN A 61 22.82 -1.94 1.43
N GLU A 62 24.00 -1.37 1.55
CA GLU A 62 24.30 -0.33 2.51
C GLU A 62 23.59 1.02 2.29
N LYS A 63 22.89 1.17 1.21
CA LYS A 63 22.10 2.39 1.02
C LYS A 63 20.78 2.33 1.80
N ALA A 64 20.50 1.18 2.39
CA ALA A 64 19.30 0.96 3.17
C ALA A 64 19.56 1.21 4.66
N VAL A 65 20.70 1.81 4.98
CA VAL A 65 21.07 2.08 6.35
C VAL A 65 20.10 3.04 7.01
N GLY A 66 19.91 2.80 8.29
CA GLY A 66 18.97 3.55 9.10
C GLY A 66 17.56 3.32 8.62
N ILE A 67 17.25 2.07 8.34
CA ILE A 67 15.99 1.67 7.74
C ILE A 67 14.78 1.91 8.65
N GLU A 68 14.98 1.77 9.94
CA GLU A 68 13.90 1.96 10.88
C GLU A 68 13.42 3.40 10.90
N SER A 69 14.33 4.32 10.78
CA SER A 69 13.96 5.67 10.71
C SER A 69 13.55 6.02 9.29
N ARG A 70 14.17 5.35 8.33
CA ARG A 70 13.90 5.55 6.90
C ARG A 70 12.46 5.24 6.59
N LEU A 71 12.02 4.08 6.98
CA LEU A 71 10.70 3.61 6.65
C LEU A 71 9.65 4.44 7.31
N LEU A 72 9.92 4.90 8.51
CA LEU A 72 8.95 5.74 9.16
C LEU A 72 9.01 7.17 8.69
N ALA A 73 10.16 7.59 8.17
CA ALA A 73 10.31 8.91 7.60
C ALA A 73 9.56 8.98 6.28
N ILE A 74 9.69 7.93 5.49
CA ILE A 74 8.98 7.86 4.23
C ILE A 74 7.49 7.67 4.48
N ALA A 75 7.15 6.89 5.52
CA ALA A 75 5.77 6.71 5.91
C ALA A 75 5.20 8.06 6.34
N LYS A 76 5.99 8.80 7.10
CA LYS A 76 5.70 10.18 7.49
C LYS A 76 5.43 11.05 6.27
N GLU A 77 6.24 10.91 5.25
CA GLU A 77 6.05 11.67 4.01
C GLU A 77 4.74 11.30 3.34
N PHE A 78 4.40 10.03 3.33
CA PHE A 78 3.14 9.61 2.78
C PHE A 78 2.01 10.09 3.65
N HIS A 79 2.19 9.94 4.92
CA HIS A 79 1.21 10.28 5.93
C HIS A 79 0.86 11.77 5.84
N LYS A 80 1.90 12.59 5.78
CA LYS A 80 1.74 14.03 5.75
C LYS A 80 1.08 14.52 4.47
N LEU A 81 1.39 13.87 3.38
CA LEU A 81 0.82 14.26 2.13
C LEU A 81 -0.56 13.64 1.86
N LYS A 82 -0.80 12.45 2.40
CA LYS A 82 -2.07 11.77 2.26
C LYS A 82 -3.11 12.24 3.29
N SER A 83 -2.64 12.82 4.40
CA SER A 83 -3.51 13.28 5.50
C SER A 83 -4.54 14.29 5.01
N VAL A 84 -4.12 15.17 4.11
CA VAL A 84 -4.99 16.19 3.54
C VAL A 84 -6.05 15.56 2.64
N LEU A 85 -5.76 14.37 2.18
CA LEU A 85 -6.58 13.64 1.26
C LEU A 85 -7.45 12.58 1.97
N CYS A 86 -7.16 12.27 3.20
CA CYS A 86 -7.90 11.29 3.94
C CYS A 86 -8.67 11.95 5.10
N THR A 87 -9.85 11.49 5.39
CA THR A 87 -10.63 12.06 6.46
C THR A 87 -10.19 11.51 7.83
N GLY A 88 -9.93 12.42 8.75
CA GLY A 88 -9.60 12.05 10.13
C GLY A 88 -8.12 11.84 10.32
N VAL A 89 -7.41 11.76 9.25
CA VAL A 89 -6.00 11.51 9.31
C VAL A 89 -5.25 12.81 9.37
N ASN A 90 -4.63 13.08 10.47
CA ASN A 90 -3.82 14.27 10.59
C ASN A 90 -2.39 13.92 10.63
N GLU A 91 -1.60 14.79 10.08
CA GLU A 91 -0.17 14.61 9.88
C GLU A 91 0.64 14.82 11.15
N THR A 92 -0.04 14.95 12.25
CA THR A 92 0.61 15.11 13.49
C THR A 92 0.14 13.99 14.46
N PRO A 93 0.73 12.77 14.34
CA PRO A 93 0.34 11.65 15.15
C PRO A 93 0.95 11.72 16.53
N ALA A 94 0.32 11.07 17.46
CA ALA A 94 0.77 11.06 18.83
C ALA A 94 1.62 9.86 19.03
N HIS A 95 1.14 8.78 18.50
CA HIS A 95 1.81 7.55 18.60
C HIS A 95 2.58 7.32 17.35
N VAL A 96 3.84 7.47 17.46
CA VAL A 96 4.73 7.24 16.35
C VAL A 96 5.68 6.08 16.68
N ALA A 97 5.70 5.09 15.82
CA ALA A 97 6.63 3.99 15.95
C ALA A 97 7.88 4.31 15.15
N ASN A 98 9.02 3.83 15.61
CA ASN A 98 10.27 4.01 14.87
C ASN A 98 11.04 2.71 14.96
N ARG A 99 10.29 1.62 14.95
CA ARG A 99 10.82 0.27 14.98
C ARG A 99 10.12 -0.55 13.91
N VAL A 100 10.88 -1.07 12.96
CA VAL A 100 10.31 -1.88 11.90
C VAL A 100 10.84 -3.30 12.04
N SER A 101 9.96 -4.28 12.03
CA SER A 101 10.36 -5.67 12.18
C SER A 101 11.04 -6.15 10.87
N PRO A 102 11.94 -7.16 10.96
CA PRO A 102 12.61 -7.73 9.78
C PRO A 102 11.64 -8.19 8.65
N GLY A 103 10.45 -8.58 9.05
CA GLY A 103 9.42 -8.98 8.11
C GLY A 103 8.57 -7.80 7.67
N ASP A 104 8.33 -6.88 8.61
CA ASP A 104 7.56 -5.66 8.32
C ASP A 104 8.27 -4.83 7.32
N ALA A 105 9.59 -4.77 7.45
CA ALA A 105 10.44 -4.00 6.54
C ALA A 105 10.23 -4.42 5.11
N ILE A 106 10.24 -5.71 4.88
CA ILE A 106 10.07 -6.25 3.55
C ILE A 106 8.67 -5.94 3.03
N SER A 107 7.72 -6.05 3.91
CA SER A 107 6.35 -5.79 3.57
C SER A 107 6.15 -4.30 3.25
N MET A 108 6.76 -3.43 4.06
CA MET A 108 6.64 -1.99 3.88
C MET A 108 7.32 -1.57 2.61
N LEU A 109 8.43 -2.20 2.29
CA LEU A 109 9.15 -1.94 1.05
C LEU A 109 8.25 -2.20 -0.15
N TYR A 110 7.59 -3.35 -0.14
CA TYR A 110 6.69 -3.69 -1.23
C TYR A 110 5.48 -2.76 -1.23
N VAL A 111 5.00 -2.39 -0.04
CA VAL A 111 3.89 -1.45 0.08
C VAL A 111 4.27 -0.10 -0.51
N LEU A 112 5.48 0.39 -0.21
CA LEU A 112 5.98 1.67 -0.73
C LEU A 112 6.03 1.67 -2.26
N SER A 113 6.32 0.53 -2.82
CA SER A 113 6.36 0.39 -4.25
C SER A 113 4.94 0.48 -4.81
N ILE A 114 3.99 -0.19 -4.15
CA ILE A 114 2.61 -0.20 -4.56
C ILE A 114 1.96 1.17 -4.34
N THR A 115 2.33 1.85 -3.28
CA THR A 115 1.81 3.17 -3.02
C THR A 115 2.37 4.16 -4.03
N HIS A 116 3.59 3.94 -4.49
CA HIS A 116 4.13 4.79 -5.50
C HIS A 116 3.43 4.49 -6.83
N ARG A 117 2.93 3.25 -6.98
CA ARG A 117 2.13 2.88 -8.14
C ARG A 117 0.83 3.65 -8.18
N GLU A 118 0.16 3.77 -7.04
CA GLU A 118 -1.07 4.56 -7.02
C GLU A 118 -0.75 6.01 -7.20
N LEU A 119 0.34 6.45 -6.60
CA LEU A 119 0.79 7.82 -6.69
C LEU A 119 1.11 8.21 -8.13
N SER A 120 1.80 7.35 -8.84
CA SER A 120 2.15 7.60 -10.22
C SER A 120 0.93 7.53 -11.13
N SER A 121 -0.04 6.71 -10.77
CA SER A 121 -1.26 6.62 -11.52
C SER A 121 -2.13 7.84 -11.21
N LEU A 122 -2.16 8.19 -9.95
CA LEU A 122 -2.90 9.32 -9.44
C LEU A 122 -2.42 10.59 -10.08
N LYS A 123 -1.12 10.78 -10.15
CA LYS A 123 -0.59 12.01 -10.73
C LYS A 123 -0.87 12.06 -12.20
N ASN A 124 -0.90 10.91 -12.84
CA ASN A 124 -1.11 10.85 -14.26
C ASN A 124 -2.56 11.17 -14.57
N LYS A 125 -3.47 10.60 -13.81
CA LYS A 125 -4.88 10.84 -14.02
C LYS A 125 -5.22 12.26 -13.61
N ILE A 126 -4.63 12.71 -12.52
CA ILE A 126 -4.85 14.04 -12.01
C ILE A 126 -4.31 15.10 -12.95
N ASP A 127 -3.17 14.84 -13.54
CA ASP A 127 -2.56 15.78 -14.47
C ASP A 127 -3.44 15.91 -15.71
N GLU A 128 -4.03 14.79 -16.12
CA GLU A 128 -4.94 14.76 -17.24
C GLU A 128 -6.19 15.61 -16.97
N TRP A 129 -6.81 15.43 -15.82
CA TRP A 129 -7.97 16.24 -15.50
C TRP A 129 -7.65 17.65 -15.02
N LYS A 130 -6.44 17.87 -14.59
CA LYS A 130 -6.01 19.22 -14.26
C LYS A 130 -5.85 20.01 -15.56
N LYS A 131 -5.49 19.29 -16.63
CA LYS A 131 -5.31 19.89 -17.94
C LYS A 131 -6.64 20.07 -18.67
N VAL A 132 -7.69 19.49 -18.14
CA VAL A 132 -8.99 19.65 -18.77
C VAL A 132 -9.62 20.93 -18.21
N LYS A 133 -10.33 21.63 -19.04
CA LYS A 133 -10.87 22.89 -18.65
C LYS A 133 -12.34 22.97 -19.02
N ALA A 134 -12.90 24.13 -18.74
CA ALA A 134 -14.26 24.42 -19.09
C ALA A 134 -14.34 24.73 -20.56
N SER A 135 -15.07 23.93 -21.25
CA SER A 135 -15.33 24.13 -22.63
C SER A 135 -16.85 24.11 -22.80
N GLU A 136 -17.37 25.01 -23.62
CA GLU A 136 -18.82 25.25 -23.77
C GLU A 136 -19.61 24.02 -24.21
N ASP A 137 -18.91 23.04 -24.71
CA ASP A 137 -19.50 21.78 -25.15
C ASP A 137 -20.07 21.01 -23.95
N GLY A 138 -19.58 21.31 -22.79
CA GLY A 138 -20.01 20.62 -21.59
C GLY A 138 -18.87 19.99 -20.86
N THR A 139 -17.68 20.35 -21.24
CA THR A 139 -16.49 19.88 -20.58
C THR A 139 -16.27 20.75 -19.35
N LYS A 140 -16.16 20.14 -18.21
CA LYS A 140 -16.10 20.86 -16.95
C LYS A 140 -14.67 20.99 -16.43
N VAL A 141 -14.48 21.81 -15.41
CA VAL A 141 -13.20 21.93 -14.76
C VAL A 141 -13.18 21.03 -13.56
N ILE A 142 -12.16 20.29 -13.43
CA ILE A 142 -12.03 19.44 -12.29
C ILE A 142 -11.12 20.10 -11.27
N GLN A 143 -11.75 20.78 -10.37
CA GLN A 143 -11.07 21.51 -9.33
C GLN A 143 -11.06 20.75 -8.01
N ASN A 144 -12.10 19.99 -7.75
CA ASN A 144 -12.18 19.28 -6.49
C ASN A 144 -12.01 17.79 -6.68
N ILE A 145 -11.43 17.15 -5.68
CA ILE A 145 -11.18 15.71 -5.70
C ILE A 145 -12.51 14.92 -5.75
N LYS A 146 -13.57 15.48 -5.22
CA LYS A 146 -14.86 14.83 -5.22
C LYS A 146 -15.67 15.22 -6.45
N ASP A 147 -15.00 15.22 -7.58
CA ASP A 147 -15.58 15.54 -8.85
C ASP A 147 -15.78 14.24 -9.59
N ASP A 148 -16.67 14.21 -10.54
CA ASP A 148 -17.12 13.01 -11.26
C ASP A 148 -15.98 12.13 -11.72
N ARG A 149 -15.00 12.72 -12.36
CA ARG A 149 -13.92 11.94 -12.92
C ARG A 149 -12.93 11.54 -11.86
N THR A 150 -12.71 12.39 -10.92
CA THR A 150 -11.80 12.15 -9.84
C THR A 150 -12.35 11.04 -8.95
N ASN A 151 -13.65 11.13 -8.65
CA ASN A 151 -14.36 10.14 -7.85
C ASN A 151 -14.22 8.80 -8.47
N THR A 152 -14.42 8.72 -9.79
CA THR A 152 -14.37 7.45 -10.49
C THR A 152 -13.02 6.74 -10.37
N TRP A 153 -11.93 7.49 -10.25
CA TRP A 153 -10.63 6.86 -10.09
C TRP A 153 -10.44 6.48 -8.66
N PHE A 154 -10.81 7.38 -7.79
CA PHE A 154 -10.62 7.17 -6.38
C PHE A 154 -11.45 6.01 -5.86
N VAL A 155 -12.71 5.96 -6.23
CA VAL A 155 -13.61 4.90 -5.77
C VAL A 155 -13.19 3.54 -6.28
N ALA A 156 -12.61 3.54 -7.47
CA ALA A 156 -12.11 2.31 -8.07
C ALA A 156 -10.96 1.75 -7.25
N HIS A 157 -10.08 2.63 -6.81
CA HIS A 157 -8.92 2.24 -5.99
C HIS A 157 -9.26 1.92 -4.54
N GLY A 158 -10.46 2.25 -4.13
CA GLY A 158 -10.86 1.94 -2.78
C GLY A 158 -11.16 3.17 -1.98
N PHE A 159 -10.82 4.32 -2.53
CA PHE A 159 -11.04 5.57 -1.86
C PHE A 159 -12.52 5.89 -1.93
N LYS A 160 -13.18 5.64 -0.87
CA LYS A 160 -14.58 5.83 -0.78
C LYS A 160 -14.83 7.31 -0.45
N VAL A 161 -15.97 7.85 -0.86
CA VAL A 161 -16.28 9.29 -0.73
C VAL A 161 -16.18 9.79 0.72
N ALA A 162 -16.55 8.96 1.67
CA ALA A 162 -16.47 9.33 3.09
C ALA A 162 -15.04 9.14 3.63
N GLU A 163 -14.25 8.34 2.95
CA GLU A 163 -12.89 8.04 3.36
C GLU A 163 -11.94 9.11 2.85
N LEU A 164 -12.20 9.58 1.66
CA LEU A 164 -11.36 10.59 1.07
C LEU A 164 -11.86 11.98 1.46
N ASN A 165 -10.94 12.86 1.59
CA ASN A 165 -11.15 14.21 2.05
C ASN A 165 -11.18 15.14 0.84
N ASP A 166 -12.01 16.15 0.89
CA ASP A 166 -12.10 17.12 -0.19
C ASP A 166 -10.90 18.07 -0.16
N VAL A 167 -10.30 18.22 -1.30
CA VAL A 167 -9.15 19.06 -1.51
C VAL A 167 -9.12 19.39 -3.00
N THR A 168 -8.40 20.42 -3.39
CA THR A 168 -8.35 20.83 -4.77
C THR A 168 -7.29 20.10 -5.56
N LEU A 169 -7.53 19.96 -6.85
CA LEU A 169 -6.59 19.36 -7.79
C LEU A 169 -5.36 20.24 -7.90
N GLU A 170 -5.54 21.51 -7.65
CA GLU A 170 -4.48 22.48 -7.65
C GLU A 170 -3.54 22.17 -6.50
N LYS A 171 -4.10 21.93 -5.31
CA LYS A 171 -3.25 21.55 -4.19
C LYS A 171 -2.67 20.17 -4.39
N LEU A 172 -3.47 19.29 -4.94
CA LEU A 172 -3.02 17.93 -5.20
C LEU A 172 -1.86 17.91 -6.16
N ALA A 173 -1.95 18.66 -7.24
CA ALA A 173 -0.90 18.66 -8.24
C ALA A 173 0.41 19.15 -7.68
N THR A 174 0.37 20.18 -6.85
CA THR A 174 1.61 20.69 -6.30
C THR A 174 2.16 19.75 -5.20
N VAL A 175 1.27 19.16 -4.43
CA VAL A 175 1.64 18.24 -3.36
C VAL A 175 2.15 16.92 -3.92
N VAL A 176 1.49 16.41 -4.94
CA VAL A 176 1.88 15.15 -5.51
C VAL A 176 3.20 15.30 -6.26
N ASN A 177 3.39 16.46 -6.90
CA ASN A 177 4.65 16.74 -7.58
C ASN A 177 5.79 16.76 -6.58
N GLU A 178 5.50 17.29 -5.41
CA GLU A 178 6.48 17.41 -4.35
C GLU A 178 6.88 16.03 -3.84
N LEU A 179 5.91 15.15 -3.70
CA LEU A 179 6.18 13.80 -3.21
C LEU A 179 6.99 13.01 -4.27
N VAL A 180 6.63 13.15 -5.54
CA VAL A 180 7.30 12.38 -6.57
C VAL A 180 8.67 12.95 -6.94
N SER A 181 8.91 14.19 -6.59
CA SER A 181 10.17 14.81 -6.88
C SER A 181 11.04 14.83 -5.61
N HIS A 182 10.52 14.22 -4.53
CA HIS A 182 11.23 14.13 -3.27
C HIS A 182 12.47 13.27 -3.46
N LYS A 183 13.61 13.80 -3.08
CA LYS A 183 14.89 13.16 -3.31
C LYS A 183 15.08 11.82 -2.61
N ASP A 184 14.49 11.63 -1.44
CA ASP A 184 14.72 10.39 -0.73
C ASP A 184 13.83 9.33 -1.31
N MET A 185 12.59 9.72 -1.52
CA MET A 185 11.56 8.86 -2.06
C MET A 185 11.92 8.35 -3.45
N ILE A 186 12.37 9.25 -4.33
CA ILE A 186 12.68 8.85 -5.68
C ILE A 186 13.87 7.89 -5.73
N TYR A 187 14.83 8.09 -4.84
CA TYR A 187 15.95 7.21 -4.79
C TYR A 187 15.55 5.86 -4.25
N ILE A 188 14.76 5.86 -3.19
CA ILE A 188 14.31 4.63 -2.58
C ILE A 188 13.45 3.86 -3.55
N ASN A 189 12.65 4.57 -4.32
CA ASN A 189 11.82 3.93 -5.34
C ASN A 189 12.67 3.27 -6.41
N ASP A 190 13.69 3.97 -6.86
CA ASP A 190 14.59 3.45 -7.90
C ASP A 190 15.41 2.28 -7.38
N ALA A 191 15.83 2.37 -6.14
CA ALA A 191 16.56 1.30 -5.52
C ALA A 191 15.64 0.10 -5.34
N MET A 192 14.45 0.38 -4.85
CA MET A 192 13.44 -0.64 -4.61
C MET A 192 13.08 -1.32 -5.91
N LYS A 193 13.02 -0.56 -6.96
CA LYS A 193 12.74 -1.02 -8.31
C LYS A 193 13.75 -2.07 -8.74
N GLN A 194 14.99 -1.82 -8.40
CA GLN A 194 16.04 -2.77 -8.68
C GLN A 194 15.92 -3.98 -7.78
N ASN A 195 15.66 -3.73 -6.53
CA ASN A 195 15.57 -4.80 -5.57
C ASN A 195 14.39 -5.70 -5.83
N VAL A 196 13.23 -5.13 -6.20
CA VAL A 196 12.07 -5.96 -6.43
C VAL A 196 12.26 -6.82 -7.66
N ASP A 197 13.00 -6.31 -8.65
CA ASP A 197 13.26 -7.10 -9.85
C ASP A 197 14.16 -8.28 -9.54
N LYS A 198 15.19 -8.00 -8.80
CA LYS A 198 16.17 -8.97 -8.40
C LYS A 198 15.55 -9.98 -7.44
N TRP A 199 14.71 -9.52 -6.54
CA TRP A 199 14.05 -10.42 -5.62
C TRP A 199 13.05 -11.29 -6.34
N THR A 200 12.36 -10.71 -7.32
CA THR A 200 11.39 -11.47 -8.11
C THR A 200 12.11 -12.57 -8.92
N LYS A 201 13.34 -12.30 -9.33
CA LYS A 201 14.18 -13.33 -9.96
C LYS A 201 14.37 -14.48 -9.00
N GLU A 202 14.80 -14.16 -7.81
CA GLU A 202 15.03 -15.18 -6.79
C GLU A 202 13.75 -15.88 -6.37
N GLU A 203 12.65 -15.13 -6.38
CA GLU A 203 11.32 -15.67 -6.11
C GLU A 203 10.97 -16.70 -7.14
N SER A 204 11.13 -16.35 -8.39
CA SER A 204 10.77 -17.23 -9.47
C SER A 204 11.66 -18.48 -9.46
N GLU A 205 12.92 -18.28 -9.14
CA GLU A 205 13.87 -19.37 -9.07
C GLU A 205 13.61 -20.28 -7.89
N ARG A 206 13.19 -19.71 -6.78
CA ARG A 206 12.85 -20.52 -5.63
C ARG A 206 11.55 -21.27 -5.88
N LEU A 207 10.56 -20.59 -6.42
CA LEU A 207 9.26 -21.18 -6.66
C LEU A 207 9.35 -22.30 -7.70
N ALA A 208 10.16 -22.08 -8.72
CA ALA A 208 10.31 -23.06 -9.77
C ALA A 208 11.03 -24.29 -9.27
N MET A 209 12.00 -24.09 -8.40
CA MET A 209 12.77 -25.17 -7.87
C MET A 209 11.95 -25.98 -6.88
N MET A 210 11.20 -25.29 -6.05
CA MET A 210 10.44 -25.95 -5.02
C MET A 210 9.25 -26.68 -5.59
N ALA A 211 8.69 -26.16 -6.68
CA ALA A 211 7.59 -26.81 -7.33
C ALA A 211 8.09 -28.02 -8.08
N GLU A 212 9.30 -27.92 -8.61
CA GLU A 212 9.90 -28.98 -9.39
C GLU A 212 10.18 -30.19 -8.52
N GLN A 213 10.67 -29.96 -7.30
CA GLN A 213 11.03 -31.03 -6.40
C GLN A 213 9.82 -31.82 -5.92
N GLY A 214 8.63 -31.29 -6.11
CA GLY A 214 7.46 -32.01 -5.73
C GLY A 214 6.23 -31.15 -5.68
N ILE A 215 6.00 -30.55 -4.56
CA ILE A 215 4.78 -29.81 -4.32
C ILE A 215 4.89 -28.35 -4.71
N SER A 216 3.78 -27.73 -4.92
CA SER A 216 3.71 -26.33 -5.19
C SER A 216 3.35 -25.62 -3.89
N GLY A 217 4.03 -24.55 -3.56
CA GLY A 217 3.83 -23.94 -2.27
C GLY A 217 3.66 -22.45 -2.33
N ALA A 218 2.44 -22.03 -2.17
CA ALA A 218 2.07 -20.64 -2.08
C ALA A 218 0.82 -20.60 -1.23
N LYS A 219 0.97 -20.28 0.03
CA LYS A 219 -0.15 -20.32 0.93
C LYS A 219 -1.04 -19.10 0.83
N GLY A 220 -2.32 -19.36 0.67
CA GLY A 220 -3.29 -18.33 0.52
C GLY A 220 -3.80 -17.88 1.86
N LYS A 221 -3.70 -16.62 2.11
CA LYS A 221 -4.10 -16.04 3.37
C LYS A 221 -4.88 -14.77 3.08
N LYS A 222 -5.51 -14.23 4.08
CA LYS A 222 -6.22 -12.97 3.94
C LYS A 222 -5.33 -11.81 4.36
N ASP A 223 -4.47 -12.07 5.33
CA ASP A 223 -3.55 -11.09 5.85
C ASP A 223 -2.45 -11.81 6.58
N SER A 1 -59.90 -44.88 24.10
CA SER A 1 -58.88 -43.87 24.26
C SER A 1 -58.19 -43.65 22.93
N SER A 2 -58.22 -42.44 22.45
CA SER A 2 -57.63 -42.10 21.19
C SER A 2 -56.11 -41.97 21.34
N GLY A 3 -55.39 -42.23 20.27
CA GLY A 3 -53.96 -42.09 20.31
C GLY A 3 -53.55 -40.65 20.15
N ILE A 4 -52.36 -40.37 20.53
CA ILE A 4 -51.83 -39.02 20.44
C ILE A 4 -50.89 -38.95 19.26
N GLU A 5 -51.35 -38.35 18.21
CA GLU A 5 -50.58 -38.24 17.02
C GLU A 5 -49.95 -36.89 16.94
N GLY A 6 -48.66 -36.86 16.98
CA GLY A 6 -47.95 -35.64 16.91
C GLY A 6 -46.73 -35.80 16.08
N CYS A 7 -46.91 -36.27 14.87
CA CYS A 7 -45.81 -36.47 13.98
C CYS A 7 -45.63 -35.25 13.08
N THR A 8 -44.89 -34.31 13.58
CA THR A 8 -44.60 -33.12 12.85
C THR A 8 -43.26 -33.27 12.18
N GLU A 9 -43.27 -33.55 10.91
CA GLU A 9 -42.05 -33.76 10.18
C GLU A 9 -41.44 -32.46 9.70
N ASP A 10 -40.81 -31.80 10.62
CA ASP A 10 -40.12 -30.56 10.40
C ASP A 10 -38.82 -30.68 11.20
N GLU A 11 -37.76 -31.01 10.48
CA GLU A 11 -36.44 -31.39 11.02
C GLU A 11 -35.89 -30.49 12.12
N LYS A 12 -35.86 -29.19 11.86
CA LYS A 12 -35.16 -28.21 12.72
C LYS A 12 -33.66 -28.39 12.63
N ARG A 13 -33.10 -27.84 11.61
CA ARG A 13 -31.69 -27.80 11.44
C ARG A 13 -31.30 -26.45 10.92
N ASP A 14 -30.44 -25.78 11.64
CA ASP A 14 -30.10 -24.41 11.34
C ASP A 14 -29.18 -24.32 10.14
N SER A 15 -28.04 -25.00 10.26
CA SER A 15 -27.00 -25.12 9.23
C SER A 15 -26.76 -23.82 8.42
N VAL A 16 -26.22 -22.83 9.06
CA VAL A 16 -25.88 -21.59 8.38
C VAL A 16 -24.39 -21.59 8.09
N VAL A 17 -24.04 -21.62 6.84
CA VAL A 17 -22.66 -21.61 6.44
C VAL A 17 -22.20 -20.16 6.24
N GLU A 18 -20.95 -19.88 6.56
CA GLU A 18 -20.39 -18.57 6.43
C GLU A 18 -18.93 -18.71 6.03
N GLY A 19 -18.44 -17.75 5.27
CA GLY A 19 -17.06 -17.73 4.85
C GLY A 19 -16.61 -16.31 4.69
N ALA A 20 -16.74 -15.56 5.76
CA ALA A 20 -16.45 -14.14 5.75
C ALA A 20 -14.95 -13.87 5.86
N THR A 21 -14.45 -13.15 4.89
CA THR A 21 -13.08 -12.71 4.83
C THR A 21 -12.93 -11.76 3.64
N SER A 22 -12.31 -10.64 3.85
CA SER A 22 -12.11 -9.69 2.79
C SER A 22 -10.84 -10.06 2.02
N VAL A 23 -11.01 -10.58 0.81
CA VAL A 23 -9.90 -11.02 -0.01
C VAL A 23 -9.18 -9.82 -0.64
N GLU A 24 -8.07 -9.45 -0.01
CA GLU A 24 -7.22 -8.35 -0.41
C GLU A 24 -7.88 -6.98 -0.24
N ALA A 25 -7.06 -5.98 -0.18
CA ALA A 25 -7.49 -4.64 0.05
C ALA A 25 -7.60 -3.86 -1.25
N SER A 26 -8.10 -2.65 -1.11
CA SER A 26 -8.18 -1.71 -2.18
C SER A 26 -7.06 -0.71 -1.92
N LEU A 27 -6.81 0.20 -2.82
CA LEU A 27 -5.70 1.12 -2.66
C LEU A 27 -5.85 2.02 -1.45
N LYS A 28 -7.08 2.42 -1.15
CA LYS A 28 -7.29 3.29 0.01
C LYS A 28 -7.06 2.52 1.28
N GLU A 29 -7.61 1.35 1.31
CA GLU A 29 -7.52 0.47 2.44
C GLU A 29 -6.06 0.01 2.66
N GLN A 30 -5.31 -0.14 1.58
CA GLN A 30 -3.91 -0.50 1.66
C GLN A 30 -3.12 0.68 2.23
N ILE A 31 -3.49 1.88 1.80
CA ILE A 31 -2.92 3.12 2.33
C ILE A 31 -3.20 3.21 3.83
N ASP A 32 -4.41 2.85 4.23
CA ASP A 32 -4.76 2.82 5.64
C ASP A 32 -3.90 1.85 6.41
N TRP A 33 -3.50 0.74 5.77
CA TRP A 33 -2.61 -0.23 6.40
C TRP A 33 -1.23 0.39 6.59
N LEU A 34 -0.78 1.07 5.56
CA LEU A 34 0.53 1.73 5.56
C LEU A 34 0.55 2.77 6.70
N ALA A 35 -0.52 3.52 6.80
CA ALA A 35 -0.67 4.52 7.82
C ALA A 35 -0.77 3.86 9.20
N GLU A 36 -1.51 2.77 9.25
CA GLU A 36 -1.76 2.03 10.47
C GLU A 36 -0.47 1.43 10.99
N ARG A 37 0.39 0.98 10.09
CA ARG A 37 1.63 0.37 10.54
C ARG A 37 2.61 1.43 11.06
N TYR A 38 2.58 2.63 10.47
CA TYR A 38 3.38 3.75 10.98
C TYR A 38 2.78 4.28 12.29
N SER A 39 1.48 4.24 12.36
CA SER A 39 0.72 4.70 13.49
C SER A 39 0.46 3.53 14.48
N ALA A 40 1.31 2.54 14.45
CA ALA A 40 1.25 1.47 15.39
C ALA A 40 2.56 1.40 16.12
N ASP A 41 2.52 1.43 17.42
CA ASP A 41 3.75 1.36 18.21
C ASP A 41 3.74 0.13 19.09
N LEU A 42 4.86 -0.50 19.19
CA LEU A 42 4.99 -1.67 19.98
C LEU A 42 5.62 -1.33 21.31
N THR A 43 4.83 -0.66 22.11
CA THR A 43 5.21 -0.16 23.42
C THR A 43 5.53 -1.32 24.41
N ASN A 44 4.90 -2.47 24.22
CA ASN A 44 5.10 -3.58 25.14
C ASN A 44 6.23 -4.46 24.70
N LYS A 45 6.79 -4.14 23.56
CA LYS A 45 7.89 -4.90 23.04
C LYS A 45 9.12 -4.03 23.02
N ASP A 46 9.97 -4.19 24.00
CA ASP A 46 11.21 -3.46 24.03
C ASP A 46 12.14 -4.07 23.01
N THR A 47 12.50 -3.30 22.04
CA THR A 47 13.24 -3.78 20.93
C THR A 47 14.65 -4.13 21.33
N SER A 48 14.89 -5.41 21.38
CA SER A 48 16.12 -5.93 21.82
C SER A 48 16.85 -6.60 20.65
N LYS A 49 17.89 -5.91 20.21
CA LYS A 49 18.79 -6.37 19.15
C LYS A 49 18.11 -6.47 17.80
N TRP A 50 17.28 -5.49 17.49
CA TRP A 50 16.72 -5.37 16.17
C TRP A 50 17.79 -4.88 15.23
N ASN A 51 18.37 -5.78 14.50
CA ASN A 51 19.42 -5.42 13.60
C ASN A 51 18.87 -5.42 12.20
N THR A 52 17.91 -4.54 12.00
CA THR A 52 17.23 -4.37 10.74
C THR A 52 18.18 -3.69 9.78
N ASP A 53 18.81 -2.65 10.31
CA ASP A 53 19.76 -1.82 9.59
C ASP A 53 20.98 -2.61 9.21
N GLU A 54 21.28 -3.60 10.00
CA GLU A 54 22.41 -4.45 9.78
C GLU A 54 22.12 -5.41 8.63
N LYS A 55 20.93 -5.96 8.63
CA LYS A 55 20.57 -6.93 7.63
C LYS A 55 20.44 -6.27 6.25
N VAL A 56 19.95 -5.06 6.23
CA VAL A 56 19.83 -4.36 4.98
C VAL A 56 21.18 -3.80 4.53
N LYS A 57 22.10 -3.64 5.46
CA LYS A 57 23.45 -3.24 5.14
C LYS A 57 24.08 -4.38 4.36
N GLU A 58 23.70 -5.56 4.74
CA GLU A 58 24.16 -6.77 4.16
C GLU A 58 23.48 -7.02 2.80
N LEU A 59 22.20 -6.67 2.72
CA LEU A 59 21.43 -6.84 1.49
C LEU A 59 21.56 -5.70 0.48
N LEU A 60 21.89 -4.49 0.93
CA LEU A 60 21.89 -3.35 0.01
C LEU A 60 22.95 -2.28 0.41
N ASN A 61 24.01 -2.73 1.07
CA ASN A 61 25.16 -1.85 1.46
C ASN A 61 24.74 -0.81 2.51
N GLU A 62 25.64 0.13 2.80
CA GLU A 62 25.42 1.22 3.78
C GLU A 62 24.21 2.08 3.42
N LYS A 63 23.83 2.07 2.16
CA LYS A 63 22.83 2.97 1.64
C LYS A 63 21.44 2.64 2.21
N ALA A 64 21.27 1.42 2.69
CA ALA A 64 20.02 0.99 3.24
C ALA A 64 19.99 1.11 4.77
N VAL A 65 21.11 1.52 5.36
CA VAL A 65 21.21 1.66 6.79
C VAL A 65 20.21 2.68 7.31
N GLY A 66 19.47 2.26 8.31
CA GLY A 66 18.44 3.08 8.87
C GLY A 66 17.12 2.85 8.19
N ILE A 67 16.99 1.69 7.55
CA ILE A 67 15.80 1.28 6.78
C ILE A 67 14.52 1.41 7.62
N GLU A 68 14.61 1.03 8.87
CA GLU A 68 13.52 1.12 9.82
C GLU A 68 13.10 2.57 10.01
N SER A 69 14.07 3.44 10.19
CA SER A 69 13.82 4.84 10.40
C SER A 69 13.37 5.49 9.10
N ARG A 70 13.93 5.01 8.02
CA ARG A 70 13.63 5.48 6.69
C ARG A 70 12.17 5.20 6.39
N LEU A 71 11.74 3.98 6.70
CA LEU A 71 10.36 3.59 6.48
C LEU A 71 9.44 4.42 7.32
N LEU A 72 9.85 4.68 8.53
CA LEU A 72 9.04 5.50 9.43
C LEU A 72 8.89 6.90 8.90
N ALA A 73 9.97 7.47 8.47
CA ALA A 73 9.95 8.83 7.99
C ALA A 73 9.21 8.94 6.67
N ILE A 74 9.36 7.96 5.84
CA ILE A 74 8.72 7.97 4.55
C ILE A 74 7.24 7.60 4.69
N ALA A 75 6.91 6.72 5.65
CA ALA A 75 5.53 6.39 5.92
C ALA A 75 4.85 7.61 6.50
N LYS A 76 5.59 8.33 7.33
CA LYS A 76 5.19 9.63 7.83
C LYS A 76 4.86 10.58 6.68
N GLU A 77 5.72 10.60 5.69
CA GLU A 77 5.50 11.41 4.50
C GLU A 77 4.26 10.96 3.72
N PHE A 78 4.03 9.66 3.65
CA PHE A 78 2.83 9.14 3.01
C PHE A 78 1.61 9.49 3.84
N HIS A 79 1.78 9.43 5.13
CA HIS A 79 0.75 9.75 6.08
C HIS A 79 0.38 11.22 5.96
N LYS A 80 1.37 12.07 5.85
CA LYS A 80 1.17 13.49 5.71
C LYS A 80 0.48 13.80 4.37
N LEU A 81 0.92 13.13 3.33
CA LEU A 81 0.39 13.37 2.00
C LEU A 81 -1.03 12.82 1.87
N LYS A 82 -1.30 11.75 2.56
CA LYS A 82 -2.61 11.16 2.54
C LYS A 82 -3.57 11.79 3.56
N SER A 83 -3.05 12.44 4.60
CA SER A 83 -3.89 13.10 5.60
C SER A 83 -4.48 14.41 5.06
N VAL A 84 -3.78 15.03 4.11
CA VAL A 84 -4.26 16.22 3.45
C VAL A 84 -5.21 15.80 2.33
N LEU A 85 -5.08 14.57 1.92
CA LEU A 85 -5.92 13.96 0.91
C LEU A 85 -7.27 13.57 1.53
N CYS A 86 -7.20 12.87 2.64
CA CYS A 86 -8.36 12.37 3.34
C CYS A 86 -8.93 13.45 4.25
N THR A 87 -10.19 13.38 4.56
CA THR A 87 -10.79 14.37 5.42
C THR A 87 -10.69 13.94 6.89
N GLY A 88 -10.33 14.88 7.75
CA GLY A 88 -10.32 14.62 9.17
C GLY A 88 -9.14 13.81 9.63
N VAL A 89 -8.17 13.64 8.78
CA VAL A 89 -7.01 12.88 9.16
C VAL A 89 -5.88 13.85 9.42
N ASN A 90 -5.38 13.84 10.62
CA ASN A 90 -4.31 14.74 11.00
C ASN A 90 -2.98 14.12 10.66
N GLU A 91 -1.98 14.94 10.59
CA GLU A 91 -0.66 14.54 10.18
C GLU A 91 0.20 14.23 11.40
N THR A 92 -0.42 14.25 12.54
CA THR A 92 0.27 14.02 13.76
C THR A 92 -0.30 12.78 14.49
N PRO A 93 0.40 11.64 14.38
CA PRO A 93 0.02 10.43 15.07
C PRO A 93 0.66 10.37 16.46
N ALA A 94 0.01 9.69 17.37
CA ALA A 94 0.46 9.63 18.74
C ALA A 94 1.24 8.35 18.94
N HIS A 95 0.81 7.32 18.29
CA HIS A 95 1.48 6.05 18.34
C HIS A 95 2.32 5.92 17.10
N VAL A 96 3.58 6.17 17.26
CA VAL A 96 4.53 6.02 16.17
C VAL A 96 5.58 5.00 16.60
N ALA A 97 5.81 3.99 15.78
CA ALA A 97 6.81 2.96 16.07
C ALA A 97 8.22 3.49 15.84
N ASN A 98 9.19 2.80 16.40
CA ASN A 98 10.59 3.15 16.19
C ASN A 98 11.30 2.01 15.43
N ARG A 99 10.61 0.91 15.25
CA ARG A 99 11.18 -0.28 14.65
C ARG A 99 10.19 -0.91 13.69
N VAL A 100 10.72 -1.49 12.61
CA VAL A 100 9.89 -2.18 11.64
C VAL A 100 10.41 -3.63 11.53
N SER A 101 9.54 -4.58 11.79
CA SER A 101 9.87 -5.98 11.76
C SER A 101 10.11 -6.50 10.31
N PRO A 102 10.94 -7.58 10.13
CA PRO A 102 11.36 -8.11 8.80
C PRO A 102 10.24 -8.35 7.79
N GLY A 103 9.21 -9.03 8.22
CA GLY A 103 8.11 -9.37 7.33
C GLY A 103 7.32 -8.15 6.95
N ASP A 104 7.16 -7.26 7.91
CA ASP A 104 6.50 -5.99 7.69
C ASP A 104 7.29 -5.17 6.73
N ALA A 105 8.60 -5.18 6.89
CA ALA A 105 9.52 -4.45 6.03
C ALA A 105 9.36 -4.91 4.58
N ILE A 106 9.27 -6.21 4.37
CA ILE A 106 9.08 -6.76 3.03
C ILE A 106 7.77 -6.23 2.44
N SER A 107 6.73 -6.23 3.26
CA SER A 107 5.46 -5.71 2.85
C SER A 107 5.57 -4.20 2.57
N MET A 108 6.26 -3.48 3.45
CA MET A 108 6.45 -2.03 3.32
C MET A 108 7.11 -1.69 2.01
N LEU A 109 8.16 -2.42 1.66
CA LEU A 109 8.89 -2.15 0.43
C LEU A 109 8.02 -2.40 -0.79
N TYR A 110 7.19 -3.42 -0.74
CA TYR A 110 6.27 -3.68 -1.82
C TYR A 110 5.14 -2.65 -1.85
N VAL A 111 4.65 -2.28 -0.69
CA VAL A 111 3.57 -1.31 -0.58
C VAL A 111 4.04 0.09 -1.00
N LEU A 112 5.30 0.42 -0.73
CA LEU A 112 5.87 1.72 -1.16
C LEU A 112 5.84 1.83 -2.67
N SER A 113 6.11 0.73 -3.35
CA SER A 113 6.05 0.70 -4.79
C SER A 113 4.60 0.91 -5.25
N ILE A 114 3.68 0.26 -4.56
CA ILE A 114 2.26 0.36 -4.85
C ILE A 114 1.73 1.78 -4.57
N THR A 115 2.16 2.37 -3.49
CA THR A 115 1.70 3.68 -3.11
C THR A 115 2.32 4.76 -4.00
N HIS A 116 3.54 4.56 -4.42
CA HIS A 116 4.17 5.49 -5.31
C HIS A 116 3.52 5.34 -6.69
N ARG A 117 2.99 4.14 -6.94
CA ARG A 117 2.30 3.84 -8.17
C ARG A 117 0.96 4.56 -8.21
N GLU A 118 0.22 4.55 -7.10
CA GLU A 118 -1.05 5.27 -7.09
C GLU A 118 -0.86 6.77 -7.15
N LEU A 119 0.21 7.26 -6.54
CA LEU A 119 0.54 8.67 -6.61
C LEU A 119 0.92 9.09 -8.02
N SER A 120 1.71 8.28 -8.68
CA SER A 120 2.12 8.58 -10.04
C SER A 120 0.95 8.41 -11.01
N SER A 121 0.08 7.44 -10.74
CA SER A 121 -1.09 7.21 -11.57
C SER A 121 -2.05 8.38 -11.38
N LEU A 122 -2.16 8.85 -10.14
CA LEU A 122 -2.98 9.99 -9.82
C LEU A 122 -2.46 11.18 -10.61
N LYS A 123 -1.16 11.41 -10.53
CA LYS A 123 -0.51 12.52 -11.24
C LYS A 123 -0.68 12.43 -12.75
N ASN A 124 -0.61 11.24 -13.28
CA ASN A 124 -0.73 11.04 -14.70
C ASN A 124 -2.18 11.22 -15.15
N LYS A 125 -3.12 10.77 -14.32
CA LYS A 125 -4.49 10.91 -14.68
C LYS A 125 -4.97 12.33 -14.46
N ILE A 126 -4.38 13.01 -13.45
CA ILE A 126 -4.62 14.43 -13.22
C ILE A 126 -4.26 15.18 -14.47
N ASP A 127 -3.11 14.86 -15.02
CA ASP A 127 -2.57 15.55 -16.19
C ASP A 127 -3.52 15.49 -17.36
N GLU A 128 -4.20 14.38 -17.51
CA GLU A 128 -5.18 14.25 -18.55
C GLU A 128 -6.38 15.14 -18.30
N TRP A 129 -6.98 15.00 -17.14
CA TRP A 129 -8.20 15.74 -16.88
C TRP A 129 -8.01 17.18 -16.45
N LYS A 130 -6.83 17.52 -15.98
CA LYS A 130 -6.55 18.88 -15.59
C LYS A 130 -6.31 19.72 -16.85
N LYS A 131 -6.02 19.02 -17.93
CA LYS A 131 -5.80 19.65 -19.20
C LYS A 131 -7.14 19.72 -19.95
N VAL A 132 -8.12 18.99 -19.45
CA VAL A 132 -9.48 19.04 -19.96
C VAL A 132 -10.10 20.38 -19.54
N LYS A 133 -10.92 20.93 -20.39
CA LYS A 133 -11.50 22.22 -20.14
C LYS A 133 -12.98 22.07 -19.80
N ALA A 134 -13.70 23.20 -19.80
CA ALA A 134 -15.13 23.21 -19.62
C ALA A 134 -15.73 22.36 -20.71
N SER A 135 -16.21 21.23 -20.33
CA SER A 135 -16.68 20.28 -21.26
C SER A 135 -18.19 20.38 -21.42
N GLU A 136 -18.65 20.02 -22.60
CA GLU A 136 -20.07 20.08 -22.99
C GLU A 136 -20.89 19.01 -22.26
N ASP A 137 -20.22 18.26 -21.41
CA ASP A 137 -20.81 17.26 -20.56
C ASP A 137 -21.46 17.94 -19.36
N GLY A 138 -21.11 19.21 -19.16
CA GLY A 138 -21.57 19.93 -17.99
C GLY A 138 -20.50 20.01 -16.97
N THR A 139 -19.38 19.48 -17.35
CA THR A 139 -18.23 19.42 -16.53
C THR A 139 -17.44 20.72 -16.69
N LYS A 140 -16.96 21.23 -15.62
CA LYS A 140 -16.15 22.43 -15.65
C LYS A 140 -14.71 22.01 -15.71
N VAL A 141 -13.80 22.96 -15.70
CA VAL A 141 -12.38 22.63 -15.67
C VAL A 141 -12.11 21.83 -14.40
N ILE A 142 -11.27 20.83 -14.50
CA ILE A 142 -11.00 20.02 -13.34
C ILE A 142 -10.03 20.75 -12.43
N GLN A 143 -10.61 21.50 -11.54
CA GLN A 143 -9.91 22.37 -10.66
C GLN A 143 -9.82 21.78 -9.25
N ASN A 144 -10.77 20.95 -8.90
CA ASN A 144 -10.82 20.37 -7.58
C ASN A 144 -10.70 18.86 -7.65
N ILE A 145 -10.36 18.25 -6.54
CA ILE A 145 -10.12 16.82 -6.44
C ILE A 145 -11.44 16.03 -6.30
N LYS A 146 -12.52 16.73 -6.10
CA LYS A 146 -13.74 16.10 -5.75
C LYS A 146 -14.75 16.23 -6.92
N ASP A 147 -14.21 16.19 -8.12
CA ASP A 147 -15.00 16.21 -9.32
C ASP A 147 -15.42 14.79 -9.66
N ASP A 148 -16.50 14.65 -10.37
CA ASP A 148 -17.05 13.36 -10.77
C ASP A 148 -16.00 12.51 -11.46
N ARG A 149 -15.14 13.12 -12.26
CA ARG A 149 -14.14 12.37 -13.00
C ARG A 149 -13.03 11.91 -12.07
N THR A 150 -12.69 12.72 -11.10
CA THR A 150 -11.66 12.32 -10.17
C THR A 150 -12.24 11.30 -9.20
N ASN A 151 -13.49 11.51 -8.78
CA ASN A 151 -14.21 10.60 -7.88
C ASN A 151 -14.35 9.24 -8.52
N THR A 152 -14.42 9.21 -9.84
CA THR A 152 -14.51 7.96 -10.57
C THR A 152 -13.22 7.14 -10.36
N TRP A 153 -12.09 7.80 -10.35
CA TRP A 153 -10.83 7.12 -10.12
C TRP A 153 -10.66 6.79 -8.65
N PHE A 154 -11.04 7.72 -7.81
CA PHE A 154 -10.90 7.56 -6.37
C PHE A 154 -11.75 6.42 -5.84
N VAL A 155 -13.00 6.38 -6.23
CA VAL A 155 -13.90 5.33 -5.75
C VAL A 155 -13.49 3.97 -6.33
N ALA A 156 -12.86 3.97 -7.52
CA ALA A 156 -12.37 2.75 -8.13
C ALA A 156 -11.31 2.14 -7.23
N HIS A 157 -10.42 2.99 -6.76
CA HIS A 157 -9.33 2.63 -5.86
C HIS A 157 -9.79 2.36 -4.42
N GLY A 158 -11.03 2.62 -4.14
CA GLY A 158 -11.54 2.34 -2.82
C GLY A 158 -11.70 3.57 -1.97
N PHE A 159 -11.33 4.72 -2.50
CA PHE A 159 -11.49 5.95 -1.79
C PHE A 159 -12.95 6.34 -1.84
N LYS A 160 -13.65 6.16 -0.76
CA LYS A 160 -15.04 6.52 -0.69
C LYS A 160 -15.13 8.05 -0.80
N VAL A 161 -16.27 8.56 -1.19
CA VAL A 161 -16.48 9.99 -1.34
C VAL A 161 -16.33 10.71 0.01
N ALA A 162 -16.59 9.97 1.08
CA ALA A 162 -16.45 10.50 2.42
C ALA A 162 -15.00 10.39 2.93
N GLU A 163 -14.13 9.75 2.16
CA GLU A 163 -12.75 9.59 2.57
C GLU A 163 -11.94 10.81 2.23
N LEU A 164 -12.18 11.39 1.07
CA LEU A 164 -11.37 12.54 0.64
C LEU A 164 -11.98 13.86 1.09
N ASN A 165 -11.14 14.87 1.21
CA ASN A 165 -11.62 16.20 1.54
C ASN A 165 -11.53 17.05 0.30
N ASP A 166 -12.22 18.15 0.27
CA ASP A 166 -12.27 18.98 -0.92
C ASP A 166 -11.03 19.87 -1.06
N VAL A 167 -10.05 19.33 -1.72
CA VAL A 167 -8.79 20.02 -2.00
C VAL A 167 -8.80 20.48 -3.47
N THR A 168 -7.97 21.42 -3.82
CA THR A 168 -7.81 21.78 -5.17
C THR A 168 -6.87 20.79 -5.82
N LEU A 169 -7.14 20.47 -7.06
CA LEU A 169 -6.40 19.44 -7.72
C LEU A 169 -5.02 19.94 -8.06
N GLU A 170 -4.91 21.24 -8.27
CA GLU A 170 -3.65 21.80 -8.62
C GLU A 170 -2.76 21.87 -7.40
N LYS A 171 -3.34 22.15 -6.23
CA LYS A 171 -2.56 22.18 -5.01
C LYS A 171 -2.11 20.77 -4.68
N LEU A 172 -3.04 19.83 -4.81
CA LEU A 172 -2.74 18.42 -4.58
C LEU A 172 -1.59 17.96 -5.47
N ALA A 173 -1.68 18.28 -6.74
CA ALA A 173 -0.69 17.87 -7.71
C ALA A 173 0.68 18.45 -7.42
N THR A 174 0.69 19.64 -6.88
CA THR A 174 1.90 20.31 -6.55
C THR A 174 2.55 19.70 -5.30
N VAL A 175 1.75 19.33 -4.31
CA VAL A 175 2.31 18.75 -3.12
C VAL A 175 2.75 17.31 -3.39
N VAL A 176 2.00 16.59 -4.24
CA VAL A 176 2.34 15.23 -4.58
C VAL A 176 3.64 15.18 -5.38
N ASN A 177 3.79 16.08 -6.37
CA ASN A 177 4.97 16.01 -7.23
C ASN A 177 6.23 16.34 -6.47
N GLU A 178 6.14 17.20 -5.48
CA GLU A 178 7.32 17.53 -4.72
C GLU A 178 7.66 16.44 -3.71
N LEU A 179 6.64 15.77 -3.22
CA LEU A 179 6.82 14.70 -2.26
C LEU A 179 7.52 13.52 -2.96
N VAL A 180 7.01 13.14 -4.12
CA VAL A 180 7.54 12.00 -4.85
C VAL A 180 8.88 12.31 -5.52
N SER A 181 9.21 13.57 -5.64
CA SER A 181 10.42 13.94 -6.31
C SER A 181 11.51 14.50 -5.38
N HIS A 182 11.47 14.25 -4.08
CA HIS A 182 12.58 14.73 -3.28
C HIS A 182 13.77 13.78 -3.46
N LYS A 183 14.97 14.30 -3.33
CA LYS A 183 16.19 13.56 -3.66
C LYS A 183 16.40 12.25 -2.90
N ASP A 184 15.96 12.17 -1.67
CA ASP A 184 16.10 10.92 -0.92
C ASP A 184 15.06 9.92 -1.37
N MET A 185 13.87 10.42 -1.67
CA MET A 185 12.73 9.60 -2.11
C MET A 185 13.01 8.99 -3.47
N ILE A 186 13.66 9.75 -4.32
CA ILE A 186 13.98 9.27 -5.66
C ILE A 186 14.92 8.08 -5.59
N TYR A 187 15.91 8.15 -4.72
CA TYR A 187 16.79 7.03 -4.59
C TYR A 187 16.09 5.89 -3.88
N ILE A 188 15.30 6.21 -2.87
CA ILE A 188 14.59 5.20 -2.11
C ILE A 188 13.60 4.45 -3.00
N ASN A 189 12.91 5.17 -3.87
CA ASN A 189 11.99 4.55 -4.82
C ASN A 189 12.73 3.57 -5.71
N ASP A 190 13.86 4.00 -6.24
CA ASP A 190 14.64 3.17 -7.14
C ASP A 190 15.25 2.00 -6.40
N ALA A 191 15.61 2.22 -5.14
CA ALA A 191 16.13 1.18 -4.29
C ALA A 191 15.06 0.16 -4.02
N MET A 192 13.86 0.62 -3.72
CA MET A 192 12.72 -0.26 -3.50
C MET A 192 12.38 -1.04 -4.74
N LYS A 193 12.42 -0.38 -5.90
CA LYS A 193 12.14 -1.06 -7.16
C LYS A 193 13.17 -2.13 -7.43
N GLN A 194 14.40 -1.86 -7.09
CA GLN A 194 15.45 -2.85 -7.23
C GLN A 194 15.26 -3.96 -6.21
N ASN A 195 14.92 -3.60 -4.98
CA ASN A 195 14.71 -4.58 -3.92
C ASN A 195 13.57 -5.49 -4.20
N VAL A 196 12.47 -4.94 -4.68
CA VAL A 196 11.32 -5.76 -4.94
C VAL A 196 11.56 -6.68 -6.12
N ASP A 197 12.27 -6.19 -7.12
CA ASP A 197 12.52 -7.00 -8.29
C ASP A 197 13.56 -8.07 -7.97
N LYS A 198 14.52 -7.69 -7.14
CA LYS A 198 15.56 -8.58 -6.64
C LYS A 198 14.93 -9.69 -5.80
N TRP A 199 14.04 -9.31 -4.92
CA TRP A 199 13.38 -10.27 -4.09
C TRP A 199 12.39 -11.09 -4.87
N THR A 200 11.81 -10.52 -5.91
CA THR A 200 10.96 -11.26 -6.82
C THR A 200 11.80 -12.34 -7.53
N LYS A 201 13.04 -11.98 -7.90
CA LYS A 201 13.98 -12.93 -8.49
C LYS A 201 14.24 -14.06 -7.51
N GLU A 202 14.47 -13.67 -6.26
CA GLU A 202 14.67 -14.62 -5.18
C GLU A 202 13.43 -15.50 -5.01
N GLU A 203 12.26 -14.89 -5.06
CA GLU A 203 10.99 -15.62 -4.93
C GLU A 203 10.83 -16.60 -6.06
N SER A 204 11.23 -16.20 -7.25
CA SER A 204 11.12 -17.02 -8.41
C SER A 204 12.01 -18.25 -8.29
N GLU A 205 13.24 -18.06 -7.84
CA GLU A 205 14.14 -19.19 -7.73
C GLU A 205 13.75 -20.06 -6.54
N ARG A 206 13.25 -19.42 -5.52
CA ARG A 206 12.79 -20.08 -4.31
C ARG A 206 11.57 -20.93 -4.61
N LEU A 207 10.65 -20.40 -5.40
CA LEU A 207 9.47 -21.13 -5.76
C LEU A 207 9.83 -22.27 -6.70
N ALA A 208 10.76 -22.01 -7.61
CA ALA A 208 11.22 -23.02 -8.55
C ALA A 208 11.91 -24.15 -7.82
N MET A 209 12.74 -23.78 -6.85
CA MET A 209 13.48 -24.71 -6.04
C MET A 209 12.52 -25.56 -5.23
N MET A 210 11.51 -24.91 -4.70
CA MET A 210 10.48 -25.55 -3.89
C MET A 210 9.69 -26.53 -4.74
N ALA A 211 9.35 -26.11 -5.95
CA ALA A 211 8.57 -26.91 -6.87
C ALA A 211 9.37 -28.13 -7.31
N GLU A 212 10.65 -27.93 -7.56
CA GLU A 212 11.54 -28.98 -8.01
C GLU A 212 11.75 -30.02 -6.91
N GLN A 213 11.58 -29.58 -5.70
CA GLN A 213 11.74 -30.42 -4.55
C GLN A 213 10.42 -31.13 -4.21
N GLY A 214 9.35 -30.74 -4.91
CA GLY A 214 8.05 -31.33 -4.68
C GLY A 214 7.42 -30.85 -3.40
N ILE A 215 7.68 -29.60 -3.07
CA ILE A 215 7.18 -28.98 -1.87
C ILE A 215 6.36 -27.76 -2.31
N SER A 216 5.38 -27.37 -1.53
CA SER A 216 4.59 -26.20 -1.81
C SER A 216 4.03 -25.62 -0.52
N GLY A 217 4.33 -24.36 -0.25
CA GLY A 217 3.77 -23.72 0.91
C GLY A 217 4.78 -23.09 1.84
N ALA A 218 5.12 -21.87 1.58
CA ALA A 218 5.97 -21.09 2.45
C ALA A 218 5.29 -19.77 2.71
N LYS A 219 4.52 -19.72 3.76
CA LYS A 219 3.71 -18.56 4.08
C LYS A 219 4.52 -17.46 4.73
N GLY A 220 4.37 -16.30 4.18
CA GLY A 220 4.94 -15.10 4.69
C GLY A 220 4.19 -13.98 4.05
N LYS A 221 4.45 -12.76 4.39
CA LYS A 221 3.75 -11.70 3.72
C LYS A 221 4.70 -10.94 2.84
N LYS A 222 4.74 -11.36 1.61
CA LYS A 222 5.54 -10.74 0.58
C LYS A 222 4.61 -10.11 -0.45
N ASP A 223 3.34 -10.14 -0.10
CA ASP A 223 2.24 -9.65 -0.87
C ASP A 223 1.03 -9.79 0.01
N SER A 1 -3.05 -59.59 18.66
CA SER A 1 -4.32 -59.77 19.35
C SER A 1 -5.48 -59.54 18.38
N SER A 2 -5.65 -58.30 17.93
CA SER A 2 -6.69 -57.90 16.97
C SER A 2 -8.13 -58.12 17.52
N GLY A 3 -9.09 -57.89 16.68
CA GLY A 3 -10.46 -58.06 17.01
C GLY A 3 -11.24 -57.77 15.78
N ILE A 4 -12.53 -57.93 15.82
CA ILE A 4 -13.32 -57.66 14.65
C ILE A 4 -13.64 -56.17 14.56
N GLU A 5 -12.78 -55.46 13.89
CA GLU A 5 -13.00 -54.08 13.65
C GLU A 5 -13.57 -53.92 12.27
N GLY A 6 -14.87 -54.05 12.17
CA GLY A 6 -15.54 -53.95 10.89
C GLY A 6 -16.03 -52.55 10.64
N CYS A 7 -15.34 -51.61 11.22
CA CYS A 7 -15.66 -50.23 11.11
C CYS A 7 -14.84 -49.59 9.99
N THR A 8 -15.50 -49.08 9.01
CA THR A 8 -14.83 -48.43 7.91
C THR A 8 -15.77 -47.44 7.24
N GLU A 9 -15.30 -46.24 7.11
CA GLU A 9 -16.01 -45.18 6.47
C GLU A 9 -14.99 -44.15 6.02
N ASP A 10 -14.60 -44.24 4.78
CA ASP A 10 -13.57 -43.37 4.21
C ASP A 10 -13.95 -41.88 4.30
N GLU A 11 -12.92 -41.06 4.50
CA GLU A 11 -13.03 -39.62 4.69
C GLU A 11 -13.67 -38.94 3.50
N LYS A 12 -13.47 -39.53 2.32
CA LYS A 12 -14.03 -39.07 1.07
C LYS A 12 -13.52 -37.65 0.77
N ARG A 13 -12.25 -37.55 0.50
CA ARG A 13 -11.66 -36.25 0.27
C ARG A 13 -11.73 -35.84 -1.19
N ASP A 14 -12.78 -35.13 -1.54
CA ASP A 14 -12.91 -34.61 -2.90
C ASP A 14 -12.17 -33.29 -2.97
N SER A 15 -12.15 -32.60 -1.84
CA SER A 15 -11.42 -31.36 -1.62
C SER A 15 -11.77 -30.24 -2.60
N VAL A 16 -12.63 -29.33 -2.19
CA VAL A 16 -12.98 -28.20 -3.03
C VAL A 16 -11.79 -27.23 -3.16
N VAL A 17 -11.09 -27.37 -4.25
CA VAL A 17 -9.96 -26.54 -4.56
C VAL A 17 -10.41 -25.22 -5.19
N GLU A 18 -10.25 -24.17 -4.46
CA GLU A 18 -10.61 -22.86 -4.91
C GLU A 18 -9.41 -21.93 -4.70
N GLY A 19 -8.74 -21.62 -5.78
CA GLY A 19 -7.56 -20.80 -5.72
C GLY A 19 -7.85 -19.36 -6.03
N ALA A 20 -8.13 -18.60 -5.00
CA ALA A 20 -8.38 -17.19 -5.12
C ALA A 20 -7.83 -16.50 -3.88
N THR A 21 -6.89 -15.62 -4.05
CA THR A 21 -6.29 -14.96 -2.91
C THR A 21 -6.05 -13.50 -3.23
N SER A 22 -6.77 -12.64 -2.57
CA SER A 22 -6.59 -11.25 -2.76
C SER A 22 -5.51 -10.77 -1.78
N VAL A 23 -4.36 -10.40 -2.30
CA VAL A 23 -3.29 -9.92 -1.50
C VAL A 23 -3.51 -8.45 -1.15
N GLU A 24 -4.01 -8.24 0.07
CA GLU A 24 -4.45 -6.97 0.57
C GLU A 24 -5.71 -6.51 -0.13
N ALA A 25 -6.29 -5.51 0.40
CA ALA A 25 -7.45 -4.87 -0.16
C ALA A 25 -7.00 -3.77 -1.08
N SER A 26 -7.94 -3.11 -1.71
CA SER A 26 -7.68 -2.11 -2.72
C SER A 26 -6.87 -0.94 -2.17
N LEU A 27 -6.53 -0.02 -3.05
CA LEU A 27 -5.58 1.02 -2.75
C LEU A 27 -5.99 1.92 -1.60
N LYS A 28 -7.26 1.98 -1.27
CA LYS A 28 -7.67 2.79 -0.14
C LYS A 28 -7.22 2.12 1.14
N GLU A 29 -7.47 0.83 1.21
CA GLU A 29 -7.08 0.05 2.36
C GLU A 29 -5.57 -0.12 2.39
N GLN A 30 -4.96 -0.17 1.21
CA GLN A 30 -3.50 -0.30 1.07
C GLN A 30 -2.84 0.91 1.72
N ILE A 31 -3.34 2.07 1.34
CA ILE A 31 -2.85 3.35 1.81
C ILE A 31 -3.18 3.54 3.30
N ASP A 32 -4.25 2.96 3.73
CA ASP A 32 -4.62 3.03 5.13
C ASP A 32 -3.77 2.11 5.97
N TRP A 33 -3.41 0.96 5.44
CA TRP A 33 -2.61 -0.01 6.14
C TRP A 33 -1.21 0.54 6.40
N LEU A 34 -0.62 1.12 5.37
CA LEU A 34 0.75 1.63 5.47
C LEU A 34 0.81 2.80 6.42
N ALA A 35 -0.21 3.61 6.37
CA ALA A 35 -0.27 4.76 7.20
C ALA A 35 -0.53 4.37 8.63
N GLU A 36 -1.41 3.41 8.83
CA GLU A 36 -1.78 2.99 10.16
C GLU A 36 -0.63 2.28 10.83
N ARG A 37 0.23 1.65 10.04
CA ARG A 37 1.39 0.97 10.59
C ARG A 37 2.35 2.01 11.19
N TYR A 38 2.48 3.13 10.50
CA TYR A 38 3.27 4.27 11.00
C TYR A 38 2.55 5.00 12.16
N SER A 39 1.24 5.07 12.07
CA SER A 39 0.38 5.75 13.01
C SER A 39 0.03 4.83 14.20
N ALA A 40 0.87 3.87 14.43
CA ALA A 40 0.76 2.99 15.52
C ALA A 40 2.10 2.97 16.21
N ASP A 41 2.10 2.93 17.50
CA ASP A 41 3.34 2.95 18.26
C ASP A 41 3.47 1.68 19.02
N LEU A 42 4.66 1.16 19.11
CA LEU A 42 4.89 -0.11 19.72
C LEU A 42 5.85 -0.03 20.88
N THR A 43 5.72 1.02 21.68
CA THR A 43 6.52 1.21 22.89
C THR A 43 6.26 0.10 23.92
N ASN A 44 5.09 -0.51 23.82
CA ASN A 44 4.71 -1.64 24.68
C ASN A 44 5.49 -2.91 24.30
N LYS A 45 6.21 -2.82 23.20
CA LYS A 45 7.07 -3.90 22.74
C LYS A 45 8.50 -3.57 23.13
N ASP A 46 9.13 -4.49 23.80
CA ASP A 46 10.53 -4.36 24.18
C ASP A 46 11.36 -4.59 22.95
N THR A 47 11.98 -3.56 22.46
CA THR A 47 12.71 -3.67 21.23
C THR A 47 14.19 -3.92 21.49
N SER A 48 14.52 -5.17 21.73
CA SER A 48 15.89 -5.54 21.99
C SER A 48 16.65 -5.67 20.70
N LYS A 49 17.18 -4.53 20.27
CA LYS A 49 17.99 -4.32 19.07
C LYS A 49 17.56 -5.16 17.88
N TRP A 50 16.48 -4.74 17.26
CA TRP A 50 16.02 -5.38 16.05
C TRP A 50 17.06 -5.18 14.98
N ASN A 51 17.64 -6.26 14.55
CA ASN A 51 18.75 -6.25 13.63
C ASN A 51 18.20 -6.25 12.22
N THR A 52 17.47 -5.19 11.95
CA THR A 52 16.82 -4.98 10.69
C THR A 52 17.82 -4.36 9.72
N ASP A 53 18.61 -3.42 10.25
CA ASP A 53 19.63 -2.71 9.49
C ASP A 53 20.64 -3.69 8.94
N GLU A 54 20.89 -4.71 9.71
CA GLU A 54 21.82 -5.74 9.39
C GLU A 54 21.31 -6.56 8.21
N LYS A 55 20.06 -6.91 8.26
CA LYS A 55 19.46 -7.70 7.22
C LYS A 55 19.32 -6.91 5.93
N VAL A 56 19.01 -5.64 6.05
CA VAL A 56 18.86 -4.85 4.87
C VAL A 56 20.20 -4.47 4.27
N LYS A 57 21.25 -4.33 5.08
CA LYS A 57 22.56 -4.03 4.51
C LYS A 57 23.11 -5.25 3.80
N GLU A 58 22.59 -6.38 4.13
CA GLU A 58 23.02 -7.59 3.54
C GLU A 58 22.28 -7.81 2.22
N LEU A 59 20.99 -7.63 2.26
CA LEU A 59 20.15 -7.92 1.13
C LEU A 59 20.06 -6.73 0.16
N LEU A 60 20.20 -5.54 0.68
CA LEU A 60 20.02 -4.34 -0.12
C LEU A 60 21.31 -3.49 -0.12
N ASN A 61 22.33 -3.98 0.59
CA ASN A 61 23.65 -3.31 0.72
C ASN A 61 23.61 -2.14 1.70
N GLU A 62 24.75 -1.53 1.95
CA GLU A 62 24.90 -0.46 2.96
C GLU A 62 24.04 0.78 2.64
N LYS A 63 23.62 0.89 1.39
CA LYS A 63 22.79 2.01 0.93
C LYS A 63 21.37 2.01 1.55
N ALA A 64 21.08 1.01 2.37
CA ALA A 64 19.82 0.92 3.06
C ALA A 64 19.96 1.45 4.50
N VAL A 65 21.08 2.14 4.75
CA VAL A 65 21.42 2.73 6.05
C VAL A 65 20.29 3.62 6.62
N GLY A 66 19.86 3.26 7.82
CA GLY A 66 18.79 3.96 8.48
C GLY A 66 17.47 3.51 7.95
N ILE A 67 17.28 2.20 7.96
CA ILE A 67 16.14 1.59 7.34
C ILE A 67 14.84 1.87 8.09
N GLU A 68 14.82 1.57 9.38
CA GLU A 68 13.63 1.76 10.18
C GLU A 68 13.25 3.23 10.23
N SER A 69 14.24 4.08 10.37
CA SER A 69 14.01 5.50 10.46
C SER A 69 13.48 6.03 9.13
N ARG A 70 13.98 5.44 8.04
CA ARG A 70 13.59 5.84 6.70
C ARG A 70 12.14 5.48 6.48
N LEU A 71 11.80 4.27 6.88
CA LEU A 71 10.46 3.75 6.71
C LEU A 71 9.43 4.57 7.44
N LEU A 72 9.75 5.01 8.65
CA LEU A 72 8.80 5.86 9.34
C LEU A 72 8.78 7.26 8.77
N ALA A 73 9.94 7.73 8.31
CA ALA A 73 10.05 9.06 7.72
C ALA A 73 9.28 9.16 6.40
N ILE A 74 9.33 8.11 5.62
CA ILE A 74 8.62 8.07 4.36
C ILE A 74 7.13 7.93 4.61
N ALA A 75 6.78 7.11 5.59
CA ALA A 75 5.39 6.91 5.93
C ALA A 75 4.81 8.19 6.53
N LYS A 76 5.62 8.88 7.30
CA LYS A 76 5.34 10.21 7.85
C LYS A 76 4.98 11.17 6.69
N GLU A 77 5.84 11.18 5.69
CA GLU A 77 5.71 12.08 4.55
C GLU A 77 4.52 11.66 3.69
N PHE A 78 4.19 10.40 3.73
CA PHE A 78 3.06 9.89 3.04
C PHE A 78 1.78 10.14 3.86
N HIS A 79 1.93 10.22 5.15
CA HIS A 79 0.83 10.45 6.04
C HIS A 79 0.36 11.87 5.91
N LYS A 80 1.30 12.81 5.85
CA LYS A 80 0.97 14.23 5.66
C LYS A 80 0.36 14.45 4.28
N LEU A 81 0.70 13.57 3.35
CA LEU A 81 0.07 13.57 2.04
C LEU A 81 -1.40 13.12 2.17
N LYS A 82 -1.60 11.92 2.70
CA LYS A 82 -2.92 11.34 2.73
C LYS A 82 -3.86 12.01 3.73
N SER A 83 -3.35 12.69 4.73
CA SER A 83 -4.19 13.33 5.71
C SER A 83 -4.96 14.51 5.13
N VAL A 84 -4.47 15.07 4.03
CA VAL A 84 -5.20 16.10 3.35
C VAL A 84 -6.19 15.47 2.37
N LEU A 85 -5.92 14.22 2.02
CA LEU A 85 -6.71 13.50 1.04
C LEU A 85 -7.79 12.62 1.71
N CYS A 86 -7.61 12.28 2.95
CA CYS A 86 -8.56 11.51 3.70
C CYS A 86 -9.08 12.37 4.83
N THR A 87 -10.38 12.47 4.96
CA THR A 87 -10.94 13.35 5.94
C THR A 87 -11.06 12.66 7.29
N GLY A 88 -10.78 13.41 8.33
CA GLY A 88 -10.85 12.90 9.66
C GLY A 88 -9.50 12.42 10.12
N VAL A 89 -8.51 12.60 9.27
CA VAL A 89 -7.19 12.15 9.58
C VAL A 89 -6.32 13.31 10.04
N ASN A 90 -5.69 13.16 11.18
CA ASN A 90 -4.81 14.17 11.71
C ASN A 90 -3.48 14.04 10.98
N GLU A 91 -2.92 15.14 10.54
CA GLU A 91 -1.66 15.13 9.80
C GLU A 91 -0.45 14.81 10.70
N THR A 92 -0.69 14.73 11.97
CA THR A 92 0.33 14.46 12.96
C THR A 92 -0.19 13.53 14.06
N PRO A 93 0.04 12.21 13.94
CA PRO A 93 -0.40 11.27 14.95
C PRO A 93 0.50 11.29 16.20
N ALA A 94 -0.01 10.75 17.28
CA ALA A 94 0.69 10.70 18.54
C ALA A 94 1.37 9.36 18.66
N HIS A 95 0.82 8.41 17.95
CA HIS A 95 1.36 7.11 17.90
C HIS A 95 2.16 6.98 16.65
N VAL A 96 3.42 7.16 16.82
CA VAL A 96 4.37 7.00 15.75
C VAL A 96 5.37 5.93 16.16
N ALA A 97 5.51 4.91 15.35
CA ALA A 97 6.44 3.82 15.63
C ALA A 97 7.88 4.28 15.46
N ASN A 98 8.76 3.63 16.16
CA ASN A 98 10.19 3.92 16.06
C ASN A 98 10.95 2.71 15.52
N ARG A 99 10.36 1.53 15.66
CA ARG A 99 11.02 0.28 15.29
C ARG A 99 10.28 -0.46 14.20
N VAL A 100 11.03 -0.97 13.24
CA VAL A 100 10.48 -1.76 12.15
C VAL A 100 11.16 -3.14 12.13
N SER A 101 10.37 -4.16 12.30
CA SER A 101 10.87 -5.52 12.30
C SER A 101 11.26 -5.95 10.88
N PRO A 102 12.24 -6.89 10.73
CA PRO A 102 12.67 -7.42 9.42
C PRO A 102 11.50 -7.88 8.55
N GLY A 103 10.59 -8.62 9.17
CA GLY A 103 9.42 -9.13 8.47
C GLY A 103 8.51 -7.99 8.00
N ASP A 104 8.32 -7.04 8.89
CA ASP A 104 7.51 -5.83 8.63
C ASP A 104 8.09 -5.04 7.48
N ALA A 105 9.41 -4.98 7.44
CA ALA A 105 10.14 -4.25 6.43
C ALA A 105 9.87 -4.81 5.06
N ILE A 106 9.80 -6.13 4.95
CA ILE A 106 9.58 -6.78 3.66
C ILE A 106 8.21 -6.36 3.11
N SER A 107 7.23 -6.30 3.99
CA SER A 107 5.91 -5.90 3.62
C SER A 107 5.90 -4.44 3.24
N MET A 108 6.57 -3.62 4.04
CA MET A 108 6.60 -2.17 3.84
C MET A 108 7.28 -1.86 2.51
N LEU A 109 8.37 -2.56 2.22
CA LEU A 109 9.12 -2.35 0.98
C LEU A 109 8.30 -2.72 -0.25
N TYR A 110 7.47 -3.75 -0.13
CA TYR A 110 6.60 -4.11 -1.23
C TYR A 110 5.42 -3.15 -1.37
N VAL A 111 4.93 -2.64 -0.27
CA VAL A 111 3.85 -1.67 -0.32
C VAL A 111 4.38 -0.33 -0.87
N LEU A 112 5.53 0.10 -0.39
CA LEU A 112 6.14 1.37 -0.81
C LEU A 112 6.34 1.39 -2.32
N SER A 113 6.78 0.29 -2.86
CA SER A 113 7.06 0.21 -4.27
C SER A 113 5.78 0.20 -5.13
N ILE A 114 4.68 -0.30 -4.59
CA ILE A 114 3.44 -0.25 -5.33
C ILE A 114 2.77 1.11 -5.13
N THR A 115 2.86 1.64 -3.90
CA THR A 115 2.25 2.91 -3.57
C THR A 115 2.86 4.08 -4.37
N HIS A 116 4.16 4.04 -4.62
CA HIS A 116 4.76 5.10 -5.43
C HIS A 116 4.27 5.00 -6.87
N ARG A 117 4.02 3.78 -7.32
CA ARG A 117 3.58 3.56 -8.67
C ARG A 117 2.15 4.09 -8.85
N GLU A 118 1.30 3.85 -7.85
CA GLU A 118 -0.06 4.38 -7.89
C GLU A 118 -0.07 5.87 -7.72
N LEU A 119 0.81 6.40 -6.88
CA LEU A 119 0.92 7.85 -6.72
C LEU A 119 1.36 8.49 -8.01
N SER A 120 2.29 7.85 -8.69
CA SER A 120 2.77 8.32 -9.96
C SER A 120 1.64 8.24 -11.00
N SER A 121 0.89 7.14 -11.00
CA SER A 121 -0.23 6.97 -11.91
C SER A 121 -1.38 7.93 -11.58
N LEU A 122 -1.54 8.20 -10.29
CA LEU A 122 -2.50 9.15 -9.78
C LEU A 122 -2.13 10.50 -10.30
N LYS A 123 -0.89 10.87 -10.09
CA LYS A 123 -0.36 12.18 -10.48
C LYS A 123 -0.54 12.37 -11.96
N ASN A 124 -0.29 11.33 -12.71
CA ASN A 124 -0.43 11.36 -14.15
C ASN A 124 -1.85 11.69 -14.58
N LYS A 125 -2.81 11.10 -13.95
CA LYS A 125 -4.17 11.38 -14.30
C LYS A 125 -4.64 12.69 -13.70
N ILE A 126 -4.22 12.95 -12.48
CA ILE A 126 -4.60 14.15 -11.73
C ILE A 126 -4.13 15.39 -12.45
N ASP A 127 -2.90 15.36 -12.90
CA ASP A 127 -2.29 16.51 -13.51
C ASP A 127 -2.82 16.70 -14.94
N GLU A 128 -3.35 15.62 -15.50
CA GLU A 128 -3.93 15.65 -16.81
C GLU A 128 -5.34 16.22 -16.76
N TRP A 129 -6.17 15.72 -15.84
CA TRP A 129 -7.52 16.25 -15.74
C TRP A 129 -7.61 17.65 -15.19
N LYS A 130 -6.53 18.09 -14.52
CA LYS A 130 -6.40 19.50 -14.11
C LYS A 130 -6.52 20.39 -15.36
N LYS A 131 -5.97 19.88 -16.46
CA LYS A 131 -5.93 20.57 -17.73
C LYS A 131 -7.20 20.39 -18.54
N VAL A 132 -8.00 19.40 -18.16
CA VAL A 132 -9.29 19.22 -18.81
C VAL A 132 -10.24 20.30 -18.29
N LYS A 133 -10.60 21.20 -19.17
CA LYS A 133 -11.34 22.38 -18.81
C LYS A 133 -12.81 22.28 -19.16
N ALA A 134 -13.54 23.36 -18.87
CA ALA A 134 -14.97 23.43 -19.04
C ALA A 134 -15.37 23.30 -20.49
N SER A 135 -15.80 22.14 -20.82
CA SER A 135 -16.23 21.83 -22.14
C SER A 135 -17.74 22.02 -22.22
N GLU A 136 -18.23 22.36 -23.39
CA GLU A 136 -19.65 22.68 -23.60
C GLU A 136 -20.61 21.47 -23.48
N ASP A 137 -20.08 20.31 -23.19
CA ASP A 137 -20.93 19.13 -22.99
C ASP A 137 -21.29 19.04 -21.52
N GLY A 138 -20.55 19.76 -20.70
CA GLY A 138 -20.76 19.70 -19.30
C GLY A 138 -19.59 19.11 -18.56
N THR A 139 -18.47 19.00 -19.24
CA THR A 139 -17.26 18.58 -18.60
C THR A 139 -16.69 19.78 -17.85
N LYS A 140 -16.79 19.73 -16.55
CA LYS A 140 -16.31 20.80 -15.71
C LYS A 140 -14.80 20.60 -15.51
N VAL A 141 -14.10 21.63 -15.07
CA VAL A 141 -12.66 21.50 -14.86
C VAL A 141 -12.48 20.86 -13.52
N ILE A 142 -11.42 20.17 -13.38
CA ILE A 142 -11.14 19.46 -12.17
C ILE A 142 -10.26 20.34 -11.31
N GLN A 143 -10.89 21.06 -10.43
CA GLN A 143 -10.24 22.01 -9.59
C GLN A 143 -10.26 21.57 -8.14
N ASN A 144 -11.02 20.56 -7.84
CA ASN A 144 -11.08 20.01 -6.51
C ASN A 144 -11.06 18.49 -6.65
N ILE A 145 -10.55 17.81 -5.65
CA ILE A 145 -10.49 16.37 -5.66
C ILE A 145 -11.91 15.75 -5.60
N LYS A 146 -12.88 16.55 -5.20
CA LYS A 146 -14.25 16.08 -5.08
C LYS A 146 -15.03 16.26 -6.40
N ASP A 147 -14.29 16.42 -7.45
CA ASP A 147 -14.84 16.60 -8.76
C ASP A 147 -15.14 15.27 -9.37
N ASP A 148 -16.05 15.25 -10.31
CA ASP A 148 -16.59 14.00 -10.88
C ASP A 148 -15.52 13.09 -11.43
N ARG A 149 -14.53 13.64 -12.06
CA ARG A 149 -13.54 12.78 -12.68
C ARG A 149 -12.48 12.32 -11.75
N THR A 150 -12.30 13.03 -10.69
CA THR A 150 -11.40 12.62 -9.67
C THR A 150 -12.06 11.48 -8.91
N ASN A 151 -13.36 11.65 -8.67
CA ASN A 151 -14.18 10.64 -8.01
C ASN A 151 -14.15 9.35 -8.78
N THR A 152 -14.20 9.45 -10.11
CA THR A 152 -14.18 8.28 -10.98
C THR A 152 -12.93 7.40 -10.73
N TRP A 153 -11.81 8.02 -10.45
CA TRP A 153 -10.60 7.28 -10.22
C TRP A 153 -10.58 6.80 -8.81
N PHE A 154 -11.01 7.64 -7.93
CA PHE A 154 -11.01 7.33 -6.53
C PHE A 154 -11.95 6.19 -6.19
N VAL A 155 -13.16 6.22 -6.73
CA VAL A 155 -14.12 5.16 -6.47
C VAL A 155 -13.66 3.82 -7.00
N ALA A 156 -13.05 3.83 -8.17
CA ALA A 156 -12.58 2.62 -8.81
C ALA A 156 -11.40 2.00 -8.06
N HIS A 157 -10.64 2.83 -7.40
CA HIS A 157 -9.47 2.36 -6.67
C HIS A 157 -9.76 1.95 -5.21
N GLY A 158 -10.97 2.16 -4.74
CA GLY A 158 -11.29 1.71 -3.39
C GLY A 158 -11.64 2.83 -2.47
N PHE A 159 -11.38 4.04 -2.91
CA PHE A 159 -11.64 5.20 -2.11
C PHE A 159 -13.11 5.50 -2.12
N LYS A 160 -13.73 5.42 -0.99
CA LYS A 160 -15.11 5.81 -0.89
C LYS A 160 -15.21 7.31 -0.69
N VAL A 161 -16.25 7.88 -1.24
CA VAL A 161 -16.45 9.34 -1.26
C VAL A 161 -16.61 9.91 0.16
N ALA A 162 -17.00 9.07 1.08
CA ALA A 162 -17.21 9.48 2.46
C ALA A 162 -15.89 9.62 3.23
N GLU A 163 -14.84 8.93 2.78
CA GLU A 163 -13.59 8.98 3.48
C GLU A 163 -12.61 9.95 2.85
N LEU A 164 -12.78 10.24 1.58
CA LEU A 164 -11.88 11.15 0.93
C LEU A 164 -12.21 12.59 1.32
N ASN A 165 -11.18 13.38 1.46
CA ASN A 165 -11.27 14.75 1.92
C ASN A 165 -11.04 15.66 0.74
N ASP A 166 -11.69 16.79 0.73
CA ASP A 166 -11.56 17.65 -0.42
C ASP A 166 -10.60 18.80 -0.21
N VAL A 167 -9.69 18.90 -1.15
CA VAL A 167 -8.72 19.92 -1.27
C VAL A 167 -8.64 20.31 -2.73
N THR A 168 -8.00 21.41 -3.02
CA THR A 168 -7.85 21.84 -4.38
C THR A 168 -6.96 20.88 -5.17
N LEU A 169 -7.30 20.70 -6.42
CA LEU A 169 -6.64 19.76 -7.28
C LEU A 169 -5.22 20.23 -7.52
N GLU A 170 -5.08 21.53 -7.59
CA GLU A 170 -3.79 22.14 -7.82
C GLU A 170 -2.88 21.88 -6.62
N LYS A 171 -3.43 22.03 -5.43
CA LYS A 171 -2.65 21.86 -4.22
C LYS A 171 -2.27 20.39 -4.07
N LEU A 172 -3.22 19.53 -4.42
CA LEU A 172 -3.01 18.09 -4.36
C LEU A 172 -1.94 17.66 -5.36
N ALA A 173 -2.02 18.20 -6.57
CA ALA A 173 -1.10 17.84 -7.62
C ALA A 173 0.29 18.30 -7.32
N THR A 174 0.39 19.43 -6.66
CA THR A 174 1.68 19.96 -6.31
C THR A 174 2.33 19.10 -5.22
N VAL A 175 1.55 18.73 -4.20
CA VAL A 175 2.13 17.96 -3.11
C VAL A 175 2.51 16.55 -3.56
N VAL A 176 1.70 15.95 -4.43
CA VAL A 176 2.00 14.61 -4.88
C VAL A 176 3.22 14.61 -5.82
N ASN A 177 3.36 15.66 -6.64
CA ASN A 177 4.49 15.73 -7.55
C ASN A 177 5.77 15.90 -6.79
N GLU A 178 5.76 16.79 -5.82
CA GLU A 178 6.96 17.09 -5.07
C GLU A 178 7.33 15.94 -4.14
N LEU A 179 6.36 15.14 -3.79
CA LEU A 179 6.59 13.97 -3.01
C LEU A 179 7.26 12.90 -3.84
N VAL A 180 6.72 12.63 -5.02
CA VAL A 180 7.25 11.58 -5.85
C VAL A 180 8.53 11.98 -6.56
N SER A 181 8.79 13.27 -6.63
CA SER A 181 9.92 13.75 -7.35
C SER A 181 11.05 14.28 -6.45
N HIS A 182 11.02 14.03 -5.16
CA HIS A 182 12.14 14.48 -4.36
C HIS A 182 13.24 13.43 -4.38
N LYS A 183 14.47 13.88 -4.21
CA LYS A 183 15.66 13.03 -4.30
C LYS A 183 15.63 11.82 -3.38
N ASP A 184 15.12 11.98 -2.18
CA ASP A 184 15.07 10.87 -1.23
C ASP A 184 14.10 9.82 -1.70
N MET A 185 12.99 10.26 -2.21
CA MET A 185 11.96 9.38 -2.71
C MET A 185 12.46 8.63 -3.91
N ILE A 186 13.11 9.33 -4.82
CA ILE A 186 13.64 8.73 -6.02
C ILE A 186 14.73 7.71 -5.68
N TYR A 187 15.55 8.06 -4.72
CA TYR A 187 16.63 7.20 -4.29
C TYR A 187 16.08 5.95 -3.63
N ILE A 188 15.11 6.11 -2.77
CA ILE A 188 14.54 4.99 -2.07
C ILE A 188 13.70 4.18 -3.02
N ASN A 189 12.99 4.86 -3.90
CA ASN A 189 12.16 4.19 -4.86
C ASN A 189 12.97 3.37 -5.81
N ASP A 190 14.10 3.88 -6.27
CA ASP A 190 14.90 3.09 -7.19
C ASP A 190 15.55 1.93 -6.48
N ALA A 191 16.01 2.17 -5.27
CA ALA A 191 16.63 1.12 -4.47
C ALA A 191 15.64 0.02 -4.17
N MET A 192 14.45 0.40 -3.79
CA MET A 192 13.41 -0.55 -3.51
C MET A 192 12.89 -1.19 -4.77
N LYS A 193 12.88 -0.43 -5.86
CA LYS A 193 12.45 -0.95 -7.15
C LYS A 193 13.39 -2.04 -7.61
N GLN A 194 14.70 -1.80 -7.47
CA GLN A 194 15.67 -2.78 -7.88
C GLN A 194 15.62 -3.98 -6.96
N ASN A 195 15.39 -3.70 -5.69
CA ASN A 195 15.30 -4.73 -4.67
C ASN A 195 14.12 -5.64 -4.94
N VAL A 196 12.97 -5.05 -5.22
CA VAL A 196 11.77 -5.84 -5.45
C VAL A 196 11.86 -6.55 -6.78
N ASP A 197 12.59 -5.96 -7.71
CA ASP A 197 12.82 -6.58 -9.01
C ASP A 197 13.65 -7.84 -8.85
N LYS A 198 14.68 -7.76 -8.03
CA LYS A 198 15.51 -8.91 -7.77
C LYS A 198 14.74 -9.94 -6.99
N TRP A 199 13.99 -9.48 -6.00
CA TRP A 199 13.22 -10.37 -5.17
C TRP A 199 12.08 -11.03 -5.91
N THR A 200 11.43 -10.32 -6.80
CA THR A 200 10.34 -10.89 -7.54
C THR A 200 10.87 -11.92 -8.55
N LYS A 201 12.11 -11.71 -9.01
CA LYS A 201 12.70 -12.65 -9.92
C LYS A 201 13.12 -13.89 -9.14
N GLU A 202 13.64 -13.66 -7.95
CA GLU A 202 14.04 -14.71 -7.06
C GLU A 202 12.86 -15.60 -6.69
N GLU A 203 11.76 -14.98 -6.28
CA GLU A 203 10.61 -15.74 -5.87
C GLU A 203 9.96 -16.41 -7.02
N SER A 204 10.13 -15.83 -8.19
CA SER A 204 9.68 -16.42 -9.41
C SER A 204 10.39 -17.72 -9.61
N GLU A 205 11.70 -17.70 -9.61
CA GLU A 205 12.45 -18.87 -9.91
C GLU A 205 12.32 -19.92 -8.83
N ARG A 206 12.17 -19.45 -7.61
CA ARG A 206 12.00 -20.34 -6.48
C ARG A 206 10.62 -20.99 -6.49
N LEU A 207 9.58 -20.25 -6.85
CA LEU A 207 8.26 -20.83 -6.86
C LEU A 207 8.06 -21.67 -8.10
N ALA A 208 8.66 -21.22 -9.20
CA ALA A 208 8.57 -21.93 -10.46
C ALA A 208 9.27 -23.26 -10.35
N MET A 209 10.47 -23.27 -9.76
CA MET A 209 11.22 -24.51 -9.62
C MET A 209 10.46 -25.48 -8.72
N MET A 210 9.86 -24.95 -7.66
CA MET A 210 9.09 -25.76 -6.74
C MET A 210 7.85 -26.33 -7.43
N ALA A 211 7.22 -25.53 -8.27
CA ALA A 211 6.03 -25.95 -8.97
C ALA A 211 6.36 -27.05 -9.99
N GLU A 212 7.53 -26.96 -10.59
CA GLU A 212 7.94 -27.93 -11.58
C GLU A 212 8.39 -29.26 -10.96
N GLN A 213 9.26 -29.19 -9.99
CA GLN A 213 9.82 -30.41 -9.42
C GLN A 213 9.23 -30.74 -8.07
N GLY A 214 8.12 -30.14 -7.78
CA GLY A 214 7.40 -30.40 -6.58
C GLY A 214 5.93 -30.31 -6.81
N ILE A 215 5.27 -29.46 -6.07
CA ILE A 215 3.85 -29.27 -6.18
C ILE A 215 3.53 -27.84 -6.54
N SER A 216 2.37 -27.65 -7.09
CA SER A 216 1.93 -26.33 -7.43
C SER A 216 0.96 -25.84 -6.35
N GLY A 217 1.28 -24.70 -5.77
CA GLY A 217 0.46 -24.15 -4.72
C GLY A 217 -0.72 -23.42 -5.29
N ALA A 218 -1.84 -24.10 -5.33
CA ALA A 218 -3.04 -23.52 -5.87
C ALA A 218 -4.22 -23.76 -4.94
N LYS A 219 -4.52 -22.75 -4.15
CA LYS A 219 -5.65 -22.69 -3.26
C LYS A 219 -5.60 -21.37 -2.51
N GLY A 220 -6.73 -20.81 -2.26
CA GLY A 220 -6.79 -19.59 -1.54
C GLY A 220 -7.97 -19.57 -0.63
N LYS A 221 -8.55 -18.43 -0.51
CA LYS A 221 -9.68 -18.22 0.34
C LYS A 221 -10.55 -17.15 -0.27
N LYS A 222 -9.96 -15.96 -0.41
CA LYS A 222 -10.65 -14.77 -0.85
C LYS A 222 -11.58 -14.24 0.22
N ASP A 223 -11.42 -12.98 0.49
CA ASP A 223 -12.28 -12.27 1.36
C ASP A 223 -12.85 -11.16 0.53
N SER A 1 -50.50 -5.03 -21.37
CA SER A 1 -51.67 -4.80 -20.57
C SER A 1 -52.49 -6.09 -20.40
N SER A 2 -52.51 -6.94 -21.41
CA SER A 2 -53.20 -8.20 -21.36
C SER A 2 -52.64 -9.09 -22.45
N GLY A 3 -52.69 -10.37 -22.23
CA GLY A 3 -52.18 -11.32 -23.18
C GLY A 3 -51.88 -12.60 -22.49
N ILE A 4 -51.24 -13.50 -23.18
CA ILE A 4 -50.87 -14.77 -22.59
C ILE A 4 -49.61 -14.56 -21.75
N GLU A 5 -49.67 -14.92 -20.49
CA GLU A 5 -48.51 -14.81 -19.65
C GLU A 5 -47.57 -16.01 -19.86
N GLY A 6 -46.53 -15.79 -20.63
CA GLY A 6 -45.57 -16.83 -20.93
C GLY A 6 -44.37 -16.76 -20.03
N CYS A 7 -44.52 -16.05 -18.94
CA CYS A 7 -43.50 -15.91 -17.95
C CYS A 7 -43.54 -17.09 -17.00
N THR A 8 -42.63 -18.01 -17.15
CA THR A 8 -42.63 -19.18 -16.33
C THR A 8 -41.20 -19.62 -16.04
N GLU A 9 -40.31 -18.67 -16.11
CA GLU A 9 -38.92 -18.92 -15.88
C GLU A 9 -38.67 -19.01 -14.39
N ASP A 10 -37.96 -20.01 -13.99
CA ASP A 10 -37.72 -20.24 -12.59
C ASP A 10 -36.78 -19.19 -12.05
N GLU A 11 -37.10 -18.66 -10.90
CA GLU A 11 -36.37 -17.55 -10.31
C GLU A 11 -35.11 -18.02 -9.64
N LYS A 12 -35.18 -19.21 -9.08
CA LYS A 12 -34.17 -19.70 -8.16
C LYS A 12 -32.82 -19.92 -8.82
N ARG A 13 -31.78 -19.64 -8.06
CA ARG A 13 -30.42 -19.71 -8.53
C ARG A 13 -29.82 -21.04 -8.14
N ASP A 14 -28.63 -21.28 -8.61
CA ASP A 14 -27.90 -22.51 -8.30
C ASP A 14 -27.41 -22.52 -6.87
N SER A 15 -26.65 -21.52 -6.51
CA SER A 15 -26.11 -21.41 -5.18
C SER A 15 -26.02 -19.95 -4.76
N VAL A 16 -26.89 -19.55 -3.85
CA VAL A 16 -26.95 -18.20 -3.37
C VAL A 16 -25.93 -18.02 -2.25
N VAL A 17 -24.72 -17.70 -2.63
CA VAL A 17 -23.65 -17.47 -1.68
C VAL A 17 -23.05 -16.11 -1.98
N GLU A 18 -23.47 -15.12 -1.25
CA GLU A 18 -23.04 -13.78 -1.48
C GLU A 18 -22.05 -13.38 -0.41
N GLY A 19 -20.78 -13.49 -0.72
CA GLY A 19 -19.77 -13.17 0.24
C GLY A 19 -18.49 -13.91 -0.02
N ALA A 20 -17.63 -13.32 -0.77
CA ALA A 20 -16.34 -13.89 -1.06
C ALA A 20 -15.31 -13.25 -0.17
N THR A 21 -14.14 -13.80 -0.15
CA THR A 21 -13.07 -13.27 0.66
C THR A 21 -12.16 -12.40 -0.21
N SER A 22 -12.26 -11.10 -0.03
CA SER A 22 -11.45 -10.17 -0.78
C SER A 22 -10.09 -9.98 -0.12
N VAL A 23 -9.11 -10.67 -0.63
CA VAL A 23 -7.77 -10.55 -0.12
C VAL A 23 -7.10 -9.38 -0.84
N GLU A 24 -6.37 -8.56 -0.07
CA GLU A 24 -5.72 -7.33 -0.54
C GLU A 24 -6.77 -6.27 -0.86
N ALA A 25 -6.93 -5.34 0.05
CA ALA A 25 -7.87 -4.27 -0.08
C ALA A 25 -7.38 -3.23 -1.04
N SER A 26 -8.21 -2.26 -1.27
CA SER A 26 -7.96 -1.21 -2.20
C SER A 26 -6.82 -0.34 -1.70
N LEU A 27 -6.30 0.50 -2.55
CA LEU A 27 -5.15 1.30 -2.20
C LEU A 27 -5.45 2.29 -1.10
N LYS A 28 -6.73 2.59 -0.92
CA LYS A 28 -7.14 3.47 0.14
C LYS A 28 -6.90 2.79 1.50
N GLU A 29 -7.34 1.55 1.61
CA GLU A 29 -7.13 0.78 2.81
C GLU A 29 -5.68 0.33 2.94
N GLN A 30 -4.98 0.33 1.82
CA GLN A 30 -3.57 0.02 1.81
C GLN A 30 -2.81 1.19 2.48
N ILE A 31 -3.30 2.41 2.24
CA ILE A 31 -2.79 3.59 2.90
C ILE A 31 -3.11 3.49 4.39
N ASP A 32 -4.31 2.98 4.70
CA ASP A 32 -4.72 2.73 6.09
C ASP A 32 -3.77 1.79 6.77
N TRP A 33 -3.39 0.75 6.06
CA TRP A 33 -2.45 -0.24 6.55
C TRP A 33 -1.11 0.43 6.81
N LEU A 34 -0.68 1.23 5.86
CA LEU A 34 0.58 1.94 5.94
C LEU A 34 0.58 2.92 7.11
N ALA A 35 -0.53 3.60 7.27
CA ALA A 35 -0.70 4.58 8.32
C ALA A 35 -0.81 3.88 9.66
N GLU A 36 -1.46 2.74 9.67
CA GLU A 36 -1.63 1.93 10.86
C GLU A 36 -0.29 1.38 11.29
N ARG A 37 0.53 1.05 10.33
CA ARG A 37 1.82 0.47 10.58
C ARG A 37 2.73 1.50 11.24
N TYR A 38 2.65 2.75 10.78
CA TYR A 38 3.41 3.82 11.39
C TYR A 38 2.77 4.27 12.70
N SER A 39 1.50 4.08 12.82
CA SER A 39 0.79 4.46 13.98
C SER A 39 0.55 3.24 14.90
N ALA A 40 1.37 2.21 14.75
CA ALA A 40 1.27 1.08 15.59
C ALA A 40 2.28 1.20 16.68
N ASP A 41 1.83 1.12 17.89
CA ASP A 41 2.71 1.22 19.02
C ASP A 41 3.32 -0.11 19.31
N LEU A 42 4.61 -0.17 19.26
CA LEU A 42 5.33 -1.35 19.67
C LEU A 42 6.38 -0.91 20.67
N THR A 43 6.04 0.11 21.41
CA THR A 43 6.91 0.69 22.39
C THR A 43 7.01 -0.23 23.61
N ASN A 44 6.07 -1.17 23.70
CA ASN A 44 6.05 -2.15 24.78
C ASN A 44 7.03 -3.28 24.49
N LYS A 45 7.61 -3.23 23.31
CA LYS A 45 8.59 -4.22 22.88
C LYS A 45 9.97 -3.71 23.21
N ASP A 46 10.83 -4.57 23.67
CA ASP A 46 12.21 -4.18 23.91
C ASP A 46 13.00 -4.54 22.69
N THR A 47 13.36 -3.54 21.93
CA THR A 47 14.01 -3.81 20.69
C THR A 47 15.51 -3.92 20.85
N SER A 48 15.93 -5.08 21.30
CA SER A 48 17.30 -5.39 21.53
C SER A 48 18.04 -5.58 20.23
N LYS A 49 18.66 -4.49 19.80
CA LYS A 49 19.46 -4.37 18.61
C LYS A 49 18.82 -5.00 17.38
N TRP A 50 17.74 -4.40 16.95
CA TRP A 50 17.09 -4.82 15.73
C TRP A 50 17.95 -4.48 14.54
N ASN A 51 18.65 -5.45 14.04
CA ASN A 51 19.47 -5.23 12.89
C ASN A 51 18.69 -5.49 11.64
N THR A 52 17.67 -4.68 11.47
CA THR A 52 16.87 -4.71 10.29
C THR A 52 17.65 -3.99 9.23
N ASP A 53 18.32 -2.92 9.68
CA ASP A 53 19.15 -2.08 8.85
C ASP A 53 20.26 -2.91 8.28
N GLU A 54 20.81 -3.77 9.10
CA GLU A 54 21.94 -4.56 8.72
C GLU A 54 21.55 -5.65 7.71
N LYS A 55 20.35 -6.16 7.83
CA LYS A 55 19.87 -7.15 6.88
C LYS A 55 19.60 -6.51 5.55
N VAL A 56 19.03 -5.31 5.55
CA VAL A 56 18.82 -4.64 4.30
C VAL A 56 20.14 -4.07 3.77
N LYS A 57 21.12 -3.91 4.64
CA LYS A 57 22.48 -3.53 4.24
C LYS A 57 23.14 -4.69 3.51
N GLU A 58 22.61 -5.87 3.67
CA GLU A 58 23.08 -6.99 2.93
C GLU A 58 22.28 -7.12 1.65
N LEU A 59 20.99 -6.86 1.75
CA LEU A 59 20.08 -6.95 0.62
C LEU A 59 20.21 -5.79 -0.39
N LEU A 60 20.53 -4.58 0.09
CA LEU A 60 20.64 -3.41 -0.78
C LEU A 60 21.97 -2.69 -0.60
N ASN A 61 22.88 -3.31 0.14
CA ASN A 61 24.17 -2.71 0.52
C ASN A 61 23.93 -1.58 1.53
N GLU A 62 24.93 -0.79 1.82
CA GLU A 62 24.85 0.26 2.84
C GLU A 62 23.83 1.37 2.46
N LYS A 63 23.36 1.35 1.22
CA LYS A 63 22.39 2.32 0.70
C LYS A 63 21.05 2.30 1.46
N ALA A 64 20.83 1.25 2.23
CA ALA A 64 19.61 1.06 2.96
C ALA A 64 19.81 1.32 4.47
N VAL A 65 20.93 1.95 4.83
CA VAL A 65 21.26 2.26 6.21
C VAL A 65 20.14 3.03 6.94
N GLY A 66 19.77 2.51 8.10
CA GLY A 66 18.72 3.10 8.92
C GLY A 66 17.38 2.92 8.28
N ILE A 67 17.07 1.67 7.97
CA ILE A 67 15.88 1.35 7.20
C ILE A 67 14.59 1.55 8.00
N GLU A 68 14.60 1.22 9.28
CA GLU A 68 13.41 1.35 10.07
C GLU A 68 13.15 2.81 10.33
N SER A 69 14.22 3.55 10.54
CA SER A 69 14.14 4.96 10.75
C SER A 69 13.67 5.65 9.45
N ARG A 70 14.13 5.12 8.33
CA ARG A 70 13.75 5.59 7.02
C ARG A 70 12.27 5.37 6.80
N LEU A 71 11.82 4.17 7.12
CA LEU A 71 10.44 3.82 6.96
C LEU A 71 9.57 4.63 7.86
N LEU A 72 10.04 4.90 9.05
CA LEU A 72 9.32 5.73 10.00
C LEU A 72 9.15 7.13 9.47
N ALA A 73 10.23 7.71 9.00
CA ALA A 73 10.20 9.07 8.54
C ALA A 73 9.38 9.23 7.29
N ILE A 74 9.47 8.25 6.42
CA ILE A 74 8.74 8.32 5.19
C ILE A 74 7.27 7.94 5.41
N ALA A 75 7.00 7.01 6.33
CA ALA A 75 5.62 6.65 6.62
C ALA A 75 4.95 7.79 7.34
N LYS A 76 5.72 8.50 8.15
CA LYS A 76 5.28 9.76 8.75
C LYS A 76 4.82 10.70 7.65
N GLU A 77 5.64 10.83 6.61
CA GLU A 77 5.31 11.67 5.48
C GLU A 77 4.03 11.18 4.79
N PHE A 78 3.85 9.87 4.69
CA PHE A 78 2.63 9.30 4.13
C PHE A 78 1.42 9.53 5.04
N HIS A 79 1.65 9.48 6.33
CA HIS A 79 0.63 9.74 7.32
C HIS A 79 0.22 11.22 7.23
N LYS A 80 1.21 12.07 7.03
CA LYS A 80 1.02 13.50 6.86
C LYS A 80 0.23 13.73 5.56
N LEU A 81 0.46 12.89 4.57
CA LEU A 81 -0.28 12.95 3.32
C LEU A 81 -1.72 12.51 3.53
N LYS A 82 -1.91 11.41 4.24
CA LYS A 82 -3.25 10.89 4.50
C LYS A 82 -4.06 11.88 5.32
N SER A 83 -3.43 12.51 6.28
CA SER A 83 -4.11 13.45 7.12
C SER A 83 -4.59 14.70 6.34
N VAL A 84 -3.93 15.00 5.23
CA VAL A 84 -4.35 16.08 4.35
C VAL A 84 -5.38 15.56 3.31
N LEU A 85 -5.13 14.39 2.77
CA LEU A 85 -5.94 13.86 1.67
C LEU A 85 -7.20 13.12 2.16
N CYS A 86 -7.22 12.72 3.39
CA CYS A 86 -8.38 12.11 3.96
C CYS A 86 -8.97 13.04 4.99
N THR A 87 -10.28 13.11 5.08
CA THR A 87 -10.88 14.06 5.98
C THR A 87 -11.07 13.48 7.39
N GLY A 88 -10.65 14.26 8.37
CA GLY A 88 -10.83 13.87 9.75
C GLY A 88 -9.71 13.00 10.24
N VAL A 89 -8.61 13.02 9.54
CA VAL A 89 -7.48 12.23 9.95
C VAL A 89 -6.43 13.12 10.63
N ASN A 90 -5.99 12.67 11.79
CA ASN A 90 -4.96 13.33 12.60
C ASN A 90 -3.59 13.20 11.90
N GLU A 91 -2.73 14.19 12.06
CA GLU A 91 -1.43 14.19 11.39
C GLU A 91 -0.28 13.88 12.34
N THR A 92 -0.59 13.84 13.59
CA THR A 92 0.41 13.61 14.61
C THR A 92 -0.11 12.60 15.61
N PRO A 93 0.16 11.33 15.38
CA PRO A 93 -0.35 10.28 16.22
C PRO A 93 0.44 10.12 17.52
N ALA A 94 -0.18 9.49 18.48
CA ALA A 94 0.39 9.24 19.76
C ALA A 94 1.04 7.90 19.72
N HIS A 95 0.35 6.98 19.10
CA HIS A 95 0.86 5.67 18.89
C HIS A 95 1.70 5.72 17.66
N VAL A 96 2.97 5.79 17.85
CA VAL A 96 3.91 5.85 16.76
C VAL A 96 4.86 4.66 16.84
N ALA A 97 5.07 4.03 15.71
CA ALA A 97 5.98 2.92 15.58
C ALA A 97 7.40 3.39 15.80
N ASN A 98 8.18 2.57 16.45
CA ASN A 98 9.58 2.88 16.69
C ASN A 98 10.48 1.96 15.87
N ARG A 99 10.04 0.75 15.65
CA ARG A 99 10.83 -0.26 14.99
C ARG A 99 10.04 -1.01 13.95
N VAL A 100 10.73 -1.38 12.89
CA VAL A 100 10.18 -2.17 11.80
C VAL A 100 11.01 -3.44 11.69
N SER A 101 10.37 -4.59 11.78
CA SER A 101 11.08 -5.85 11.71
C SER A 101 11.38 -6.15 10.23
N PRO A 102 12.35 -7.04 9.92
CA PRO A 102 12.68 -7.38 8.51
C PRO A 102 11.46 -7.86 7.72
N GLY A 103 10.61 -8.60 8.40
CA GLY A 103 9.40 -9.10 7.79
C GLY A 103 8.44 -7.98 7.47
N ASP A 104 8.28 -7.05 8.41
CA ASP A 104 7.42 -5.88 8.23
C ASP A 104 7.98 -5.04 7.12
N ALA A 105 9.30 -4.95 7.09
CA ALA A 105 10.04 -4.16 6.13
C ALA A 105 9.75 -4.62 4.72
N ILE A 106 9.69 -5.92 4.51
CA ILE A 106 9.38 -6.46 3.19
C ILE A 106 8.03 -5.92 2.72
N SER A 107 7.05 -5.96 3.59
CA SER A 107 5.75 -5.45 3.26
C SER A 107 5.78 -3.93 3.06
N MET A 108 6.53 -3.24 3.91
CA MET A 108 6.67 -1.79 3.84
C MET A 108 7.31 -1.37 2.52
N LEU A 109 8.36 -2.09 2.13
CA LEU A 109 9.08 -1.80 0.90
C LEU A 109 8.20 -1.99 -0.33
N TYR A 110 7.35 -3.01 -0.28
CA TYR A 110 6.41 -3.22 -1.36
C TYR A 110 5.36 -2.14 -1.39
N VAL A 111 4.83 -1.80 -0.22
CA VAL A 111 3.77 -0.82 -0.11
C VAL A 111 4.24 0.58 -0.54
N LEU A 112 5.46 0.95 -0.20
CA LEU A 112 5.97 2.26 -0.61
C LEU A 112 6.17 2.34 -2.11
N SER A 113 6.65 1.26 -2.68
CA SER A 113 6.91 1.22 -4.11
C SER A 113 5.59 1.31 -4.90
N ILE A 114 4.60 0.56 -4.45
CA ILE A 114 3.32 0.53 -5.14
C ILE A 114 2.59 1.88 -4.95
N THR A 115 2.70 2.44 -3.75
CA THR A 115 2.03 3.67 -3.44
C THR A 115 2.64 4.84 -4.22
N HIS A 116 3.96 4.89 -4.33
CA HIS A 116 4.58 6.00 -5.02
C HIS A 116 4.34 5.86 -6.53
N ARG A 117 4.18 4.62 -6.98
CA ARG A 117 3.84 4.37 -8.36
C ARG A 117 2.42 4.87 -8.64
N GLU A 118 1.48 4.60 -7.75
CA GLU A 118 0.18 5.22 -7.83
C GLU A 118 0.08 6.69 -7.56
N LEU A 119 1.05 7.24 -6.87
CA LEU A 119 1.15 8.68 -6.76
C LEU A 119 1.57 9.25 -8.12
N SER A 120 2.47 8.55 -8.79
CA SER A 120 2.94 8.94 -10.10
C SER A 120 1.80 8.77 -11.13
N SER A 121 1.02 7.71 -11.01
CA SER A 121 -0.09 7.51 -11.90
C SER A 121 -1.27 8.40 -11.53
N LEU A 122 -1.36 8.79 -10.25
CA LEU A 122 -2.36 9.77 -9.79
C LEU A 122 -2.03 11.05 -10.52
N LYS A 123 -0.74 11.35 -10.57
CA LYS A 123 -0.24 12.51 -11.31
C LYS A 123 -0.56 12.40 -12.78
N ASN A 124 -0.35 11.22 -13.34
CA ASN A 124 -0.63 10.97 -14.75
C ASN A 124 -2.11 11.24 -15.03
N LYS A 125 -2.94 10.89 -14.06
CA LYS A 125 -4.36 11.16 -14.13
C LYS A 125 -4.62 12.66 -13.97
N ILE A 126 -3.88 13.30 -13.07
CA ILE A 126 -3.98 14.76 -12.85
C ILE A 126 -3.78 15.47 -14.16
N ASP A 127 -2.70 15.14 -14.84
CA ASP A 127 -2.34 15.81 -16.08
C ASP A 127 -3.37 15.50 -17.16
N GLU A 128 -3.91 14.29 -17.09
CA GLU A 128 -4.92 13.79 -18.02
C GLU A 128 -6.22 14.60 -17.88
N TRP A 129 -6.71 14.76 -16.66
CA TRP A 129 -7.89 15.57 -16.46
C TRP A 129 -7.67 17.06 -16.38
N LYS A 130 -6.44 17.47 -16.14
CA LYS A 130 -6.11 18.89 -16.21
C LYS A 130 -6.10 19.30 -17.68
N LYS A 131 -5.91 18.32 -18.55
CA LYS A 131 -5.98 18.51 -19.98
C LYS A 131 -7.47 18.63 -20.38
N VAL A 132 -8.31 18.07 -19.53
CA VAL A 132 -9.74 18.15 -19.65
C VAL A 132 -10.18 19.52 -19.15
N LYS A 133 -11.07 20.12 -19.86
CA LYS A 133 -11.46 21.46 -19.61
C LYS A 133 -12.92 21.63 -19.99
N ALA A 134 -13.39 22.88 -19.98
CA ALA A 134 -14.74 23.22 -20.36
C ALA A 134 -15.04 22.71 -21.75
N SER A 135 -15.79 21.65 -21.80
CA SER A 135 -16.16 21.04 -23.03
C SER A 135 -17.68 21.07 -23.16
N GLU A 136 -18.15 20.86 -24.37
CA GLU A 136 -19.56 20.94 -24.72
C GLU A 136 -20.43 19.87 -24.09
N ASP A 137 -19.82 18.89 -23.50
CA ASP A 137 -20.54 17.80 -22.82
C ASP A 137 -20.83 18.18 -21.39
N GLY A 138 -20.40 19.37 -21.02
CA GLY A 138 -20.58 19.83 -19.67
C GLY A 138 -19.38 19.53 -18.84
N THR A 139 -18.35 19.11 -19.51
CA THR A 139 -17.11 18.75 -18.90
C THR A 139 -16.42 20.03 -18.41
N LYS A 140 -15.66 19.93 -17.36
CA LYS A 140 -15.09 21.09 -16.72
C LYS A 140 -13.62 20.80 -16.47
N VAL A 141 -12.88 21.82 -16.10
CA VAL A 141 -11.49 21.62 -15.70
C VAL A 141 -11.48 21.03 -14.31
N ILE A 142 -10.53 20.19 -14.03
CA ILE A 142 -10.39 19.70 -12.68
C ILE A 142 -9.90 20.82 -11.73
N GLN A 143 -10.84 21.44 -11.07
CA GLN A 143 -10.58 22.50 -10.11
C GLN A 143 -10.26 21.89 -8.76
N ASN A 144 -10.94 20.82 -8.50
CA ASN A 144 -10.92 20.15 -7.24
C ASN A 144 -10.98 18.67 -7.55
N ILE A 145 -10.48 17.85 -6.64
CA ILE A 145 -10.48 16.40 -6.77
C ILE A 145 -11.93 15.87 -6.95
N LYS A 146 -12.88 16.65 -6.45
CA LYS A 146 -14.31 16.32 -6.43
C LYS A 146 -14.97 16.38 -7.87
N ASP A 147 -14.24 16.03 -8.87
CA ASP A 147 -14.76 15.98 -10.21
C ASP A 147 -15.25 14.59 -10.50
N ASP A 148 -16.22 14.47 -11.38
CA ASP A 148 -16.83 13.18 -11.74
C ASP A 148 -15.80 12.19 -12.23
N ARG A 149 -14.83 12.68 -12.95
CA ARG A 149 -13.81 11.83 -13.54
C ARG A 149 -12.78 11.46 -12.50
N THR A 150 -12.41 12.41 -11.72
CA THR A 150 -11.41 12.23 -10.71
C THR A 150 -11.94 11.32 -9.60
N ASN A 151 -13.19 11.53 -9.23
CA ASN A 151 -13.83 10.71 -8.19
C ASN A 151 -13.90 9.29 -8.62
N THR A 152 -14.15 9.08 -9.91
CA THR A 152 -14.24 7.74 -10.46
C THR A 152 -12.91 6.95 -10.27
N TRP A 153 -11.77 7.62 -10.42
CA TRP A 153 -10.48 6.96 -10.18
C TRP A 153 -10.32 6.72 -8.71
N PHE A 154 -10.65 7.72 -7.93
CA PHE A 154 -10.51 7.66 -6.51
C PHE A 154 -11.38 6.55 -5.89
N VAL A 155 -12.65 6.49 -6.27
CA VAL A 155 -13.55 5.48 -5.73
C VAL A 155 -13.15 4.06 -6.12
N ALA A 156 -12.64 3.90 -7.34
CA ALA A 156 -12.21 2.59 -7.80
C ALA A 156 -10.93 2.17 -7.07
N HIS A 157 -10.15 3.16 -6.68
CA HIS A 157 -8.90 2.97 -6.00
C HIS A 157 -9.18 2.75 -4.49
N GLY A 158 -10.42 3.05 -4.10
CA GLY A 158 -10.88 2.79 -2.75
C GLY A 158 -11.22 4.03 -1.96
N PHE A 159 -10.87 5.19 -2.48
CA PHE A 159 -11.12 6.42 -1.77
C PHE A 159 -12.57 6.79 -1.91
N LYS A 160 -13.31 6.50 -0.90
CA LYS A 160 -14.71 6.77 -0.88
C LYS A 160 -14.94 8.28 -0.81
N VAL A 161 -15.96 8.76 -1.53
CA VAL A 161 -16.21 10.20 -1.73
C VAL A 161 -16.37 10.98 -0.41
N ALA A 162 -16.88 10.36 0.61
CA ALA A 162 -17.08 11.08 1.86
C ALA A 162 -15.84 10.98 2.76
N GLU A 163 -14.94 10.10 2.40
CA GLU A 163 -13.78 9.82 3.21
C GLU A 163 -12.57 10.63 2.78
N LEU A 164 -12.45 10.92 1.50
CA LEU A 164 -11.32 11.72 1.07
C LEU A 164 -11.63 13.19 1.28
N ASN A 165 -10.61 13.93 1.44
CA ASN A 165 -10.68 15.34 1.68
C ASN A 165 -10.54 15.99 0.33
N ASP A 166 -11.51 16.78 -0.08
CA ASP A 166 -11.42 17.38 -1.38
C ASP A 166 -10.55 18.60 -1.34
N VAL A 167 -9.41 18.47 -1.93
CA VAL A 167 -8.42 19.51 -1.99
C VAL A 167 -8.46 20.11 -3.40
N THR A 168 -8.05 21.35 -3.53
CA THR A 168 -7.95 21.98 -4.82
C THR A 168 -6.88 21.31 -5.61
N LEU A 169 -7.11 21.19 -6.90
CA LEU A 169 -6.22 20.45 -7.75
C LEU A 169 -4.88 21.12 -7.83
N GLU A 170 -4.88 22.42 -7.76
CA GLU A 170 -3.63 23.14 -7.84
C GLU A 170 -2.76 22.94 -6.58
N LYS A 171 -3.42 22.63 -5.49
CA LYS A 171 -2.74 22.34 -4.25
C LYS A 171 -2.32 20.87 -4.26
N LEU A 172 -3.22 20.02 -4.70
CA LEU A 172 -2.97 18.59 -4.76
C LEU A 172 -1.83 18.30 -5.75
N ALA A 173 -1.84 18.97 -6.89
CA ALA A 173 -0.82 18.79 -7.90
C ALA A 173 0.54 19.19 -7.39
N THR A 174 0.61 20.29 -6.65
CA THR A 174 1.87 20.73 -6.12
C THR A 174 2.38 19.82 -5.00
N VAL A 175 1.47 19.19 -4.29
CA VAL A 175 1.85 18.18 -3.31
C VAL A 175 2.43 16.96 -4.03
N VAL A 176 1.72 16.47 -5.04
CA VAL A 176 2.17 15.31 -5.80
C VAL A 176 3.48 15.64 -6.55
N ASN A 177 3.61 16.87 -6.98
CA ASN A 177 4.83 17.39 -7.61
C ASN A 177 6.02 17.24 -6.67
N GLU A 178 5.82 17.56 -5.42
CA GLU A 178 6.87 17.42 -4.43
C GLU A 178 7.02 15.98 -3.98
N LEU A 179 5.98 15.18 -4.18
CA LEU A 179 6.05 13.77 -3.88
C LEU A 179 6.79 12.99 -4.95
N VAL A 180 6.56 13.30 -6.21
CA VAL A 180 7.23 12.59 -7.26
C VAL A 180 8.67 13.06 -7.43
N SER A 181 8.94 14.26 -6.98
CA SER A 181 10.26 14.81 -7.02
C SER A 181 10.91 14.77 -5.63
N HIS A 182 10.28 14.02 -4.74
CA HIS A 182 10.79 13.83 -3.40
C HIS A 182 12.04 12.99 -3.53
N LYS A 183 13.17 13.58 -3.28
CA LYS A 183 14.45 12.93 -3.51
C LYS A 183 14.67 11.72 -2.62
N ASP A 184 14.16 11.75 -1.41
CA ASP A 184 14.37 10.64 -0.47
C ASP A 184 13.50 9.48 -0.89
N MET A 185 12.25 9.80 -1.14
CA MET A 185 11.23 8.84 -1.50
C MET A 185 11.52 8.20 -2.87
N ILE A 186 11.99 8.97 -3.82
CA ILE A 186 12.27 8.44 -5.13
C ILE A 186 13.55 7.59 -5.10
N TYR A 187 14.48 7.97 -4.22
CA TYR A 187 15.71 7.23 -4.02
C TYR A 187 15.40 5.87 -3.46
N ILE A 188 14.57 5.86 -2.43
CA ILE A 188 14.21 4.62 -1.85
C ILE A 188 13.35 3.83 -2.80
N ASN A 189 12.45 4.50 -3.54
CA ASN A 189 11.58 3.82 -4.53
C ASN A 189 12.42 3.14 -5.57
N ASP A 190 13.42 3.84 -6.06
CA ASP A 190 14.26 3.28 -7.10
C ASP A 190 15.01 2.05 -6.63
N ALA A 191 15.48 2.08 -5.40
CA ALA A 191 16.18 0.94 -4.85
C ALA A 191 15.19 -0.14 -4.41
N MET A 192 14.06 0.31 -3.89
CA MET A 192 12.98 -0.55 -3.44
C MET A 192 12.43 -1.31 -4.60
N LYS A 193 12.16 -0.62 -5.70
CA LYS A 193 11.54 -1.25 -6.83
C LYS A 193 12.44 -2.30 -7.41
N GLN A 194 13.73 -2.03 -7.43
CA GLN A 194 14.67 -2.99 -7.95
C GLN A 194 14.67 -4.22 -7.07
N ASN A 195 14.61 -4.03 -5.78
CA ASN A 195 14.54 -5.15 -4.90
C ASN A 195 13.22 -5.85 -4.92
N VAL A 196 12.11 -5.13 -5.06
CA VAL A 196 10.82 -5.79 -5.06
C VAL A 196 10.64 -6.63 -6.32
N ASP A 197 11.21 -6.16 -7.46
CA ASP A 197 11.15 -6.92 -8.69
C ASP A 197 12.11 -8.08 -8.62
N LYS A 198 13.19 -7.90 -7.90
CA LYS A 198 14.12 -8.97 -7.67
C LYS A 198 13.50 -9.99 -6.73
N TRP A 199 12.89 -9.54 -5.66
CA TRP A 199 12.29 -10.41 -4.68
C TRP A 199 11.10 -11.20 -5.22
N THR A 200 10.33 -10.65 -6.14
CA THR A 200 9.24 -11.44 -6.72
C THR A 200 9.86 -12.57 -7.59
N LYS A 201 11.00 -12.28 -8.18
CA LYS A 201 11.77 -13.24 -8.95
C LYS A 201 12.42 -14.25 -7.98
N GLU A 202 13.00 -13.73 -6.93
CA GLU A 202 13.70 -14.51 -5.95
C GLU A 202 12.73 -15.42 -5.21
N GLU A 203 11.51 -14.92 -4.94
CA GLU A 203 10.49 -15.77 -4.32
C GLU A 203 10.11 -16.89 -5.23
N SER A 204 9.87 -16.60 -6.50
CA SER A 204 9.43 -17.64 -7.40
C SER A 204 10.55 -18.67 -7.65
N GLU A 205 11.78 -18.21 -7.59
CA GLU A 205 12.93 -19.05 -7.73
C GLU A 205 13.15 -19.87 -6.47
N ARG A 206 13.05 -19.21 -5.32
CA ARG A 206 13.27 -19.88 -4.06
C ARG A 206 12.17 -20.88 -3.80
N LEU A 207 10.95 -20.52 -4.13
CA LEU A 207 9.81 -21.40 -3.95
C LEU A 207 9.88 -22.57 -4.91
N ALA A 208 10.51 -22.34 -6.07
CA ALA A 208 10.73 -23.40 -7.01
C ALA A 208 11.77 -24.35 -6.45
N MET A 209 12.82 -23.79 -5.86
CA MET A 209 13.87 -24.57 -5.21
C MET A 209 13.30 -25.30 -3.98
N MET A 210 12.35 -24.68 -3.32
CA MET A 210 11.68 -25.28 -2.19
C MET A 210 10.81 -26.45 -2.64
N ALA A 211 10.32 -26.37 -3.87
CA ALA A 211 9.55 -27.45 -4.46
C ALA A 211 10.50 -28.58 -4.89
N GLU A 212 11.75 -28.22 -5.14
CA GLU A 212 12.80 -29.19 -5.42
C GLU A 212 13.11 -29.95 -4.14
N GLN A 213 13.09 -29.22 -3.03
CA GLN A 213 13.25 -29.78 -1.71
C GLN A 213 12.04 -30.67 -1.40
N GLY A 214 10.87 -30.12 -1.66
CA GLY A 214 9.65 -30.80 -1.46
C GLY A 214 8.53 -29.82 -1.58
N ILE A 215 8.17 -29.27 -0.46
CA ILE A 215 7.22 -28.16 -0.38
C ILE A 215 7.72 -27.20 0.69
N SER A 216 8.24 -27.79 1.78
CA SER A 216 8.82 -27.07 2.90
C SER A 216 7.76 -26.30 3.71
N GLY A 217 8.06 -26.06 4.96
CA GLY A 217 7.20 -25.32 5.80
C GLY A 217 7.86 -24.05 6.22
N ALA A 218 8.05 -23.18 5.27
CA ALA A 218 8.69 -21.91 5.49
C ALA A 218 8.11 -20.88 4.53
N LYS A 219 7.34 -19.97 5.04
CA LYS A 219 6.77 -18.93 4.22
C LYS A 219 7.10 -17.58 4.84
N GLY A 220 7.20 -16.56 4.01
CA GLY A 220 7.58 -15.26 4.52
C GLY A 220 6.46 -14.26 4.41
N LYS A 221 5.59 -14.26 5.39
CA LYS A 221 4.50 -13.31 5.47
C LYS A 221 4.18 -13.06 6.94
N LYS A 222 3.78 -11.87 7.27
CA LYS A 222 3.55 -11.53 8.66
C LYS A 222 2.11 -11.04 8.88
N ASP A 223 1.84 -9.84 8.44
CA ASP A 223 0.55 -9.16 8.54
C ASP A 223 0.82 -7.81 8.00
N SER A 1 -40.24 -56.77 -28.72
CA SER A 1 -39.86 -55.64 -29.52
C SER A 1 -39.08 -54.67 -28.66
N SER A 2 -38.07 -54.06 -29.22
CA SER A 2 -37.30 -53.11 -28.49
C SER A 2 -37.89 -51.73 -28.75
N GLY A 3 -38.32 -51.06 -27.69
CA GLY A 3 -38.97 -49.78 -27.84
C GLY A 3 -38.01 -48.65 -27.63
N ILE A 4 -38.52 -47.44 -27.68
CA ILE A 4 -37.71 -46.28 -27.48
C ILE A 4 -37.86 -45.76 -26.07
N GLU A 5 -36.88 -46.07 -25.27
CA GLU A 5 -36.85 -45.71 -23.90
C GLU A 5 -35.60 -44.87 -23.64
N GLY A 6 -35.75 -43.84 -22.88
CA GLY A 6 -34.64 -42.98 -22.60
C GLY A 6 -34.78 -42.36 -21.25
N CYS A 7 -34.69 -43.18 -20.24
CA CYS A 7 -34.83 -42.72 -18.89
C CYS A 7 -33.46 -42.41 -18.34
N THR A 8 -33.18 -41.15 -18.19
CA THR A 8 -31.92 -40.69 -17.72
C THR A 8 -32.14 -39.53 -16.76
N GLU A 9 -31.94 -39.78 -15.49
CA GLU A 9 -32.12 -38.76 -14.48
C GLU A 9 -30.89 -37.87 -14.40
N ASP A 10 -30.95 -36.76 -15.08
CA ASP A 10 -29.88 -35.79 -15.03
C ASP A 10 -30.22 -34.84 -13.89
N GLU A 11 -29.46 -34.92 -12.82
CA GLU A 11 -29.77 -34.26 -11.56
C GLU A 11 -29.79 -32.74 -11.61
N LYS A 12 -29.00 -32.14 -12.51
CA LYS A 12 -28.80 -30.69 -12.54
C LYS A 12 -28.17 -30.20 -11.26
N ARG A 13 -26.88 -30.44 -11.11
CA ARG A 13 -26.20 -29.90 -9.96
C ARG A 13 -25.76 -28.51 -10.31
N ASP A 14 -26.06 -27.57 -9.48
CA ASP A 14 -25.72 -26.19 -9.77
C ASP A 14 -24.29 -25.92 -9.35
N SER A 15 -24.03 -26.17 -8.07
CA SER A 15 -22.71 -26.05 -7.46
C SER A 15 -21.95 -24.75 -7.80
N VAL A 16 -22.23 -23.69 -7.09
CA VAL A 16 -21.47 -22.47 -7.24
C VAL A 16 -20.25 -22.56 -6.36
N VAL A 17 -19.14 -22.91 -6.95
CA VAL A 17 -17.91 -23.04 -6.21
C VAL A 17 -17.33 -21.66 -5.93
N GLU A 18 -17.61 -21.18 -4.77
CA GLU A 18 -17.24 -19.88 -4.34
C GLU A 18 -16.55 -20.04 -2.98
N GLY A 19 -15.68 -19.14 -2.63
CA GLY A 19 -15.02 -19.27 -1.36
C GLY A 19 -13.61 -18.76 -1.37
N ALA A 20 -13.47 -17.47 -1.45
CA ALA A 20 -12.20 -16.82 -1.38
C ALA A 20 -12.42 -15.39 -0.98
N THR A 21 -11.63 -14.91 -0.10
CA THR A 21 -11.72 -13.55 0.35
C THR A 21 -10.69 -12.71 -0.37
N SER A 22 -10.92 -11.43 -0.43
CA SER A 22 -9.95 -10.54 -1.01
C SER A 22 -8.81 -10.38 -0.01
N VAL A 23 -7.72 -11.10 -0.24
CA VAL A 23 -6.59 -11.14 0.67
C VAL A 23 -5.57 -10.09 0.34
N GLU A 24 -6.05 -9.14 -0.33
CA GLU A 24 -5.34 -8.00 -0.80
C GLU A 24 -6.24 -6.83 -0.64
N ALA A 25 -5.68 -5.76 -0.22
CA ALA A 25 -6.40 -4.56 -0.04
C ALA A 25 -6.16 -3.64 -1.21
N SER A 26 -6.89 -2.58 -1.26
CA SER A 26 -6.76 -1.63 -2.31
C SER A 26 -5.76 -0.55 -1.92
N LEU A 27 -5.53 0.38 -2.82
CA LEU A 27 -4.52 1.43 -2.65
C LEU A 27 -4.78 2.26 -1.40
N LYS A 28 -6.05 2.49 -1.11
CA LYS A 28 -6.41 3.31 0.04
C LYS A 28 -5.96 2.64 1.30
N GLU A 29 -6.31 1.38 1.47
CA GLU A 29 -5.95 0.68 2.68
C GLU A 29 -4.46 0.39 2.72
N GLN A 30 -3.83 0.34 1.57
CA GLN A 30 -2.41 0.09 1.50
C GLN A 30 -1.68 1.30 2.08
N ILE A 31 -2.09 2.47 1.64
CA ILE A 31 -1.54 3.73 2.12
C ILE A 31 -1.93 3.93 3.58
N ASP A 32 -3.14 3.52 3.90
CA ASP A 32 -3.67 3.65 5.26
C ASP A 32 -2.85 2.77 6.21
N TRP A 33 -2.46 1.60 5.72
CA TRP A 33 -1.66 0.63 6.47
C TRP A 33 -0.26 1.22 6.73
N LEU A 34 0.25 1.89 5.74
CA LEU A 34 1.55 2.54 5.82
C LEU A 34 1.48 3.68 6.83
N ALA A 35 0.39 4.42 6.75
CA ALA A 35 0.19 5.52 7.64
C ALA A 35 -0.01 5.05 9.06
N GLU A 36 -0.77 3.99 9.25
CA GLU A 36 -1.02 3.49 10.59
C GLU A 36 0.19 2.78 11.17
N ARG A 37 1.10 2.33 10.31
CA ARG A 37 2.31 1.70 10.82
C ARG A 37 3.18 2.76 11.46
N TYR A 38 3.13 3.97 10.90
CA TYR A 38 3.83 5.10 11.46
C TYR A 38 3.01 5.78 12.58
N SER A 39 1.69 5.75 12.45
CA SER A 39 0.79 6.44 13.34
C SER A 39 0.23 5.51 14.45
N ALA A 40 0.94 4.45 14.76
CA ALA A 40 0.59 3.58 15.85
C ALA A 40 1.86 3.09 16.48
N ASP A 41 1.88 2.99 17.79
CA ASP A 41 3.06 2.52 18.50
C ASP A 41 2.84 1.10 18.93
N LEU A 42 3.85 0.31 18.79
CA LEU A 42 3.79 -1.06 19.16
C LEU A 42 4.16 -1.24 20.62
N THR A 43 3.36 -0.64 21.47
CA THR A 43 3.53 -0.62 22.90
C THR A 43 3.52 -2.05 23.48
N ASN A 44 2.80 -2.93 22.82
CA ASN A 44 2.68 -4.31 23.26
C ASN A 44 3.76 -5.18 22.61
N LYS A 45 4.67 -4.57 21.93
CA LYS A 45 5.73 -5.30 21.28
C LYS A 45 7.02 -4.97 22.00
N ASP A 46 7.66 -5.97 22.53
CA ASP A 46 8.92 -5.79 23.24
C ASP A 46 10.05 -5.75 22.24
N THR A 47 10.77 -4.65 22.20
CA THR A 47 11.77 -4.43 21.19
C THR A 47 13.14 -4.20 21.82
N SER A 48 14.09 -5.04 21.49
CA SER A 48 15.45 -4.86 21.91
C SER A 48 16.34 -4.86 20.69
N LYS A 49 16.48 -3.67 20.09
CA LYS A 49 17.28 -3.39 18.88
C LYS A 49 17.17 -4.52 17.83
N TRP A 50 16.04 -4.56 17.14
CA TRP A 50 15.86 -5.56 16.08
C TRP A 50 16.88 -5.38 14.98
N ASN A 51 17.37 -6.50 14.48
CA ASN A 51 18.36 -6.49 13.42
C ASN A 51 17.70 -6.38 12.07
N THR A 52 17.05 -5.28 11.89
CA THR A 52 16.41 -4.95 10.68
C THR A 52 17.46 -4.37 9.74
N ASP A 53 18.38 -3.61 10.35
CA ASP A 53 19.46 -2.98 9.62
C ASP A 53 20.38 -4.03 9.08
N GLU A 54 20.43 -5.17 9.77
CA GLU A 54 21.20 -6.32 9.36
C GLU A 54 20.68 -6.86 8.05
N LYS A 55 19.37 -7.06 7.97
CA LYS A 55 18.79 -7.60 6.76
C LYS A 55 18.91 -6.63 5.62
N VAL A 56 18.74 -5.37 5.90
CA VAL A 56 18.81 -4.39 4.85
C VAL A 56 20.26 -4.09 4.46
N LYS A 57 21.18 -4.43 5.33
CA LYS A 57 22.59 -4.37 5.03
C LYS A 57 22.96 -5.49 4.04
N GLU A 58 22.17 -6.54 4.04
CA GLU A 58 22.33 -7.63 3.10
C GLU A 58 21.63 -7.27 1.79
N LEU A 59 20.53 -6.58 1.90
CA LEU A 59 19.73 -6.15 0.76
C LEU A 59 20.36 -4.97 0.01
N LEU A 60 20.89 -4.01 0.74
CA LEU A 60 21.35 -2.75 0.15
C LEU A 60 22.62 -2.20 0.81
N ASN A 61 23.25 -2.98 1.67
CA ASN A 61 24.46 -2.56 2.39
C ASN A 61 24.22 -1.24 3.15
N GLU A 62 25.09 -0.29 2.93
CA GLU A 62 25.09 1.02 3.57
C GLU A 62 23.87 1.89 3.22
N LYS A 63 23.19 1.58 2.13
CA LYS A 63 22.11 2.45 1.66
C LYS A 63 20.87 2.40 2.55
N ALA A 64 20.73 1.35 3.29
CA ALA A 64 19.56 1.15 4.07
C ALA A 64 19.85 1.06 5.56
N VAL A 65 21.06 1.43 5.97
CA VAL A 65 21.45 1.35 7.39
C VAL A 65 20.52 2.17 8.30
N GLY A 66 19.78 1.47 9.11
CA GLY A 66 18.80 2.10 9.97
C GLY A 66 17.55 2.33 9.16
N ILE A 67 16.96 1.26 8.72
CA ILE A 67 15.83 1.34 7.85
C ILE A 67 14.56 1.73 8.60
N GLU A 68 14.49 1.37 9.89
CA GLU A 68 13.31 1.71 10.68
C GLU A 68 13.11 3.21 10.70
N SER A 69 14.16 3.93 11.01
CA SER A 69 14.12 5.37 11.09
C SER A 69 13.92 5.98 9.71
N ARG A 70 14.50 5.35 8.69
CA ARG A 70 14.35 5.76 7.31
C ARG A 70 12.90 5.67 6.91
N LEU A 71 12.28 4.54 7.23
CA LEU A 71 10.89 4.31 6.93
C LEU A 71 10.03 5.28 7.68
N LEU A 72 10.40 5.56 8.92
CA LEU A 72 9.69 6.52 9.74
C LEU A 72 9.68 7.89 9.12
N ALA A 73 10.81 8.33 8.61
CA ALA A 73 10.90 9.64 7.99
C ALA A 73 10.08 9.71 6.73
N ILE A 74 10.11 8.65 5.96
CA ILE A 74 9.34 8.57 4.73
C ILE A 74 7.84 8.46 5.04
N ALA A 75 7.52 7.66 6.03
CA ALA A 75 6.15 7.44 6.43
C ALA A 75 5.59 8.68 7.09
N LYS A 76 6.44 9.41 7.77
CA LYS A 76 6.12 10.71 8.36
C LYS A 76 5.62 11.65 7.29
N GLU A 77 6.37 11.74 6.23
CA GLU A 77 5.98 12.59 5.12
C GLU A 77 4.71 12.08 4.51
N PHE A 78 4.58 10.78 4.36
CA PHE A 78 3.36 10.23 3.81
C PHE A 78 2.18 10.37 4.75
N HIS A 79 2.45 10.40 6.04
CA HIS A 79 1.45 10.62 7.05
C HIS A 79 0.90 12.02 6.91
N LYS A 80 1.79 12.98 6.70
CA LYS A 80 1.41 14.38 6.46
C LYS A 80 0.52 14.49 5.25
N LEU A 81 0.88 13.78 4.21
CA LEU A 81 0.07 13.80 3.02
C LEU A 81 -1.23 13.00 3.18
N LYS A 82 -1.17 11.92 3.92
CA LYS A 82 -2.33 11.08 4.14
C LYS A 82 -3.33 11.83 5.02
N SER A 83 -2.84 12.64 5.92
CA SER A 83 -3.70 13.38 6.82
C SER A 83 -4.37 14.58 6.14
N VAL A 84 -3.75 15.10 5.09
CA VAL A 84 -4.37 16.18 4.35
C VAL A 84 -5.27 15.61 3.23
N LEU A 85 -4.99 14.39 2.81
CA LEU A 85 -5.74 13.74 1.75
C LEU A 85 -6.91 12.93 2.32
N CYS A 86 -6.79 12.47 3.52
CA CYS A 86 -7.87 11.77 4.17
C CYS A 86 -8.42 12.63 5.30
N THR A 87 -9.72 12.75 5.34
CA THR A 87 -10.36 13.64 6.27
C THR A 87 -10.41 13.03 7.67
N GLY A 88 -10.16 13.84 8.66
CA GLY A 88 -10.25 13.42 10.02
C GLY A 88 -9.00 12.71 10.50
N VAL A 89 -7.98 12.70 9.70
CA VAL A 89 -6.76 12.03 10.06
C VAL A 89 -5.78 13.02 10.67
N ASN A 90 -5.22 12.64 11.80
CA ASN A 90 -4.27 13.48 12.53
C ASN A 90 -2.99 13.65 11.72
N GLU A 91 -2.34 14.81 11.86
CA GLU A 91 -1.08 15.07 11.13
C GLU A 91 0.04 15.22 12.16
N THR A 92 -0.29 14.87 13.36
CA THR A 92 0.60 14.95 14.47
C THR A 92 0.47 13.64 15.23
N PRO A 93 1.35 12.69 14.93
CA PRO A 93 1.28 11.38 15.56
C PRO A 93 1.80 11.38 16.99
N ALA A 94 1.03 10.80 17.88
CA ALA A 94 1.38 10.70 19.26
C ALA A 94 1.83 9.29 19.55
N HIS A 95 1.69 8.46 18.54
CA HIS A 95 2.08 7.08 18.58
C HIS A 95 2.85 6.76 17.34
N VAL A 96 4.12 6.76 17.47
CA VAL A 96 5.01 6.37 16.38
C VAL A 96 5.75 5.08 16.72
N ALA A 97 5.67 4.10 15.85
CA ALA A 97 6.38 2.85 16.03
C ALA A 97 7.80 3.02 15.52
N ASN A 98 8.75 2.94 16.42
CA ASN A 98 10.17 3.16 16.10
C ASN A 98 10.85 1.87 15.73
N ARG A 99 10.09 0.81 15.64
CA ARG A 99 10.63 -0.48 15.36
C ARG A 99 9.90 -1.13 14.21
N VAL A 100 10.62 -1.38 13.16
CA VAL A 100 10.11 -2.08 12.03
C VAL A 100 10.86 -3.39 11.95
N SER A 101 10.14 -4.47 11.95
CA SER A 101 10.69 -5.79 11.92
C SER A 101 11.27 -6.15 10.53
N PRO A 102 12.36 -6.98 10.50
CA PRO A 102 13.08 -7.35 9.25
C PRO A 102 12.21 -7.86 8.12
N GLY A 103 11.15 -8.52 8.47
CA GLY A 103 10.26 -9.07 7.46
C GLY A 103 9.25 -8.06 6.99
N ASP A 104 8.63 -7.36 7.94
CA ASP A 104 7.60 -6.35 7.64
C ASP A 104 8.19 -5.24 6.81
N ALA A 105 9.49 -5.01 7.01
CA ALA A 105 10.25 -4.00 6.28
C ALA A 105 10.18 -4.27 4.79
N ILE A 106 10.19 -5.54 4.42
CA ILE A 106 10.13 -5.94 3.02
C ILE A 106 8.80 -5.51 2.42
N SER A 107 7.73 -5.68 3.17
CA SER A 107 6.42 -5.26 2.75
C SER A 107 6.33 -3.75 2.70
N MET A 108 6.97 -3.09 3.67
CA MET A 108 7.02 -1.62 3.72
C MET A 108 7.67 -1.10 2.43
N LEU A 109 8.73 -1.77 2.03
CA LEU A 109 9.45 -1.45 0.82
C LEU A 109 8.59 -1.74 -0.42
N TYR A 110 7.81 -2.84 -0.37
CA TYR A 110 6.87 -3.14 -1.45
C TYR A 110 5.82 -2.04 -1.56
N VAL A 111 5.31 -1.61 -0.40
CA VAL A 111 4.33 -0.53 -0.34
C VAL A 111 4.91 0.72 -0.98
N LEU A 112 6.16 1.05 -0.65
CA LEU A 112 6.81 2.23 -1.22
C LEU A 112 6.84 2.18 -2.76
N SER A 113 6.99 0.98 -3.30
CA SER A 113 6.98 0.80 -4.72
C SER A 113 5.56 1.03 -5.26
N ILE A 114 4.58 0.49 -4.56
CA ILE A 114 3.19 0.63 -4.95
C ILE A 114 2.77 2.10 -4.86
N THR A 115 3.18 2.75 -3.78
CA THR A 115 2.86 4.13 -3.50
C THR A 115 3.37 5.04 -4.62
N HIS A 116 4.59 4.82 -5.07
CA HIS A 116 5.16 5.67 -6.10
C HIS A 116 4.42 5.44 -7.42
N ARG A 117 3.98 4.22 -7.61
CA ARG A 117 3.25 3.83 -8.79
C ARG A 117 1.85 4.48 -8.81
N GLU A 118 1.19 4.51 -7.66
CA GLU A 118 -0.11 5.17 -7.60
C GLU A 118 0.04 6.67 -7.65
N LEU A 119 1.13 7.20 -7.06
CA LEU A 119 1.41 8.64 -7.13
C LEU A 119 1.55 9.07 -8.58
N SER A 120 2.33 8.33 -9.34
CA SER A 120 2.54 8.64 -10.74
C SER A 120 1.26 8.40 -11.56
N SER A 121 0.50 7.40 -11.16
CA SER A 121 -0.75 7.10 -11.82
C SER A 121 -1.77 8.21 -11.52
N LEU A 122 -1.82 8.64 -10.26
CA LEU A 122 -2.74 9.68 -9.82
C LEU A 122 -2.36 10.96 -10.52
N LYS A 123 -1.07 11.23 -10.55
CA LYS A 123 -0.54 12.44 -11.16
C LYS A 123 -0.94 12.49 -12.63
N ASN A 124 -0.76 11.40 -13.31
CA ASN A 124 -1.01 11.36 -14.74
C ASN A 124 -2.50 11.42 -15.01
N LYS A 125 -3.28 10.81 -14.14
CA LYS A 125 -4.70 10.77 -14.30
C LYS A 125 -5.34 12.10 -13.89
N ILE A 126 -4.77 12.78 -12.89
CA ILE A 126 -5.30 14.06 -12.50
C ILE A 126 -4.90 15.11 -13.52
N ASP A 127 -3.76 14.88 -14.14
CA ASP A 127 -3.28 15.72 -15.23
C ASP A 127 -4.23 15.64 -16.40
N GLU A 128 -4.81 14.46 -16.59
CA GLU A 128 -5.77 14.19 -17.64
C GLU A 128 -7.05 15.02 -17.43
N TRP A 129 -7.55 15.08 -16.20
CA TRP A 129 -8.69 15.97 -15.95
C TRP A 129 -8.32 17.42 -15.77
N LYS A 130 -7.06 17.69 -15.46
CA LYS A 130 -6.54 19.04 -15.44
C LYS A 130 -6.53 19.62 -16.86
N LYS A 131 -6.41 18.72 -17.85
CA LYS A 131 -6.50 19.09 -19.27
C LYS A 131 -7.93 19.48 -19.59
N VAL A 132 -8.84 18.94 -18.82
CA VAL A 132 -10.23 19.21 -19.01
C VAL A 132 -10.61 20.54 -18.39
N LYS A 133 -11.00 21.40 -19.23
CA LYS A 133 -11.45 22.71 -18.89
C LYS A 133 -12.93 22.76 -19.24
N ALA A 134 -13.50 23.95 -19.30
CA ALA A 134 -14.85 24.11 -19.77
C ALA A 134 -14.86 23.73 -21.23
N SER A 135 -15.32 22.55 -21.50
CA SER A 135 -15.28 21.99 -22.81
C SER A 135 -16.49 22.39 -23.63
N GLU A 136 -16.57 21.85 -24.84
CA GLU A 136 -17.68 22.10 -25.73
C GLU A 136 -18.94 21.36 -25.27
N ASP A 137 -18.72 20.39 -24.42
CA ASP A 137 -19.82 19.65 -23.80
C ASP A 137 -20.42 20.49 -22.68
N GLY A 138 -19.64 21.43 -22.22
CA GLY A 138 -20.06 22.27 -21.15
C GLY A 138 -19.65 21.71 -19.83
N THR A 139 -18.64 20.84 -19.87
CA THR A 139 -18.14 20.21 -18.69
C THR A 139 -17.46 21.25 -17.81
N LYS A 140 -17.74 21.18 -16.55
CA LYS A 140 -17.11 22.01 -15.55
C LYS A 140 -15.66 21.56 -15.38
N VAL A 141 -14.77 22.49 -15.13
CA VAL A 141 -13.38 22.17 -14.92
C VAL A 141 -13.29 21.41 -13.59
N ILE A 142 -12.45 20.42 -13.52
CA ILE A 142 -12.31 19.66 -12.30
C ILE A 142 -11.56 20.50 -11.27
N GLN A 143 -12.31 21.16 -10.42
CA GLN A 143 -11.74 22.05 -9.42
C GLN A 143 -11.32 21.31 -8.18
N ASN A 144 -12.09 20.33 -7.82
CA ASN A 144 -11.87 19.63 -6.57
C ASN A 144 -11.76 18.15 -6.80
N ILE A 145 -11.21 17.47 -5.82
CA ILE A 145 -11.06 16.01 -5.85
C ILE A 145 -12.45 15.33 -5.88
N LYS A 146 -13.43 16.03 -5.35
CA LYS A 146 -14.78 15.53 -5.20
C LYS A 146 -15.60 15.62 -6.48
N ASP A 147 -14.92 15.65 -7.59
CA ASP A 147 -15.58 15.67 -8.86
C ASP A 147 -15.90 14.26 -9.20
N ASP A 148 -16.97 14.08 -9.89
CA ASP A 148 -17.52 12.78 -10.21
C ASP A 148 -16.55 11.90 -10.97
N ARG A 149 -15.71 12.48 -11.79
CA ARG A 149 -14.83 11.65 -12.56
C ARG A 149 -13.56 11.36 -11.77
N THR A 150 -13.17 12.32 -10.96
CA THR A 150 -12.04 12.19 -10.08
C THR A 150 -12.37 11.13 -9.02
N ASN A 151 -13.60 11.18 -8.53
CA ASN A 151 -14.13 10.21 -7.58
C ASN A 151 -14.15 8.85 -8.19
N THR A 152 -14.37 8.79 -9.51
CA THR A 152 -14.38 7.52 -10.21
C THR A 152 -13.02 6.81 -10.08
N TRP A 153 -11.93 7.57 -10.19
CA TRP A 153 -10.61 6.96 -10.06
C TRP A 153 -10.36 6.62 -8.63
N PHE A 154 -10.76 7.51 -7.76
CA PHE A 154 -10.57 7.30 -6.34
C PHE A 154 -11.34 6.07 -5.83
N VAL A 155 -12.62 5.95 -6.18
CA VAL A 155 -13.40 4.81 -5.73
C VAL A 155 -12.89 3.50 -6.32
N ALA A 156 -12.42 3.56 -7.56
CA ALA A 156 -11.87 2.39 -8.23
C ALA A 156 -10.62 1.88 -7.52
N HIS A 157 -9.86 2.80 -6.96
CA HIS A 157 -8.65 2.46 -6.25
C HIS A 157 -8.89 2.12 -4.77
N GLY A 158 -10.11 2.24 -4.30
CA GLY A 158 -10.39 1.87 -2.94
C GLY A 158 -10.74 3.02 -2.05
N PHE A 159 -10.66 4.22 -2.58
CA PHE A 159 -10.91 5.39 -1.78
C PHE A 159 -12.40 5.64 -1.60
N LYS A 160 -12.88 5.38 -0.40
CA LYS A 160 -14.22 5.72 -0.03
C LYS A 160 -14.30 7.26 -0.03
N VAL A 161 -15.35 7.83 -0.59
CA VAL A 161 -15.47 9.28 -0.70
C VAL A 161 -15.56 9.92 0.70
N ALA A 162 -16.07 9.15 1.64
CA ALA A 162 -16.18 9.59 3.02
C ALA A 162 -14.84 9.59 3.75
N GLU A 163 -13.85 8.90 3.19
CA GLU A 163 -12.52 8.82 3.78
C GLU A 163 -11.66 9.97 3.28
N LEU A 164 -11.81 10.29 2.01
CA LEU A 164 -10.99 11.30 1.39
C LEU A 164 -11.39 12.71 1.80
N ASN A 165 -10.42 13.57 1.84
CA ASN A 165 -10.56 14.92 2.28
C ASN A 165 -10.52 15.80 1.06
N ASP A 166 -11.40 16.78 1.02
CA ASP A 166 -11.50 17.64 -0.15
C ASP A 166 -10.29 18.55 -0.31
N VAL A 167 -9.89 18.72 -1.54
CA VAL A 167 -8.73 19.47 -1.90
C VAL A 167 -8.90 19.89 -3.37
N THR A 168 -8.28 20.97 -3.75
CA THR A 168 -8.33 21.47 -5.10
C THR A 168 -7.43 20.63 -6.00
N LEU A 169 -7.76 20.59 -7.29
CA LEU A 169 -6.95 19.83 -8.25
C LEU A 169 -5.57 20.41 -8.30
N GLU A 170 -5.51 21.71 -8.09
CA GLU A 170 -4.27 22.42 -8.19
C GLU A 170 -3.36 22.09 -7.04
N LYS A 171 -3.91 21.89 -5.86
CA LYS A 171 -3.07 21.53 -4.77
C LYS A 171 -2.74 20.06 -4.86
N LEU A 172 -3.73 19.27 -5.22
CA LEU A 172 -3.56 17.83 -5.29
C LEU A 172 -2.56 17.45 -6.38
N ALA A 173 -2.65 18.10 -7.54
CA ALA A 173 -1.76 17.77 -8.64
C ALA A 173 -0.36 18.20 -8.35
N THR A 174 -0.23 19.32 -7.69
CA THR A 174 1.07 19.84 -7.40
C THR A 174 1.73 19.05 -6.27
N VAL A 175 0.94 18.64 -5.30
CA VAL A 175 1.50 17.93 -4.21
C VAL A 175 1.79 16.46 -4.58
N VAL A 176 0.96 15.87 -5.46
CA VAL A 176 1.21 14.50 -5.87
C VAL A 176 2.44 14.47 -6.77
N ASN A 177 2.62 15.55 -7.55
CA ASN A 177 3.76 15.69 -8.41
C ASN A 177 5.02 15.82 -7.58
N GLU A 178 4.88 16.49 -6.46
CA GLU A 178 5.97 16.74 -5.57
C GLU A 178 6.46 15.44 -4.94
N LEU A 179 5.53 14.57 -4.58
CA LEU A 179 5.87 13.30 -3.98
C LEU A 179 6.42 12.30 -5.00
N VAL A 180 5.93 12.36 -6.23
CA VAL A 180 6.43 11.45 -7.25
C VAL A 180 7.79 11.93 -7.78
N SER A 181 8.07 13.21 -7.60
CA SER A 181 9.32 13.77 -8.03
C SER A 181 10.22 14.03 -6.81
N HIS A 182 9.88 13.42 -5.69
CA HIS A 182 10.61 13.57 -4.45
C HIS A 182 11.91 12.79 -4.57
N LYS A 183 13.04 13.51 -4.57
CA LYS A 183 14.36 12.92 -4.82
C LYS A 183 14.73 11.80 -3.83
N ASP A 184 14.36 11.99 -2.58
CA ASP A 184 14.72 11.05 -1.53
C ASP A 184 13.84 9.79 -1.54
N MET A 185 12.59 9.97 -1.88
CA MET A 185 11.65 8.86 -1.95
C MET A 185 11.92 8.04 -3.21
N ILE A 186 12.15 8.70 -4.33
CA ILE A 186 12.35 8.00 -5.57
C ILE A 186 13.71 7.28 -5.59
N TYR A 187 14.65 7.77 -4.79
CA TYR A 187 15.93 7.08 -4.70
C TYR A 187 15.76 5.74 -3.99
N ILE A 188 14.95 5.73 -2.94
CA ILE A 188 14.75 4.49 -2.26
C ILE A 188 13.84 3.60 -3.13
N ASN A 189 12.98 4.24 -3.91
CA ASN A 189 12.12 3.55 -4.88
C ASN A 189 12.98 2.84 -5.95
N ASP A 190 14.05 3.50 -6.36
CA ASP A 190 15.03 2.93 -7.32
C ASP A 190 15.67 1.70 -6.72
N ALA A 191 16.03 1.80 -5.47
CA ALA A 191 16.57 0.67 -4.73
C ALA A 191 15.50 -0.43 -4.64
N MET A 192 14.28 -0.02 -4.34
CA MET A 192 13.14 -0.93 -4.26
C MET A 192 12.90 -1.61 -5.57
N LYS A 193 13.01 -0.88 -6.66
CA LYS A 193 12.83 -1.45 -7.97
C LYS A 193 13.80 -2.56 -8.28
N GLN A 194 15.03 -2.43 -7.82
CA GLN A 194 15.93 -3.56 -8.03
C GLN A 194 15.64 -4.67 -7.01
N ASN A 195 15.30 -4.27 -5.79
CA ASN A 195 14.99 -5.22 -4.73
C ASN A 195 13.80 -6.05 -5.05
N VAL A 196 12.70 -5.42 -5.47
CA VAL A 196 11.47 -6.13 -5.73
C VAL A 196 11.62 -7.08 -6.88
N ASP A 197 12.53 -6.75 -7.78
CA ASP A 197 12.84 -7.59 -8.92
C ASP A 197 13.53 -8.84 -8.44
N LYS A 198 14.49 -8.66 -7.57
CA LYS A 198 15.20 -9.79 -7.00
C LYS A 198 14.34 -10.58 -6.02
N TRP A 199 13.47 -9.91 -5.30
CA TRP A 199 12.54 -10.58 -4.40
C TRP A 199 11.55 -11.40 -5.20
N THR A 200 10.99 -10.80 -6.24
CA THR A 200 10.04 -11.50 -7.07
C THR A 200 10.72 -12.66 -7.79
N LYS A 201 11.96 -12.44 -8.22
CA LYS A 201 12.72 -13.49 -8.83
C LYS A 201 12.99 -14.59 -7.84
N GLU A 202 13.39 -14.26 -6.64
CA GLU A 202 13.72 -15.25 -5.63
C GLU A 202 12.48 -16.06 -5.25
N GLU A 203 11.32 -15.40 -5.15
CA GLU A 203 10.10 -16.11 -4.82
C GLU A 203 9.72 -17.05 -5.94
N SER A 204 9.82 -16.57 -7.17
CA SER A 204 9.46 -17.36 -8.33
C SER A 204 10.47 -18.49 -8.53
N GLU A 205 11.71 -18.19 -8.24
CA GLU A 205 12.79 -19.13 -8.37
C GLU A 205 12.60 -20.23 -7.37
N ARG A 206 12.30 -19.84 -6.15
CA ARG A 206 12.11 -20.76 -5.05
C ARG A 206 10.96 -21.69 -5.32
N LEU A 207 9.88 -21.17 -5.85
CA LEU A 207 8.73 -22.02 -6.10
C LEU A 207 8.97 -22.94 -7.28
N ALA A 208 9.74 -22.49 -8.25
CA ALA A 208 10.05 -23.30 -9.41
C ALA A 208 11.08 -24.36 -9.06
N MET A 209 12.08 -23.99 -8.27
CA MET A 209 13.11 -24.90 -7.83
C MET A 209 12.52 -25.97 -6.95
N MET A 210 11.65 -25.53 -6.05
CA MET A 210 11.01 -26.42 -5.12
C MET A 210 10.04 -27.34 -5.84
N ALA A 211 9.45 -26.86 -6.92
CA ALA A 211 8.53 -27.68 -7.71
C ALA A 211 9.29 -28.80 -8.43
N GLU A 212 10.51 -28.51 -8.84
CA GLU A 212 11.35 -29.49 -9.52
C GLU A 212 11.77 -30.56 -8.51
N GLN A 213 12.07 -30.09 -7.32
CA GLN A 213 12.39 -30.91 -6.16
C GLN A 213 11.20 -31.79 -5.79
N GLY A 214 10.04 -31.21 -5.86
CA GLY A 214 8.82 -31.84 -5.49
C GLY A 214 8.00 -30.81 -4.77
N ILE A 215 8.13 -30.78 -3.47
CA ILE A 215 7.53 -29.76 -2.66
C ILE A 215 7.99 -29.89 -1.21
N SER A 216 8.60 -28.85 -0.71
CA SER A 216 9.00 -28.78 0.66
C SER A 216 7.85 -28.12 1.41
N GLY A 217 7.41 -26.97 0.89
CA GLY A 217 6.32 -26.25 1.52
C GLY A 217 6.80 -25.53 2.75
N ALA A 218 7.40 -24.39 2.54
CA ALA A 218 7.90 -23.60 3.64
C ALA A 218 7.17 -22.27 3.69
N LYS A 219 6.98 -21.76 4.87
CA LYS A 219 6.27 -20.54 5.08
C LYS A 219 6.86 -19.88 6.31
N GLY A 220 7.34 -18.67 6.16
CA GLY A 220 8.00 -18.02 7.26
C GLY A 220 7.16 -16.93 7.86
N LYS A 221 6.11 -17.34 8.60
CA LYS A 221 5.16 -16.44 9.29
C LYS A 221 4.27 -15.70 8.26
N LYS A 222 4.92 -14.85 7.48
CA LYS A 222 4.33 -14.09 6.39
C LYS A 222 5.44 -13.17 5.90
N ASP A 223 5.84 -12.31 6.78
CA ASP A 223 6.87 -11.34 6.51
C ASP A 223 8.03 -11.66 7.41
#